data_8GWM
#
_entry.id   8GWM
#
_cell.length_a   1.00
_cell.length_b   1.00
_cell.length_c   1.00
_cell.angle_alpha   90.00
_cell.angle_beta   90.00
_cell.angle_gamma   90.00
#
_symmetry.space_group_name_H-M   'P 1'
#
loop_
_entity.id
_entity.type
_entity.pdbx_description
1 polymer 'RNA-directed RNA polymerase'
2 polymer 'Non-structural protein 8'
3 polymer 'Non-structural protein 7'
4 polymer Helicase
5 polymer 'Non-structural protein 9'
6 polymer 'RNA (25-MER)'
7 polymer 'RNA (26-MER)'
8 non-polymer 'ZINC ION'
9 non-polymer 'PHOSPHOAMINOPHOSPHONIC ACID-GUANYLATE ESTER'
10 non-polymer "2'-deoxy-2'-fluoro-2'-methyluridine 5'-(trihydrogen diphosphate)"
11 water water
#
loop_
_entity_poly.entity_id
_entity_poly.type
_entity_poly.pdbx_seq_one_letter_code
_entity_poly.pdbx_strand_id
1 'polypeptide(L)'
;SADAQSFLNRVCGVSAARLTPCGTGTSTDVVYRAFDIYNDKVAGFAKFLKTNCCRFQEKDEDDNLIDSYFVVKRHTFSNY
QHEETIYNLLKDCPAVAKHDFFKFRIDGDMVPHISRQRLTKYTMADLVYALRHFDEGNCDTLKEILVTYNCCDDDYFNKK
DWYDFVENPDILRVYANLGERVRQALLKTVQFCDAMRNAGIVGVLTLDNQDLNGNWYDFGDFIQTTPGSGVPVVDSYYSL
LMPILTLTRALTAESHVDTDLTKPYIKWDLLKYDFTEERLKLFDRYFKYWDQTYHPNCVNCLDDRCILHCANFNVLFSTV
FPPTSFGPLVRKIFVDGVPFVVSTGYHFRELGVVHNQDVNLHSSRLSFKELLVYAADPAMHAASGNLLLDKRTTCFSVAA
LTNNVAFQTVKPGNFNKDFYDFAVSKGFFKEGSSVELKHFFFAQDGNAAISDYDYYRYNLPTMCDIRQLLFVVEVVDKYF
DCYDGGCINANQVIVNNLDKSAGFPFNKWGKARLYYDSMSYEDQDALFAYTKRNVIPTITQMNLKYAISAKNRARTVAGV
SICSTMTNRQFHQKLLKSIAATRGATVVIGTSKFYGGWHNMLKTVYSDVENPHLMGWDYPKCDRAMPNMLRIMASLVLAR
KHTTCCSLSHRFYRLANECAQVLSEMVMCGGSLYVKPGGTSSGDATTAYANSVFNICQAVTANVNALLSTDGNKIADKYV
RNLQHRLYECLYRNRDVDTDFVNEFYAYLRKHFSMMILSDDAVVCFNSTYASQGLVASIKNFKSVLYYQNNVFMSEAKCW
TETDLTKGPHEFCSQHTMLVKQGDDYVYLPYPDPSRILGAGCFVDDIVKTDGTLMIERFVSLAIDAYPLTKHPNQEYADV
FHLYLQYIRKLHDELTGHMLDMYSVMLTNDNTSRYWEPEFYEAMYTPHTVLQ
;
A
2 'polypeptide(L)'
;AIASEFSSLPSYAAFATAQEAYEQAVANGDSEVVLKKLKKSLNVAKSEFDRDAAMQRKLEKMADQAMTQMYKQARSEDKR
AKVTSAMQTMLFTMLRKLDNDALNNIINNARDGCVPLNIIPLTTAAKLMVVIPDYNTYKNTCDGTTFTYASALWEIQQVV
DADSKIVQLSEISMDNSPNLAWPLIVTALRANSAVKLQ
;
B,D
3 'polypeptide(L)'
;SKMSDVKCTSVVLLSVLQQLRVESSSKLWAQCVQLHNDILLAKDTTEAFEKMVSLLSVLLSMQGAVDINKLCEEMLDNRA
TLQ
;
C
4 'polypeptide(L)'
;AVGACVLCNSQTSLRCGACIRRPFLCCKCCYDHVISTSHKLVLSVNPYVCNAPGCDVTDVTQLYLGGMSYYCKSHKPPIS
FPLCANGQVFGLYKNTCVGSDNVTDFNAIATCDWTNAGDYILANTCTERLKLFAAETLKATEETFKLSYGIATVREVLSD
RELHLSWEVGKPRPPLNRNYVFTGYRVTKNSKVQIGEYTFEKGDYGDAVVYRGTTTYKLNVGDYFVLTSHTVMPLSAPTL
VPQEHYVRITGLYPTLNISDEFSSNVANYQKVGMQKYSTLQGPPGTGKSHFAIGLALYYPSARIVYTACSHAAVDALCEK
ALKYLPIDKCSRIIPARARVECFDKFKVNSTLEQYVFCTVNALPETTADIVVFDEISMATNYDLSVVNARLRAKHYVYIG
DPAQLPAPRTLLTKGTLEPEYFNSVCRLMKTIGPDMFLGTCRRCPAEIVDTVSALVYDNKLKAHKDKSAQCFKMFYKGVI
THDVSSAINRPQIGVVREFLTRNPAWRKAVFISPYNSQNAVASKILGLPTQTVDSSQGSEYDYVIFTQTTETAHSCNVNR
FNVAITRAKVGILCIMSDRDLYDKLQFTSLEIPRRNVATLQ
;
E,F
5 'polypeptide(L)'
;NNELSPVALRQMSCAAGTTQTACTDDNALAYYNTTKGGRFVLALLSDLQDLKWARFPKSDGTGTIYTELEPPCRFVTDTP
KGPKVKYLYFIKGLNNLNRGMVLGSLAATVRLQ
;
G
6 'polyribonucleotide' GCGGUAGUAGCAUGCUAGGGAGCAG I
7 'polyribonucleotide' AGCUGCUCCCUAGCAUGCUACUACCG J
#
# COMPACT_ATOMS: atom_id res chain seq x y z
N ALA A 4 27.94 60.33 -60.96
CA ALA A 4 26.98 61.31 -61.44
C ALA A 4 25.57 60.72 -61.48
N GLN A 5 24.93 60.83 -62.64
CA GLN A 5 23.62 60.23 -62.85
C GLN A 5 23.60 59.24 -64.02
N SER A 6 24.56 59.32 -64.94
CA SER A 6 24.74 58.24 -65.91
C SER A 6 25.10 56.94 -65.22
N PHE A 7 25.72 57.02 -64.04
CA PHE A 7 25.99 55.83 -63.26
C PHE A 7 24.71 55.08 -62.90
N LEU A 8 23.69 55.82 -62.45
CA LEU A 8 22.43 55.19 -62.10
C LEU A 8 21.75 54.57 -63.31
N ASN A 9 21.83 55.23 -64.46
CA ASN A 9 21.21 54.69 -65.67
C ASN A 9 21.95 53.46 -66.19
N ARG A 10 23.28 53.41 -66.01
CA ARG A 10 24.01 52.20 -66.38
C ARG A 10 23.75 51.08 -65.40
N VAL A 11 23.59 51.39 -64.11
CA VAL A 11 23.26 50.36 -63.13
C VAL A 11 21.88 49.77 -63.41
N CYS A 12 20.91 50.63 -63.74
CA CYS A 12 19.56 50.15 -63.99
C CYS A 12 19.52 49.16 -65.16
N GLY A 13 20.23 49.47 -66.24
CA GLY A 13 20.41 48.52 -67.32
C GLY A 13 19.10 48.21 -68.05
N VAL A 14 18.98 46.95 -68.47
CA VAL A 14 17.77 46.52 -69.17
C VAL A 14 16.63 46.20 -68.21
N SER A 15 16.89 46.25 -66.90
CA SER A 15 15.87 45.85 -65.93
C SER A 15 14.73 46.87 -65.86
N ALA A 16 15.02 48.15 -66.10
CA ALA A 16 14.02 49.21 -66.05
C ALA A 16 13.31 49.20 -64.70
N ALA A 17 14.03 49.54 -63.63
CA ALA A 17 13.57 49.23 -62.28
C ALA A 17 13.30 50.48 -61.43
N ARG A 18 13.63 51.67 -61.95
CA ARG A 18 13.42 52.91 -61.22
C ARG A 18 14.15 52.93 -59.89
N LEU A 19 15.47 52.90 -59.92
CA LEU A 19 16.29 52.85 -58.72
C LEU A 19 16.44 54.23 -58.10
N THR A 20 16.67 54.26 -56.79
CA THR A 20 16.93 55.49 -56.07
C THR A 20 18.15 55.29 -55.19
N PRO A 21 19.04 56.27 -55.08
CA PRO A 21 20.30 56.06 -54.36
C PRO A 21 20.07 55.80 -52.88
N CYS A 22 20.97 54.99 -52.31
CA CYS A 22 21.05 54.80 -50.87
C CYS A 22 22.27 55.50 -50.27
N GLY A 23 23.05 56.20 -51.08
CA GLY A 23 24.21 56.94 -50.62
C GLY A 23 24.22 58.36 -51.15
N THR A 24 25.40 58.94 -51.33
CA THR A 24 25.45 60.31 -51.81
C THR A 24 25.61 60.38 -53.33
N GLY A 25 26.74 59.88 -53.84
CA GLY A 25 26.98 59.88 -55.27
C GLY A 25 27.35 58.52 -55.81
N THR A 26 28.53 58.43 -56.43
CA THR A 26 29.14 57.17 -56.83
C THR A 26 30.11 56.69 -55.74
N SER A 27 29.77 56.99 -54.49
CA SER A 27 30.56 56.58 -53.34
C SER A 27 29.89 55.42 -52.62
N THR A 28 30.67 54.73 -51.81
CA THR A 28 30.21 53.49 -51.18
C THR A 28 29.29 53.77 -50.00
N ASP A 29 28.95 52.72 -49.24
CA ASP A 29 28.07 52.86 -48.08
C ASP A 29 28.54 51.89 -47.01
N VAL A 30 28.88 52.41 -45.84
CA VAL A 30 29.47 51.62 -44.77
C VAL A 30 28.37 51.06 -43.88
N VAL A 31 28.45 49.76 -43.59
CA VAL A 31 27.47 49.08 -42.76
C VAL A 31 28.20 48.16 -41.78
N TYR A 32 27.49 47.77 -40.72
CA TYR A 32 28.00 46.83 -39.72
C TYR A 32 27.25 45.51 -39.89
N ARG A 33 27.92 44.49 -40.40
CA ARG A 33 27.24 43.24 -40.74
C ARG A 33 28.03 42.04 -40.23
N ALA A 34 27.34 40.91 -40.10
CA ALA A 34 27.91 39.68 -39.58
C ALA A 34 28.53 38.86 -40.70
N PHE A 35 29.74 38.34 -40.45
CA PHE A 35 30.50 37.57 -41.41
C PHE A 35 31.06 36.32 -40.75
N ASP A 36 31.17 35.27 -41.54
CA ASP A 36 31.83 34.01 -41.18
C ASP A 36 33.14 33.96 -41.96
N ILE A 37 34.25 34.14 -41.27
CA ILE A 37 35.53 34.44 -41.91
C ILE A 37 36.57 33.42 -41.47
N TYR A 38 37.38 32.97 -42.42
CA TYR A 38 38.55 32.15 -42.11
C TYR A 38 39.61 32.39 -43.18
N ASN A 39 40.72 33.01 -42.79
CA ASN A 39 41.87 33.12 -43.67
C ASN A 39 43.14 32.94 -42.84
N ASP A 40 44.29 33.35 -43.38
CA ASP A 40 45.55 33.11 -42.72
C ASP A 40 45.82 34.05 -41.54
N LYS A 41 45.03 35.11 -41.38
CA LYS A 41 45.22 36.04 -40.27
C LYS A 41 44.17 35.85 -39.18
N VAL A 42 42.89 35.94 -39.53
CA VAL A 42 41.81 35.96 -38.55
C VAL A 42 40.81 34.85 -38.88
N ALA A 43 39.91 34.61 -37.93
CA ALA A 43 38.85 33.62 -38.08
C ALA A 43 37.76 33.91 -37.08
N GLY A 44 36.53 33.54 -37.43
CA GLY A 44 35.44 33.62 -36.49
C GLY A 44 34.13 33.92 -37.18
N PHE A 45 33.11 34.21 -36.35
CA PHE A 45 31.75 34.52 -36.77
C PHE A 45 31.36 35.81 -36.04
N ALA A 46 31.67 36.96 -36.63
CA ALA A 46 31.63 38.22 -35.89
C ALA A 46 31.10 39.33 -36.78
N LYS A 47 30.85 40.49 -36.18
CA LYS A 47 30.34 41.66 -36.89
C LYS A 47 31.49 42.56 -37.28
N PHE A 48 31.65 42.78 -38.59
CA PHE A 48 32.68 43.63 -39.15
C PHE A 48 32.04 44.80 -39.89
N LEU A 49 32.89 45.60 -40.51
CA LEU A 49 32.51 46.86 -41.17
C LEU A 49 32.63 46.67 -42.67
N LYS A 50 31.49 46.48 -43.34
CA LYS A 50 31.47 46.34 -44.79
C LYS A 50 31.45 47.70 -45.45
N THR A 51 32.40 47.93 -46.36
CA THR A 51 32.59 49.27 -46.90
C THR A 51 32.34 49.37 -48.41
N ASN A 52 33.02 48.56 -49.22
CA ASN A 52 33.14 48.80 -50.65
C ASN A 52 31.92 48.36 -51.45
N CYS A 53 30.82 49.11 -51.36
CA CYS A 53 29.62 48.78 -52.12
C CYS A 53 28.74 50.01 -52.27
N CYS A 54 28.21 50.22 -53.47
CA CYS A 54 27.15 51.20 -53.69
C CYS A 54 25.81 50.48 -53.80
N ARG A 55 24.81 51.00 -53.09
CA ARG A 55 23.51 50.35 -53.02
C ARG A 55 22.44 51.28 -53.56
N PHE A 56 21.51 50.71 -54.33
CA PHE A 56 20.38 51.44 -54.89
C PHE A 56 19.11 50.67 -54.56
N GLN A 57 18.12 51.35 -54.00
CA GLN A 57 16.87 50.70 -53.65
C GLN A 57 15.88 50.81 -54.80
N GLU A 58 15.26 49.69 -55.15
CA GLU A 58 14.32 49.67 -56.27
C GLU A 58 12.96 50.16 -55.81
N LYS A 59 12.30 50.92 -56.68
CA LYS A 59 11.00 51.51 -56.38
C LYS A 59 9.91 50.79 -57.15
N ASP A 60 8.83 50.47 -56.44
CA ASP A 60 7.66 49.87 -57.08
C ASP A 60 6.85 50.98 -57.75
N GLU A 61 5.73 50.62 -58.37
CA GLU A 61 4.81 51.64 -58.82
C GLU A 61 4.13 52.29 -57.61
N ASP A 62 3.42 53.40 -57.87
CA ASP A 62 2.79 54.22 -56.84
C ASP A 62 3.84 54.88 -55.96
N ASP A 63 5.12 54.74 -56.36
CA ASP A 63 6.25 55.37 -55.67
C ASP A 63 6.37 54.84 -54.24
N ASN A 64 6.36 53.52 -54.09
CA ASN A 64 6.62 52.91 -52.79
C ASN A 64 7.89 52.08 -52.87
N LEU A 65 8.70 52.15 -51.81
CA LEU A 65 9.96 51.43 -51.78
C LEU A 65 9.71 49.98 -51.39
N ILE A 66 10.29 49.06 -52.15
CA ILE A 66 10.15 47.65 -51.89
C ILE A 66 11.47 47.10 -51.37
N ASP A 67 11.44 45.85 -50.89
CA ASP A 67 12.61 45.19 -50.32
C ASP A 67 13.40 44.51 -51.44
N SER A 68 14.07 45.34 -52.24
CA SER A 68 14.81 44.86 -53.39
C SER A 68 15.91 45.86 -53.70
N TYR A 69 17.16 45.41 -53.72
CA TYR A 69 18.30 46.32 -53.82
C TYR A 69 19.23 45.89 -54.96
N PHE A 70 19.96 46.86 -55.49
CA PHE A 70 21.01 46.65 -56.48
C PHE A 70 22.33 47.03 -55.81
N VAL A 71 23.20 46.06 -55.62
CA VAL A 71 24.46 46.25 -54.91
C VAL A 71 25.58 46.11 -55.92
N VAL A 72 26.31 47.20 -56.18
CA VAL A 72 27.36 47.22 -57.18
C VAL A 72 28.67 47.64 -56.51
N LYS A 73 29.68 46.77 -56.62
CA LYS A 73 30.96 47.00 -55.96
C LYS A 73 32.08 47.07 -57.00
N ARG A 74 33.30 47.28 -56.53
CA ARG A 74 34.39 47.75 -57.39
C ARG A 74 35.59 46.83 -57.21
N HIS A 75 36.20 46.47 -58.35
CA HIS A 75 37.11 45.34 -58.42
C HIS A 75 38.41 45.71 -59.12
N THR A 76 39.45 44.95 -58.79
CA THR A 76 40.64 44.89 -59.63
C THR A 76 40.33 44.07 -60.88
N PHE A 77 41.30 44.01 -61.78
CA PHE A 77 41.06 43.40 -63.08
C PHE A 77 41.16 41.88 -63.07
N SER A 78 41.59 41.27 -61.97
CA SER A 78 41.75 39.82 -61.91
C SER A 78 40.50 39.13 -61.33
N ASN A 79 40.02 39.62 -60.17
CA ASN A 79 38.79 39.09 -59.61
C ASN A 79 37.62 39.28 -60.57
N TYR A 80 37.66 40.34 -61.38
CA TYR A 80 36.64 40.57 -62.39
C TYR A 80 36.54 39.38 -63.34
N GLN A 81 37.67 38.98 -63.94
CA GLN A 81 37.66 37.87 -64.88
C GLN A 81 37.37 36.54 -64.18
N HIS A 82 37.90 36.35 -62.97
CA HIS A 82 37.63 35.11 -62.25
C HIS A 82 36.15 34.93 -61.99
N GLU A 83 35.50 35.95 -61.45
CA GLU A 83 34.07 35.89 -61.18
C GLU A 83 33.28 35.76 -62.47
N GLU A 84 33.69 36.44 -63.54
CA GLU A 84 32.95 36.31 -64.79
C GLU A 84 32.99 34.88 -65.31
N THR A 85 34.16 34.23 -65.26
CA THR A 85 34.26 32.85 -65.72
C THR A 85 33.39 31.92 -64.88
N ILE A 86 33.49 32.01 -63.55
CA ILE A 86 32.71 31.12 -62.70
C ILE A 86 31.22 31.35 -62.91
N TYR A 87 30.79 32.62 -62.98
CA TYR A 87 29.37 32.91 -63.18
C TYR A 87 28.87 32.39 -64.52
N ASN A 88 29.64 32.58 -65.59
CA ASN A 88 29.24 32.03 -66.87
C ASN A 88 29.10 30.52 -66.81
N LEU A 89 29.90 29.86 -65.98
CA LEU A 89 29.71 28.43 -65.78
C LEU A 89 28.45 28.12 -64.99
N LEU A 90 28.04 29.00 -64.08
CA LEU A 90 26.97 28.71 -63.13
C LEU A 90 25.68 29.48 -63.37
N LYS A 91 25.51 30.11 -64.53
CA LYS A 91 24.42 31.07 -64.70
C LYS A 91 23.07 30.43 -65.00
N ASP A 92 23.00 29.11 -65.19
CA ASP A 92 21.73 28.46 -65.50
C ASP A 92 20.97 27.97 -64.27
N CYS A 93 21.57 28.04 -63.09
CA CYS A 93 20.89 27.58 -61.89
C CYS A 93 19.80 28.60 -61.49
N PRO A 94 18.64 28.13 -61.03
CA PRO A 94 17.62 29.06 -60.54
C PRO A 94 17.88 29.58 -59.13
N ALA A 95 18.94 29.11 -58.47
CA ALA A 95 19.27 29.54 -57.12
C ALA A 95 20.45 30.51 -57.10
N VAL A 96 20.76 31.12 -58.23
CA VAL A 96 21.86 32.06 -58.36
C VAL A 96 21.30 33.42 -58.72
N ALA A 97 21.78 34.46 -58.04
CA ALA A 97 21.35 35.81 -58.33
C ALA A 97 21.89 36.28 -59.67
N LYS A 98 21.27 37.33 -60.21
CA LYS A 98 21.65 37.87 -61.51
C LYS A 98 22.80 38.86 -61.35
N HIS A 99 23.85 38.66 -62.15
CA HIS A 99 25.04 39.48 -62.13
C HIS A 99 25.16 40.26 -63.43
N ASP A 100 25.89 41.37 -63.36
CA ASP A 100 26.10 42.23 -64.52
C ASP A 100 27.48 42.85 -64.42
N PHE A 101 28.31 42.66 -65.44
CA PHE A 101 29.69 43.14 -65.43
C PHE A 101 29.84 44.25 -66.45
N PHE A 102 30.44 45.36 -66.04
CA PHE A 102 30.66 46.45 -67.00
C PHE A 102 31.86 47.28 -66.57
N LYS A 103 32.18 48.31 -67.37
CA LYS A 103 33.26 49.24 -67.09
C LYS A 103 32.75 50.66 -67.18
N PHE A 104 33.21 51.52 -66.29
CA PHE A 104 32.76 52.90 -66.24
C PHE A 104 33.96 53.83 -66.14
N ARG A 105 33.69 55.12 -66.26
CA ARG A 105 34.72 56.16 -66.20
C ARG A 105 34.46 57.06 -65.00
N ILE A 106 35.32 56.99 -64.01
CA ILE A 106 35.25 57.85 -62.83
C ILE A 106 36.16 59.06 -62.97
N ASP A 107 37.36 58.84 -63.49
CA ASP A 107 38.41 59.83 -63.72
C ASP A 107 39.01 59.51 -65.07
N GLY A 108 40.24 59.93 -65.33
CA GLY A 108 40.90 59.46 -66.53
C GLY A 108 41.26 58.00 -66.43
N ASP A 109 40.28 57.19 -66.02
CA ASP A 109 40.44 55.77 -65.72
C ASP A 109 39.17 55.05 -66.14
N MET A 110 39.31 53.80 -66.59
CA MET A 110 38.16 52.93 -66.82
C MET A 110 38.22 51.80 -65.78
N VAL A 111 37.20 51.73 -64.94
CA VAL A 111 37.18 50.89 -63.76
C VAL A 111 36.07 49.85 -63.92
N PRO A 112 36.33 48.57 -63.64
CA PRO A 112 35.28 47.56 -63.78
C PRO A 112 34.39 47.45 -62.54
N HIS A 113 33.10 47.23 -62.78
CA HIS A 113 32.10 47.05 -61.74
C HIS A 113 31.31 45.77 -61.97
N ILE A 114 30.90 45.16 -60.86
CA ILE A 114 30.04 43.99 -60.83
C ILE A 114 28.79 44.35 -60.04
N SER A 115 27.62 44.16 -60.65
CA SER A 115 26.34 44.49 -60.04
C SER A 115 25.55 43.22 -59.78
N ARG A 116 24.98 43.11 -58.59
CA ARG A 116 24.08 42.02 -58.22
C ARG A 116 22.67 42.59 -58.12
N GLN A 117 21.72 41.92 -58.78
CA GLN A 117 20.40 42.49 -58.99
C GLN A 117 19.36 41.87 -58.07
N ARG A 118 18.56 42.74 -57.45
CA ARG A 118 17.35 42.34 -56.71
C ARG A 118 17.67 41.50 -55.48
N LEU A 119 18.63 41.97 -54.69
CA LEU A 119 18.95 41.33 -53.43
C LEU A 119 18.04 41.85 -52.32
N THR A 120 18.21 41.26 -51.14
CA THR A 120 17.48 41.59 -49.93
C THR A 120 18.38 42.44 -49.04
N LYS A 121 17.78 43.25 -48.17
CA LYS A 121 18.58 44.13 -47.32
C LYS A 121 19.47 43.35 -46.34
N TYR A 122 19.03 42.18 -45.89
CA TYR A 122 19.80 41.37 -44.95
C TYR A 122 20.08 39.99 -45.56
N THR A 123 20.99 39.27 -44.92
CA THR A 123 21.38 37.92 -45.33
C THR A 123 20.96 36.91 -44.27
N MET A 124 21.33 35.65 -44.50
CA MET A 124 21.06 34.61 -43.52
C MET A 124 21.97 34.72 -42.31
N ALA A 125 23.19 35.22 -42.51
CA ALA A 125 24.12 35.41 -41.41
C ALA A 125 23.61 36.42 -40.41
N ASP A 126 22.95 37.47 -40.88
CA ASP A 126 22.39 38.47 -39.98
C ASP A 126 21.32 37.86 -39.09
N LEU A 127 20.43 37.05 -39.66
CA LEU A 127 19.39 36.40 -38.86
C LEU A 127 19.98 35.43 -37.84
N VAL A 128 20.95 34.61 -38.27
CA VAL A 128 21.55 33.65 -37.35
C VAL A 128 22.28 34.38 -36.22
N TYR A 129 23.04 35.42 -36.54
CA TYR A 129 23.73 36.18 -35.50
C TYR A 129 22.74 36.85 -34.56
N ALA A 130 21.65 37.41 -35.09
CA ALA A 130 20.68 38.06 -34.22
C ALA A 130 20.04 37.08 -33.26
N LEU A 131 19.72 35.88 -33.73
CA LEU A 131 19.07 34.93 -32.83
C LEU A 131 20.03 34.17 -31.93
N ARG A 132 21.34 34.18 -32.21
CA ARG A 132 22.29 33.48 -31.37
C ARG A 132 23.05 34.40 -30.42
N HIS A 133 22.93 35.72 -30.56
CA HIS A 133 23.58 36.68 -29.69
C HIS A 133 22.58 37.71 -29.20
N PHE A 134 21.44 37.22 -28.70
CA PHE A 134 20.33 38.08 -28.34
C PHE A 134 20.67 38.99 -27.16
N ASP A 135 20.29 40.25 -27.29
CA ASP A 135 20.44 41.23 -26.21
C ASP A 135 19.26 42.19 -26.33
N GLU A 136 18.40 42.20 -25.32
CA GLU A 136 17.17 42.98 -25.41
C GLU A 136 17.40 44.48 -25.30
N GLY A 137 18.60 44.90 -24.90
CA GLY A 137 18.90 46.33 -24.88
C GLY A 137 19.09 46.92 -26.25
N ASN A 138 19.48 46.12 -27.23
CA ASN A 138 19.58 46.59 -28.62
C ASN A 138 19.35 45.40 -29.55
N CYS A 139 18.19 45.37 -30.19
CA CYS A 139 17.81 44.29 -31.08
C CYS A 139 17.07 44.83 -32.31
N ASP A 140 17.61 45.90 -32.91
CA ASP A 140 16.93 46.54 -34.02
C ASP A 140 16.92 45.70 -35.29
N THR A 141 17.99 44.94 -35.55
CA THR A 141 18.01 44.08 -36.73
C THR A 141 16.92 43.02 -36.65
N LEU A 142 16.75 42.38 -35.49
CA LEU A 142 15.73 41.37 -35.34
C LEU A 142 14.33 41.96 -35.48
N LYS A 143 14.11 43.15 -34.89
CA LYS A 143 12.83 43.82 -35.03
C LYS A 143 12.52 44.12 -36.48
N GLU A 144 13.52 44.63 -37.22
CA GLU A 144 13.30 44.99 -38.61
C GLU A 144 13.01 43.76 -39.46
N ILE A 145 13.73 42.66 -39.21
CA ILE A 145 13.47 41.42 -39.94
C ILE A 145 12.06 40.92 -39.63
N LEU A 146 11.64 41.01 -38.37
CA LEU A 146 10.32 40.51 -38.00
C LEU A 146 9.21 41.33 -38.63
N VAL A 147 9.35 42.65 -38.70
CA VAL A 147 8.29 43.48 -39.27
C VAL A 147 8.35 43.57 -40.79
N THR A 148 9.48 43.24 -41.41
CA THR A 148 9.58 43.30 -42.86
C THR A 148 8.85 42.15 -43.52
N TYR A 149 8.86 40.97 -42.90
CA TYR A 149 8.29 39.77 -43.51
C TYR A 149 6.95 39.39 -42.89
N ASN A 150 6.29 40.34 -42.21
CA ASN A 150 4.90 40.21 -41.76
C ASN A 150 4.74 39.13 -40.70
N CYS A 151 5.75 38.99 -39.82
CA CYS A 151 5.59 38.12 -38.67
C CYS A 151 4.78 38.79 -37.58
N CYS A 152 4.98 40.10 -37.39
CA CYS A 152 4.22 40.89 -36.42
C CYS A 152 4.12 42.31 -36.95
N ASP A 153 3.65 43.22 -36.12
CA ASP A 153 3.58 44.63 -36.45
C ASP A 153 4.42 45.44 -35.47
N ASP A 154 4.55 46.73 -35.76
CA ASP A 154 5.53 47.56 -35.06
C ASP A 154 5.16 47.83 -33.61
N ASP A 155 3.87 47.82 -33.27
CA ASP A 155 3.45 48.07 -31.90
C ASP A 155 3.50 46.82 -31.04
N TYR A 156 3.74 45.64 -31.63
CA TYR A 156 3.89 44.43 -30.85
C TYR A 156 5.01 44.56 -29.84
N PHE A 157 6.02 45.37 -30.14
CA PHE A 157 7.15 45.57 -29.25
C PHE A 157 6.86 46.55 -28.13
N ASN A 158 5.59 46.90 -27.92
CA ASN A 158 5.20 47.74 -26.79
C ASN A 158 4.71 46.93 -25.60
N LYS A 159 4.29 45.69 -25.81
CA LYS A 159 3.92 44.80 -24.71
C LYS A 159 5.18 44.22 -24.06
N LYS A 160 6.03 45.10 -23.52
CA LYS A 160 7.35 44.71 -23.05
C LYS A 160 7.31 43.50 -22.14
N ASP A 161 8.43 42.77 -22.08
CA ASP A 161 8.50 41.34 -21.84
C ASP A 161 8.05 40.56 -23.07
N TRP A 162 8.10 41.19 -24.24
CA TRP A 162 7.63 40.53 -25.46
C TRP A 162 8.56 39.43 -25.93
N TYR A 163 9.82 39.45 -25.50
CA TYR A 163 10.80 38.47 -25.90
C TYR A 163 10.84 37.25 -24.99
N ASP A 164 10.27 37.35 -23.79
CA ASP A 164 10.39 36.29 -22.80
C ASP A 164 9.65 35.04 -23.26
N PHE A 165 10.21 33.88 -22.90
CA PHE A 165 9.59 32.60 -23.25
C PHE A 165 8.59 32.12 -22.19
N VAL A 166 8.82 32.46 -20.93
CA VAL A 166 7.95 32.05 -19.83
C VAL A 166 6.80 33.02 -19.64
N GLU A 167 7.11 34.30 -19.49
CA GLU A 167 6.12 35.34 -19.69
C GLU A 167 5.94 35.59 -21.17
N ASN A 168 4.70 35.79 -21.60
CA ASN A 168 4.38 35.90 -23.02
C ASN A 168 4.91 34.71 -23.80
N PRO A 169 4.30 33.53 -23.67
CA PRO A 169 4.74 32.39 -24.49
C PRO A 169 4.22 32.45 -25.91
N ASP A 170 3.69 33.60 -26.30
CA ASP A 170 3.15 33.83 -27.63
C ASP A 170 4.22 34.21 -28.65
N ILE A 171 5.45 34.48 -28.20
CA ILE A 171 6.53 34.83 -29.12
C ILE A 171 6.91 33.65 -30.00
N LEU A 172 6.63 32.42 -29.57
CA LEU A 172 6.92 31.26 -30.41
C LEU A 172 6.07 31.25 -31.66
N ARG A 173 4.81 31.67 -31.57
CA ARG A 173 3.96 31.80 -32.75
C ARG A 173 4.48 32.87 -33.70
N VAL A 174 5.09 33.93 -33.17
CA VAL A 174 5.69 34.96 -34.02
C VAL A 174 6.95 34.43 -34.71
N TYR A 175 7.78 33.69 -33.98
CA TYR A 175 9.01 33.16 -34.57
C TYR A 175 8.71 32.09 -35.61
N ALA A 176 7.66 31.30 -35.43
CA ALA A 176 7.34 30.23 -36.36
C ALA A 176 6.82 30.73 -37.70
N ASN A 177 6.73 32.04 -37.91
CA ASN A 177 6.32 32.58 -39.19
C ASN A 177 7.46 32.67 -40.19
N LEU A 178 8.68 32.34 -39.79
CA LEU A 178 9.85 32.35 -40.67
C LEU A 178 10.21 30.97 -41.20
N GLY A 179 9.46 29.94 -40.80
CA GLY A 179 9.84 28.58 -41.14
C GLY A 179 9.83 28.29 -42.61
N GLU A 180 8.86 28.83 -43.35
CA GLU A 180 8.80 28.55 -44.78
C GLU A 180 9.93 29.25 -45.54
N ARG A 181 10.29 30.47 -45.12
CA ARG A 181 11.48 31.11 -45.68
C ARG A 181 12.72 30.25 -45.47
N VAL A 182 12.89 29.74 -44.25
CA VAL A 182 14.08 28.93 -43.97
C VAL A 182 14.07 27.64 -44.79
N ARG A 183 12.89 27.01 -44.93
CA ARG A 183 12.79 25.78 -45.71
C ARG A 183 13.11 26.00 -47.18
N GLN A 184 12.60 27.10 -47.75
CA GLN A 184 12.93 27.42 -49.14
C GLN A 184 14.42 27.69 -49.30
N ALA A 185 15.05 28.34 -48.31
CA ALA A 185 16.50 28.54 -48.38
C ALA A 185 17.25 27.20 -48.39
N LEU A 186 16.80 26.24 -47.59
CA LEU A 186 17.45 24.93 -47.60
C LEU A 186 17.33 24.25 -48.96
N LEU A 187 16.15 24.30 -49.56
CA LEU A 187 15.95 23.68 -50.87
C LEU A 187 16.84 24.33 -51.92
N LYS A 188 16.94 25.67 -51.90
CA LYS A 188 17.80 26.35 -52.86
C LYS A 188 19.27 26.02 -52.65
N THR A 189 19.69 25.83 -51.40
CA THR A 189 21.06 25.42 -51.14
C THR A 189 21.35 24.06 -51.76
N VAL A 190 20.42 23.10 -51.64
CA VAL A 190 20.64 21.80 -52.27
C VAL A 190 20.74 21.92 -53.78
N GLN A 191 19.87 22.74 -54.39
CA GLN A 191 19.96 22.98 -55.83
C GLN A 191 21.32 23.54 -56.23
N PHE A 192 21.80 24.53 -55.48
CA PHE A 192 23.08 25.16 -55.78
C PHE A 192 24.23 24.16 -55.67
N CYS A 193 24.20 23.31 -54.65
CA CYS A 193 25.24 22.29 -54.50
C CYS A 193 25.24 21.33 -55.69
N ASP A 194 24.06 20.91 -56.14
CA ASP A 194 23.99 20.02 -57.30
C ASP A 194 24.60 20.67 -58.53
N ALA A 195 24.26 21.94 -58.78
CA ALA A 195 24.82 22.64 -59.93
C ALA A 195 26.33 22.76 -59.84
N MET A 196 26.83 23.08 -58.64
CA MET A 196 28.27 23.21 -58.44
C MET A 196 28.99 21.89 -58.70
N ARG A 197 28.42 20.78 -58.26
CA ARG A 197 29.03 19.49 -58.53
C ARG A 197 29.03 19.17 -60.02
N ASN A 198 27.91 19.43 -60.70
CA ASN A 198 27.86 19.10 -62.13
C ASN A 198 28.75 19.97 -62.99
N ALA A 199 29.04 21.21 -62.56
CA ALA A 199 29.88 22.09 -63.36
C ALA A 199 31.37 21.92 -63.09
N GLY A 200 31.75 21.43 -61.90
CA GLY A 200 33.15 21.25 -61.58
C GLY A 200 33.77 22.39 -60.81
N ILE A 201 33.07 22.88 -59.79
CA ILE A 201 33.52 24.02 -58.99
C ILE A 201 33.74 23.55 -57.55
N VAL A 202 34.79 24.06 -56.93
CA VAL A 202 35.18 23.70 -55.57
C VAL A 202 35.19 24.97 -54.73
N GLY A 203 34.43 24.97 -53.63
CA GLY A 203 34.38 26.15 -52.79
C GLY A 203 33.71 25.87 -51.47
N VAL A 204 33.77 26.86 -50.58
CA VAL A 204 33.19 26.78 -49.24
C VAL A 204 31.94 27.65 -49.21
N LEU A 205 30.86 27.14 -48.63
CA LEU A 205 29.59 27.85 -48.54
C LEU A 205 29.48 28.51 -47.18
N THR A 206 29.22 29.81 -47.17
CA THR A 206 29.03 30.56 -45.94
C THR A 206 27.65 31.20 -45.94
N LEU A 207 27.19 31.55 -44.73
CA LEU A 207 25.83 32.06 -44.55
C LEU A 207 25.66 33.48 -45.06
N ASP A 208 26.73 34.24 -45.25
CA ASP A 208 26.63 35.63 -45.66
C ASP A 208 26.66 35.81 -47.17
N ASN A 209 26.64 34.73 -47.94
CA ASN A 209 26.54 34.80 -49.39
C ASN A 209 25.18 34.31 -49.88
N GLN A 210 24.18 34.32 -49.00
CA GLN A 210 22.81 33.97 -49.33
C GLN A 210 21.89 34.99 -48.70
N ASP A 211 20.97 35.56 -49.49
CA ASP A 211 20.02 36.50 -48.92
C ASP A 211 18.83 35.74 -48.33
N LEU A 212 17.81 36.48 -47.91
CA LEU A 212 16.64 35.89 -47.28
C LEU A 212 15.61 35.42 -48.29
N ASN A 213 15.85 35.59 -49.58
CA ASN A 213 15.07 34.92 -50.62
C ASN A 213 15.64 33.58 -51.00
N GLY A 214 16.94 33.35 -50.78
CA GLY A 214 17.57 32.07 -51.03
C GLY A 214 18.63 32.08 -52.12
N ASN A 215 18.91 33.21 -52.76
CA ASN A 215 19.82 33.25 -53.89
C ASN A 215 21.26 33.44 -53.43
N TRP A 216 22.19 32.98 -54.28
CA TRP A 216 23.61 32.91 -53.95
C TRP A 216 24.41 33.84 -54.86
N TYR A 217 25.55 34.31 -54.35
CA TYR A 217 26.43 35.19 -55.11
C TYR A 217 27.85 35.07 -54.55
N ASP A 218 28.73 35.98 -54.99
CA ASP A 218 30.10 36.08 -54.50
C ASP A 218 30.94 34.82 -54.74
N PHE A 219 31.25 34.53 -56.00
CA PHE A 219 32.07 33.39 -56.37
C PHE A 219 33.55 33.75 -56.42
N GLY A 220 34.06 34.36 -55.34
CA GLY A 220 35.40 34.91 -55.35
C GLY A 220 36.51 34.01 -54.82
N ASP A 221 36.15 32.99 -54.04
CA ASP A 221 37.12 32.05 -53.50
C ASP A 221 36.96 30.65 -54.10
N PHE A 222 36.29 30.55 -55.23
CA PHE A 222 36.00 29.28 -55.88
C PHE A 222 37.06 28.99 -56.94
N ILE A 223 37.29 27.71 -57.21
CA ILE A 223 38.23 27.27 -58.22
C ILE A 223 37.56 26.27 -59.15
N GLN A 224 38.31 25.80 -60.14
CA GLN A 224 37.78 24.97 -61.22
C GLN A 224 38.48 23.63 -61.27
N THR A 225 37.73 22.60 -61.67
CA THR A 225 38.25 21.27 -61.94
C THR A 225 37.57 20.71 -63.17
N THR A 226 37.68 19.40 -63.39
CA THR A 226 36.97 18.78 -64.50
C THR A 226 35.48 18.64 -64.19
N PRO A 227 34.62 18.90 -65.17
CA PRO A 227 33.18 18.83 -64.93
C PRO A 227 32.73 17.46 -64.44
N GLY A 228 31.73 17.47 -63.56
CA GLY A 228 31.27 16.27 -62.91
C GLY A 228 32.05 15.88 -61.67
N SER A 229 33.02 16.69 -61.25
CA SER A 229 33.88 16.35 -60.13
C SER A 229 34.03 17.51 -59.14
N GLY A 230 33.04 18.39 -59.04
CA GLY A 230 33.13 19.49 -58.11
C GLY A 230 32.85 19.08 -56.67
N VAL A 231 33.28 19.92 -55.75
CA VAL A 231 33.16 19.64 -54.32
C VAL A 231 32.67 20.87 -53.57
N PRO A 232 31.42 20.89 -53.11
CA PRO A 232 30.99 21.93 -52.16
C PRO A 232 31.28 21.55 -50.72
N VAL A 233 31.84 22.48 -49.94
CA VAL A 233 32.18 22.24 -48.54
C VAL A 233 31.16 23.00 -47.69
N VAL A 234 30.34 22.26 -46.93
CA VAL A 234 29.16 22.82 -46.29
C VAL A 234 29.14 22.55 -44.80
N ASP A 235 30.31 22.43 -44.18
CA ASP A 235 30.36 21.98 -42.79
C ASP A 235 29.95 23.03 -41.78
N SER A 236 30.31 24.29 -41.98
CA SER A 236 29.97 25.33 -41.02
C SER A 236 28.62 25.98 -41.30
N TYR A 237 28.18 25.99 -42.55
CA TYR A 237 26.86 26.49 -42.94
C TYR A 237 25.75 25.79 -42.16
N TYR A 238 25.64 24.48 -42.35
CA TYR A 238 24.58 23.72 -41.70
C TYR A 238 24.74 23.74 -40.18
N SER A 239 25.97 23.65 -39.69
CA SER A 239 26.19 23.56 -38.25
C SER A 239 25.83 24.86 -37.55
N LEU A 240 26.22 26.01 -38.11
CA LEU A 240 25.83 27.28 -37.50
C LEU A 240 24.33 27.52 -37.65
N LEU A 241 23.72 27.01 -38.72
CA LEU A 241 22.29 27.23 -38.92
C LEU A 241 21.41 26.28 -38.11
N MET A 242 21.95 25.20 -37.58
CA MET A 242 21.14 24.17 -36.90
C MET A 242 20.24 24.69 -35.79
N PRO A 243 20.68 25.54 -34.85
CA PRO A 243 19.77 25.96 -33.77
C PRO A 243 18.55 26.75 -34.23
N ILE A 244 18.55 27.29 -35.45
CA ILE A 244 17.43 28.08 -35.95
C ILE A 244 16.33 27.23 -36.56
N LEU A 245 16.61 25.96 -36.89
CA LEU A 245 15.63 25.13 -37.57
C LEU A 245 14.50 24.66 -36.66
N THR A 246 14.74 24.55 -35.36
CA THR A 246 13.70 24.16 -34.42
C THR A 246 13.01 25.35 -33.76
N LEU A 247 13.69 26.49 -33.66
CA LEU A 247 13.05 27.68 -33.10
C LEU A 247 11.95 28.18 -34.03
N THR A 248 12.18 28.13 -35.33
CA THR A 248 11.21 28.59 -36.31
C THR A 248 10.28 27.50 -36.82
N ARG A 249 10.49 26.25 -36.39
CA ARG A 249 9.69 25.11 -36.84
C ARG A 249 9.61 25.06 -38.36
N ALA A 250 10.78 24.88 -38.98
CA ALA A 250 10.87 25.02 -40.43
C ALA A 250 10.22 23.86 -41.17
N LEU A 251 10.17 22.67 -40.57
CA LEU A 251 9.71 21.47 -41.26
C LEU A 251 8.23 21.19 -41.07
N THR A 252 7.47 22.20 -40.63
CA THR A 252 6.05 22.00 -40.35
C THR A 252 5.29 21.56 -41.60
N ALA A 253 5.60 22.17 -42.75
CA ALA A 253 4.93 21.82 -43.99
C ALA A 253 5.12 20.36 -44.38
N GLU A 254 5.98 19.62 -43.70
CA GLU A 254 6.14 18.21 -44.01
C GLU A 254 5.04 17.34 -43.42
N SER A 255 4.13 17.91 -42.63
CA SER A 255 3.02 17.16 -42.06
C SER A 255 1.73 17.35 -42.84
N HIS A 256 1.80 17.95 -44.03
CA HIS A 256 0.65 18.17 -44.89
C HIS A 256 0.71 17.25 -46.09
N VAL A 257 -0.39 17.22 -46.84
CA VAL A 257 -0.64 16.11 -47.76
C VAL A 257 0.42 16.05 -48.86
N ASP A 258 0.77 17.18 -49.44
CA ASP A 258 1.78 17.21 -50.49
C ASP A 258 2.77 18.33 -50.21
N THR A 259 3.21 18.44 -48.96
CA THR A 259 4.10 19.50 -48.50
C THR A 259 3.53 20.87 -48.84
N ASP A 260 2.21 21.00 -48.73
CA ASP A 260 1.48 22.21 -49.06
C ASP A 260 0.75 22.70 -47.82
N LEU A 261 1.06 23.91 -47.38
CA LEU A 261 0.50 24.42 -46.13
C LEU A 261 -0.99 24.70 -46.22
N THR A 262 -1.57 24.67 -47.42
CA THR A 262 -3.00 24.93 -47.61
C THR A 262 -3.75 23.63 -47.92
N LYS A 263 -3.34 22.54 -47.30
CA LYS A 263 -3.95 21.23 -47.50
C LYS A 263 -4.10 20.54 -46.15
N PRO A 264 -4.95 19.52 -46.03
CA PRO A 264 -5.15 18.89 -44.71
C PRO A 264 -3.93 18.10 -44.28
N TYR A 265 -3.93 17.74 -43.01
CA TYR A 265 -2.85 16.94 -42.44
C TYR A 265 -2.86 15.54 -43.03
N ILE A 266 -1.69 14.91 -43.09
CA ILE A 266 -1.60 13.50 -43.43
C ILE A 266 -2.19 12.67 -42.31
N LYS A 267 -2.98 11.67 -42.66
CA LYS A 267 -3.57 10.76 -41.70
C LYS A 267 -2.80 9.44 -41.77
N TRP A 268 -2.02 9.16 -40.73
CA TRP A 268 -1.20 7.97 -40.66
C TRP A 268 -1.99 6.79 -40.11
N ASP A 269 -1.51 5.60 -40.41
CA ASP A 269 -2.03 4.40 -39.76
C ASP A 269 -1.64 4.41 -38.29
N LEU A 270 -2.58 4.08 -37.41
CA LEU A 270 -2.30 4.12 -35.99
C LEU A 270 -1.31 3.04 -35.58
N LEU A 271 -1.35 1.88 -36.23
CA LEU A 271 -0.51 0.74 -35.87
C LEU A 271 0.91 0.85 -36.41
N LYS A 272 1.32 2.02 -36.89
CA LYS A 272 2.63 2.22 -37.49
C LYS A 272 3.57 2.91 -36.50
N TYR A 273 4.76 2.34 -36.32
CA TYR A 273 5.72 2.91 -35.40
C TYR A 273 7.14 3.03 -35.94
N ASP A 274 7.42 2.55 -37.16
CA ASP A 274 8.81 2.43 -37.58
C ASP A 274 9.40 3.73 -38.14
N PHE A 275 8.89 4.21 -39.27
CA PHE A 275 9.25 5.51 -39.84
C PHE A 275 10.73 5.64 -40.17
N THR A 276 11.41 4.55 -40.57
CA THR A 276 12.84 4.65 -40.89
C THR A 276 13.07 5.20 -42.30
N GLU A 277 12.31 4.72 -43.29
CA GLU A 277 12.42 5.23 -44.64
C GLU A 277 12.04 6.70 -44.73
N GLU A 278 11.08 7.14 -43.91
CA GLU A 278 10.73 8.56 -43.88
C GLU A 278 11.91 9.40 -43.39
N ARG A 279 12.61 8.92 -42.36
CA ARG A 279 13.78 9.64 -41.86
C ARG A 279 14.87 9.73 -42.93
N LEU A 280 15.12 8.61 -43.63
CA LEU A 280 16.13 8.67 -44.69
C LEU A 280 15.70 9.58 -45.84
N LYS A 281 14.42 9.61 -46.17
CA LYS A 281 13.94 10.52 -47.21
C LYS A 281 14.11 11.99 -46.80
N LEU A 282 13.80 12.31 -45.54
CA LEU A 282 13.99 13.68 -45.07
C LEU A 282 15.45 14.09 -45.09
N PHE A 283 16.34 13.20 -44.65
CA PHE A 283 17.77 13.50 -44.69
C PHE A 283 18.24 13.71 -46.12
N ASP A 284 17.77 12.89 -47.05
CA ASP A 284 18.17 13.05 -48.45
C ASP A 284 17.62 14.34 -49.04
N ARG A 285 16.43 14.76 -48.61
CA ARG A 285 15.85 15.98 -49.19
C ARG A 285 16.52 17.25 -48.69
N TYR A 286 16.91 17.31 -47.41
CA TYR A 286 17.39 18.57 -46.88
C TYR A 286 18.89 18.64 -46.59
N PHE A 287 19.56 17.50 -46.43
CA PHE A 287 20.98 17.46 -46.05
C PHE A 287 21.76 16.56 -46.98
N LYS A 288 21.60 16.75 -48.29
CA LYS A 288 22.15 15.79 -49.24
C LYS A 288 23.68 15.73 -49.21
N TYR A 289 24.35 16.85 -49.01
CA TYR A 289 25.81 16.90 -49.11
C TYR A 289 26.50 16.93 -47.76
N TRP A 290 25.78 16.69 -46.67
CA TRP A 290 26.41 16.43 -45.38
C TRP A 290 27.01 15.03 -45.43
N ASP A 291 28.33 14.93 -45.29
CA ASP A 291 29.07 13.74 -45.68
C ASP A 291 29.53 12.89 -44.51
N GLN A 292 28.74 12.83 -43.44
CA GLN A 292 28.97 11.88 -42.36
C GLN A 292 27.79 10.91 -42.31
N THR A 293 28.07 9.66 -41.93
CA THR A 293 27.06 8.63 -41.95
C THR A 293 25.98 8.89 -40.90
N TYR A 294 24.72 8.73 -41.30
CA TYR A 294 23.56 8.93 -40.44
C TYR A 294 22.88 7.59 -40.19
N HIS A 295 22.70 7.24 -38.92
CA HIS A 295 22.00 6.03 -38.53
C HIS A 295 20.63 6.39 -37.95
N PRO A 296 19.53 6.06 -38.62
CA PRO A 296 18.21 6.33 -38.03
C PRO A 296 17.98 5.62 -36.70
N ASN A 297 18.56 4.44 -36.50
CA ASN A 297 18.47 3.73 -35.23
C ASN A 297 19.86 3.68 -34.60
N CYS A 298 19.97 4.14 -33.37
CA CYS A 298 21.27 4.31 -32.73
C CYS A 298 21.82 3.00 -32.15
N VAL A 299 21.12 1.88 -32.32
CA VAL A 299 21.74 0.58 -32.03
C VAL A 299 22.93 0.32 -32.93
N ASN A 300 22.97 0.97 -34.09
CA ASN A 300 23.98 0.73 -35.11
C ASN A 300 25.13 1.73 -35.06
N CYS A 301 25.15 2.61 -34.07
CA CYS A 301 26.19 3.61 -33.98
C CYS A 301 27.50 3.01 -33.46
N LEU A 302 28.60 3.69 -33.73
CA LEU A 302 29.93 3.15 -33.46
C LEU A 302 30.52 3.56 -32.12
N ASP A 303 30.19 4.74 -31.61
CA ASP A 303 30.58 5.15 -30.27
C ASP A 303 29.62 6.24 -29.82
N ASP A 304 29.92 6.86 -28.67
CA ASP A 304 29.01 7.85 -28.11
C ASP A 304 29.02 9.17 -28.88
N ARG A 305 30.14 9.49 -29.54
CA ARG A 305 30.17 10.65 -30.43
C ARG A 305 29.20 10.46 -31.60
N CYS A 306 29.19 9.26 -32.19
CA CYS A 306 28.24 8.96 -33.24
C CYS A 306 26.80 8.98 -32.71
N ILE A 307 26.61 8.52 -31.47
CA ILE A 307 25.29 8.55 -30.87
C ILE A 307 24.78 9.98 -30.77
N LEU A 308 25.64 10.89 -30.30
CA LEU A 308 25.25 12.30 -30.24
C LEU A 308 24.94 12.84 -31.63
N HIS A 309 25.80 12.54 -32.60
CA HIS A 309 25.62 13.05 -33.96
C HIS A 309 24.27 12.63 -34.54
N CYS A 310 23.90 11.37 -34.35
CA CYS A 310 22.68 10.87 -34.98
C CYS A 310 21.43 11.21 -34.19
N ALA A 311 21.51 11.23 -32.85
CA ALA A 311 20.36 11.65 -32.06
C ALA A 311 20.02 13.12 -32.30
N ASN A 312 21.03 13.94 -32.66
CA ASN A 312 20.74 15.33 -33.02
C ASN A 312 19.81 15.43 -34.23
N PHE A 313 20.01 14.57 -35.24
CA PHE A 313 19.12 14.58 -36.40
C PHE A 313 17.77 13.95 -36.08
N ASN A 314 17.77 12.92 -35.24
CA ASN A 314 16.51 12.30 -34.84
C ASN A 314 15.61 13.30 -34.11
N VAL A 315 16.19 14.20 -33.32
CA VAL A 315 15.40 15.19 -32.61
C VAL A 315 14.61 16.05 -33.59
N LEU A 316 15.25 16.50 -34.67
CA LEU A 316 14.56 17.32 -35.65
C LEU A 316 13.53 16.52 -36.44
N PHE A 317 13.87 15.29 -36.82
CA PHE A 317 12.96 14.53 -37.68
C PHE A 317 11.74 14.00 -36.92
N SER A 318 11.83 13.84 -35.60
CA SER A 318 10.71 13.27 -34.85
C SER A 318 9.55 14.23 -34.66
N THR A 319 9.69 15.50 -35.04
CA THR A 319 8.62 16.47 -34.88
C THR A 319 7.57 16.40 -35.98
N VAL A 320 7.75 15.50 -36.95
CA VAL A 320 6.85 15.40 -38.10
C VAL A 320 5.82 14.31 -37.84
N PHE A 321 6.20 13.29 -37.10
CA PHE A 321 5.43 12.07 -36.93
C PHE A 321 4.46 12.18 -35.79
N PRO A 322 3.37 11.41 -35.81
CA PRO A 322 2.33 11.53 -34.77
C PRO A 322 2.86 11.16 -33.40
N PRO A 323 2.40 11.83 -32.35
CA PRO A 323 2.90 11.54 -31.00
C PRO A 323 2.39 10.25 -30.39
N THR A 324 1.45 9.54 -31.01
CA THR A 324 0.98 8.27 -30.47
C THR A 324 1.87 7.09 -30.85
N SER A 325 2.87 7.32 -31.70
CA SER A 325 3.75 6.27 -32.18
C SER A 325 5.03 6.13 -31.35
N PHE A 326 5.15 6.89 -30.27
CA PHE A 326 6.32 6.84 -29.40
C PHE A 326 5.96 6.23 -28.07
N GLY A 327 6.90 5.49 -27.49
CA GLY A 327 6.69 4.84 -26.21
C GLY A 327 6.90 3.34 -26.29
N PRO A 328 6.46 2.63 -25.26
CA PRO A 328 6.69 1.18 -25.23
C PRO A 328 5.90 0.46 -26.31
N LEU A 329 6.52 -0.58 -26.87
CA LEU A 329 5.88 -1.46 -27.84
C LEU A 329 5.52 -2.75 -27.15
N VAL A 330 4.29 -3.20 -27.33
CA VAL A 330 3.73 -4.29 -26.54
C VAL A 330 3.41 -5.46 -27.44
N ARG A 331 3.23 -6.62 -26.80
CA ARG A 331 3.07 -7.89 -27.51
C ARG A 331 2.36 -8.85 -26.58
N LYS A 332 1.76 -9.89 -27.16
CA LYS A 332 0.99 -10.88 -26.42
C LYS A 332 1.83 -12.13 -26.22
N ILE A 333 1.95 -12.58 -24.97
CA ILE A 333 2.68 -13.78 -24.61
C ILE A 333 1.77 -14.67 -23.78
N PHE A 334 2.12 -15.95 -23.73
CA PHE A 334 1.28 -16.97 -23.09
C PHE A 334 2.03 -17.56 -21.90
N VAL A 335 1.69 -17.12 -20.71
CA VAL A 335 2.19 -17.73 -19.49
C VAL A 335 1.16 -18.75 -19.01
N ASP A 336 1.63 -19.96 -18.73
CA ASP A 336 0.84 -21.07 -18.19
C ASP A 336 -0.39 -21.37 -19.03
N GLY A 337 -0.44 -20.85 -20.27
CA GLY A 337 -1.59 -21.02 -21.13
C GLY A 337 -2.59 -19.89 -21.10
N VAL A 338 -2.28 -18.78 -20.46
CA VAL A 338 -3.17 -17.62 -20.43
C VAL A 338 -2.42 -16.45 -21.06
N PRO A 339 -3.08 -15.59 -21.84
CA PRO A 339 -2.35 -14.53 -22.54
C PRO A 339 -2.14 -13.28 -21.70
N PHE A 340 -0.93 -12.74 -21.77
CA PHE A 340 -0.53 -11.49 -21.17
C PHE A 340 -0.41 -10.41 -22.24
N VAL A 341 -0.04 -9.20 -21.83
CA VAL A 341 0.34 -8.12 -22.73
C VAL A 341 1.53 -7.42 -22.08
N VAL A 342 2.72 -7.57 -22.67
CA VAL A 342 3.95 -7.13 -22.05
C VAL A 342 4.76 -6.32 -23.05
N SER A 343 5.68 -5.52 -22.51
CA SER A 343 6.55 -4.69 -23.33
C SER A 343 7.72 -5.49 -23.86
N THR A 344 8.01 -5.31 -25.15
CA THR A 344 9.11 -6.01 -25.81
C THR A 344 10.04 -5.08 -26.56
N GLY A 345 9.88 -3.77 -26.41
CA GLY A 345 10.70 -2.83 -27.14
C GLY A 345 10.30 -1.41 -26.82
N TYR A 346 10.87 -0.47 -27.57
CA TYR A 346 10.63 0.94 -27.30
C TYR A 346 10.90 1.75 -28.56
N HIS A 347 10.19 2.86 -28.70
CA HIS A 347 10.38 3.81 -29.79
C HIS A 347 10.70 5.17 -29.19
N PHE A 348 11.97 5.56 -29.25
CA PHE A 348 12.44 6.81 -28.67
C PHE A 348 12.37 7.94 -29.69
N ARG A 349 12.25 9.17 -29.19
CA ARG A 349 12.29 10.34 -30.06
C ARG A 349 13.70 10.68 -30.50
N GLU A 350 14.71 10.28 -29.72
CA GLU A 350 16.10 10.57 -30.03
C GLU A 350 16.91 9.36 -30.45
N LEU A 351 16.51 8.15 -30.04
CA LEU A 351 17.33 6.97 -30.28
C LEU A 351 16.78 6.05 -31.37
N GLY A 352 15.51 6.16 -31.73
CA GLY A 352 14.95 5.29 -32.74
C GLY A 352 14.22 4.08 -32.17
N VAL A 353 14.20 2.98 -32.91
CA VAL A 353 13.48 1.77 -32.52
C VAL A 353 14.47 0.80 -31.87
N VAL A 354 14.12 0.33 -30.67
CA VAL A 354 14.95 -0.63 -29.94
C VAL A 354 14.10 -1.85 -29.61
N HIS A 355 14.66 -3.03 -29.81
CA HIS A 355 13.98 -4.30 -29.57
C HIS A 355 14.71 -5.10 -28.50
N ASN A 356 13.95 -5.76 -27.64
CA ASN A 356 14.54 -6.58 -26.59
C ASN A 356 15.11 -7.88 -27.17
N GLN A 357 16.13 -8.41 -26.51
CA GLN A 357 16.85 -9.56 -27.02
C GLN A 357 16.39 -10.88 -26.44
N ASP A 358 15.92 -10.90 -25.19
CA ASP A 358 15.40 -12.12 -24.57
C ASP A 358 13.89 -11.96 -24.35
N VAL A 359 13.11 -12.42 -25.33
CA VAL A 359 11.66 -12.44 -25.23
C VAL A 359 11.22 -13.89 -25.42
N ASN A 360 10.46 -14.42 -24.46
CA ASN A 360 10.06 -15.82 -24.48
C ASN A 360 8.54 -15.96 -24.44
N LEU A 361 7.98 -16.52 -25.50
CA LEU A 361 6.59 -16.95 -25.47
C LEU A 361 6.50 -18.32 -24.80
N HIS A 362 5.30 -18.68 -24.36
CA HIS A 362 5.06 -20.00 -23.79
C HIS A 362 5.96 -20.30 -22.60
N SER A 363 5.77 -19.56 -21.51
CA SER A 363 6.50 -19.82 -20.28
C SER A 363 5.63 -20.63 -19.33
N SER A 364 6.27 -21.50 -18.55
CA SER A 364 5.54 -22.38 -17.65
C SER A 364 5.01 -21.63 -16.43
N ARG A 365 5.89 -20.92 -15.74
CA ARG A 365 5.50 -20.16 -14.56
C ARG A 365 6.53 -19.06 -14.33
N LEU A 366 6.15 -18.07 -13.54
CA LEU A 366 6.96 -16.88 -13.31
C LEU A 366 7.71 -16.97 -12.00
N SER A 367 8.97 -16.58 -12.01
CA SER A 367 9.80 -16.54 -10.81
C SER A 367 9.58 -15.21 -10.10
N PHE A 368 10.40 -14.93 -9.07
CA PHE A 368 10.24 -13.69 -8.32
C PHE A 368 10.63 -12.48 -9.15
N LYS A 369 11.75 -12.57 -9.88
CA LYS A 369 12.19 -11.43 -10.65
C LYS A 369 11.36 -11.20 -11.90
N GLU A 370 10.78 -12.26 -12.48
CA GLU A 370 9.86 -12.05 -13.61
C GLU A 370 8.58 -11.38 -13.14
N LEU A 371 8.06 -11.77 -11.98
CA LEU A 371 6.93 -11.06 -11.40
C LEU A 371 7.29 -9.61 -11.11
N LEU A 372 8.50 -9.37 -10.59
CA LEU A 372 8.91 -8.01 -10.29
C LEU A 372 8.98 -7.15 -11.55
N VAL A 373 9.49 -7.71 -12.64
CA VAL A 373 9.59 -6.96 -13.88
C VAL A 373 8.21 -6.74 -14.50
N TYR A 374 7.33 -7.74 -14.46
CA TYR A 374 6.01 -7.60 -15.05
C TYR A 374 5.11 -6.66 -14.26
N ALA A 375 5.29 -6.56 -12.94
CA ALA A 375 4.45 -5.67 -12.15
C ALA A 375 4.80 -4.21 -12.36
N ALA A 376 6.06 -3.91 -12.64
CA ALA A 376 6.49 -2.53 -12.85
C ALA A 376 6.18 -2.01 -14.24
N ASP A 377 5.84 -2.89 -15.18
CA ASP A 377 5.57 -2.49 -16.54
C ASP A 377 4.25 -1.72 -16.61
N PRO A 378 4.23 -0.55 -17.26
CA PRO A 378 2.97 0.18 -17.44
C PRO A 378 2.01 -0.45 -18.44
N ALA A 379 2.41 -1.51 -19.12
CA ALA A 379 1.56 -2.10 -20.16
C ALA A 379 0.29 -2.67 -19.58
N MET A 380 0.42 -3.48 -18.52
CA MET A 380 -0.78 -4.10 -17.93
C MET A 380 -1.63 -3.08 -17.20
N HIS A 381 -1.02 -2.03 -16.66
CA HIS A 381 -1.78 -1.00 -15.95
C HIS A 381 -2.56 -0.13 -16.92
N ALA A 382 -1.96 0.20 -18.07
CA ALA A 382 -2.64 1.04 -19.05
C ALA A 382 -3.65 0.25 -19.89
N ALA A 383 -3.38 -1.02 -20.14
CA ALA A 383 -4.29 -1.82 -20.97
C ALA A 383 -5.57 -2.22 -20.26
N SER A 384 -5.65 -2.04 -18.94
CA SER A 384 -6.81 -2.46 -18.16
C SER A 384 -7.49 -1.29 -17.48
N GLY A 385 -7.28 -0.07 -17.97
CA GLY A 385 -7.89 1.11 -17.39
C GLY A 385 -8.85 1.80 -18.35
N ASN A 386 -9.39 2.93 -17.94
CA ASN A 386 -10.30 3.69 -18.77
C ASN A 386 -9.54 4.69 -19.64
N LEU A 387 -10.24 5.21 -20.64
CA LEU A 387 -9.68 6.26 -21.48
C LEU A 387 -9.89 7.61 -20.80
N LEU A 388 -8.88 8.48 -20.90
CA LEU A 388 -8.88 9.74 -20.17
C LEU A 388 -8.72 10.91 -21.14
N LEU A 389 -9.55 11.93 -20.97
CA LEU A 389 -9.44 13.19 -21.72
C LEU A 389 -9.42 14.32 -20.69
N ASP A 390 -8.21 14.79 -20.35
CA ASP A 390 -8.03 15.80 -19.31
C ASP A 390 -7.79 17.13 -19.99
N LYS A 391 -8.71 18.07 -19.78
CA LYS A 391 -8.65 19.39 -20.41
C LYS A 391 -7.97 20.43 -19.53
N ARG A 392 -7.51 20.05 -18.34
CA ARG A 392 -6.83 20.98 -17.47
C ARG A 392 -5.39 21.24 -17.90
N THR A 393 -4.75 20.28 -18.56
CA THR A 393 -3.37 20.40 -18.99
C THR A 393 -3.29 20.21 -20.50
N THR A 394 -2.09 20.44 -21.04
CA THR A 394 -1.84 20.24 -22.47
C THR A 394 -0.94 19.05 -22.75
N CYS A 395 -0.53 18.31 -21.73
CA CYS A 395 0.31 17.14 -21.92
C CYS A 395 -0.53 15.94 -22.36
N PHE A 396 0.16 14.94 -22.91
CA PHE A 396 -0.50 13.72 -23.36
C PHE A 396 -0.99 12.91 -22.18
N SER A 397 -2.24 12.46 -22.23
CA SER A 397 -2.84 11.66 -21.17
C SER A 397 -3.16 10.28 -21.70
N VAL A 398 -2.82 9.26 -20.93
CA VAL A 398 -2.94 7.88 -21.40
C VAL A 398 -4.20 7.21 -20.86
N ALA A 399 -4.29 7.05 -19.55
CA ALA A 399 -5.38 6.27 -18.98
C ALA A 399 -5.65 6.71 -17.54
N ALA A 400 -6.84 6.36 -17.08
CA ALA A 400 -7.25 6.54 -15.69
C ALA A 400 -7.33 5.18 -15.01
N LEU A 401 -6.61 5.03 -13.91
CA LEU A 401 -6.48 3.73 -13.26
C LEU A 401 -7.61 3.41 -12.30
N THR A 402 -8.59 4.30 -12.16
CA THR A 402 -9.69 4.07 -11.23
C THR A 402 -10.89 4.86 -11.73
N ASN A 403 -11.98 4.83 -10.97
CA ASN A 403 -13.22 5.48 -11.33
C ASN A 403 -13.36 6.89 -10.77
N ASN A 404 -12.37 7.36 -10.02
CA ASN A 404 -12.44 8.66 -9.37
C ASN A 404 -11.14 9.43 -9.59
N VAL A 405 -11.24 10.75 -9.54
CA VAL A 405 -10.09 11.63 -9.56
C VAL A 405 -9.77 12.05 -8.14
N ALA A 406 -8.49 12.09 -7.80
CA ALA A 406 -8.03 12.44 -6.46
C ALA A 406 -7.51 13.86 -6.45
N PHE A 407 -7.94 14.62 -5.45
CA PHE A 407 -7.50 16.01 -5.25
C PHE A 407 -6.80 16.08 -3.91
N GLN A 408 -5.53 16.47 -3.91
CA GLN A 408 -4.70 16.50 -2.72
C GLN A 408 -4.39 17.94 -2.32
N THR A 409 -4.43 18.22 -1.03
CA THR A 409 -4.18 19.54 -0.48
C THR A 409 -2.94 19.52 0.39
N VAL A 410 -2.51 20.70 0.82
CA VAL A 410 -1.42 20.86 1.76
C VAL A 410 -1.94 21.63 2.98
N LYS A 411 -1.59 21.15 4.16
CA LYS A 411 -2.02 21.71 5.44
C LYS A 411 -1.19 22.92 5.82
N PRO A 412 -1.70 23.77 6.71
CA PRO A 412 -0.87 24.81 7.30
C PRO A 412 0.04 24.23 8.39
N GLY A 413 0.93 25.09 8.89
CA GLY A 413 1.85 24.68 9.92
C GLY A 413 1.29 24.87 11.32
N ASN A 414 2.06 24.41 12.30
CA ASN A 414 1.70 24.52 13.70
C ASN A 414 2.50 25.64 14.35
N PHE A 415 1.88 26.35 15.27
CA PHE A 415 2.45 27.55 15.89
C PHE A 415 3.06 27.20 17.24
N ASN A 416 4.32 27.56 17.42
CA ASN A 416 5.03 27.36 18.69
C ASN A 416 4.90 28.65 19.49
N LYS A 417 3.87 28.71 20.34
CA LYS A 417 3.52 29.96 21.01
C LYS A 417 4.47 30.29 22.16
N ASP A 418 5.02 29.27 22.83
CA ASP A 418 5.91 29.50 23.96
C ASP A 418 7.19 30.19 23.51
N PHE A 419 7.79 29.73 22.41
CA PHE A 419 9.00 30.36 21.90
C PHE A 419 8.72 31.78 21.43
N TYR A 420 7.58 32.00 20.79
CA TYR A 420 7.24 33.35 20.32
C TYR A 420 7.05 34.30 21.49
N ASP A 421 6.39 33.84 22.56
CA ASP A 421 6.25 34.68 23.75
C ASP A 421 7.60 35.00 24.37
N PHE A 422 8.47 33.98 24.47
CA PHE A 422 9.80 34.20 25.03
C PHE A 422 10.58 35.22 24.21
N ALA A 423 10.51 35.11 22.88
CA ALA A 423 11.21 36.05 22.01
C ALA A 423 10.64 37.45 22.12
N VAL A 424 9.32 37.59 22.24
CA VAL A 424 8.73 38.92 22.39
C VAL A 424 9.13 39.55 23.71
N SER A 425 9.23 38.75 24.78
CA SER A 425 9.61 39.29 26.08
C SER A 425 11.08 39.70 26.15
N LYS A 426 11.86 39.51 25.08
CA LYS A 426 13.25 39.91 25.03
C LYS A 426 13.50 40.99 24.00
N GLY A 427 12.45 41.69 23.57
CA GLY A 427 12.61 42.82 22.68
C GLY A 427 12.67 42.51 21.20
N PHE A 428 12.07 41.41 20.75
CA PHE A 428 12.07 41.06 19.35
C PHE A 428 10.76 41.47 18.68
N PHE A 429 10.79 41.50 17.35
CA PHE A 429 9.61 41.79 16.53
C PHE A 429 9.01 43.15 16.85
N LYS A 430 9.86 44.13 17.14
CA LYS A 430 9.38 45.49 17.36
C LYS A 430 9.19 46.19 16.02
N GLU A 431 8.43 47.28 16.05
CA GLU A 431 8.19 48.05 14.84
C GLU A 431 9.48 48.73 14.39
N GLY A 432 9.74 48.68 13.09
CA GLY A 432 10.95 49.26 12.53
C GLY A 432 12.18 48.39 12.64
N SER A 433 12.07 47.19 13.21
CA SER A 433 13.21 46.30 13.33
C SER A 433 13.65 45.81 11.94
N SER A 434 14.89 45.36 11.87
CA SER A 434 15.46 44.83 10.63
C SER A 434 15.36 43.32 10.54
N VAL A 435 14.79 42.66 11.53
CA VAL A 435 14.64 41.21 11.54
C VAL A 435 13.15 40.92 11.73
N GLU A 436 12.53 40.30 10.74
CA GLU A 436 11.10 40.00 10.79
C GLU A 436 10.84 38.67 10.10
N LEU A 437 9.70 38.07 10.46
CA LEU A 437 9.33 36.76 9.94
C LEU A 437 8.96 36.87 8.47
N LYS A 438 9.60 36.05 7.63
CA LYS A 438 9.25 35.97 6.22
C LYS A 438 9.24 34.54 5.69
N HIS A 439 9.40 33.53 6.54
CA HIS A 439 9.36 32.13 6.14
C HIS A 439 8.21 31.45 6.86
N PHE A 440 7.28 30.86 6.09
CA PHE A 440 6.07 30.28 6.64
C PHE A 440 5.78 28.95 5.94
N PHE A 441 4.76 28.27 6.43
CA PHE A 441 4.16 27.12 5.76
C PHE A 441 2.93 27.60 4.99
N PHE A 442 2.99 27.51 3.66
CA PHE A 442 1.89 27.95 2.81
C PHE A 442 0.98 26.78 2.48
N ALA A 443 -0.32 27.04 2.47
CA ALA A 443 -1.33 26.01 2.22
C ALA A 443 -1.75 26.02 0.77
N GLN A 444 -2.15 24.84 0.27
CA GLN A 444 -2.57 24.67 -1.10
C GLN A 444 -3.92 23.96 -1.15
N ASP A 445 -4.65 24.21 -2.23
CA ASP A 445 -5.96 23.61 -2.43
C ASP A 445 -5.83 22.38 -3.34
N GLY A 446 -6.98 21.83 -3.73
CA GLY A 446 -7.01 20.54 -4.41
C GLY A 446 -6.55 20.54 -5.84
N ASN A 447 -6.31 21.71 -6.44
CA ASN A 447 -5.90 21.82 -7.82
C ASN A 447 -4.39 22.03 -7.99
N ALA A 448 -3.62 21.86 -6.91
CA ALA A 448 -2.21 22.24 -6.93
C ALA A 448 -1.32 21.26 -7.67
N ALA A 449 -1.60 19.96 -7.58
CA ALA A 449 -0.70 18.96 -8.17
C ALA A 449 -0.72 19.00 -9.69
N ILE A 450 -1.90 19.04 -10.30
CA ILE A 450 -1.97 19.09 -11.75
C ILE A 450 -1.47 20.43 -12.27
N SER A 451 -1.74 21.51 -11.53
CA SER A 451 -1.26 22.83 -11.94
C SER A 451 0.26 22.95 -11.84
N ASP A 452 0.88 22.20 -10.93
CA ASP A 452 2.33 22.14 -10.90
C ASP A 452 2.91 21.21 -11.95
N TYR A 453 2.24 20.09 -12.24
CA TYR A 453 2.68 19.23 -13.32
C TYR A 453 2.56 19.89 -14.68
N ASP A 454 1.66 20.86 -14.83
CA ASP A 454 1.48 21.53 -16.11
C ASP A 454 2.67 22.37 -16.53
N TYR A 455 3.67 22.57 -15.68
CA TYR A 455 4.82 23.39 -16.01
C TYR A 455 5.79 22.74 -16.98
N TYR A 456 5.58 21.47 -17.33
CA TYR A 456 6.43 20.83 -18.33
C TYR A 456 6.17 21.33 -19.72
N ARG A 457 5.28 22.30 -19.90
CA ARG A 457 5.06 22.95 -21.18
C ARG A 457 6.21 23.85 -21.59
N TYR A 458 7.17 24.10 -20.71
CA TYR A 458 8.34 24.89 -21.01
C TYR A 458 9.47 24.07 -21.60
N ASN A 459 9.27 22.77 -21.79
CA ASN A 459 10.25 21.90 -22.44
C ASN A 459 9.88 21.78 -23.91
N LEU A 460 10.80 22.22 -24.78
CA LEU A 460 10.56 22.23 -26.22
C LEU A 460 11.69 21.50 -26.92
N PRO A 461 11.40 20.91 -28.09
CA PRO A 461 12.46 20.24 -28.86
C PRO A 461 13.52 21.23 -29.31
N THR A 462 14.77 20.94 -28.97
CA THR A 462 15.88 21.84 -29.24
C THR A 462 16.96 21.08 -30.00
N MET A 463 17.30 21.59 -31.19
CA MET A 463 18.43 21.08 -31.96
C MET A 463 19.68 21.86 -31.60
N CYS A 464 20.82 21.17 -31.61
CA CYS A 464 22.08 21.73 -31.17
C CYS A 464 23.01 21.98 -32.34
N ASP A 465 23.99 22.83 -32.11
CA ASP A 465 25.14 23.00 -33.00
C ASP A 465 26.10 21.86 -32.72
N ILE A 466 26.11 20.85 -33.61
CA ILE A 466 26.76 19.59 -33.27
C ILE A 466 28.28 19.72 -33.23
N ARG A 467 28.88 20.50 -34.12
CA ARG A 467 30.34 20.57 -34.17
C ARG A 467 30.91 21.29 -32.96
N GLN A 468 30.18 22.26 -32.42
CA GLN A 468 30.59 22.93 -31.20
C GLN A 468 30.38 22.05 -29.97
N LEU A 469 29.28 21.30 -29.94
CA LEU A 469 29.01 20.41 -28.82
C LEU A 469 30.02 19.27 -28.74
N LEU A 470 30.49 18.78 -29.89
CA LEU A 470 31.45 17.69 -29.89
C LEU A 470 32.83 18.11 -29.37
N PHE A 471 33.09 19.40 -29.20
CA PHE A 471 34.31 19.92 -28.59
C PHE A 471 34.09 20.30 -27.12
N VAL A 472 32.93 20.91 -26.85
CA VAL A 472 32.57 21.19 -25.48
C VAL A 472 32.52 19.90 -24.65
N VAL A 473 32.10 18.80 -25.26
CA VAL A 473 32.01 17.55 -24.52
C VAL A 473 33.41 17.05 -24.13
N GLU A 474 34.41 17.25 -24.99
CA GLU A 474 35.76 16.83 -24.65
C GLU A 474 36.33 17.66 -23.51
N VAL A 475 36.11 18.98 -23.53
CA VAL A 475 36.59 19.81 -22.43
C VAL A 475 35.88 19.44 -21.12
N VAL A 476 34.56 19.25 -21.18
CA VAL A 476 33.81 18.89 -19.99
C VAL A 476 34.30 17.56 -19.44
N ASP A 477 34.57 16.59 -20.32
CA ASP A 477 35.08 15.31 -19.90
C ASP A 477 36.46 15.42 -19.28
N LYS A 478 37.28 16.37 -19.73
CA LYS A 478 38.54 16.59 -19.04
C LYS A 478 38.35 17.18 -17.66
N TYR A 479 37.26 17.89 -17.42
CA TYR A 479 36.99 18.33 -16.04
C TYR A 479 36.73 17.18 -15.07
N PHE A 480 36.68 15.93 -15.53
CA PHE A 480 36.29 14.79 -14.70
C PHE A 480 37.34 13.68 -14.72
N ASP A 481 38.62 14.03 -14.74
CA ASP A 481 39.67 13.06 -15.02
C ASP A 481 40.30 12.44 -13.79
N CYS A 482 40.12 13.02 -12.61
CA CYS A 482 40.79 12.53 -11.42
C CYS A 482 40.05 11.38 -10.73
N TYR A 483 38.86 11.02 -11.19
CA TYR A 483 38.01 10.05 -10.52
C TYR A 483 38.14 8.68 -11.16
N ASP A 484 37.55 7.68 -10.52
CA ASP A 484 37.54 6.32 -11.04
C ASP A 484 36.15 5.72 -10.85
N GLY A 485 35.80 4.79 -11.73
CA GLY A 485 34.48 4.19 -11.70
C GLY A 485 34.42 2.79 -12.27
N GLY A 486 33.21 2.30 -12.52
CA GLY A 486 32.97 0.96 -13.00
C GLY A 486 31.87 0.29 -12.22
N CYS A 487 31.58 -0.94 -12.61
CA CYS A 487 30.48 -1.71 -12.03
C CYS A 487 30.92 -2.41 -10.75
N ILE A 488 29.95 -2.70 -9.89
CA ILE A 488 30.18 -3.39 -8.63
C ILE A 488 29.16 -4.51 -8.50
N ASN A 489 29.36 -5.37 -7.50
CA ASN A 489 28.46 -6.47 -7.22
C ASN A 489 27.40 -6.03 -6.21
N ALA A 490 26.37 -6.87 -6.05
CA ALA A 490 25.24 -6.53 -5.19
C ALA A 490 25.61 -6.50 -3.72
N ASN A 491 26.69 -7.15 -3.32
CA ASN A 491 27.11 -7.16 -1.93
C ASN A 491 28.11 -6.05 -1.60
N GLN A 492 28.36 -5.14 -2.55
CA GLN A 492 29.20 -3.97 -2.32
C GLN A 492 28.40 -2.68 -2.34
N VAL A 493 27.09 -2.74 -2.44
CA VAL A 493 26.24 -1.56 -2.56
C VAL A 493 25.83 -1.09 -1.17
N ILE A 494 25.86 0.22 -0.96
CA ILE A 494 25.53 0.83 0.32
C ILE A 494 24.21 1.58 0.17
N VAL A 495 23.25 1.26 1.03
CA VAL A 495 21.92 1.86 1.00
C VAL A 495 21.70 2.56 2.35
N ASN A 496 21.44 3.86 2.30
CA ASN A 496 21.06 4.60 3.49
C ASN A 496 19.54 4.70 3.57
N ASN A 497 19.00 4.61 4.79
CA ASN A 497 17.57 4.80 5.01
C ASN A 497 16.73 3.82 4.21
N LEU A 498 16.79 2.53 4.57
CA LEU A 498 16.02 1.48 3.93
C LEU A 498 14.52 1.54 4.25
N ASP A 499 14.05 2.62 4.87
CA ASP A 499 12.66 2.76 5.27
C ASP A 499 11.95 3.88 4.50
N LYS A 500 12.19 3.96 3.20
CA LYS A 500 11.57 4.96 2.35
C LYS A 500 10.72 4.29 1.28
N SER A 501 10.01 5.12 0.52
CA SER A 501 9.03 4.63 -0.44
C SER A 501 9.70 3.85 -1.56
N ALA A 502 8.93 2.96 -2.18
CA ALA A 502 9.41 2.10 -3.24
C ALA A 502 8.69 2.32 -4.57
N GLY A 503 7.91 3.39 -4.70
CA GLY A 503 7.27 3.70 -5.95
C GLY A 503 5.94 2.99 -6.14
N PHE A 504 5.40 3.12 -7.38
CA PHE A 504 4.11 2.56 -7.70
C PHE A 504 4.26 1.07 -8.06
N PRO A 505 3.16 0.34 -8.28
CA PRO A 505 2.97 -0.98 -7.68
C PRO A 505 3.40 -1.14 -6.24
N PHE A 506 4.67 -0.87 -5.95
CA PHE A 506 5.34 -1.49 -4.81
C PHE A 506 5.04 -0.79 -3.48
N ASN A 507 4.41 0.37 -3.49
CA ASN A 507 4.03 1.02 -2.23
C ASN A 507 2.72 0.49 -1.67
N LYS A 508 2.13 -0.54 -2.31
CA LYS A 508 0.95 -1.21 -1.79
C LYS A 508 1.28 -2.29 -0.78
N TRP A 509 2.50 -2.84 -0.83
CA TRP A 509 2.84 -4.01 -0.04
C TRP A 509 3.96 -3.79 0.96
N GLY A 510 4.78 -2.76 0.80
CA GLY A 510 5.85 -2.52 1.76
C GLY A 510 6.76 -1.41 1.31
N LYS A 511 7.85 -1.25 2.06
CA LYS A 511 8.89 -0.27 1.77
C LYS A 511 10.08 -0.96 1.12
N ALA A 512 11.13 -0.15 0.86
CA ALA A 512 12.30 -0.67 0.15
C ALA A 512 12.99 -1.78 0.93
N ARG A 513 12.82 -1.80 2.25
CA ARG A 513 13.43 -2.85 3.06
C ARG A 513 12.90 -4.22 2.68
N LEU A 514 11.60 -4.32 2.41
CA LEU A 514 11.00 -5.61 2.05
C LEU A 514 11.61 -6.16 0.77
N TYR A 515 11.85 -5.30 -0.21
CA TYR A 515 12.36 -5.74 -1.51
C TYR A 515 13.86 -5.95 -1.48
N TYR A 516 14.60 -5.28 -0.60
CA TYR A 516 15.99 -5.63 -0.40
C TYR A 516 16.17 -6.89 0.44
N ASP A 517 15.17 -7.24 1.26
CA ASP A 517 15.26 -8.44 2.09
C ASP A 517 14.79 -9.69 1.35
N SER A 518 13.76 -9.58 0.50
CA SER A 518 13.21 -10.74 -0.17
C SER A 518 14.08 -11.24 -1.31
N MET A 519 15.02 -10.45 -1.80
CA MET A 519 15.87 -10.82 -2.91
C MET A 519 17.27 -11.11 -2.41
N SER A 520 17.82 -12.25 -2.84
CA SER A 520 19.19 -12.61 -2.48
C SER A 520 20.18 -11.87 -3.37
N TYR A 521 21.47 -12.03 -3.06
CA TYR A 521 22.51 -11.35 -3.83
C TYR A 521 22.62 -11.87 -5.26
N GLU A 522 22.03 -13.01 -5.57
CA GLU A 522 22.04 -13.55 -6.93
C GLU A 522 20.86 -13.05 -7.77
N ASP A 523 19.69 -12.86 -7.16
CA ASP A 523 18.56 -12.28 -7.88
C ASP A 523 18.88 -10.87 -8.35
N GLN A 524 19.52 -10.07 -7.50
CA GLN A 524 19.89 -8.71 -7.87
C GLN A 524 20.89 -8.70 -9.02
N ASP A 525 21.88 -9.60 -8.97
CA ASP A 525 22.84 -9.70 -10.05
C ASP A 525 22.18 -10.13 -11.35
N ALA A 526 21.22 -11.05 -11.26
CA ALA A 526 20.50 -11.50 -12.46
C ALA A 526 19.69 -10.36 -13.07
N LEU A 527 19.03 -9.55 -12.23
CA LEU A 527 18.28 -8.41 -12.75
C LEU A 527 19.21 -7.38 -13.39
N PHE A 528 20.36 -7.12 -12.77
CA PHE A 528 21.32 -6.19 -13.35
C PHE A 528 21.85 -6.69 -14.70
N ALA A 529 22.13 -7.99 -14.80
CA ALA A 529 22.57 -8.54 -16.07
C ALA A 529 21.45 -8.51 -17.11
N TYR A 530 20.20 -8.63 -16.66
CA TYR A 530 19.07 -8.51 -17.55
C TYR A 530 19.00 -7.11 -18.17
N THR A 531 19.27 -6.08 -17.37
CA THR A 531 19.13 -4.72 -17.89
C THR A 531 20.19 -4.34 -18.92
N LYS A 532 21.19 -5.17 -19.20
CA LYS A 532 22.18 -4.85 -20.22
C LYS A 532 21.87 -5.50 -21.56
N ARG A 533 20.71 -6.12 -21.69
CA ARG A 533 20.27 -6.67 -22.96
C ARG A 533 18.81 -6.35 -23.27
N ASN A 534 18.11 -5.65 -22.37
CA ASN A 534 16.68 -5.41 -22.51
C ASN A 534 16.35 -4.06 -21.90
N VAL A 535 15.15 -3.55 -22.21
CA VAL A 535 14.66 -2.28 -21.69
C VAL A 535 13.48 -2.55 -20.78
N ILE A 536 13.49 -1.93 -19.60
CA ILE A 536 12.37 -1.99 -18.67
C ILE A 536 11.83 -0.59 -18.42
N PRO A 537 10.67 -0.23 -18.99
CA PRO A 537 10.04 1.04 -18.61
C PRO A 537 9.37 0.95 -17.26
N THR A 538 9.28 2.10 -16.59
CA THR A 538 8.74 2.16 -15.23
C THR A 538 7.75 3.33 -15.12
N ILE A 539 7.20 3.50 -13.92
CA ILE A 539 6.24 4.55 -13.60
C ILE A 539 6.79 5.39 -12.47
N THR A 540 6.64 6.71 -12.58
CA THR A 540 7.11 7.66 -11.58
C THR A 540 5.93 8.37 -10.95
N GLN A 541 5.95 8.51 -9.63
CA GLN A 541 4.86 9.13 -8.89
C GLN A 541 5.23 10.55 -8.48
N MET A 542 4.25 11.44 -8.47
CA MET A 542 4.48 12.83 -8.09
C MET A 542 3.87 13.10 -6.72
N ASN A 543 4.65 13.71 -5.83
CA ASN A 543 4.22 13.93 -4.46
C ASN A 543 4.42 15.40 -4.07
N LEU A 544 3.42 15.96 -3.40
CA LEU A 544 3.50 17.33 -2.91
C LEU A 544 4.35 17.40 -1.65
N LYS A 545 5.09 18.47 -1.50
CA LYS A 545 6.03 18.64 -0.39
C LYS A 545 5.42 19.51 0.71
N TYR A 546 5.85 19.25 1.94
CA TYR A 546 5.34 19.92 3.14
C TYR A 546 6.54 20.47 3.91
N ALA A 547 6.94 21.71 3.61
CA ALA A 547 8.13 22.29 4.22
C ALA A 547 8.00 23.82 4.20
N ILE A 548 8.89 24.45 4.96
CA ILE A 548 8.89 25.91 5.10
C ILE A 548 9.49 26.55 3.85
N SER A 549 9.08 27.77 3.55
CA SER A 549 9.48 28.45 2.33
C SER A 549 9.25 29.94 2.48
N ALA A 550 9.65 30.70 1.47
CA ALA A 550 9.40 32.13 1.39
C ALA A 550 8.41 32.51 0.30
N LYS A 551 8.11 31.61 -0.63
CA LYS A 551 7.17 31.85 -1.71
C LYS A 551 5.98 30.91 -1.58
N ASN A 552 4.82 31.35 -2.08
CA ASN A 552 3.59 30.57 -2.00
C ASN A 552 3.43 29.61 -3.16
N ARG A 553 4.52 29.23 -3.82
CA ARG A 553 4.48 28.25 -4.89
C ARG A 553 4.51 26.84 -4.31
N ALA A 554 3.76 25.94 -4.93
CA ALA A 554 3.77 24.55 -4.51
C ALA A 554 5.00 23.84 -5.05
N ARG A 555 5.52 22.90 -4.28
CA ARG A 555 6.69 22.12 -4.66
C ARG A 555 6.34 20.64 -4.72
N THR A 556 6.92 19.94 -5.68
CA THR A 556 6.69 18.52 -5.86
C THR A 556 8.02 17.79 -5.99
N VAL A 557 7.98 16.50 -5.69
CA VAL A 557 9.12 15.60 -5.87
C VAL A 557 8.65 14.37 -6.63
N ALA A 558 9.59 13.72 -7.30
CA ALA A 558 9.32 12.51 -8.07
C ALA A 558 9.84 11.29 -7.34
N GLY A 559 8.95 10.33 -7.11
CA GLY A 559 9.32 9.04 -6.56
C GLY A 559 9.48 8.02 -7.65
N VAL A 560 10.68 7.47 -7.78
CA VAL A 560 11.04 6.50 -8.81
C VAL A 560 10.87 5.10 -8.24
N SER A 561 10.57 4.15 -9.12
CA SER A 561 10.33 2.78 -8.72
C SER A 561 11.62 2.12 -8.22
N ILE A 562 11.45 1.08 -7.40
CA ILE A 562 12.59 0.38 -6.83
C ILE A 562 13.36 -0.38 -7.91
N CYS A 563 12.65 -0.84 -8.96
CA CYS A 563 13.28 -1.59 -10.05
C CYS A 563 14.32 -0.76 -10.79
N SER A 564 14.22 0.56 -10.74
CA SER A 564 15.17 1.45 -11.41
C SER A 564 16.34 1.81 -10.50
N THR A 565 16.04 2.19 -9.25
CA THR A 565 17.09 2.56 -8.31
C THR A 565 18.02 1.39 -8.02
N MET A 566 17.47 0.19 -7.89
CA MET A 566 18.28 -0.98 -7.56
C MET A 566 19.42 -1.19 -8.56
N THR A 567 19.15 -0.97 -9.84
CA THR A 567 20.15 -1.17 -10.87
C THR A 567 20.99 0.07 -11.14
N ASN A 568 20.42 1.27 -11.02
CA ASN A 568 21.21 2.48 -11.20
C ASN A 568 22.28 2.61 -10.12
N ARG A 569 22.01 2.11 -8.90
CA ARG A 569 23.04 2.12 -7.87
C ARG A 569 24.23 1.27 -8.28
N GLN A 570 23.98 0.04 -8.71
CA GLN A 570 25.07 -0.83 -9.14
C GLN A 570 25.80 -0.27 -10.36
N PHE A 571 25.13 0.54 -11.16
CA PHE A 571 25.85 1.13 -12.30
C PHE A 571 26.73 2.31 -11.88
N HIS A 572 26.24 3.20 -11.00
CA HIS A 572 26.88 4.50 -10.83
C HIS A 572 27.52 4.76 -9.46
N GLN A 573 27.32 3.89 -8.47
CA GLN A 573 27.67 4.26 -7.10
C GLN A 573 29.17 4.41 -6.89
N LYS A 574 30.00 3.61 -7.55
CA LYS A 574 31.44 3.71 -7.37
C LYS A 574 31.96 5.08 -7.78
N LEU A 575 31.53 5.57 -8.95
CA LEU A 575 31.94 6.89 -9.38
C LEU A 575 31.35 7.98 -8.49
N LEU A 576 30.10 7.81 -8.07
CA LEU A 576 29.51 8.85 -7.21
C LEU A 576 30.27 8.97 -5.90
N LYS A 577 30.64 7.85 -5.29
CA LYS A 577 31.41 7.88 -4.05
C LYS A 577 32.84 8.35 -4.28
N SER A 578 33.41 8.10 -5.46
CA SER A 578 34.72 8.66 -5.77
C SER A 578 34.66 10.19 -5.85
N ILE A 579 33.61 10.72 -6.45
CA ILE A 579 33.47 12.18 -6.56
C ILE A 579 33.27 12.79 -5.19
N ALA A 580 32.43 12.17 -4.36
CA ALA A 580 32.08 12.74 -3.06
C ALA A 580 33.17 12.61 -2.01
N ALA A 581 34.39 12.18 -2.37
CA ALA A 581 35.46 11.97 -1.40
C ALA A 581 36.73 12.70 -1.77
N THR A 582 36.66 13.67 -2.67
CA THR A 582 37.82 14.39 -3.17
C THR A 582 37.77 15.84 -2.69
N ARG A 583 38.90 16.36 -2.23
CA ARG A 583 39.02 17.72 -1.76
C ARG A 583 39.96 18.50 -2.67
N GLY A 584 39.57 19.72 -3.02
CA GLY A 584 40.38 20.60 -3.84
C GLY A 584 40.07 20.61 -5.31
N ALA A 585 38.96 20.02 -5.74
CA ALA A 585 38.60 19.96 -7.15
C ALA A 585 37.54 21.01 -7.47
N THR A 586 37.05 20.98 -8.71
CA THR A 586 36.05 21.95 -9.15
C THR A 586 34.67 21.65 -8.56
N VAL A 587 34.29 20.38 -8.52
CA VAL A 587 33.00 19.97 -7.96
C VAL A 587 33.19 19.74 -6.47
N VAL A 588 32.37 20.38 -5.66
CA VAL A 588 32.57 20.41 -4.21
C VAL A 588 31.46 19.66 -3.49
N ILE A 589 30.89 18.65 -4.14
CA ILE A 589 29.92 17.79 -3.48
C ILE A 589 30.65 16.91 -2.46
N GLY A 590 30.20 16.93 -1.22
CA GLY A 590 30.77 16.12 -0.16
C GLY A 590 31.73 16.85 0.76
N THR A 591 31.99 18.12 0.52
CA THR A 591 32.86 18.92 1.38
C THR A 591 32.03 19.67 2.40
N SER A 592 32.37 19.51 3.68
CA SER A 592 31.62 20.15 4.75
C SER A 592 32.19 21.54 5.04
N LYS A 593 31.31 22.42 5.50
CA LYS A 593 31.66 23.80 5.81
C LYS A 593 32.21 23.97 7.21
N PHE A 594 32.26 22.91 8.00
CA PHE A 594 32.68 22.98 9.38
C PHE A 594 34.18 22.72 9.53
N TYR A 595 34.72 23.14 10.66
CA TYR A 595 36.13 22.96 11.00
C TYR A 595 37.04 23.56 9.94
N GLY A 596 36.62 24.69 9.38
CA GLY A 596 37.42 25.41 8.41
C GLY A 596 37.28 24.99 6.96
N GLY A 597 36.19 24.32 6.59
CA GLY A 597 35.99 23.90 5.22
C GLY A 597 35.62 25.02 4.28
N TRP A 598 34.85 25.99 4.79
CA TRP A 598 34.45 27.15 3.99
C TRP A 598 35.66 27.95 3.55
N HIS A 599 36.58 28.19 4.48
CA HIS A 599 37.80 28.94 4.17
C HIS A 599 38.65 28.22 3.13
N ASN A 600 38.80 26.91 3.26
CA ASN A 600 39.58 26.13 2.29
C ASN A 600 38.95 26.18 0.91
N MET A 601 37.62 26.03 0.84
CA MET A 601 36.94 26.08 -0.44
C MET A 601 37.14 27.44 -1.11
N LEU A 602 36.99 28.52 -0.34
CA LEU A 602 37.14 29.85 -0.91
C LEU A 602 38.56 30.13 -1.37
N LYS A 603 39.56 29.69 -0.60
CA LYS A 603 40.94 29.89 -1.01
C LYS A 603 41.32 29.05 -2.22
N THR A 604 40.71 27.86 -2.36
CA THR A 604 40.96 27.06 -3.56
C THR A 604 40.33 27.71 -4.79
N VAL A 605 39.12 28.25 -4.65
CA VAL A 605 38.49 28.86 -5.83
C VAL A 605 39.17 30.18 -6.20
N TYR A 606 39.73 30.91 -5.22
CA TYR A 606 40.44 32.14 -5.56
C TYR A 606 41.69 31.87 -6.38
N SER A 607 42.30 30.70 -6.23
CA SER A 607 43.47 30.27 -7.00
C SER A 607 44.52 31.37 -7.09
N ASP A 608 44.96 31.68 -8.30
CA ASP A 608 45.87 32.80 -8.55
C ASP A 608 45.44 33.57 -9.80
N VAL A 609 44.13 33.84 -9.90
CA VAL A 609 43.66 34.71 -10.97
C VAL A 609 44.21 36.12 -10.76
N GLU A 610 44.35 36.85 -11.87
CA GLU A 610 45.21 38.03 -11.91
C GLU A 610 44.52 39.34 -11.56
N ASN A 611 43.46 39.70 -12.26
CA ASN A 611 42.66 40.88 -11.94
C ASN A 611 41.28 40.41 -11.49
N PRO A 612 41.19 39.78 -10.33
CA PRO A 612 40.04 38.93 -10.03
C PRO A 612 38.77 39.66 -9.62
N HIS A 613 37.68 39.24 -10.22
CA HIS A 613 36.33 39.57 -9.75
C HIS A 613 35.58 38.26 -9.51
N LEU A 614 34.46 38.38 -8.80
CA LEU A 614 33.61 37.23 -8.49
C LEU A 614 32.25 37.40 -9.13
N MET A 615 31.66 36.28 -9.55
CA MET A 615 30.43 36.33 -10.33
C MET A 615 29.56 35.12 -9.98
N GLY A 616 28.25 35.35 -10.03
CA GLY A 616 27.28 34.28 -9.91
C GLY A 616 26.04 34.57 -10.71
N TRP A 617 25.39 33.52 -11.21
CA TRP A 617 24.27 33.66 -12.14
C TRP A 617 23.14 32.73 -11.71
N ASP A 618 22.14 32.56 -12.59
CA ASP A 618 20.87 31.94 -12.26
C ASP A 618 20.40 31.03 -13.40
N TYR A 619 19.60 30.03 -13.06
CA TYR A 619 18.97 29.14 -14.03
C TYR A 619 17.46 29.16 -13.82
N PRO A 620 16.69 29.85 -14.66
CA PRO A 620 15.23 29.83 -14.51
C PRO A 620 14.63 28.51 -14.98
N LYS A 621 13.75 27.94 -14.16
CA LYS A 621 13.06 26.68 -14.46
C LYS A 621 14.04 25.60 -14.91
N CYS A 622 15.01 25.31 -14.03
CA CYS A 622 16.14 24.48 -14.44
C CYS A 622 15.71 23.06 -14.79
N ASP A 623 14.90 22.44 -13.93
CA ASP A 623 14.58 21.02 -14.11
C ASP A 623 13.48 20.78 -15.13
N ARG A 624 12.72 21.80 -15.51
CA ARG A 624 11.64 21.62 -16.48
C ARG A 624 12.04 22.03 -17.88
N ALA A 625 13.07 22.86 -18.04
CA ALA A 625 13.42 23.42 -19.33
C ALA A 625 14.66 22.80 -19.95
N MET A 626 15.39 21.95 -19.23
CA MET A 626 16.63 21.40 -19.77
C MET A 626 16.34 20.53 -20.97
N PRO A 627 16.99 20.76 -22.11
CA PRO A 627 16.74 19.94 -23.30
C PRO A 627 17.29 18.52 -23.14
N ASN A 628 16.77 17.62 -23.96
CA ASN A 628 17.09 16.21 -23.83
C ASN A 628 18.51 15.89 -24.28
N MET A 629 19.04 16.65 -25.23
CA MET A 629 20.38 16.38 -25.74
C MET A 629 21.42 16.57 -24.64
N LEU A 630 21.25 17.59 -23.80
CA LEU A 630 22.19 17.83 -22.71
C LEU A 630 22.09 16.76 -21.63
N ARG A 631 20.89 16.24 -21.36
CA ARG A 631 20.74 15.14 -20.42
C ARG A 631 21.41 13.87 -20.94
N ILE A 632 21.23 13.57 -22.22
CA ILE A 632 21.90 12.41 -22.82
C ILE A 632 23.42 12.59 -22.76
N MET A 633 23.90 13.81 -23.03
CA MET A 633 25.32 14.08 -22.94
C MET A 633 25.85 13.87 -21.53
N ALA A 634 25.11 14.31 -20.52
CA ALA A 634 25.53 14.10 -19.14
C ALA A 634 25.62 12.61 -18.80
N SER A 635 24.64 11.83 -19.26
CA SER A 635 24.69 10.39 -19.02
C SER A 635 25.90 9.76 -19.68
N LEU A 636 26.21 10.16 -20.92
CA LEU A 636 27.36 9.57 -21.60
C LEU A 636 28.68 9.97 -20.92
N VAL A 637 28.78 11.21 -20.46
CA VAL A 637 29.98 11.65 -19.76
C VAL A 637 30.18 10.84 -18.49
N LEU A 638 29.09 10.60 -17.74
CA LEU A 638 29.22 9.78 -16.53
C LEU A 638 29.57 8.33 -16.87
N ALA A 639 29.02 7.78 -17.96
CA ALA A 639 29.26 6.38 -18.30
C ALA A 639 30.60 6.14 -18.97
N ARG A 640 31.34 7.19 -19.32
CA ARG A 640 32.65 7.02 -19.95
C ARG A 640 33.68 6.29 -19.08
N LYS A 641 33.31 5.89 -17.87
CA LYS A 641 34.24 5.19 -16.98
C LYS A 641 34.15 3.67 -17.09
N HIS A 642 33.31 3.15 -17.96
CA HIS A 642 33.05 1.70 -18.06
C HIS A 642 33.78 1.08 -19.23
N THR A 643 35.02 1.51 -19.46
CA THR A 643 35.77 1.10 -20.65
C THR A 643 36.36 -0.30 -20.53
N THR A 644 36.36 -0.92 -19.35
CA THR A 644 36.92 -2.26 -19.20
C THR A 644 35.95 -3.29 -18.64
N CYS A 645 34.80 -2.87 -18.12
CA CYS A 645 33.84 -3.82 -17.57
C CYS A 645 32.66 -4.10 -18.48
N CYS A 646 32.33 -3.17 -19.37
CA CYS A 646 31.18 -3.29 -20.25
C CYS A 646 31.63 -3.27 -21.70
N SER A 647 30.90 -3.99 -22.55
CA SER A 647 31.11 -3.93 -23.99
C SER A 647 30.37 -2.73 -24.56
N LEU A 648 30.30 -2.63 -25.89
CA LEU A 648 29.67 -1.48 -26.53
C LEU A 648 28.15 -1.57 -26.60
N SER A 649 27.60 -2.79 -26.66
CA SER A 649 26.15 -2.96 -26.65
C SER A 649 25.58 -2.81 -25.24
N HIS A 650 26.32 -3.25 -24.22
CA HIS A 650 25.87 -3.10 -22.85
C HIS A 650 25.66 -1.64 -22.48
N ARG A 651 26.60 -0.79 -22.90
CA ARG A 651 26.51 0.63 -22.58
C ARG A 651 25.32 1.28 -23.28
N PHE A 652 25.07 0.90 -24.54
CA PHE A 652 23.91 1.44 -25.23
C PHE A 652 22.62 1.04 -24.53
N TYR A 653 22.52 -0.22 -24.10
CA TYR A 653 21.27 -0.64 -23.46
C TYR A 653 21.11 0.01 -22.10
N ARG A 654 22.21 0.29 -21.40
CA ARG A 654 22.09 1.04 -20.15
C ARG A 654 21.62 2.47 -20.40
N LEU A 655 22.12 3.12 -21.44
CA LEU A 655 21.64 4.45 -21.79
C LEU A 655 20.15 4.43 -22.16
N ALA A 656 19.73 3.41 -22.92
CA ALA A 656 18.33 3.29 -23.29
C ALA A 656 17.45 3.08 -22.06
N ASN A 657 17.89 2.26 -21.11
CA ASN A 657 17.14 2.07 -19.89
C ASN A 657 17.00 3.38 -19.12
N GLU A 658 18.09 4.14 -19.01
CA GLU A 658 18.02 5.40 -18.27
C GLU A 658 17.06 6.37 -18.95
N CYS A 659 17.09 6.45 -20.28
CA CYS A 659 16.16 7.33 -20.98
C CYS A 659 14.71 6.88 -20.82
N ALA A 660 14.47 5.57 -20.85
CA ALA A 660 13.12 5.06 -20.71
C ALA A 660 12.59 5.15 -19.29
N GLN A 661 13.46 5.33 -18.29
CA GLN A 661 13.00 5.40 -16.91
C GLN A 661 12.99 6.79 -16.29
N VAL A 662 13.89 7.70 -16.69
CA VAL A 662 13.93 8.99 -16.02
C VAL A 662 13.93 10.17 -16.99
N LEU A 663 13.63 9.91 -18.24
CA LEU A 663 13.62 11.02 -19.19
C LEU A 663 12.27 11.20 -19.88
N SER A 664 11.62 10.11 -20.29
CA SER A 664 10.32 10.18 -20.95
C SER A 664 9.39 9.11 -20.41
N GLU A 665 9.47 8.85 -19.11
CA GLU A 665 8.68 7.80 -18.50
C GLU A 665 7.22 8.24 -18.36
N MET A 666 6.39 7.34 -17.85
CA MET A 666 5.00 7.64 -17.57
C MET A 666 4.87 8.11 -16.13
N VAL A 667 4.02 9.12 -15.92
CA VAL A 667 3.90 9.78 -14.63
C VAL A 667 2.52 9.51 -14.05
N MET A 668 2.49 9.13 -12.78
CA MET A 668 1.26 8.85 -12.04
C MET A 668 0.92 10.09 -11.22
N CYS A 669 -0.04 10.87 -11.71
CA CYS A 669 -0.49 12.07 -11.02
C CYS A 669 -1.97 11.93 -10.71
N GLY A 670 -2.34 12.23 -9.48
CA GLY A 670 -3.69 11.95 -9.02
C GLY A 670 -3.91 10.45 -9.00
N GLY A 671 -4.77 9.97 -9.89
CA GLY A 671 -4.88 8.55 -10.12
C GLY A 671 -4.82 8.23 -11.60
N SER A 672 -4.07 9.02 -12.36
CA SER A 672 -4.04 8.92 -13.81
C SER A 672 -2.60 8.88 -14.30
N LEU A 673 -2.42 8.38 -15.53
CA LEU A 673 -1.12 8.29 -16.17
C LEU A 673 -1.00 9.34 -17.26
N TYR A 674 0.14 10.02 -17.29
CA TYR A 674 0.47 11.01 -18.30
C TYR A 674 1.85 10.71 -18.87
N VAL A 675 2.19 11.41 -19.95
CA VAL A 675 3.47 11.25 -20.64
C VAL A 675 4.32 12.47 -20.33
N LYS A 676 5.58 12.22 -19.95
CA LYS A 676 6.50 13.31 -19.65
C LYS A 676 7.25 13.73 -20.90
N PRO A 677 7.17 15.00 -21.31
CA PRO A 677 7.89 15.41 -22.53
C PRO A 677 9.40 15.34 -22.41
N GLY A 678 9.94 15.62 -21.23
CA GLY A 678 11.39 15.64 -21.07
C GLY A 678 11.76 16.36 -19.79
N GLY A 679 13.04 16.71 -19.69
CA GLY A 679 13.57 17.33 -18.50
C GLY A 679 14.24 16.32 -17.59
N THR A 680 14.44 16.75 -16.35
CA THR A 680 15.04 15.90 -15.33
C THR A 680 14.03 15.62 -14.23
N SER A 681 14.06 14.39 -13.72
CA SER A 681 13.26 13.99 -12.58
C SER A 681 14.14 14.04 -11.34
N SER A 682 13.72 14.80 -10.34
CA SER A 682 14.55 15.12 -9.20
C SER A 682 14.58 14.02 -8.14
N GLY A 683 14.22 12.79 -8.49
CA GLY A 683 14.21 11.73 -7.50
C GLY A 683 14.93 10.47 -7.93
N ASP A 684 15.81 10.59 -8.92
CA ASP A 684 16.59 9.46 -9.38
C ASP A 684 18.01 9.52 -8.82
N ALA A 685 18.75 8.44 -9.02
CA ALA A 685 19.98 8.17 -8.28
C ALA A 685 21.19 8.94 -8.80
N THR A 686 21.02 9.91 -9.69
CA THR A 686 22.19 10.62 -10.22
C THR A 686 21.94 12.12 -10.41
N THR A 687 20.93 12.70 -9.74
CA THR A 687 20.47 14.04 -10.07
C THR A 687 21.56 15.09 -9.88
N ALA A 688 22.17 15.11 -8.70
CA ALA A 688 23.09 16.19 -8.33
C ALA A 688 24.37 16.18 -9.15
N TYR A 689 24.74 15.06 -9.75
CA TYR A 689 25.97 14.98 -10.53
C TYR A 689 25.74 15.27 -12.01
N ALA A 690 24.59 14.82 -12.53
CA ALA A 690 24.19 15.24 -13.87
C ALA A 690 23.98 16.75 -13.93
N ASN A 691 23.41 17.33 -12.86
CA ASN A 691 23.27 18.78 -12.80
C ASN A 691 24.62 19.47 -12.86
N SER A 692 25.63 18.93 -12.18
CA SER A 692 26.96 19.53 -12.21
C SER A 692 27.57 19.47 -13.59
N VAL A 693 27.41 18.33 -14.27
CA VAL A 693 27.92 18.21 -15.64
C VAL A 693 27.24 19.25 -16.54
N PHE A 694 25.92 19.41 -16.39
CA PHE A 694 25.18 20.38 -17.19
C PHE A 694 25.69 21.81 -16.94
N ASN A 695 25.94 22.14 -15.68
CA ASN A 695 26.47 23.46 -15.34
C ASN A 695 27.81 23.72 -16.01
N ILE A 696 28.73 22.76 -15.92
CA ILE A 696 30.06 22.96 -16.51
C ILE A 696 29.95 23.08 -18.03
N CYS A 697 29.06 22.29 -18.64
CA CYS A 697 28.88 22.37 -20.08
C CYS A 697 28.41 23.76 -20.51
N GLN A 698 27.44 24.33 -19.80
CA GLN A 698 26.97 25.66 -20.17
C GLN A 698 28.06 26.71 -20.01
N ALA A 699 28.87 26.61 -18.94
CA ALA A 699 29.96 27.58 -18.77
C ALA A 699 30.99 27.48 -19.90
N VAL A 700 31.35 26.26 -20.30
CA VAL A 700 32.33 26.10 -21.39
C VAL A 700 31.77 26.64 -22.69
N THR A 701 30.48 26.40 -22.96
CA THR A 701 29.86 26.95 -24.16
C THR A 701 29.91 28.47 -24.16
N ALA A 702 29.62 29.09 -23.02
CA ALA A 702 29.67 30.55 -22.95
C ALA A 702 31.06 31.07 -23.25
N ASN A 703 32.09 30.41 -22.72
CA ASN A 703 33.46 30.88 -22.98
C ASN A 703 33.83 30.74 -24.46
N VAL A 704 33.44 29.63 -25.09
CA VAL A 704 33.75 29.43 -26.50
C VAL A 704 33.07 30.51 -27.35
N ASN A 705 31.78 30.77 -27.07
CA ASN A 705 31.06 31.77 -27.83
C ASN A 705 31.62 33.17 -27.59
N ALA A 706 32.09 33.46 -26.38
CA ALA A 706 32.70 34.76 -26.13
C ALA A 706 33.99 34.93 -26.93
N LEU A 707 34.80 33.88 -27.01
CA LEU A 707 36.07 34.02 -27.70
C LEU A 707 35.93 34.03 -29.22
N LEU A 708 34.98 33.29 -29.79
CA LEU A 708 34.90 33.21 -31.24
C LEU A 708 34.15 34.36 -31.89
N SER A 709 33.50 35.23 -31.12
CA SER A 709 32.73 36.33 -31.67
C SER A 709 33.41 37.67 -31.49
N THR A 710 34.72 37.66 -31.29
CA THR A 710 35.51 38.86 -31.07
C THR A 710 36.38 39.12 -32.30
N ASP A 711 36.41 40.38 -32.74
CA ASP A 711 37.23 40.77 -33.88
C ASP A 711 38.70 40.48 -33.59
N GLY A 712 39.27 39.52 -34.31
CA GLY A 712 40.64 39.13 -34.07
C GLY A 712 41.68 40.12 -34.54
N ASN A 713 41.29 41.09 -35.35
CA ASN A 713 42.22 42.12 -35.79
C ASN A 713 42.55 43.11 -34.68
N LYS A 714 41.77 43.13 -33.60
CA LYS A 714 42.00 44.04 -32.49
C LYS A 714 42.63 43.38 -31.27
N ILE A 715 42.68 42.05 -31.23
CA ILE A 715 43.31 41.37 -30.10
C ILE A 715 44.80 41.64 -30.12
N ALA A 716 45.31 42.27 -29.05
CA ALA A 716 46.68 42.74 -29.02
C ALA A 716 47.70 41.65 -28.71
N ASP A 717 47.30 40.58 -28.03
CA ASP A 717 48.23 39.52 -27.68
C ASP A 717 48.31 38.49 -28.81
N LYS A 718 49.53 38.08 -29.15
CA LYS A 718 49.71 37.08 -30.20
C LYS A 718 49.18 35.72 -29.75
N TYR A 719 49.41 35.36 -28.49
CA TYR A 719 49.03 34.04 -28.00
C TYR A 719 47.52 33.83 -28.09
N VAL A 720 46.75 34.82 -27.65
CA VAL A 720 45.29 34.67 -27.66
C VAL A 720 44.76 34.63 -29.08
N ARG A 721 45.36 35.41 -29.99
CA ARG A 721 44.93 35.38 -31.38
C ARG A 721 45.19 34.01 -32.01
N ASN A 722 46.35 33.42 -31.73
CA ASN A 722 46.62 32.06 -32.23
C ASN A 722 45.65 31.05 -31.62
N LEU A 723 45.34 31.20 -30.34
CA LEU A 723 44.38 30.32 -29.69
C LEU A 723 43.01 30.41 -30.37
N GLN A 724 42.60 31.63 -30.75
CA GLN A 724 41.33 31.80 -31.45
C GLN A 724 41.34 31.13 -32.81
N HIS A 725 42.43 31.32 -33.57
CA HIS A 725 42.55 30.67 -34.88
C HIS A 725 42.43 29.16 -34.77
N ARG A 726 43.16 28.58 -33.82
CA ARG A 726 43.13 27.13 -33.66
C ARG A 726 41.79 26.64 -33.13
N LEU A 727 41.10 27.44 -32.32
CA LEU A 727 39.77 27.05 -31.85
C LEU A 727 38.78 26.95 -33.00
N TYR A 728 38.82 27.93 -33.92
CA TYR A 728 37.95 27.83 -35.10
C TYR A 728 38.30 26.60 -35.93
N GLU A 729 39.59 26.34 -36.13
CA GLU A 729 39.97 25.15 -36.90
C GLU A 729 39.50 23.88 -36.23
N CYS A 730 39.56 23.81 -34.89
CA CYS A 730 39.19 22.59 -34.19
C CYS A 730 37.69 22.37 -34.18
N LEU A 731 36.89 23.44 -34.22
CA LEU A 731 35.45 23.22 -34.35
C LEU A 731 35.05 22.85 -35.78
N TYR A 732 35.33 23.72 -36.75
CA TYR A 732 34.68 23.63 -38.04
C TYR A 732 35.55 23.08 -39.16
N ARG A 733 36.76 22.61 -38.87
CA ARG A 733 37.63 22.09 -39.91
C ARG A 733 38.26 20.74 -39.61
N ASN A 734 38.30 20.30 -38.36
CA ASN A 734 38.77 18.97 -38.02
C ASN A 734 37.59 18.07 -37.66
N ARG A 735 37.77 16.78 -37.91
CA ARG A 735 36.72 15.79 -37.71
C ARG A 735 36.93 14.93 -36.47
N ASP A 736 38.17 14.70 -36.07
CA ASP A 736 38.49 13.89 -34.90
C ASP A 736 39.04 14.77 -33.78
N VAL A 737 39.16 14.18 -32.60
CA VAL A 737 39.61 14.92 -31.43
C VAL A 737 41.09 15.23 -31.55
N ASP A 738 41.46 16.46 -31.15
CA ASP A 738 42.84 16.91 -31.09
C ASP A 738 43.17 17.12 -29.61
N THR A 739 43.96 16.20 -29.05
CA THR A 739 44.15 16.20 -27.60
C THR A 739 45.08 17.31 -27.11
N ASP A 740 46.05 17.72 -27.95
CA ASP A 740 46.96 18.79 -27.54
C ASP A 740 46.22 20.11 -27.36
N PHE A 741 45.34 20.46 -28.31
CA PHE A 741 44.60 21.71 -28.16
C PHE A 741 43.58 21.62 -27.05
N VAL A 742 43.02 20.45 -26.80
CA VAL A 742 42.13 20.29 -25.65
C VAL A 742 42.89 20.54 -24.35
N ASN A 743 44.11 20.01 -24.25
CA ASN A 743 44.97 20.31 -23.10
C ASN A 743 45.18 21.80 -22.95
N GLU A 744 45.53 22.47 -24.06
CA GLU A 744 45.85 23.89 -24.00
C GLU A 744 44.64 24.74 -23.61
N PHE A 745 43.48 24.45 -24.18
CA PHE A 745 42.27 25.18 -23.85
C PHE A 745 41.85 24.93 -22.40
N TYR A 746 41.99 23.70 -21.92
CA TYR A 746 41.68 23.42 -20.53
C TYR A 746 42.59 24.21 -19.59
N ALA A 747 43.88 24.27 -19.91
CA ALA A 747 44.81 25.05 -19.09
C ALA A 747 44.45 26.53 -19.10
N TYR A 748 44.12 27.08 -20.28
CA TYR A 748 43.75 28.48 -20.39
C TYR A 748 42.51 28.78 -19.55
N LEU A 749 41.50 27.91 -19.63
CA LEU A 749 40.28 28.10 -18.84
C LEU A 749 40.56 28.03 -17.35
N ARG A 750 41.39 27.06 -16.93
CA ARG A 750 41.67 26.94 -15.50
C ARG A 750 42.52 28.10 -14.99
N LYS A 751 43.29 28.76 -15.86
CA LYS A 751 44.06 29.90 -15.38
C LYS A 751 43.24 31.19 -15.32
N HIS A 752 42.38 31.43 -16.31
CA HIS A 752 41.70 32.71 -16.38
C HIS A 752 40.23 32.65 -15.97
N PHE A 753 39.70 31.48 -15.63
CA PHE A 753 38.29 31.30 -15.33
C PHE A 753 38.15 30.17 -14.32
N SER A 754 38.15 30.50 -13.02
CA SER A 754 38.07 29.48 -11.99
C SER A 754 36.64 29.31 -11.50
N MET A 755 36.23 28.06 -11.29
CA MET A 755 34.86 27.74 -10.96
C MET A 755 34.78 26.90 -9.69
N MET A 756 33.67 27.06 -8.97
CA MET A 756 33.33 26.19 -7.85
C MET A 756 31.87 25.83 -8.01
N ILE A 757 31.58 24.54 -8.14
CA ILE A 757 30.31 24.03 -8.65
C ILE A 757 29.68 23.09 -7.64
N LEU A 758 28.43 23.35 -7.29
CA LEU A 758 27.50 22.38 -6.74
C LEU A 758 26.36 22.21 -7.75
N SER A 759 25.40 21.35 -7.41
CA SER A 759 24.46 20.85 -8.41
C SER A 759 23.53 21.97 -8.83
N ASP A 760 23.99 22.74 -9.83
CA ASP A 760 23.36 23.91 -10.47
C ASP A 760 23.59 25.21 -9.69
N ASP A 761 24.49 25.19 -8.72
CA ASP A 761 24.95 26.41 -8.07
C ASP A 761 26.43 26.62 -8.37
N ALA A 762 26.85 27.87 -8.49
CA ALA A 762 28.21 28.11 -8.96
C ALA A 762 28.73 29.44 -8.45
N VAL A 763 30.05 29.52 -8.31
CA VAL A 763 30.78 30.77 -8.08
C VAL A 763 31.97 30.80 -9.04
N VAL A 764 32.24 31.96 -9.64
CA VAL A 764 33.35 32.08 -10.58
C VAL A 764 34.26 33.22 -10.19
N CYS A 765 35.57 32.97 -10.21
CA CYS A 765 36.60 34.00 -10.09
C CYS A 765 37.24 34.19 -11.45
N PHE A 766 37.17 35.40 -11.99
CA PHE A 766 37.59 35.61 -13.37
C PHE A 766 38.46 36.86 -13.49
N ASN A 767 39.27 36.86 -14.55
CA ASN A 767 40.12 37.98 -14.91
C ASN A 767 39.28 39.10 -15.52
N SER A 768 39.24 40.26 -14.87
CA SER A 768 38.37 41.34 -15.31
C SER A 768 38.90 42.05 -16.54
N THR A 769 40.22 42.19 -16.66
CA THR A 769 40.80 42.81 -17.85
C THR A 769 40.51 41.99 -19.10
N TYR A 770 40.58 40.67 -19.00
CA TYR A 770 40.25 39.82 -20.15
C TYR A 770 38.77 39.89 -20.47
N ALA A 771 37.90 39.87 -19.45
CA ALA A 771 36.47 39.89 -19.70
C ALA A 771 36.00 41.23 -20.26
N SER A 772 36.71 42.32 -19.98
CA SER A 772 36.36 43.58 -20.59
C SER A 772 36.79 43.69 -22.05
N GLN A 773 37.69 42.81 -22.51
CA GLN A 773 38.10 42.79 -23.91
C GLN A 773 37.41 41.70 -24.72
N GLY A 774 36.62 40.84 -24.10
CA GLY A 774 35.94 39.78 -24.82
C GLY A 774 36.70 38.48 -24.94
N LEU A 775 37.69 38.23 -24.08
CA LEU A 775 38.50 37.03 -24.16
C LEU A 775 38.04 35.91 -23.24
N VAL A 776 37.22 36.22 -22.23
CA VAL A 776 36.54 35.20 -21.42
C VAL A 776 35.09 35.60 -21.28
N ALA A 777 34.29 34.68 -20.74
CA ALA A 777 32.84 34.88 -20.69
C ALA A 777 32.48 35.98 -19.71
N SER A 778 31.53 36.82 -20.11
CA SER A 778 30.93 37.84 -19.30
C SER A 778 29.53 37.36 -18.86
N ILE A 779 28.74 38.25 -18.27
CA ILE A 779 27.41 37.87 -17.83
C ILE A 779 26.36 37.98 -18.92
N LYS A 780 26.69 38.62 -20.05
CA LYS A 780 25.78 38.67 -21.19
C LYS A 780 25.93 37.46 -22.11
N ASN A 781 27.12 36.86 -22.14
CA ASN A 781 27.33 35.64 -22.89
C ASN A 781 26.46 34.52 -22.33
N PHE A 782 26.33 34.45 -21.01
CA PHE A 782 25.44 33.46 -20.40
C PHE A 782 23.99 33.69 -20.81
N LYS A 783 23.56 34.95 -20.86
CA LYS A 783 22.19 35.25 -21.27
C LYS A 783 21.94 34.80 -22.71
N SER A 784 22.88 35.10 -23.61
CA SER A 784 22.71 34.68 -25.01
C SER A 784 22.69 33.17 -25.14
N VAL A 785 23.60 32.48 -24.44
CA VAL A 785 23.67 31.02 -24.54
C VAL A 785 22.39 30.39 -24.00
N LEU A 786 21.89 30.87 -22.87
CA LEU A 786 20.64 30.34 -22.33
C LEU A 786 19.48 30.61 -23.26
N TYR A 787 19.44 31.79 -23.90
CA TYR A 787 18.35 32.10 -24.80
C TYR A 787 18.30 31.14 -25.97
N TYR A 788 19.45 30.85 -26.59
CA TYR A 788 19.38 30.03 -27.80
C TYR A 788 19.61 28.55 -27.55
N GLN A 789 19.94 28.12 -26.33
CA GLN A 789 20.19 26.71 -26.07
C GLN A 789 19.37 26.16 -24.90
N ASN A 790 18.55 26.99 -24.26
CA ASN A 790 17.81 26.54 -23.09
C ASN A 790 16.37 27.03 -23.13
N ASN A 791 16.09 27.95 -24.05
CA ASN A 791 14.74 28.49 -24.28
C ASN A 791 14.19 29.23 -23.06
N VAL A 792 15.05 29.95 -22.35
CA VAL A 792 14.63 30.79 -21.23
C VAL A 792 15.31 32.14 -21.36
N PHE A 793 14.73 33.14 -20.69
CA PHE A 793 15.32 34.46 -20.59
C PHE A 793 15.82 34.67 -19.17
N MET A 794 17.12 34.92 -19.03
CA MET A 794 17.75 35.08 -17.73
C MET A 794 17.91 36.56 -17.44
N SER A 795 17.31 37.02 -16.35
CA SER A 795 17.31 38.44 -15.99
C SER A 795 18.49 38.74 -15.06
N GLU A 796 19.09 39.90 -15.27
CA GLU A 796 20.28 40.29 -14.53
C GLU A 796 19.96 40.80 -13.12
N ALA A 797 18.72 40.69 -12.68
CA ALA A 797 18.34 41.01 -11.31
C ALA A 797 18.48 39.83 -10.38
N LYS A 798 18.82 38.65 -10.90
CA LYS A 798 19.07 37.47 -10.09
C LYS A 798 20.51 36.99 -10.19
N CYS A 799 21.37 37.75 -10.87
CA CYS A 799 22.80 37.50 -10.92
C CYS A 799 23.51 38.57 -10.12
N TRP A 800 24.77 38.30 -9.75
CA TRP A 800 25.53 39.24 -8.95
C TRP A 800 27.00 39.22 -9.37
N THR A 801 27.66 40.34 -9.08
CA THR A 801 29.08 40.54 -9.31
C THR A 801 29.69 41.20 -8.08
N GLU A 802 30.97 40.94 -7.86
CA GLU A 802 31.68 41.45 -6.68
C GLU A 802 33.10 41.83 -7.09
N THR A 803 33.46 43.09 -6.87
CA THR A 803 34.77 43.58 -7.26
C THR A 803 35.81 43.54 -6.14
N ASP A 804 35.40 43.22 -4.92
CA ASP A 804 36.29 43.18 -3.77
C ASP A 804 36.32 41.77 -3.20
N LEU A 805 37.52 41.20 -3.06
CA LEU A 805 37.67 39.82 -2.63
C LEU A 805 37.74 39.66 -1.12
N THR A 806 37.97 40.73 -0.36
CA THR A 806 37.93 40.64 1.09
C THR A 806 36.53 40.40 1.61
N LYS A 807 35.53 40.58 0.77
CA LYS A 807 34.19 40.05 0.99
C LYS A 807 33.98 38.91 0.02
N GLY A 808 33.53 37.76 0.53
CA GLY A 808 33.38 36.59 -0.29
C GLY A 808 32.24 36.71 -1.26
N PRO A 809 31.74 35.57 -1.74
CA PRO A 809 30.59 35.59 -2.65
C PRO A 809 29.38 36.22 -1.99
N HIS A 810 28.57 36.88 -2.81
CA HIS A 810 27.34 37.47 -2.28
C HIS A 810 26.39 36.39 -1.79
N GLU A 811 26.31 35.27 -2.49
CA GLU A 811 25.49 34.16 -2.03
C GLU A 811 26.07 32.86 -2.59
N PHE A 812 26.05 31.81 -1.77
CA PHE A 812 26.38 30.47 -2.22
C PHE A 812 25.71 29.49 -1.26
N CYS A 813 24.75 28.73 -1.77
CA CYS A 813 23.98 27.76 -0.97
C CYS A 813 23.21 28.45 0.17
N SER A 814 22.65 29.62 -0.11
CA SER A 814 21.86 30.41 0.83
C SER A 814 22.66 30.93 2.00
N GLN A 815 23.98 30.99 1.89
CA GLN A 815 24.84 31.47 2.95
C GLN A 815 25.55 32.75 2.50
N HIS A 816 25.79 33.64 3.44
CA HIS A 816 26.61 34.81 3.22
C HIS A 816 27.98 34.59 3.85
N THR A 817 28.96 35.38 3.39
CA THR A 817 30.35 35.22 3.78
C THR A 817 30.81 36.44 4.56
N MET A 818 31.68 36.20 5.54
CA MET A 818 32.17 37.29 6.35
C MET A 818 33.56 36.96 6.86
N LEU A 819 34.46 37.94 6.81
CA LEU A 819 35.87 37.75 7.17
C LEU A 819 36.08 38.25 8.59
N VAL A 820 36.46 37.35 9.49
CA VAL A 820 36.56 37.66 10.91
C VAL A 820 37.91 37.23 11.46
N LYS A 821 38.31 37.88 12.54
CA LYS A 821 39.54 37.55 13.25
C LYS A 821 39.25 36.43 14.25
N GLN A 822 39.95 35.30 14.11
CA GLN A 822 39.71 34.14 14.97
C GLN A 822 41.07 33.62 15.41
N GLY A 823 41.45 33.93 16.65
CA GLY A 823 42.75 33.55 17.16
C GLY A 823 43.84 34.52 16.74
N ASP A 824 44.68 34.08 15.81
CA ASP A 824 45.80 34.90 15.33
C ASP A 824 45.59 35.42 13.92
N ASP A 825 44.72 34.80 13.14
CA ASP A 825 44.56 35.11 11.73
C ASP A 825 43.10 35.38 11.40
N TYR A 826 42.86 35.81 10.17
CA TYR A 826 41.54 36.12 9.67
C TYR A 826 41.04 34.98 8.79
N VAL A 827 39.79 34.58 8.99
CA VAL A 827 39.18 33.46 8.30
C VAL A 827 37.85 33.89 7.72
N TYR A 828 37.32 33.07 6.83
CA TYR A 828 36.00 33.28 6.23
C TYR A 828 34.99 32.37 6.90
N LEU A 829 33.85 32.93 7.27
CA LEU A 829 32.79 32.18 7.91
C LEU A 829 31.48 32.40 7.18
N PRO A 830 30.65 31.36 7.09
CA PRO A 830 29.31 31.51 6.50
C PRO A 830 28.25 31.78 7.55
N TYR A 831 27.24 32.57 7.22
CA TYR A 831 26.11 32.76 8.12
C TYR A 831 24.82 32.75 7.33
N PRO A 832 23.71 32.33 7.96
CA PRO A 832 22.42 32.28 7.27
C PRO A 832 21.60 33.55 7.40
N ASP A 833 20.37 33.51 6.86
CA ASP A 833 19.41 34.57 7.02
C ASP A 833 18.71 34.43 8.37
N PRO A 834 18.69 35.46 9.21
CA PRO A 834 18.10 35.30 10.55
C PRO A 834 16.63 34.90 10.54
N SER A 835 15.86 35.38 9.57
CA SER A 835 14.43 35.05 9.54
C SER A 835 14.21 33.57 9.28
N ARG A 836 15.12 32.92 8.55
CA ARG A 836 15.01 31.48 8.35
C ARG A 836 15.15 30.73 9.67
N ILE A 837 16.11 31.13 10.51
CA ILE A 837 16.31 30.48 11.80
C ILE A 837 15.13 30.73 12.72
N LEU A 838 14.66 31.98 12.78
CA LEU A 838 13.52 32.28 13.66
C LEU A 838 12.26 31.58 13.19
N GLY A 839 12.02 31.51 11.88
CA GLY A 839 10.86 30.82 11.37
C GLY A 839 10.94 29.32 11.65
N ALA A 840 12.13 28.73 11.55
CA ALA A 840 12.28 27.34 11.94
C ALA A 840 11.98 27.15 13.41
N GLY A 841 12.29 28.14 14.24
CA GLY A 841 11.96 28.05 15.65
C GLY A 841 10.49 28.23 15.96
N CYS A 842 9.75 28.97 15.15
CA CYS A 842 8.37 29.32 15.47
C CYS A 842 7.31 28.40 14.85
N PHE A 843 7.54 27.86 13.66
CA PHE A 843 6.53 27.08 12.94
C PHE A 843 7.04 25.66 12.70
N VAL A 844 6.24 24.67 13.11
CA VAL A 844 6.65 23.27 13.14
C VAL A 844 5.52 22.36 12.65
N ASP A 845 5.70 21.04 12.78
CA ASP A 845 4.65 20.04 12.48
C ASP A 845 4.36 19.18 13.71
N ASP A 846 3.54 19.71 14.62
CA ASP A 846 3.09 19.16 15.91
C ASP A 846 3.97 18.13 16.62
N ILE A 847 4.05 18.24 17.95
CA ILE A 847 4.85 17.39 18.82
C ILE A 847 6.34 17.62 18.57
N VAL A 848 6.74 17.68 17.30
CA VAL A 848 8.13 17.94 16.92
C VAL A 848 8.56 19.23 17.58
N LYS A 849 7.61 20.11 17.86
CA LYS A 849 7.79 21.20 18.80
C LYS A 849 6.45 21.51 19.44
N THR A 850 6.32 22.72 19.98
CA THR A 850 5.18 23.19 20.77
C THR A 850 5.24 22.54 22.15
N ASP A 851 6.24 21.69 22.35
CA ASP A 851 6.65 21.22 23.67
C ASP A 851 8.16 21.08 23.63
N GLY A 852 8.87 22.12 24.04
CA GLY A 852 10.32 22.14 23.86
C GLY A 852 11.03 21.11 24.70
N THR A 853 10.50 20.82 25.90
CA THR A 853 11.19 19.93 26.82
C THR A 853 11.34 18.51 26.29
N LEU A 854 10.55 18.13 25.29
CA LEU A 854 10.58 16.77 24.76
C LEU A 854 11.65 16.56 23.70
N MET A 855 12.15 17.61 23.07
CA MET A 855 13.21 17.42 22.09
C MET A 855 14.52 18.12 22.47
N ILE A 856 14.48 19.44 22.67
CA ILE A 856 15.63 20.23 23.09
C ILE A 856 16.76 20.22 22.05
N GLU A 857 17.10 19.05 21.50
CA GLU A 857 18.22 18.98 20.57
C GLU A 857 17.96 19.77 19.29
N ARG A 858 16.68 20.00 18.97
CA ARG A 858 16.35 20.84 17.82
C ARG A 858 16.98 22.22 17.96
N PHE A 859 16.86 22.81 19.15
CA PHE A 859 17.39 24.13 19.37
C PHE A 859 18.91 24.13 19.47
N VAL A 860 19.51 23.02 19.90
CA VAL A 860 20.97 22.90 19.87
C VAL A 860 21.45 22.94 18.42
N SER A 861 20.80 22.19 17.53
CA SER A 861 21.19 22.22 16.12
C SER A 861 20.95 23.59 15.51
N LEU A 862 19.82 24.22 15.82
CA LEU A 862 19.54 25.55 15.29
C LEU A 862 20.51 26.61 15.80
N ALA A 863 21.03 26.46 17.02
CA ALA A 863 22.04 27.38 17.52
C ALA A 863 23.41 27.12 16.90
N ILE A 864 23.72 25.85 16.61
CA ILE A 864 24.93 25.57 15.85
C ILE A 864 24.88 26.26 14.50
N ASP A 865 23.72 26.20 13.83
CA ASP A 865 23.58 26.86 12.54
C ASP A 865 23.68 28.38 12.63
N ALA A 866 23.42 28.97 13.79
CA ALA A 866 23.28 30.42 13.92
C ALA A 866 24.39 31.07 14.74
N TYR A 867 25.38 30.30 15.17
CA TYR A 867 26.49 30.86 15.94
C TYR A 867 27.23 32.00 15.25
N PRO A 868 27.60 31.90 13.96
CA PRO A 868 28.42 32.97 13.35
C PRO A 868 27.76 34.33 13.26
N LEU A 869 26.48 34.44 13.62
CA LEU A 869 25.84 35.76 13.61
C LEU A 869 26.35 36.66 14.72
N THR A 870 27.03 36.10 15.73
CA THR A 870 27.57 36.90 16.84
C THR A 870 28.73 37.77 16.41
N LYS A 871 29.26 37.60 15.20
CA LYS A 871 30.40 38.36 14.72
C LYS A 871 30.00 39.38 13.66
N HIS A 872 28.73 39.65 13.53
CA HIS A 872 28.16 40.61 12.59
C HIS A 872 28.15 42.02 13.19
N PRO A 873 28.42 43.04 12.38
CA PRO A 873 28.34 44.41 12.89
C PRO A 873 26.95 44.80 13.37
N ASN A 874 25.89 44.31 12.74
CA ASN A 874 24.54 44.61 13.17
C ASN A 874 24.26 43.92 14.50
N GLN A 875 23.80 44.70 15.49
CA GLN A 875 23.59 44.15 16.82
C GLN A 875 22.29 43.37 16.95
N GLU A 876 21.34 43.55 16.04
CA GLU A 876 20.14 42.76 16.09
C GLU A 876 20.35 41.34 15.58
N TYR A 877 21.55 41.01 15.13
CA TYR A 877 21.83 39.69 14.58
C TYR A 877 22.44 38.73 15.60
N ALA A 878 23.26 39.22 16.54
CA ALA A 878 23.80 38.36 17.60
C ALA A 878 22.75 38.00 18.63
N ASP A 879 21.70 38.81 18.74
CA ASP A 879 20.61 38.52 19.65
C ASP A 879 19.93 37.21 19.34
N VAL A 880 20.00 36.73 18.09
CA VAL A 880 19.41 35.45 17.75
C VAL A 880 20.15 34.31 18.45
N PHE A 881 21.48 34.31 18.39
CA PHE A 881 22.26 33.29 19.08
C PHE A 881 22.04 33.36 20.58
N HIS A 882 22.03 34.58 21.14
CA HIS A 882 21.87 34.67 22.59
C HIS A 882 20.47 34.29 23.05
N LEU A 883 19.45 34.59 22.25
CA LEU A 883 18.09 34.15 22.53
C LEU A 883 18.00 32.63 22.52
N TYR A 884 18.66 31.98 21.55
CA TYR A 884 18.61 30.52 21.50
C TYR A 884 19.29 29.89 22.71
N LEU A 885 20.44 30.44 23.14
CA LEU A 885 21.09 29.92 24.34
C LEU A 885 20.22 30.08 25.58
N GLN A 886 19.59 31.25 25.74
CA GLN A 886 18.73 31.47 26.91
C GLN A 886 17.54 30.52 26.89
N TYR A 887 16.95 30.27 25.72
CA TYR A 887 15.83 29.35 25.66
C TYR A 887 16.27 27.92 25.99
N ILE A 888 17.46 27.52 25.56
CA ILE A 888 17.95 26.19 25.90
C ILE A 888 18.08 26.03 27.42
N ARG A 889 18.64 27.05 28.08
CA ARG A 889 18.74 26.97 29.54
C ARG A 889 17.37 26.90 30.19
N LYS A 890 16.41 27.69 29.71
CA LYS A 890 15.07 27.67 30.27
C LYS A 890 14.42 26.30 30.13
N LEU A 891 14.58 25.67 28.95
CA LEU A 891 14.00 24.35 28.73
C LEU A 891 14.59 23.32 29.68
N HIS A 892 15.92 23.34 29.85
CA HIS A 892 16.55 22.39 30.76
C HIS A 892 16.03 22.56 32.18
N ASP A 893 15.94 23.80 32.65
CA ASP A 893 15.44 24.04 33.99
C ASP A 893 14.01 23.56 34.16
N GLU A 894 13.16 23.80 33.15
CA GLU A 894 11.76 23.39 33.26
C GLU A 894 11.63 21.87 33.32
N LEU A 895 12.41 21.17 32.49
CA LEU A 895 12.35 19.70 32.52
C LEU A 895 12.82 19.16 33.87
N THR A 896 13.90 19.72 34.44
CA THR A 896 14.36 19.25 35.74
C THR A 896 13.34 19.55 36.83
N GLY A 897 12.71 20.72 36.76
CA GLY A 897 11.70 21.08 37.76
C GLY A 897 10.51 20.15 37.72
N HIS A 898 10.01 19.84 36.53
CA HIS A 898 8.95 18.84 36.39
C HIS A 898 9.39 17.52 36.98
N MET A 899 10.58 17.05 36.61
CA MET A 899 11.02 15.72 37.03
C MET A 899 11.12 15.63 38.55
N LEU A 900 11.68 16.65 39.20
CA LEU A 900 11.76 16.61 40.66
C LEU A 900 10.42 16.85 41.35
N ASP A 901 9.53 17.65 40.75
CA ASP A 901 8.24 17.89 41.39
C ASP A 901 7.30 16.72 41.22
N MET A 902 7.59 15.77 40.32
CA MET A 902 6.62 14.72 40.11
C MET A 902 7.08 13.32 40.52
N TYR A 903 8.37 12.95 40.41
CA TYR A 903 8.77 11.71 41.09
C TYR A 903 9.38 12.08 42.40
N SER A 904 10.71 12.26 42.50
CA SER A 904 11.44 13.24 43.28
C SER A 904 12.81 13.39 42.62
N VAL A 905 12.92 13.03 41.35
CA VAL A 905 14.17 12.56 40.76
C VAL A 905 14.99 13.71 40.22
N MET A 906 16.31 13.54 40.34
CA MET A 906 17.33 14.47 39.90
C MET A 906 18.28 13.74 38.98
N LEU A 907 18.64 14.36 37.86
CA LEU A 907 19.78 13.86 37.10
C LEU A 907 21.05 14.02 37.93
N THR A 908 21.73 12.89 38.17
CA THR A 908 22.84 12.87 39.14
C THR A 908 23.92 13.88 38.77
N ASN A 909 24.56 13.70 37.62
CA ASN A 909 25.52 14.65 37.10
C ASN A 909 25.05 15.14 35.75
N ASP A 910 25.12 16.46 35.54
CA ASP A 910 24.49 17.05 34.35
C ASP A 910 25.31 16.80 33.09
N ASN A 911 26.51 17.38 33.03
CA ASN A 911 27.28 17.47 31.78
C ASN A 911 26.45 18.12 30.67
N THR A 912 25.54 19.03 31.06
CA THR A 912 24.67 19.70 30.12
C THR A 912 24.80 21.21 30.13
N SER A 913 25.51 21.79 31.10
CA SER A 913 25.70 23.24 31.12
C SER A 913 26.50 23.71 29.91
N ARG A 914 27.20 22.80 29.24
CA ARG A 914 27.93 23.12 28.01
C ARG A 914 27.02 23.56 26.88
N TYR A 915 25.72 23.28 26.96
CA TYR A 915 24.80 23.60 25.89
C TYR A 915 24.30 25.03 25.94
N TRP A 916 24.48 25.74 27.06
CA TRP A 916 24.16 27.15 27.12
C TRP A 916 25.38 28.00 27.41
N GLU A 917 26.57 27.49 27.09
CA GLU A 917 27.80 28.27 27.07
C GLU A 917 28.41 28.19 25.67
N PRO A 918 29.00 29.28 25.18
CA PRO A 918 29.30 29.39 23.75
C PRO A 918 30.55 28.68 23.26
N GLU A 919 31.34 28.05 24.14
CA GLU A 919 32.54 27.37 23.69
C GLU A 919 32.21 26.14 22.84
N PHE A 920 31.15 25.42 23.22
CA PHE A 920 30.70 24.26 22.45
C PHE A 920 30.40 24.63 21.01
N TYR A 921 29.72 25.76 20.80
CA TYR A 921 29.35 26.19 19.46
C TYR A 921 30.50 26.85 18.72
N GLU A 922 31.41 27.49 19.45
CA GLU A 922 32.58 28.09 18.81
C GLU A 922 33.54 27.03 18.29
N ALA A 923 33.65 25.90 18.98
CA ALA A 923 34.59 24.87 18.55
C ALA A 923 34.23 24.22 17.22
N MET A 924 33.03 24.44 16.70
CA MET A 924 32.59 23.81 15.47
C MET A 924 33.09 24.54 14.22
N TYR A 925 33.73 25.69 14.37
CA TYR A 925 34.15 26.51 13.23
C TYR A 925 35.66 26.76 13.22
N THR A 926 36.43 26.01 13.99
CA THR A 926 37.87 26.15 14.14
C THR A 926 38.59 24.98 13.45
N PRO A 927 39.66 25.24 12.71
CA PRO A 927 40.29 24.16 11.94
C PRO A 927 41.02 23.13 12.76
N HIS A 928 40.29 22.31 13.52
CA HIS A 928 40.84 21.07 14.05
C HIS A 928 39.73 20.05 14.19
N THR A 929 39.54 19.21 13.16
CA THR A 929 38.40 18.32 13.07
C THR A 929 38.26 17.42 14.29
N VAL A 930 37.09 17.47 14.95
CA VAL A 930 36.80 16.59 16.07
C VAL A 930 35.45 15.92 15.87
N LEU A 931 35.05 15.71 14.61
CA LEU A 931 33.75 15.12 14.31
C LEU A 931 33.66 13.69 14.84
N PHE B 6 27.49 -21.23 35.67
CA PHE B 6 27.80 -22.60 36.06
C PHE B 6 27.77 -22.77 37.57
N SER B 7 27.14 -23.86 38.02
CA SER B 7 27.07 -24.14 39.44
C SER B 7 27.35 -25.61 39.74
N SER B 8 27.19 -26.47 38.73
CA SER B 8 27.29 -27.92 38.91
C SER B 8 28.20 -28.53 37.86
N LEU B 9 29.35 -27.92 37.66
CA LEU B 9 30.38 -28.41 36.77
C LEU B 9 31.53 -29.02 37.57
N PRO B 10 32.35 -29.88 36.95
CA PRO B 10 33.34 -30.64 37.73
C PRO B 10 34.30 -29.79 38.55
N SER B 11 34.66 -28.59 38.07
CA SER B 11 35.62 -27.77 38.80
C SER B 11 35.07 -27.31 40.15
N TYR B 12 33.75 -27.17 40.26
CA TYR B 12 33.17 -26.61 41.49
C TYR B 12 33.43 -27.51 42.69
N ALA B 13 33.19 -28.81 42.55
CA ALA B 13 33.39 -29.72 43.67
C ALA B 13 34.83 -29.73 44.12
N ALA B 14 35.77 -29.80 43.17
CA ALA B 14 37.18 -29.80 43.50
C ALA B 14 37.57 -28.53 44.24
N PHE B 15 37.18 -27.37 43.71
CA PHE B 15 37.53 -26.11 44.34
C PHE B 15 36.93 -26.00 45.74
N ALA B 16 35.66 -26.35 45.88
CA ALA B 16 34.97 -26.21 47.16
C ALA B 16 35.58 -27.10 48.22
N THR B 17 35.78 -28.39 47.90
CA THR B 17 36.38 -29.30 48.86
C THR B 17 37.82 -28.92 49.16
N ALA B 18 38.56 -28.43 48.15
CA ALA B 18 39.93 -27.98 48.38
C ALA B 18 39.98 -26.87 49.41
N GLN B 19 39.15 -25.84 49.24
CA GLN B 19 39.16 -24.75 50.21
C GLN B 19 38.57 -25.16 51.55
N GLU B 20 37.61 -26.08 51.57
CA GLU B 20 37.07 -26.55 52.84
C GLU B 20 38.15 -27.25 53.66
N ALA B 21 38.88 -28.17 53.04
CA ALA B 21 39.98 -28.84 53.74
C ALA B 21 41.08 -27.85 54.09
N TYR B 22 41.37 -26.91 53.21
CA TYR B 22 42.41 -25.91 53.46
C TYR B 22 42.09 -25.10 54.71
N GLU B 23 40.87 -24.59 54.82
CA GLU B 23 40.50 -23.79 55.97
C GLU B 23 40.25 -24.62 57.23
N GLN B 24 39.87 -25.89 57.09
CA GLN B 24 39.84 -26.76 58.27
C GLN B 24 41.25 -26.95 58.83
N ALA B 25 42.24 -27.17 57.95
CA ALA B 25 43.62 -27.27 58.41
C ALA B 25 44.15 -25.93 58.91
N VAL B 26 43.64 -24.81 58.39
CA VAL B 26 44.02 -23.50 58.92
C VAL B 26 43.49 -23.33 60.32
N ALA B 27 42.24 -23.74 60.57
CA ALA B 27 41.73 -23.79 61.93
C ALA B 27 42.57 -24.74 62.79
N ASN B 28 43.10 -25.80 62.19
CA ASN B 28 44.10 -26.61 62.89
C ASN B 28 45.41 -25.85 63.04
N GLY B 29 45.84 -25.14 62.00
CA GLY B 29 47.07 -24.37 62.04
C GLY B 29 48.30 -25.22 62.29
N ASP B 30 48.67 -26.04 61.32
CA ASP B 30 49.72 -27.04 61.52
C ASP B 30 51.12 -26.49 61.26
N SER B 31 51.37 -26.02 60.05
CA SER B 31 52.73 -25.69 59.61
C SER B 31 52.77 -24.28 59.01
N GLU B 32 53.90 -23.97 58.41
CA GLU B 32 54.06 -22.78 57.57
C GLU B 32 53.98 -23.10 56.08
N VAL B 33 54.39 -24.31 55.69
CA VAL B 33 54.20 -24.76 54.32
C VAL B 33 52.76 -25.19 54.07
N VAL B 34 51.98 -25.46 55.12
CA VAL B 34 50.58 -25.80 54.93
C VAL B 34 49.83 -24.62 54.32
N LEU B 35 50.11 -23.41 54.81
CA LEU B 35 49.47 -22.22 54.26
C LEU B 35 49.83 -22.04 52.79
N LYS B 36 51.12 -22.19 52.47
CA LYS B 36 51.58 -22.05 51.09
C LYS B 36 50.93 -23.09 50.19
N LYS B 37 50.87 -24.34 50.66
CA LYS B 37 50.31 -25.41 49.85
C LYS B 37 48.81 -25.22 49.62
N LEU B 38 48.07 -24.88 50.68
CA LEU B 38 46.63 -24.66 50.51
C LEU B 38 46.35 -23.46 49.62
N LYS B 39 47.12 -22.38 49.78
CA LYS B 39 46.95 -21.22 48.93
C LYS B 39 47.34 -21.49 47.49
N LYS B 40 48.33 -22.34 47.23
CA LYS B 40 48.64 -22.74 45.86
C LYS B 40 47.56 -23.62 45.27
N SER B 41 47.00 -24.53 46.08
CA SER B 41 45.89 -25.35 45.61
C SER B 41 44.68 -24.48 45.25
N LEU B 42 44.37 -23.50 46.09
CA LEU B 42 43.24 -22.62 45.85
C LEU B 42 43.59 -21.46 44.93
N ASN B 43 44.83 -21.40 44.47
CA ASN B 43 45.21 -20.58 43.33
C ASN B 43 45.03 -21.33 42.02
N VAL B 44 45.39 -22.62 41.99
CA VAL B 44 45.22 -23.43 40.80
C VAL B 44 43.82 -24.03 40.66
N ALA B 45 43.04 -24.07 41.75
CA ALA B 45 41.67 -24.52 41.66
C ALA B 45 40.70 -23.39 41.35
N LYS B 46 41.06 -22.15 41.66
CA LYS B 46 40.39 -21.00 41.08
C LYS B 46 40.88 -20.74 39.66
N SER B 47 42.01 -21.33 39.28
CA SER B 47 42.47 -21.35 37.90
C SER B 47 41.80 -22.46 37.11
N GLU B 48 40.81 -23.14 37.71
CA GLU B 48 39.95 -24.09 37.01
C GLU B 48 38.57 -23.49 36.93
N PHE B 49 38.13 -22.84 38.02
CA PHE B 49 36.86 -22.14 38.07
C PHE B 49 36.90 -20.83 37.30
N ASP B 50 38.05 -20.51 36.69
CA ASP B 50 38.13 -19.34 35.84
C ASP B 50 37.87 -19.69 34.37
N ARG B 51 38.58 -20.68 33.84
CA ARG B 51 38.36 -21.10 32.46
C ARG B 51 36.98 -21.72 32.29
N ASP B 52 36.55 -22.53 33.26
CA ASP B 52 35.30 -23.28 33.15
C ASP B 52 34.07 -22.45 33.51
N ALA B 53 34.23 -21.28 34.09
CA ALA B 53 33.09 -20.47 34.47
C ALA B 53 33.08 -19.08 33.83
N ALA B 54 34.14 -18.68 33.14
CA ALA B 54 34.19 -17.40 32.45
C ALA B 54 34.24 -17.56 30.94
N MET B 55 34.95 -18.56 30.42
CA MET B 55 35.00 -18.82 28.98
C MET B 55 33.95 -19.83 28.56
N GLN B 56 33.36 -20.57 29.51
CA GLN B 56 32.22 -21.41 29.17
C GLN B 56 31.03 -20.57 28.73
N ARG B 57 30.97 -19.30 29.15
CA ARG B 57 29.85 -18.43 28.85
C ARG B 57 29.96 -17.74 27.49
N LYS B 58 31.03 -17.90 26.71
CA LYS B 58 30.97 -17.42 25.34
C LYS B 58 30.17 -18.37 24.46
N LEU B 59 30.17 -19.67 24.82
CA LEU B 59 29.40 -20.64 24.06
C LEU B 59 27.91 -20.29 24.04
N GLU B 60 27.35 -19.98 25.20
CA GLU B 60 25.93 -19.65 25.29
C GLU B 60 25.61 -18.38 24.51
N LYS B 61 26.47 -17.36 24.62
CA LYS B 61 26.21 -16.12 23.91
C LYS B 61 26.24 -16.33 22.41
N MET B 62 27.21 -17.12 21.91
CA MET B 62 27.26 -17.41 20.48
C MET B 62 26.05 -18.21 20.02
N ALA B 63 25.61 -19.17 20.83
CA ALA B 63 24.40 -19.92 20.50
C ALA B 63 23.19 -19.01 20.41
N ASP B 64 23.09 -18.02 21.30
CA ASP B 64 21.98 -17.07 21.22
C ASP B 64 22.07 -16.14 20.03
N GLN B 65 23.28 -15.70 19.66
CA GLN B 65 23.47 -14.99 18.39
C GLN B 65 22.89 -15.79 17.25
N ALA B 66 23.27 -17.07 17.19
CA ALA B 66 22.80 -17.94 16.12
C ALA B 66 21.28 -18.09 16.13
N MET B 67 20.69 -18.23 17.32
CA MET B 67 19.24 -18.42 17.41
C MET B 67 18.49 -17.17 16.95
N THR B 68 18.94 -15.98 17.35
CA THR B 68 18.28 -14.77 16.88
C THR B 68 18.43 -14.59 15.38
N GLN B 69 19.60 -14.92 14.83
CA GLN B 69 19.77 -14.85 13.37
C GLN B 69 18.81 -15.82 12.67
N MET B 70 18.63 -17.01 13.23
CA MET B 70 17.72 -17.99 12.65
C MET B 70 16.28 -17.48 12.65
N TYR B 71 15.86 -16.89 13.76
CA TYR B 71 14.52 -16.30 13.83
C TYR B 71 14.34 -15.22 12.78
N LYS B 72 15.33 -14.33 12.65
CA LYS B 72 15.25 -13.26 11.67
C LYS B 72 15.13 -13.82 10.26
N GLN B 73 15.92 -14.84 9.94
CA GLN B 73 15.88 -15.42 8.60
C GLN B 73 14.53 -16.08 8.32
N ALA B 74 13.94 -16.75 9.31
CA ALA B 74 12.62 -17.34 9.11
C ALA B 74 11.57 -16.28 8.81
N ARG B 75 11.60 -15.17 9.57
CA ARG B 75 10.60 -14.12 9.32
C ARG B 75 10.78 -13.50 7.93
N SER B 76 12.03 -13.22 7.55
CA SER B 76 12.29 -12.67 6.23
C SER B 76 11.89 -13.64 5.13
N GLU B 77 11.95 -14.94 5.40
CA GLU B 77 11.51 -15.92 4.41
C GLU B 77 10.00 -16.01 4.29
N ASP B 78 9.26 -15.75 5.37
CA ASP B 78 7.80 -15.75 5.27
C ASP B 78 7.30 -14.52 4.52
N LYS B 79 7.91 -13.36 4.76
CA LYS B 79 7.45 -12.14 4.11
C LYS B 79 7.56 -12.22 2.59
N ARG B 80 8.60 -12.90 2.09
CA ARG B 80 8.79 -13.04 0.65
C ARG B 80 7.62 -13.78 0.00
N ALA B 81 7.21 -14.89 0.63
CA ALA B 81 6.07 -15.65 0.10
C ALA B 81 4.80 -14.82 0.12
N LYS B 82 4.59 -14.05 1.20
CA LYS B 82 3.40 -13.21 1.26
C LYS B 82 3.37 -12.20 0.10
N VAL B 83 4.49 -11.52 -0.14
CA VAL B 83 4.49 -10.51 -1.20
C VAL B 83 4.41 -11.15 -2.59
N THR B 84 4.98 -12.34 -2.76
CA THR B 84 4.85 -13.04 -4.04
C THR B 84 3.40 -13.34 -4.35
N SER B 85 2.66 -13.86 -3.36
CA SER B 85 1.25 -14.15 -3.56
C SER B 85 0.47 -12.88 -3.88
N ALA B 86 0.78 -11.78 -3.17
CA ALA B 86 0.08 -10.52 -3.45
C ALA B 86 0.30 -10.07 -4.89
N MET B 87 1.54 -10.08 -5.35
CA MET B 87 1.84 -9.60 -6.69
C MET B 87 1.16 -10.47 -7.76
N GLN B 88 1.22 -11.79 -7.62
CA GLN B 88 0.63 -12.61 -8.67
C GLN B 88 -0.90 -12.56 -8.64
N THR B 89 -1.51 -12.39 -7.46
CA THR B 89 -2.95 -12.16 -7.41
C THR B 89 -3.32 -10.88 -8.14
N MET B 90 -2.55 -9.80 -7.94
CA MET B 90 -2.85 -8.55 -8.64
C MET B 90 -2.74 -8.73 -10.15
N LEU B 91 -1.69 -9.39 -10.62
CA LEU B 91 -1.52 -9.60 -12.05
C LEU B 91 -2.69 -10.37 -12.63
N PHE B 92 -3.07 -11.48 -11.99
CA PHE B 92 -4.16 -12.29 -12.53
C PHE B 92 -5.50 -11.58 -12.46
N THR B 93 -5.72 -10.75 -11.44
CA THR B 93 -7.01 -10.06 -11.36
C THR B 93 -7.11 -8.92 -12.36
N MET B 94 -5.99 -8.28 -12.71
CA MET B 94 -6.04 -7.25 -13.74
C MET B 94 -6.01 -7.83 -15.14
N LEU B 95 -5.62 -9.10 -15.27
CA LEU B 95 -5.69 -9.78 -16.56
C LEU B 95 -7.12 -10.00 -17.05
N ARG B 96 -8.06 -10.20 -16.13
CA ARG B 96 -9.40 -10.68 -16.49
C ARG B 96 -10.28 -9.60 -17.09
N LYS B 97 -9.69 -8.48 -17.50
CA LYS B 97 -10.43 -7.37 -18.08
C LYS B 97 -10.02 -7.01 -19.49
N LEU B 98 -8.83 -7.41 -19.95
CA LEU B 98 -8.33 -6.98 -21.25
C LEU B 98 -8.48 -8.03 -22.35
N ASP B 99 -8.75 -9.29 -21.98
CA ASP B 99 -8.85 -10.34 -22.98
C ASP B 99 -10.17 -10.27 -23.75
N ASN B 100 -10.38 -9.18 -24.48
CA ASN B 100 -11.60 -8.97 -25.24
C ASN B 100 -11.38 -9.44 -26.68
N ASP B 101 -12.32 -9.11 -27.56
CA ASP B 101 -12.21 -9.42 -28.97
C ASP B 101 -11.68 -8.26 -29.82
N ALA B 102 -11.73 -7.03 -29.31
CA ALA B 102 -11.14 -5.90 -30.03
C ALA B 102 -9.63 -5.93 -29.94
N LEU B 103 -9.09 -6.30 -28.78
CA LEU B 103 -7.64 -6.39 -28.62
C LEU B 103 -7.07 -7.45 -29.56
N ASN B 104 -7.74 -8.60 -29.65
CA ASN B 104 -7.31 -9.63 -30.59
C ASN B 104 -7.35 -9.12 -32.03
N ASN B 105 -8.38 -8.32 -32.36
CA ASN B 105 -8.48 -7.78 -33.71
C ASN B 105 -7.29 -6.88 -34.03
N ILE B 106 -7.02 -5.89 -33.17
CA ILE B 106 -5.96 -4.94 -33.49
C ILE B 106 -4.58 -5.58 -33.35
N ILE B 107 -4.47 -6.69 -32.62
CA ILE B 107 -3.18 -7.36 -32.58
C ILE B 107 -2.98 -8.24 -33.80
N ASN B 108 -4.05 -8.84 -34.33
CA ASN B 108 -3.96 -9.62 -35.55
C ASN B 108 -3.93 -8.75 -36.79
N ASN B 109 -4.14 -7.44 -36.66
CA ASN B 109 -3.92 -6.52 -37.77
C ASN B 109 -2.52 -5.95 -37.84
N ALA B 110 -1.66 -6.25 -36.87
CA ALA B 110 -0.27 -5.81 -36.91
C ALA B 110 0.56 -6.77 -37.76
N ARG B 111 1.66 -6.25 -38.31
CA ARG B 111 2.49 -7.05 -39.21
C ARG B 111 3.49 -7.94 -38.47
N ASP B 112 3.73 -7.70 -37.18
CA ASP B 112 4.59 -8.55 -36.39
C ASP B 112 4.00 -8.92 -35.04
N GLY B 113 2.85 -8.38 -34.67
CA GLY B 113 2.32 -8.54 -33.33
C GLY B 113 2.68 -7.41 -32.38
N CYS B 114 3.46 -6.44 -32.83
CA CYS B 114 3.82 -5.30 -32.01
C CYS B 114 2.96 -4.10 -32.37
N VAL B 115 2.44 -3.43 -31.34
CA VAL B 115 1.69 -2.19 -31.51
C VAL B 115 2.17 -1.20 -30.45
N PRO B 116 2.04 0.09 -30.74
CA PRO B 116 2.28 1.09 -29.68
C PRO B 116 1.25 0.96 -28.57
N LEU B 117 1.70 1.19 -27.33
CA LEU B 117 0.82 1.06 -26.19
C LEU B 117 -0.19 2.20 -26.10
N ASN B 118 0.18 3.40 -26.54
CA ASN B 118 -0.67 4.57 -26.39
C ASN B 118 -1.98 4.46 -27.18
N ILE B 119 -2.08 3.52 -28.11
CA ILE B 119 -3.30 3.34 -28.89
C ILE B 119 -4.18 2.23 -28.35
N ILE B 120 -3.75 1.52 -27.32
CA ILE B 120 -4.55 0.40 -26.82
C ILE B 120 -5.78 0.92 -26.09
N PRO B 121 -5.68 1.88 -25.16
CA PRO B 121 -6.92 2.45 -24.60
C PRO B 121 -7.74 3.22 -25.63
N LEU B 122 -7.10 3.80 -26.65
CA LEU B 122 -7.83 4.65 -27.59
C LEU B 122 -8.81 3.87 -28.44
N THR B 123 -8.51 2.60 -28.73
CA THR B 123 -9.33 1.82 -29.65
C THR B 123 -10.05 0.65 -28.99
N THR B 124 -9.80 0.36 -27.71
CA THR B 124 -10.44 -0.79 -27.07
C THR B 124 -11.17 -0.47 -25.77
N ALA B 125 -10.91 0.66 -25.13
CA ALA B 125 -11.53 0.96 -23.85
C ALA B 125 -13.03 1.18 -24.02
N ALA B 126 -13.80 0.67 -23.07
CA ALA B 126 -15.26 0.72 -23.12
C ALA B 126 -15.86 1.93 -22.41
N LYS B 127 -15.07 2.66 -21.62
CA LYS B 127 -15.58 3.78 -20.84
C LYS B 127 -14.59 4.92 -20.89
N LEU B 128 -15.12 6.15 -20.99
CA LEU B 128 -14.29 7.35 -21.12
C LEU B 128 -14.62 8.33 -20.00
N MET B 129 -13.59 9.02 -19.51
CA MET B 129 -13.72 10.01 -18.45
C MET B 129 -13.15 11.33 -18.93
N VAL B 130 -13.91 12.41 -18.76
CA VAL B 130 -13.53 13.75 -19.21
C VAL B 130 -13.53 14.69 -18.01
N VAL B 131 -12.47 15.47 -17.87
CA VAL B 131 -12.32 16.43 -16.78
C VAL B 131 -12.35 17.83 -17.38
N ILE B 132 -13.30 18.64 -16.92
CA ILE B 132 -13.63 19.92 -17.55
C ILE B 132 -13.40 21.03 -16.55
N PRO B 133 -12.62 22.08 -16.88
CA PRO B 133 -12.32 23.14 -15.92
C PRO B 133 -13.38 24.23 -15.78
N ASP B 134 -14.07 24.60 -16.86
CA ASP B 134 -15.04 25.69 -16.78
C ASP B 134 -16.10 25.48 -17.86
N TYR B 135 -17.01 26.46 -17.98
CA TYR B 135 -18.23 26.26 -18.77
C TYR B 135 -17.97 26.26 -20.27
N ASN B 136 -17.08 27.14 -20.75
CA ASN B 136 -16.82 27.19 -22.19
C ASN B 136 -16.25 25.88 -22.70
N THR B 137 -15.32 25.29 -21.95
CA THR B 137 -14.77 24.01 -22.32
C THR B 137 -15.84 22.91 -22.30
N TYR B 138 -16.77 22.97 -21.35
CA TYR B 138 -17.88 22.03 -21.36
C TYR B 138 -18.74 22.21 -22.60
N LYS B 139 -18.99 23.46 -22.99
CA LYS B 139 -19.81 23.74 -24.16
C LYS B 139 -19.12 23.35 -25.47
N ASN B 140 -17.79 23.25 -25.47
CA ASN B 140 -17.08 22.85 -26.68
C ASN B 140 -16.86 21.35 -26.79
N THR B 141 -16.92 20.60 -25.68
CA THR B 141 -16.53 19.20 -25.77
C THR B 141 -17.68 18.23 -25.50
N CYS B 142 -18.25 18.27 -24.30
CA CYS B 142 -19.25 17.29 -23.91
C CYS B 142 -20.66 17.85 -23.93
N ASP B 143 -21.07 18.44 -25.05
CA ASP B 143 -22.38 19.07 -25.11
C ASP B 143 -23.45 18.03 -25.41
N GLY B 144 -24.60 18.16 -24.74
CA GLY B 144 -25.75 17.33 -25.01
C GLY B 144 -25.72 16.00 -24.29
N THR B 145 -26.31 14.97 -24.91
CA THR B 145 -26.33 13.64 -24.36
C THR B 145 -25.29 12.71 -24.98
N THR B 146 -24.95 12.92 -26.25
CA THR B 146 -23.93 12.13 -26.92
C THR B 146 -22.95 13.07 -27.60
N PHE B 147 -21.71 12.63 -27.72
CA PHE B 147 -20.70 13.42 -28.42
C PHE B 147 -19.76 12.48 -29.15
N THR B 148 -18.84 13.07 -29.92
CA THR B 148 -17.92 12.31 -30.74
C THR B 148 -16.49 12.65 -30.35
N TYR B 149 -15.64 11.63 -30.27
CA TYR B 149 -14.24 11.82 -29.90
C TYR B 149 -13.48 10.56 -30.28
N ALA B 150 -12.23 10.77 -30.72
CA ALA B 150 -11.33 9.66 -31.09
C ALA B 150 -11.96 8.75 -32.13
N SER B 151 -12.64 9.35 -33.10
CA SER B 151 -13.29 8.62 -34.19
C SER B 151 -14.34 7.64 -33.67
N ALA B 152 -14.94 7.95 -32.52
CA ALA B 152 -16.00 7.13 -31.96
C ALA B 152 -17.09 8.06 -31.44
N LEU B 153 -18.19 7.46 -31.00
CA LEU B 153 -19.33 8.18 -30.46
C LEU B 153 -19.64 7.64 -29.07
N TRP B 154 -19.79 8.55 -28.11
CA TRP B 154 -20.00 8.19 -26.71
C TRP B 154 -21.30 8.79 -26.21
N GLU B 155 -21.96 8.06 -25.31
CA GLU B 155 -23.20 8.49 -24.69
C GLU B 155 -22.98 8.68 -23.19
N ILE B 156 -23.52 9.77 -22.66
CA ILE B 156 -23.20 10.20 -21.30
C ILE B 156 -24.03 9.41 -20.29
N GLN B 157 -23.40 9.06 -19.17
CA GLN B 157 -24.10 8.58 -17.99
C GLN B 157 -23.38 9.11 -16.77
N GLN B 158 -24.09 9.87 -15.92
CA GLN B 158 -23.58 10.33 -14.64
C GLN B 158 -22.54 11.45 -14.80
N VAL B 159 -22.75 12.54 -14.07
CA VAL B 159 -21.79 13.64 -13.98
C VAL B 159 -21.64 13.99 -12.50
N VAL B 160 -20.40 14.18 -12.06
CA VAL B 160 -20.11 14.56 -10.69
C VAL B 160 -19.23 15.81 -10.70
N ASP B 161 -18.93 16.31 -9.51
CA ASP B 161 -18.10 17.50 -9.33
C ASP B 161 -16.90 17.16 -8.44
N ALA B 162 -16.16 18.18 -8.05
CA ALA B 162 -14.94 17.97 -7.26
C ALA B 162 -15.22 17.42 -5.88
N ASP B 163 -16.44 17.55 -5.38
CA ASP B 163 -16.83 16.93 -4.12
C ASP B 163 -17.36 15.52 -4.28
N SER B 164 -17.38 15.00 -5.51
CA SER B 164 -17.89 13.67 -5.83
C SER B 164 -19.39 13.57 -5.56
N LYS B 165 -20.14 14.59 -5.97
CA LYS B 165 -21.58 14.64 -5.79
C LYS B 165 -22.24 14.80 -7.15
N ILE B 166 -23.35 14.08 -7.34
CA ILE B 166 -23.98 13.95 -8.65
C ILE B 166 -24.60 15.28 -9.07
N VAL B 167 -24.41 15.62 -10.34
CA VAL B 167 -24.97 16.82 -10.96
C VAL B 167 -25.85 16.39 -12.11
N GLN B 168 -27.01 17.02 -12.25
CA GLN B 168 -27.91 16.74 -13.35
C GLN B 168 -27.56 17.58 -14.57
N LEU B 169 -27.86 17.06 -15.75
CA LEU B 169 -27.49 17.74 -16.98
C LEU B 169 -28.25 19.04 -17.19
N SER B 170 -29.32 19.28 -16.43
CA SER B 170 -30.08 20.51 -16.55
C SER B 170 -29.54 21.64 -15.67
N GLU B 171 -28.59 21.35 -14.78
CA GLU B 171 -28.00 22.37 -13.95
C GLU B 171 -26.78 23.02 -14.58
N ILE B 172 -26.21 22.42 -15.62
CA ILE B 172 -24.99 22.95 -16.21
C ILE B 172 -25.39 23.97 -17.28
N SER B 173 -25.71 25.19 -16.82
CA SER B 173 -26.07 26.31 -17.67
C SER B 173 -25.02 27.41 -17.51
N MET B 174 -25.26 28.56 -18.15
CA MET B 174 -24.40 29.72 -18.02
C MET B 174 -24.77 30.62 -16.84
N ASP B 175 -26.00 30.53 -16.34
CA ASP B 175 -26.41 31.27 -15.16
C ASP B 175 -26.12 30.54 -13.86
N ASN B 176 -26.27 29.22 -13.86
CA ASN B 176 -26.03 28.40 -12.67
C ASN B 176 -24.58 27.99 -12.51
N SER B 177 -23.72 28.37 -13.45
CA SER B 177 -22.30 28.03 -13.37
C SER B 177 -21.62 28.51 -12.08
N PRO B 178 -21.84 29.73 -11.58
CA PRO B 178 -21.11 30.16 -10.37
C PRO B 178 -21.49 29.43 -9.09
N ASN B 179 -22.38 28.45 -9.17
CA ASN B 179 -22.80 27.71 -7.98
C ASN B 179 -22.34 26.26 -7.97
N LEU B 180 -21.40 25.89 -8.84
CA LEU B 180 -20.91 24.54 -8.95
C LEU B 180 -19.44 24.46 -8.57
N ALA B 181 -19.06 23.37 -7.89
CA ALA B 181 -17.66 23.06 -7.68
C ALA B 181 -17.05 22.66 -9.01
N TRP B 182 -16.02 23.38 -9.47
CA TRP B 182 -15.89 23.42 -10.91
C TRP B 182 -14.62 22.83 -11.50
N PRO B 183 -14.16 21.67 -11.08
CA PRO B 183 -13.83 20.64 -12.06
C PRO B 183 -15.01 19.69 -12.23
N LEU B 184 -15.50 19.46 -13.44
CA LEU B 184 -16.55 18.48 -13.62
C LEU B 184 -15.99 17.23 -14.28
N ILE B 185 -16.50 16.07 -13.87
CA ILE B 185 -16.02 14.78 -14.36
C ILE B 185 -17.17 14.05 -15.02
N VAL B 186 -17.11 13.92 -16.33
CA VAL B 186 -18.11 13.23 -17.14
C VAL B 186 -17.66 11.81 -17.40
N THR B 187 -18.60 10.86 -17.31
CA THR B 187 -18.34 9.46 -17.64
C THR B 187 -19.27 9.07 -18.79
N ALA B 188 -18.68 8.52 -19.85
CA ALA B 188 -19.43 8.14 -21.04
C ALA B 188 -19.11 6.72 -21.45
N LEU B 189 -20.06 6.11 -22.16
CA LEU B 189 -19.94 4.75 -22.66
C LEU B 189 -19.89 4.74 -24.18
N ARG B 190 -19.11 3.79 -24.73
CA ARG B 190 -18.89 3.70 -26.16
C ARG B 190 -20.13 3.13 -26.84
N ALA B 191 -20.65 3.85 -27.83
CA ALA B 191 -21.85 3.43 -28.54
C ALA B 191 -21.47 2.57 -29.73
N ASN B 192 -22.27 1.52 -29.96
CA ASN B 192 -22.04 0.63 -31.09
C ASN B 192 -22.69 1.19 -32.36
N LYS C 2 2.72 44.03 15.86
CA LYS C 2 1.29 44.08 15.56
C LYS C 2 0.99 43.31 14.28
N MET C 3 1.92 43.34 13.33
CA MET C 3 1.79 42.51 12.13
C MET C 3 2.11 41.05 12.44
N SER C 4 3.11 40.81 13.28
CA SER C 4 3.46 39.45 13.66
C SER C 4 2.29 38.75 14.36
N ASP C 5 1.60 39.47 15.24
CA ASP C 5 0.47 38.89 15.96
C ASP C 5 -0.64 38.49 15.00
N VAL C 6 -0.95 39.35 14.03
CA VAL C 6 -2.05 39.04 13.12
C VAL C 6 -1.68 37.86 12.23
N LYS C 7 -0.42 37.75 11.82
CA LYS C 7 -0.02 36.61 11.00
C LYS C 7 -0.08 35.30 11.79
N CYS C 8 0.39 35.31 13.04
CA CYS C 8 0.31 34.10 13.87
C CYS C 8 -1.14 33.70 14.11
N THR C 9 -2.00 34.69 14.39
CA THR C 9 -3.42 34.41 14.58
C THR C 9 -4.04 33.81 13.33
N SER C 10 -3.63 34.30 12.15
CA SER C 10 -4.14 33.72 10.91
C SER C 10 -3.75 32.26 10.75
N VAL C 11 -2.50 31.93 11.11
CA VAL C 11 -2.07 30.53 11.03
C VAL C 11 -2.92 29.65 11.94
N VAL C 12 -3.11 30.09 13.19
CA VAL C 12 -3.89 29.29 14.14
C VAL C 12 -5.34 29.16 13.66
N LEU C 13 -5.90 30.24 13.10
CA LEU C 13 -7.28 30.21 12.63
C LEU C 13 -7.46 29.21 11.50
N LEU C 14 -6.52 29.18 10.54
CA LEU C 14 -6.66 28.19 9.48
C LEU C 14 -6.48 26.78 10.00
N SER C 15 -5.65 26.57 11.02
CA SER C 15 -5.56 25.24 11.63
C SER C 15 -6.90 24.83 12.23
N VAL C 16 -7.55 25.74 12.95
CA VAL C 16 -8.84 25.42 13.56
C VAL C 16 -9.88 25.10 12.49
N LEU C 17 -9.90 25.90 11.41
CA LEU C 17 -10.83 25.62 10.32
C LEU C 17 -10.54 24.27 9.67
N GLN C 18 -9.27 23.94 9.51
CA GLN C 18 -8.91 22.67 8.86
C GLN C 18 -9.33 21.47 9.69
N GLN C 19 -9.22 21.54 11.01
CA GLN C 19 -9.59 20.38 11.81
C GLN C 19 -11.10 20.29 12.07
N LEU C 20 -11.88 21.24 11.58
CA LEU C 20 -13.34 21.16 11.60
C LEU C 20 -13.91 20.60 10.31
N ARG C 21 -13.10 19.91 9.51
CA ARG C 21 -13.55 19.21 8.30
C ARG C 21 -14.15 20.19 7.28
N VAL C 22 -13.44 21.30 7.06
CA VAL C 22 -13.90 22.28 6.08
C VAL C 22 -13.39 21.96 4.68
N GLU C 23 -12.26 21.29 4.55
CA GLU C 23 -11.73 20.96 3.22
C GLU C 23 -12.59 19.96 2.47
N SER C 24 -13.71 19.53 3.02
CA SER C 24 -14.67 18.68 2.33
C SER C 24 -15.62 19.49 1.44
N SER C 25 -15.42 20.80 1.35
CA SER C 25 -16.15 21.68 0.44
C SER C 25 -15.09 22.47 -0.33
N SER C 26 -14.96 22.17 -1.63
CA SER C 26 -13.81 22.67 -2.38
C SER C 26 -13.80 24.18 -2.47
N LYS C 27 -14.95 24.80 -2.70
CA LYS C 27 -15.00 26.25 -2.86
C LYS C 27 -14.61 26.97 -1.58
N LEU C 28 -15.18 26.54 -0.45
CA LEU C 28 -14.88 27.16 0.82
C LEU C 28 -13.40 27.02 1.18
N TRP C 29 -12.86 25.81 0.98
CA TRP C 29 -11.45 25.58 1.27
C TRP C 29 -10.56 26.43 0.38
N ALA C 30 -10.92 26.58 -0.90
CA ALA C 30 -10.14 27.42 -1.79
C ALA C 30 -10.12 28.88 -1.33
N GLN C 31 -11.28 29.40 -0.94
CA GLN C 31 -11.34 30.78 -0.47
C GLN C 31 -10.54 30.96 0.82
N CYS C 32 -10.66 30.01 1.76
CA CYS C 32 -9.91 30.09 3.01
C CYS C 32 -8.42 30.06 2.76
N VAL C 33 -7.96 29.17 1.86
CA VAL C 33 -6.54 29.09 1.55
C VAL C 33 -6.06 30.38 0.93
N GLN C 34 -6.85 30.97 0.03
CA GLN C 34 -6.45 32.22 -0.61
C GLN C 34 -6.30 33.33 0.43
N LEU C 35 -7.27 33.46 1.34
CA LEU C 35 -7.17 34.50 2.36
C LEU C 35 -5.97 34.30 3.28
N HIS C 36 -5.75 33.05 3.72
CA HIS C 36 -4.62 32.76 4.60
C HIS C 36 -3.30 33.08 3.92
N ASN C 37 -3.16 32.72 2.65
CA ASN C 37 -1.91 32.99 1.94
C ASN C 37 -1.72 34.47 1.66
N ASP C 38 -2.81 35.21 1.47
CA ASP C 38 -2.71 36.64 1.22
C ASP C 38 -2.35 37.43 2.48
N ILE C 39 -2.82 36.99 3.65
CA ILE C 39 -2.46 37.67 4.89
C ILE C 39 -0.96 37.54 5.16
N LEU C 40 -0.39 36.36 4.90
CA LEU C 40 1.00 36.10 5.21
C LEU C 40 1.96 36.91 4.34
N LEU C 41 1.51 37.41 3.19
CA LEU C 41 2.35 38.17 2.29
C LEU C 41 2.10 39.68 2.34
N ALA C 42 1.23 40.13 3.24
CA ALA C 42 0.90 41.54 3.31
C ALA C 42 2.04 42.34 3.91
N LYS C 43 2.06 43.64 3.59
CA LYS C 43 3.08 44.54 4.08
C LYS C 43 2.56 45.68 4.94
N ASP C 44 1.28 46.02 4.82
CA ASP C 44 0.64 47.02 5.67
C ASP C 44 -0.47 46.35 6.47
N THR C 45 -0.64 46.78 7.72
CA THR C 45 -1.53 46.10 8.66
C THR C 45 -2.95 46.67 8.64
N THR C 46 -3.39 47.19 7.50
CA THR C 46 -4.77 47.63 7.35
C THR C 46 -5.59 46.75 6.42
N GLU C 47 -4.97 46.01 5.51
CA GLU C 47 -5.67 45.01 4.72
C GLU C 47 -5.63 43.64 5.35
N ALA C 48 -4.62 43.36 6.17
CA ALA C 48 -4.56 42.10 6.91
C ALA C 48 -5.76 41.97 7.84
N PHE C 49 -6.19 43.06 8.45
CA PHE C 49 -7.38 43.01 9.31
C PHE C 49 -8.67 42.84 8.51
N GLU C 50 -8.74 43.43 7.31
CA GLU C 50 -9.87 43.18 6.42
C GLU C 50 -9.99 41.69 6.11
N LYS C 51 -8.89 41.08 5.66
CA LYS C 51 -8.91 39.67 5.33
C LYS C 51 -9.10 38.80 6.57
N MET C 52 -8.68 39.26 7.74
CA MET C 52 -8.94 38.52 8.97
C MET C 52 -10.42 38.54 9.34
N VAL C 53 -11.11 39.66 9.15
CA VAL C 53 -12.55 39.69 9.35
C VAL C 53 -13.23 38.72 8.38
N SER C 54 -12.81 38.76 7.11
CA SER C 54 -13.39 37.87 6.11
C SER C 54 -13.17 36.40 6.47
N LEU C 55 -11.97 36.06 6.95
CA LEU C 55 -11.65 34.67 7.26
C LEU C 55 -12.27 34.19 8.56
N LEU C 56 -12.45 35.06 9.54
CA LEU C 56 -13.11 34.68 10.78
C LEU C 56 -14.62 34.54 10.63
N SER C 57 -15.22 35.27 9.68
CA SER C 57 -16.64 35.08 9.42
C SER C 57 -16.97 33.64 9.02
N VAL C 58 -16.02 32.95 8.38
CA VAL C 58 -16.24 31.55 8.00
C VAL C 58 -16.46 30.69 9.24
N LEU C 59 -15.61 30.86 10.25
CA LEU C 59 -15.79 30.10 11.49
C LEU C 59 -17.04 30.54 12.22
N LEU C 60 -17.35 31.84 12.19
CA LEU C 60 -18.54 32.31 12.89
C LEU C 60 -19.83 31.84 12.26
N SER C 61 -19.83 31.50 10.97
CA SER C 61 -21.05 31.07 10.31
C SER C 61 -21.37 29.59 10.49
N MET C 62 -20.42 28.78 10.96
CA MET C 62 -20.67 27.37 11.22
C MET C 62 -21.30 27.19 12.60
N GLN C 63 -21.45 25.95 13.05
CA GLN C 63 -22.03 25.67 14.36
C GLN C 63 -21.27 24.57 15.09
N GLY C 64 -19.97 24.45 14.86
CA GLY C 64 -19.14 23.47 15.52
C GLY C 64 -18.38 23.99 16.72
N ALA C 65 -18.55 25.25 17.10
CA ALA C 65 -17.86 25.85 18.22
C ALA C 65 -18.86 26.51 19.16
N VAL C 66 -18.66 26.33 20.46
CA VAL C 66 -19.51 26.93 21.47
C VAL C 66 -18.90 28.29 21.84
N ASP C 67 -19.48 29.35 21.29
CA ASP C 67 -18.90 30.68 21.49
C ASP C 67 -19.03 31.15 22.93
N ILE C 68 -20.15 30.85 23.58
CA ILE C 68 -20.37 31.31 24.95
C ILE C 68 -19.42 30.62 25.93
N ASN C 69 -18.98 29.40 25.61
CA ASN C 69 -18.16 28.65 26.55
C ASN C 69 -16.69 29.00 26.44
N LYS C 70 -16.17 29.08 25.21
CA LYS C 70 -14.76 29.39 25.00
C LYS C 70 -14.41 30.83 25.33
N LEU C 71 -15.39 31.70 25.43
CA LEU C 71 -15.16 33.13 25.66
C LEU C 71 -15.47 33.51 27.10
N CYS C 72 -15.14 32.62 28.05
CA CYS C 72 -15.49 32.86 29.45
C CYS C 72 -14.80 34.08 30.02
N GLU C 73 -13.70 34.53 29.41
CA GLU C 73 -12.94 35.70 29.88
C GLU C 73 -12.50 35.54 31.33
N PHE D 6 28.08 6.22 46.98
CA PHE D 6 27.65 4.84 47.09
C PHE D 6 28.27 4.17 48.31
N SER D 7 28.22 4.86 49.45
CA SER D 7 28.82 4.36 50.67
C SER D 7 27.90 3.47 51.49
N SER D 8 26.62 3.37 51.12
CA SER D 8 25.67 2.55 51.86
C SER D 8 25.81 1.07 51.57
N LEU D 9 26.79 0.67 50.77
CA LEU D 9 27.01 -0.72 50.42
C LEU D 9 27.75 -1.45 51.53
N PRO D 10 27.54 -2.76 51.67
CA PRO D 10 28.21 -3.52 52.74
C PRO D 10 29.72 -3.41 52.74
N SER D 11 30.33 -3.62 51.56
CA SER D 11 31.78 -3.75 51.46
C SER D 11 32.52 -2.51 51.95
N TYR D 12 31.85 -1.35 52.00
CA TYR D 12 32.47 -0.15 52.55
C TYR D 12 33.00 -0.41 53.96
N ALA D 13 32.20 -1.10 54.78
CA ALA D 13 32.63 -1.39 56.15
C ALA D 13 33.94 -2.17 56.15
N ALA D 14 34.14 -3.04 55.16
CA ALA D 14 35.43 -3.71 55.03
C ALA D 14 36.53 -2.74 54.61
N PHE D 15 36.26 -1.93 53.59
CA PHE D 15 37.31 -1.08 53.04
C PHE D 15 37.83 -0.09 54.07
N ALA D 16 36.93 0.49 54.88
CA ALA D 16 37.38 1.34 55.97
C ALA D 16 38.16 0.53 57.00
N THR D 17 37.67 -0.66 57.35
CA THR D 17 38.27 -1.45 58.43
C THR D 17 39.76 -1.64 58.18
N ALA D 18 40.12 -2.29 57.08
CA ALA D 18 41.52 -2.46 56.74
C ALA D 18 42.23 -1.12 56.60
N GLN D 19 41.58 -0.13 55.97
CA GLN D 19 42.19 1.18 55.89
C GLN D 19 42.50 1.73 57.28
N GLU D 20 41.56 1.57 58.21
CA GLU D 20 41.82 2.01 59.59
C GLU D 20 43.04 1.31 60.14
N ALA D 21 43.14 -0.01 59.91
CA ALA D 21 44.34 -0.74 60.33
C ALA D 21 45.58 -0.09 59.77
N TYR D 22 45.58 0.20 58.46
CA TYR D 22 46.75 0.82 57.86
C TYR D 22 47.05 2.17 58.46
N GLU D 23 46.01 2.92 58.83
CA GLU D 23 46.24 4.17 59.55
C GLU D 23 47.07 3.91 60.80
N GLN D 24 46.62 2.96 61.63
CA GLN D 24 47.43 2.59 62.79
C GLN D 24 48.82 2.19 62.38
N ALA D 25 48.94 1.43 61.28
CA ALA D 25 50.26 1.03 60.79
C ALA D 25 51.11 2.25 60.48
N VAL D 26 50.55 3.21 59.73
CA VAL D 26 51.35 4.38 59.37
C VAL D 26 51.57 5.25 60.59
N ALA D 27 50.81 5.04 61.67
CA ALA D 27 51.08 5.75 62.91
C ALA D 27 52.12 5.01 63.75
N ASN D 28 52.25 3.69 63.56
CA ASN D 28 53.07 2.89 64.46
C ASN D 28 54.54 2.89 64.04
N GLY D 29 54.82 2.76 62.74
CA GLY D 29 56.20 2.53 62.34
C GLY D 29 56.64 1.13 62.73
N ASP D 30 56.08 0.12 62.06
CA ASP D 30 56.17 -1.25 62.53
C ASP D 30 57.00 -2.05 61.53
N SER D 31 57.02 -3.38 61.64
CA SER D 31 57.93 -4.22 60.87
C SER D 31 57.51 -4.34 59.41
N GLU D 32 58.13 -5.28 58.69
CA GLU D 32 57.92 -5.44 57.25
C GLU D 32 56.81 -6.40 56.89
N VAL D 33 56.57 -7.44 57.68
CA VAL D 33 55.63 -8.50 57.31
C VAL D 33 54.18 -8.09 57.60
N VAL D 34 53.93 -7.47 58.76
CA VAL D 34 52.58 -7.00 59.07
C VAL D 34 52.14 -5.86 58.19
N LEU D 35 53.07 -5.25 57.44
CA LEU D 35 52.67 -4.30 56.40
C LEU D 35 52.35 -5.02 55.09
N LYS D 36 52.98 -6.17 54.85
CA LYS D 36 52.52 -7.04 53.77
C LYS D 36 51.10 -7.51 54.03
N LYS D 37 50.80 -7.81 55.30
CA LYS D 37 49.42 -8.11 55.69
C LYS D 37 48.46 -7.02 55.23
N LEU D 38 48.85 -5.77 55.44
CA LEU D 38 48.00 -4.63 55.10
C LEU D 38 48.19 -4.16 53.66
N LYS D 39 49.03 -4.85 52.90
CA LYS D 39 49.11 -4.70 51.45
C LYS D 39 48.69 -6.00 50.78
N LYS D 40 47.98 -6.85 51.52
CA LYS D 40 47.41 -8.07 50.95
C LYS D 40 45.94 -8.21 51.34
N SER D 41 45.45 -7.39 52.28
CA SER D 41 44.04 -7.45 52.68
C SER D 41 43.35 -6.11 52.51
N LEU D 42 43.95 -5.22 51.73
CA LEU D 42 43.32 -3.98 51.30
C LEU D 42 43.11 -4.01 49.79
N ASN D 43 44.07 -4.58 49.06
CA ASN D 43 43.93 -4.74 47.62
C ASN D 43 42.90 -5.82 47.28
N VAL D 44 42.45 -6.56 48.28
CA VAL D 44 41.32 -7.46 48.09
C VAL D 44 40.04 -6.73 48.51
N ALA D 45 40.20 -5.69 49.31
CA ALA D 45 39.05 -4.86 49.68
C ALA D 45 38.76 -3.82 48.60
N LYS D 46 39.79 -3.15 48.09
CA LYS D 46 39.61 -2.21 46.98
C LYS D 46 39.33 -2.91 45.65
N SER D 47 39.15 -4.22 45.67
CA SER D 47 38.74 -4.98 44.51
C SER D 47 37.37 -5.61 44.67
N GLU D 48 37.02 -6.05 45.89
CA GLU D 48 35.69 -6.57 46.16
C GLU D 48 34.66 -5.46 46.31
N PHE D 49 35.09 -4.22 46.51
CA PHE D 49 34.21 -3.07 46.64
C PHE D 49 34.20 -2.20 45.39
N ASP D 50 35.35 -2.03 44.75
CA ASP D 50 35.44 -1.17 43.56
C ASP D 50 34.73 -1.78 42.36
N ARG D 51 34.11 -2.94 42.55
CA ARG D 51 33.25 -3.54 41.54
C ARG D 51 31.77 -3.41 41.84
N ASP D 52 31.40 -3.47 43.13
CA ASP D 52 29.99 -3.34 43.50
C ASP D 52 29.54 -1.89 43.42
N ALA D 53 30.45 -0.95 43.72
CA ALA D 53 30.12 0.47 43.79
C ALA D 53 30.22 1.17 42.44
N ALA D 54 30.37 0.42 41.35
CA ALA D 54 30.39 0.97 40.01
C ALA D 54 29.19 0.53 39.17
N MET D 55 28.90 -0.77 39.16
CA MET D 55 27.75 -1.26 38.40
C MET D 55 26.45 -0.70 38.96
N GLN D 56 26.33 -0.61 40.29
CA GLN D 56 25.14 0.00 40.88
C GLN D 56 25.04 1.49 40.56
N ARG D 57 26.18 2.19 40.56
CA ARG D 57 26.16 3.61 40.18
C ARG D 57 25.69 3.79 38.75
N LYS D 58 26.12 2.90 37.84
CA LYS D 58 25.60 2.97 36.47
C LYS D 58 24.13 2.57 36.40
N LEU D 59 23.70 1.64 37.25
CA LEU D 59 22.31 1.20 37.26
C LEU D 59 21.37 2.33 37.69
N GLU D 60 21.82 3.18 38.61
CA GLU D 60 20.98 4.31 39.01
C GLU D 60 20.68 5.22 37.81
N LYS D 61 21.71 5.57 37.04
CA LYS D 61 21.47 6.39 35.86
C LYS D 61 20.69 5.63 34.79
N MET D 62 20.87 4.31 34.70
CA MET D 62 20.08 3.52 33.76
C MET D 62 18.59 3.61 34.10
N ALA D 63 18.26 3.47 35.39
CA ALA D 63 16.87 3.61 35.81
C ALA D 63 16.35 5.01 35.52
N ASP D 64 17.17 6.03 35.78
CA ASP D 64 16.75 7.39 35.52
C ASP D 64 16.44 7.62 34.04
N GLN D 65 17.32 7.13 33.15
CA GLN D 65 17.10 7.36 31.72
C GLN D 65 15.88 6.59 31.23
N ALA D 66 15.68 5.36 31.71
CA ALA D 66 14.48 4.62 31.32
C ALA D 66 13.21 5.33 31.77
N MET D 67 13.22 5.87 32.99
CA MET D 67 12.05 6.60 33.48
C MET D 67 11.80 7.84 32.63
N THR D 68 12.85 8.57 32.27
CA THR D 68 12.68 9.75 31.42
C THR D 68 12.13 9.38 30.05
N GLN D 69 12.60 8.27 29.48
CA GLN D 69 12.09 7.82 28.18
C GLN D 69 10.60 7.51 28.26
N MET D 70 10.18 6.79 29.30
CA MET D 70 8.77 6.44 29.39
C MET D 70 7.91 7.68 29.69
N TYR D 71 8.44 8.64 30.44
CA TYR D 71 7.71 9.88 30.67
C TYR D 71 7.55 10.67 29.37
N LYS D 72 8.61 10.72 28.56
CA LYS D 72 8.53 11.39 27.26
C LYS D 72 7.45 10.75 26.40
N GLN D 73 7.42 9.42 26.37
CA GLN D 73 6.40 8.73 25.57
C GLN D 73 5.00 9.05 26.09
N ALA D 74 4.81 9.04 27.42
CA ALA D 74 3.49 9.31 27.97
C ALA D 74 3.03 10.71 27.60
N ARG D 75 3.89 11.71 27.77
CA ARG D 75 3.47 13.09 27.52
C ARG D 75 3.23 13.34 26.03
N SER D 76 4.05 12.75 25.15
CA SER D 76 3.80 12.91 23.72
C SER D 76 2.50 12.23 23.31
N GLU D 77 2.21 11.05 23.89
CA GLU D 77 0.94 10.39 23.61
C GLU D 77 -0.24 11.22 24.05
N ASP D 78 -0.13 11.87 25.21
CA ASP D 78 -1.26 12.63 25.73
C ASP D 78 -1.40 14.01 25.12
N LYS D 79 -0.34 14.53 24.46
CA LYS D 79 -0.44 15.87 23.89
C LYS D 79 -1.26 15.88 22.61
N ARG D 80 -1.14 14.85 21.78
CA ARG D 80 -1.84 14.81 20.50
C ARG D 80 -3.24 14.19 20.60
N ALA D 81 -3.75 14.03 21.81
CA ALA D 81 -5.14 13.65 22.03
C ALA D 81 -6.01 14.82 22.46
N LYS D 82 -5.45 16.03 22.55
CA LYS D 82 -6.16 17.20 23.04
C LYS D 82 -5.95 18.40 22.12
N VAL D 83 -5.65 18.15 20.85
CA VAL D 83 -5.36 19.24 19.93
C VAL D 83 -6.61 20.10 19.69
N THR D 84 -7.76 19.45 19.55
CA THR D 84 -9.01 20.10 19.14
C THR D 84 -9.55 21.06 20.20
N SER D 85 -9.04 21.01 21.42
CA SER D 85 -9.46 21.94 22.46
C SER D 85 -8.42 22.99 22.76
N ALA D 86 -7.15 22.57 22.84
CA ALA D 86 -6.07 23.52 23.04
C ALA D 86 -5.99 24.52 21.91
N MET D 87 -6.23 24.06 20.67
CA MET D 87 -6.14 24.96 19.53
C MET D 87 -7.21 26.05 19.59
N GLN D 88 -8.45 25.70 19.93
CA GLN D 88 -9.52 26.69 20.03
C GLN D 88 -9.28 27.65 21.20
N THR D 89 -8.81 27.12 22.34
CA THR D 89 -8.48 28.00 23.46
C THR D 89 -7.40 29.00 23.08
N MET D 90 -6.34 28.53 22.42
CA MET D 90 -5.26 29.42 22.01
C MET D 90 -5.76 30.45 21.00
N LEU D 91 -6.61 30.03 20.06
CA LEU D 91 -7.12 30.96 19.06
C LEU D 91 -7.89 32.09 19.72
N PHE D 92 -8.75 31.76 20.69
CA PHE D 92 -9.55 32.83 21.28
C PHE D 92 -8.73 33.69 22.25
N THR D 93 -7.71 33.11 22.90
CA THR D 93 -6.80 33.94 23.69
C THR D 93 -6.08 34.96 22.80
N MET D 94 -5.57 34.51 21.66
CA MET D 94 -4.87 35.42 20.76
C MET D 94 -5.80 36.47 20.18
N LEU D 95 -7.03 36.09 19.85
CA LEU D 95 -8.00 37.07 19.37
C LEU D 95 -8.31 38.12 20.43
N ARG D 96 -8.48 37.70 21.68
CA ARG D 96 -8.73 38.64 22.76
C ARG D 96 -7.55 39.59 22.94
N LYS D 97 -6.33 39.07 22.83
CA LYS D 97 -5.15 39.92 22.98
C LYS D 97 -5.00 40.90 21.82
N LEU D 98 -5.46 40.51 20.62
CA LEU D 98 -5.29 41.36 19.44
C LEU D 98 -5.95 42.72 19.61
N ASP D 99 -7.13 42.75 20.23
CA ASP D 99 -7.83 43.99 20.59
C ASP D 99 -8.18 44.84 19.36
N ASN D 100 -9.02 44.32 18.48
CA ASN D 100 -9.48 45.04 17.31
C ASN D 100 -10.97 45.33 17.43
N ASP D 101 -11.39 46.49 16.93
CA ASP D 101 -12.79 46.90 17.03
C ASP D 101 -13.67 46.09 16.09
N ALA D 102 -13.24 45.93 14.83
CA ALA D 102 -14.04 45.20 13.86
C ALA D 102 -14.20 43.74 14.24
N LEU D 103 -13.15 43.12 14.80
CA LEU D 103 -13.24 41.73 15.22
C LEU D 103 -14.08 41.58 16.49
N ASN D 104 -13.93 42.53 17.43
CA ASN D 104 -14.72 42.48 18.65
C ASN D 104 -16.21 42.63 18.34
N ASN D 105 -16.55 43.48 17.38
CA ASN D 105 -17.95 43.67 17.02
C ASN D 105 -18.60 42.36 16.59
N ILE D 106 -17.97 41.67 15.63
CA ILE D 106 -18.58 40.46 15.11
C ILE D 106 -18.52 39.33 16.13
N ILE D 107 -17.47 39.29 16.96
CA ILE D 107 -17.39 38.26 17.99
C ILE D 107 -18.51 38.44 19.02
N ASN D 108 -18.75 39.67 19.46
CA ASN D 108 -19.81 39.91 20.43
C ASN D 108 -21.18 39.68 19.83
N ASN D 109 -21.40 40.08 18.57
CA ASN D 109 -22.66 39.81 17.91
C ASN D 109 -22.92 38.31 17.80
N ALA D 110 -21.90 37.54 17.44
CA ALA D 110 -22.05 36.09 17.40
C ALA D 110 -22.31 35.52 18.78
N ARG D 111 -21.71 36.12 19.81
CA ARG D 111 -21.97 35.67 21.17
C ARG D 111 -23.43 35.88 21.55
N ASP D 112 -24.03 36.99 21.13
CA ASP D 112 -25.44 37.23 21.45
C ASP D 112 -26.36 36.39 20.56
N GLY D 113 -26.01 36.22 19.29
CA GLY D 113 -26.83 35.41 18.40
C GLY D 113 -26.91 35.87 16.96
N CYS D 114 -26.49 37.10 16.67
CA CYS D 114 -26.46 37.59 15.30
C CYS D 114 -25.22 37.03 14.60
N VAL D 115 -25.41 36.06 13.73
CA VAL D 115 -24.31 35.44 13.01
C VAL D 115 -24.54 35.61 11.52
N PRO D 116 -23.48 35.69 10.70
CA PRO D 116 -23.69 35.80 9.25
C PRO D 116 -24.07 34.46 8.62
N LEU D 117 -24.46 34.48 7.35
CA LEU D 117 -24.77 33.25 6.63
C LEU D 117 -23.81 32.95 5.50
N ASN D 118 -22.93 33.89 5.15
CA ASN D 118 -21.91 33.67 4.13
C ASN D 118 -20.67 34.45 4.53
N ILE D 119 -19.62 34.32 3.71
CA ILE D 119 -18.40 35.08 3.95
C ILE D 119 -18.71 36.57 3.86
N ILE D 120 -18.19 37.34 4.80
CA ILE D 120 -18.39 38.79 4.78
C ILE D 120 -17.61 39.38 3.62
N PRO D 121 -18.24 40.15 2.74
CA PRO D 121 -17.55 40.68 1.57
C PRO D 121 -16.79 41.96 1.88
N LEU D 122 -15.74 42.20 1.09
CA LEU D 122 -14.91 43.38 1.24
C LEU D 122 -15.17 44.46 0.20
N THR D 123 -15.57 44.08 -1.01
CA THR D 123 -15.89 45.05 -2.04
C THR D 123 -17.14 45.85 -1.66
N THR D 124 -17.22 47.08 -2.18
CA THR D 124 -18.41 47.90 -1.96
C THR D 124 -19.66 47.26 -2.59
N ALA D 125 -19.48 46.41 -3.59
CA ALA D 125 -20.55 45.59 -4.13
C ALA D 125 -20.77 44.37 -3.25
N ALA D 126 -21.48 43.37 -3.78
CA ALA D 126 -21.66 42.07 -3.13
C ALA D 126 -22.63 42.13 -1.96
N LYS D 127 -23.33 41.03 -1.75
CA LYS D 127 -24.49 40.96 -0.85
C LYS D 127 -24.08 40.38 0.49
N LEU D 128 -24.68 40.91 1.56
CA LEU D 128 -24.50 40.37 2.90
C LEU D 128 -25.85 39.90 3.45
N MET D 129 -25.83 38.77 4.15
CA MET D 129 -27.03 38.21 4.76
C MET D 129 -26.71 37.90 6.22
N VAL D 130 -27.49 38.46 7.14
CA VAL D 130 -27.26 38.21 8.56
C VAL D 130 -28.55 37.81 9.23
N VAL D 131 -28.42 36.97 10.25
CA VAL D 131 -29.55 36.44 11.01
C VAL D 131 -29.77 37.31 12.23
N ILE D 132 -31.03 37.52 12.60
CA ILE D 132 -31.40 38.31 13.75
C ILE D 132 -32.36 37.50 14.62
N PRO D 133 -32.01 37.21 15.88
CA PRO D 133 -32.79 36.26 16.67
C PRO D 133 -33.96 36.87 17.43
N ASP D 134 -33.91 38.18 17.70
CA ASP D 134 -34.99 38.83 18.43
C ASP D 134 -35.02 40.33 18.16
N TYR D 135 -35.79 41.08 18.96
CA TYR D 135 -36.01 42.50 18.68
C TYR D 135 -34.96 43.40 19.31
N ASN D 136 -34.36 43.01 20.44
CA ASN D 136 -33.39 43.87 21.09
C ASN D 136 -32.19 44.10 20.20
N THR D 137 -31.67 43.03 19.57
CA THR D 137 -30.55 43.17 18.64
C THR D 137 -30.94 43.98 17.41
N TYR D 138 -32.18 43.84 16.94
CA TYR D 138 -32.64 44.65 15.82
C TYR D 138 -32.67 46.12 16.21
N LYS D 139 -33.08 46.41 17.44
CA LYS D 139 -33.21 47.80 17.87
C LYS D 139 -31.85 48.47 18.02
N ASN D 140 -30.89 47.80 18.66
CA ASN D 140 -29.59 48.45 18.82
C ASN D 140 -28.66 48.24 17.64
N THR D 141 -29.09 47.49 16.62
CA THR D 141 -28.30 47.27 15.42
C THR D 141 -28.90 47.94 14.18
N CYS D 142 -30.22 47.90 14.01
CA CYS D 142 -30.88 48.48 12.85
C CYS D 142 -31.44 49.85 13.20
N ASP D 143 -31.32 50.78 12.25
CA ASP D 143 -31.84 52.13 12.44
C ASP D 143 -32.32 52.73 11.12
N GLY D 144 -33.60 52.56 10.82
CA GLY D 144 -34.15 53.09 9.59
C GLY D 144 -33.89 52.19 8.40
N THR D 145 -32.86 52.54 7.62
CA THR D 145 -32.43 51.73 6.49
C THR D 145 -30.93 51.45 6.52
N THR D 146 -30.24 51.80 7.60
CA THR D 146 -28.81 51.58 7.72
C THR D 146 -28.53 50.47 8.72
N PHE D 147 -27.46 49.73 8.46
CA PHE D 147 -27.05 48.58 9.26
C PHE D 147 -25.59 48.76 9.64
N THR D 148 -25.29 48.68 10.93
CA THR D 148 -23.94 48.84 11.44
C THR D 148 -23.41 47.46 11.81
N TYR D 149 -22.42 46.99 11.05
CA TYR D 149 -21.90 45.64 11.24
C TYR D 149 -20.44 45.62 10.85
N ALA D 150 -19.63 44.96 11.66
CA ALA D 150 -18.18 44.81 11.41
C ALA D 150 -17.50 46.16 11.24
N SER D 151 -17.94 47.15 12.02
CA SER D 151 -17.44 48.52 11.93
C SER D 151 -17.55 49.06 10.51
N ALA D 152 -18.69 48.77 9.87
CA ALA D 152 -18.98 49.26 8.54
C ALA D 152 -20.49 49.52 8.44
N LEU D 153 -20.88 50.26 7.42
CA LEU D 153 -22.25 50.69 7.22
C LEU D 153 -22.81 50.10 5.95
N TRP D 154 -24.01 49.55 6.03
CA TRP D 154 -24.67 48.87 4.93
C TRP D 154 -26.08 49.43 4.79
N GLU D 155 -26.66 49.29 3.60
CA GLU D 155 -28.04 49.70 3.37
C GLU D 155 -28.91 48.47 3.17
N ILE D 156 -30.07 48.47 3.81
CA ILE D 156 -30.96 47.31 3.80
C ILE D 156 -31.64 47.19 2.44
N GLN D 157 -31.86 45.94 2.02
CA GLN D 157 -32.60 45.66 0.80
C GLN D 157 -33.84 44.80 1.00
N GLN D 158 -33.87 43.95 2.03
CA GLN D 158 -35.00 43.04 2.20
C GLN D 158 -34.91 42.38 3.57
N VAL D 159 -36.08 42.17 4.17
CA VAL D 159 -36.22 41.45 5.43
C VAL D 159 -37.23 40.33 5.24
N VAL D 160 -36.95 39.17 5.83
CA VAL D 160 -37.76 37.97 5.71
C VAL D 160 -37.94 37.37 7.10
N ASP D 161 -38.72 36.30 7.18
CA ASP D 161 -38.82 35.54 8.42
C ASP D 161 -38.53 34.06 8.16
N ALA D 162 -38.74 33.22 9.17
CA ALA D 162 -38.27 31.84 9.10
C ALA D 162 -38.97 31.01 8.04
N ASP D 163 -40.17 31.40 7.61
CA ASP D 163 -40.94 30.66 6.62
C ASP D 163 -40.72 31.18 5.21
N SER D 164 -39.66 31.95 4.98
CA SER D 164 -39.31 32.48 3.66
C SER D 164 -40.48 33.25 3.06
N LYS D 165 -40.87 34.32 3.77
CA LYS D 165 -41.98 35.18 3.35
C LYS D 165 -41.55 36.61 3.58
N ILE D 166 -41.48 37.40 2.50
CA ILE D 166 -40.91 38.74 2.57
C ILE D 166 -41.73 39.62 3.48
N VAL D 167 -41.06 40.31 4.40
CA VAL D 167 -41.70 41.20 5.37
C VAL D 167 -41.21 42.62 5.12
N GLN D 168 -42.14 43.55 4.99
CA GLN D 168 -41.76 44.94 4.80
C GLN D 168 -41.24 45.52 6.10
N LEU D 169 -40.43 46.57 5.98
CA LEU D 169 -39.66 47.06 7.12
C LEU D 169 -40.52 47.82 8.12
N SER D 170 -41.55 48.51 7.64
CA SER D 170 -42.30 49.40 8.53
C SER D 170 -43.01 48.65 9.65
N GLU D 171 -43.43 47.41 9.40
CA GLU D 171 -44.21 46.69 10.40
C GLU D 171 -43.34 46.12 11.53
N ILE D 172 -42.02 46.11 11.39
CA ILE D 172 -41.17 45.53 12.43
C ILE D 172 -41.09 46.50 13.59
N SER D 173 -41.63 46.09 14.74
CA SER D 173 -41.70 46.96 15.90
C SER D 173 -41.97 46.13 17.16
N MET D 174 -42.14 46.79 18.30
CA MET D 174 -42.25 46.07 19.57
C MET D 174 -43.56 45.29 19.66
N ASP D 175 -44.67 45.92 19.27
CA ASP D 175 -45.98 45.29 19.46
C ASP D 175 -46.27 44.20 18.45
N ASN D 176 -45.83 44.37 17.20
CA ASN D 176 -46.07 43.34 16.19
C ASN D 176 -45.07 42.20 16.27
N SER D 177 -44.11 42.27 17.20
CA SER D 177 -43.05 41.27 17.28
C SER D 177 -43.55 39.84 17.42
N PRO D 178 -44.54 39.51 18.27
CA PRO D 178 -44.91 38.10 18.44
C PRO D 178 -45.79 37.56 17.33
N ASN D 179 -45.86 38.29 16.21
CA ASN D 179 -46.61 37.85 15.05
C ASN D 179 -45.75 37.38 13.89
N LEU D 180 -44.43 37.46 14.01
CA LEU D 180 -43.52 37.04 12.95
C LEU D 180 -42.61 35.93 13.48
N ALA D 181 -42.22 35.03 12.59
CA ALA D 181 -41.20 34.03 12.91
C ALA D 181 -39.88 34.76 13.11
N TRP D 182 -39.46 34.88 14.36
CA TRP D 182 -38.46 35.88 14.73
C TRP D 182 -37.04 35.68 14.19
N PRO D 183 -36.59 34.47 13.84
CA PRO D 183 -35.27 34.39 13.22
C PRO D 183 -35.25 35.10 11.87
N LEU D 184 -35.21 36.43 11.92
CA LEU D 184 -35.22 37.25 10.73
C LEU D 184 -33.92 37.07 9.95
N ILE D 185 -33.98 37.34 8.65
CA ILE D 185 -32.79 37.30 7.81
C ILE D 185 -32.72 38.58 6.99
N VAL D 186 -31.84 39.48 7.41
CA VAL D 186 -31.68 40.76 6.73
C VAL D 186 -30.68 40.62 5.60
N THR D 187 -31.04 41.14 4.43
CA THR D 187 -30.14 41.24 3.29
C THR D 187 -29.75 42.70 3.09
N ALA D 188 -28.46 42.95 2.95
CA ALA D 188 -27.95 44.32 2.85
C ALA D 188 -26.79 44.36 1.86
N LEU D 189 -26.37 45.59 1.56
CA LEU D 189 -25.27 45.84 0.64
C LEU D 189 -24.39 46.93 1.24
N ARG D 190 -23.08 46.78 1.07
CA ARG D 190 -22.13 47.68 1.70
C ARG D 190 -22.17 49.06 1.05
N ALA D 191 -22.06 50.10 1.89
CA ALA D 191 -22.05 51.47 1.41
C ALA D 191 -20.77 51.77 0.64
N VAL E 2 -2.75 8.87 31.09
CA VAL E 2 -2.26 8.63 32.45
C VAL E 2 -2.78 9.71 33.40
N GLY E 3 -2.82 9.38 34.69
CA GLY E 3 -3.37 10.29 35.67
C GLY E 3 -3.41 9.71 37.07
N ALA E 4 -4.27 10.24 37.93
CA ALA E 4 -4.38 9.79 39.31
C ALA E 4 -5.21 8.52 39.39
N CYS E 5 -4.99 7.76 40.46
CA CYS E 5 -5.71 6.52 40.66
C CYS E 5 -6.96 6.74 41.51
N VAL E 6 -7.78 5.70 41.62
CA VAL E 6 -9.07 5.82 42.28
C VAL E 6 -8.93 5.71 43.80
N LEU E 7 -8.41 4.57 44.27
CA LEU E 7 -8.33 4.31 45.71
C LEU E 7 -7.34 5.25 46.40
N CYS E 8 -6.33 5.70 45.67
CA CYS E 8 -5.16 6.33 46.25
C CYS E 8 -5.04 7.81 45.91
N ASN E 9 -5.60 8.23 44.77
CA ASN E 9 -5.64 9.61 44.30
C ASN E 9 -4.25 10.18 44.01
N SER E 10 -3.27 9.32 43.75
CA SER E 10 -1.95 9.74 43.30
C SER E 10 -1.76 9.36 41.84
N GLN E 11 -0.97 10.16 41.14
CA GLN E 11 -0.77 9.93 39.71
C GLN E 11 -0.02 8.63 39.47
N THR E 12 -0.47 7.87 38.49
CA THR E 12 0.07 6.54 38.23
C THR E 12 0.01 6.26 36.74
N SER E 13 0.56 5.12 36.33
CA SER E 13 0.57 4.73 34.92
C SER E 13 0.34 3.23 34.74
N LEU E 14 -0.33 2.58 35.68
CA LEU E 14 -0.44 1.13 35.68
C LEU E 14 -1.90 0.69 35.75
N ARG E 15 -2.13 -0.56 35.32
CA ARG E 15 -3.45 -1.18 35.24
C ARG E 15 -3.36 -2.59 35.80
N CYS E 16 -4.50 -3.16 36.19
CA CYS E 16 -4.58 -4.62 36.27
C CYS E 16 -4.99 -5.14 34.90
N GLY E 17 -4.08 -5.84 34.23
CA GLY E 17 -4.40 -6.44 32.94
C GLY E 17 -5.43 -7.54 33.02
N ALA E 18 -5.29 -8.43 34.02
CA ALA E 18 -6.19 -9.57 34.16
C ALA E 18 -7.49 -9.20 34.85
N CYS E 19 -7.59 -8.01 35.42
CA CYS E 19 -8.78 -7.59 36.16
C CYS E 19 -9.84 -7.10 35.19
N ILE E 20 -10.97 -6.64 35.72
CA ILE E 20 -12.14 -6.40 34.88
C ILE E 20 -12.01 -5.11 34.06
N ARG E 21 -11.99 -3.95 34.73
CA ARG E 21 -12.18 -2.68 34.06
C ARG E 21 -10.92 -1.80 34.09
N ARG E 22 -9.74 -2.42 34.21
CA ARG E 22 -8.42 -1.80 34.14
C ARG E 22 -8.38 -0.42 34.81
N PRO E 23 -8.43 -0.35 36.13
CA PRO E 23 -8.35 0.94 36.82
C PRO E 23 -6.91 1.42 37.00
N PHE E 24 -6.80 2.71 37.28
CA PHE E 24 -5.51 3.32 37.58
C PHE E 24 -5.10 2.94 38.99
N LEU E 25 -3.83 2.56 39.17
CA LEU E 25 -3.31 2.11 40.45
C LEU E 25 -1.85 2.50 40.58
N CYS E 26 -1.47 2.97 41.77
CA CYS E 26 -0.11 3.45 42.03
C CYS E 26 0.81 2.28 42.37
N CYS E 27 2.09 2.62 42.59
CA CYS E 27 3.15 1.62 42.75
C CYS E 27 2.85 0.62 43.86
N LYS E 28 2.84 1.09 45.10
CA LYS E 28 2.49 0.22 46.23
C LYS E 28 1.01 -0.14 46.18
N CYS E 29 0.18 0.83 45.78
CA CYS E 29 -1.24 0.64 45.54
C CYS E 29 -1.50 -0.60 44.68
N CYS E 30 -0.93 -0.57 43.47
CA CYS E 30 -1.08 -1.71 42.56
C CYS E 30 -0.40 -2.94 43.12
N TYR E 31 0.72 -2.78 43.84
CA TYR E 31 1.36 -3.97 44.38
C TYR E 31 0.46 -4.71 45.35
N ASP E 32 -0.22 -3.98 46.24
CA ASP E 32 -1.17 -4.62 47.15
C ASP E 32 -2.28 -5.29 46.37
N HIS E 33 -2.85 -4.58 45.39
CA HIS E 33 -3.95 -5.17 44.63
C HIS E 33 -3.52 -6.43 43.88
N VAL E 34 -2.26 -6.50 43.43
CA VAL E 34 -1.85 -7.63 42.61
C VAL E 34 -1.24 -8.77 43.42
N ILE E 35 -0.74 -8.50 44.62
CA ILE E 35 -0.17 -9.57 45.44
C ILE E 35 -1.20 -10.15 46.40
N SER E 36 -2.23 -9.39 46.80
CA SER E 36 -3.24 -9.96 47.66
C SER E 36 -4.20 -10.89 46.91
N THR E 37 -4.32 -10.73 45.59
CA THR E 37 -5.20 -11.58 44.80
C THR E 37 -4.49 -12.01 43.52
N SER E 38 -5.28 -12.58 42.60
CA SER E 38 -4.74 -13.32 41.46
C SER E 38 -4.48 -12.49 40.22
N HIS E 39 -4.83 -11.20 40.19
CA HIS E 39 -4.45 -10.40 39.03
C HIS E 39 -2.94 -10.21 39.02
N LYS E 40 -2.29 -10.78 38.01
CA LYS E 40 -0.83 -10.72 37.92
C LYS E 40 -0.43 -10.35 36.48
N LEU E 41 -1.09 -9.32 35.96
CA LEU E 41 -0.69 -8.74 34.67
C LEU E 41 -0.94 -7.24 34.75
N VAL E 42 0.10 -6.45 34.56
CA VAL E 42 0.06 -5.01 34.67
C VAL E 42 0.39 -4.39 33.32
N LEU E 43 -0.27 -3.27 33.01
CA LEU E 43 -0.04 -2.54 31.76
C LEU E 43 0.49 -1.14 32.08
N SER E 44 1.73 -0.88 31.66
CA SER E 44 2.28 0.47 31.63
C SER E 44 2.01 1.06 30.26
N VAL E 45 2.72 2.13 29.89
CA VAL E 45 2.65 2.64 28.53
C VAL E 45 2.86 1.51 27.52
N ASN E 46 3.64 0.49 27.90
CA ASN E 46 3.73 -0.76 27.16
C ASN E 46 3.34 -1.88 28.11
N PRO E 47 2.83 -3.01 27.62
CA PRO E 47 2.48 -4.11 28.52
C PRO E 47 3.70 -4.80 29.10
N TYR E 48 3.49 -5.42 30.26
CA TYR E 48 4.56 -6.11 30.98
C TYR E 48 4.58 -7.57 30.55
N VAL E 49 5.23 -7.83 29.42
CA VAL E 49 5.39 -9.18 28.88
C VAL E 49 6.81 -9.31 28.34
N CYS E 50 7.31 -10.54 28.29
CA CYS E 50 8.65 -10.77 27.75
C CYS E 50 8.56 -10.92 26.23
N ASN E 51 9.35 -10.11 25.53
CA ASN E 51 9.31 -10.05 24.07
C ASN E 51 10.04 -11.20 23.40
N ALA E 52 10.35 -12.26 24.13
CA ALA E 52 11.01 -13.42 23.54
C ALA E 52 10.13 -14.00 22.44
N PRO E 53 10.70 -14.32 21.27
CA PRO E 53 9.87 -14.75 20.14
C PRO E 53 9.03 -15.98 20.48
N GLY E 54 7.73 -15.78 20.52
CA GLY E 54 6.79 -16.87 20.79
C GLY E 54 6.87 -17.45 22.19
N CYS E 55 7.24 -16.64 23.18
CA CYS E 55 7.23 -17.11 24.56
C CYS E 55 5.81 -16.98 25.12
N ASP E 56 5.63 -17.35 26.39
CA ASP E 56 4.30 -17.59 26.93
C ASP E 56 3.96 -16.76 28.16
N VAL E 57 4.92 -16.51 29.05
CA VAL E 57 4.63 -16.12 30.43
C VAL E 57 3.88 -14.79 30.47
N THR E 58 2.98 -14.66 31.45
CA THR E 58 2.21 -13.43 31.65
C THR E 58 2.22 -12.95 33.10
N ASP E 59 3.01 -13.57 33.97
CA ASP E 59 3.09 -13.17 35.38
C ASP E 59 3.87 -11.87 35.51
N VAL E 60 3.80 -11.25 36.69
CA VAL E 60 4.46 -9.98 36.94
C VAL E 60 5.69 -10.14 37.83
N THR E 61 5.66 -11.09 38.77
CA THR E 61 6.72 -11.24 39.75
C THR E 61 7.89 -12.10 39.24
N GLN E 62 7.77 -12.67 38.03
CA GLN E 62 8.85 -13.47 37.48
C GLN E 62 9.61 -12.77 36.36
N LEU E 63 8.97 -11.88 35.62
CA LEU E 63 9.66 -11.13 34.57
C LEU E 63 10.65 -10.13 35.16
N TYR E 64 11.70 -9.85 34.40
CA TYR E 64 12.79 -8.97 34.83
C TYR E 64 13.05 -7.93 33.75
N LEU E 65 13.88 -6.95 34.09
CA LEU E 65 14.34 -5.92 33.18
C LEU E 65 15.58 -6.39 32.43
N GLY E 66 15.60 -6.11 31.14
CA GLY E 66 16.71 -6.55 30.33
C GLY E 66 17.26 -5.46 29.44
N GLY E 67 17.36 -4.24 29.96
CA GLY E 67 17.84 -3.09 29.18
C GLY E 67 16.68 -2.23 28.68
N MET E 68 16.33 -2.41 27.40
CA MET E 68 15.25 -1.63 26.83
C MET E 68 13.89 -2.26 27.08
N SER E 69 13.83 -3.56 27.34
CA SER E 69 12.57 -4.28 27.41
C SER E 69 12.55 -5.22 28.61
N TYR E 70 11.39 -5.85 28.78
CA TYR E 70 11.14 -6.80 29.85
C TYR E 70 11.24 -8.20 29.29
N TYR E 71 12.04 -9.05 29.94
CA TYR E 71 12.36 -10.38 29.44
C TYR E 71 12.07 -11.45 30.48
N CYS E 72 12.02 -12.67 29.98
CA CYS E 72 11.78 -13.88 30.75
C CYS E 72 13.07 -14.32 31.44
N LYS E 73 12.93 -15.18 32.45
CA LYS E 73 14.09 -15.62 33.23
C LYS E 73 15.11 -16.33 32.35
N SER E 74 14.66 -17.31 31.58
CA SER E 74 15.57 -18.02 30.67
C SER E 74 15.91 -17.15 29.48
N HIS E 75 15.23 -16.02 29.36
CA HIS E 75 15.40 -15.08 28.26
C HIS E 75 16.21 -13.85 28.64
N LYS E 76 16.43 -13.63 29.94
CA LYS E 76 16.98 -12.39 30.43
C LYS E 76 18.50 -12.30 30.17
N PRO E 77 19.02 -11.09 29.97
CA PRO E 77 20.45 -10.92 29.70
C PRO E 77 21.28 -11.16 30.96
N PRO E 78 22.64 -11.09 30.88
CA PRO E 78 23.48 -11.41 32.04
C PRO E 78 23.03 -10.81 33.37
N ILE E 79 22.91 -9.49 33.46
CA ILE E 79 22.57 -8.81 34.71
C ILE E 79 21.28 -8.03 34.51
N SER E 80 20.37 -8.17 35.47
CA SER E 80 19.03 -7.58 35.36
C SER E 80 18.68 -6.72 36.57
N PHE E 81 17.42 -6.32 36.64
CA PHE E 81 16.88 -5.51 37.72
C PHE E 81 15.42 -5.87 37.88
N PRO E 82 15.05 -6.61 38.93
CA PRO E 82 13.68 -7.11 39.05
C PRO E 82 12.65 -5.99 39.03
N LEU E 83 11.66 -6.14 38.14
CA LEU E 83 10.64 -5.11 37.96
C LEU E 83 9.73 -4.99 39.18
N CYS E 84 9.62 -6.03 40.00
CA CYS E 84 8.63 -6.07 41.08
C CYS E 84 9.35 -6.40 42.38
N ALA E 85 9.87 -5.37 43.04
CA ALA E 85 10.57 -5.54 44.31
C ALA E 85 10.28 -4.37 45.25
N ASN E 86 10.88 -4.39 46.45
CA ASN E 86 10.82 -3.28 47.39
C ASN E 86 9.41 -3.05 47.92
N GLY E 87 8.46 -3.89 47.52
CA GLY E 87 7.06 -3.62 47.76
C GLY E 87 6.44 -2.69 46.76
N GLN E 88 6.99 -2.62 45.55
CA GLN E 88 6.53 -1.70 44.50
C GLN E 88 6.75 -2.38 43.16
N VAL E 89 6.01 -1.95 42.16
CA VAL E 89 6.24 -2.32 40.77
C VAL E 89 6.80 -1.11 40.04
N PHE E 90 7.82 -1.33 39.22
CA PHE E 90 8.51 -0.23 38.56
C PHE E 90 7.56 0.49 37.62
N GLY E 91 7.36 1.78 37.85
CA GLY E 91 6.47 2.56 37.03
C GLY E 91 6.70 4.05 37.24
N LEU E 92 5.78 4.85 36.70
CA LEU E 92 5.88 6.29 36.84
C LEU E 92 5.58 6.73 38.27
N TYR E 93 6.23 7.79 38.68
CA TYR E 93 6.00 8.48 39.94
C TYR E 93 6.13 7.50 41.10
N LYS E 94 7.27 6.84 41.17
CA LYS E 94 7.49 5.82 42.18
C LYS E 94 7.64 6.41 43.58
N ASN E 95 8.00 7.69 43.69
CA ASN E 95 8.20 8.30 44.99
C ASN E 95 6.89 8.80 45.59
N THR E 96 6.19 9.71 44.89
CA THR E 96 4.94 10.25 45.40
C THR E 96 3.84 9.19 45.33
N CYS E 97 3.96 8.14 46.13
CA CYS E 97 2.94 7.10 46.21
C CYS E 97 2.78 6.71 47.67
N VAL E 98 1.58 6.92 48.21
CA VAL E 98 1.33 6.63 49.62
C VAL E 98 0.85 5.21 49.83
N GLY E 99 0.12 4.65 48.86
CA GLY E 99 -0.39 3.30 48.99
C GLY E 99 -1.51 3.19 50.00
N SER E 100 -1.84 1.95 50.34
CA SER E 100 -2.85 1.66 51.35
C SER E 100 -2.60 0.29 51.93
N ASP E 101 -3.15 0.05 53.11
CA ASP E 101 -3.08 -1.26 53.76
C ASP E 101 -4.37 -2.06 53.61
N ASN E 102 -5.52 -1.43 53.86
CA ASN E 102 -6.81 -2.10 53.76
C ASN E 102 -7.20 -2.21 52.30
N VAL E 103 -6.87 -3.35 51.68
CA VAL E 103 -7.17 -3.60 50.27
C VAL E 103 -8.17 -4.72 50.09
N THR E 104 -8.77 -5.23 51.17
CA THR E 104 -9.77 -6.28 51.06
C THR E 104 -11.00 -5.81 50.28
N ASP E 105 -11.31 -4.52 50.33
CA ASP E 105 -12.47 -3.97 49.64
C ASP E 105 -12.35 -4.15 48.13
N PHE E 106 -11.32 -3.55 47.54
CA PHE E 106 -11.14 -3.62 46.09
C PHE E 106 -10.87 -5.05 45.63
N ASN E 107 -10.14 -5.82 46.43
CA ASN E 107 -9.88 -7.22 46.08
C ASN E 107 -11.19 -8.01 46.00
N ALA E 108 -12.03 -7.86 47.01
CA ALA E 108 -13.31 -8.57 47.00
C ALA E 108 -14.19 -8.09 45.84
N ILE E 109 -14.22 -6.77 45.61
CA ILE E 109 -15.04 -6.23 44.53
C ILE E 109 -14.56 -6.75 43.18
N ALA E 110 -13.26 -6.98 43.01
CA ALA E 110 -12.74 -7.47 41.74
C ALA E 110 -12.98 -8.96 41.58
N THR E 111 -12.56 -9.77 42.55
CA THR E 111 -12.67 -11.22 42.43
C THR E 111 -14.11 -11.71 42.56
N CYS E 112 -15.05 -10.86 42.93
CA CYS E 112 -16.42 -11.29 43.11
C CYS E 112 -17.08 -11.55 41.76
N ASP E 113 -18.18 -12.30 41.80
CA ASP E 113 -18.99 -12.57 40.63
C ASP E 113 -20.37 -11.93 40.71
N TRP E 114 -20.65 -11.16 41.76
CA TRP E 114 -21.90 -10.42 41.90
C TRP E 114 -23.11 -11.36 41.85
N THR E 115 -22.98 -12.52 42.50
CA THR E 115 -24.02 -13.55 42.50
C THR E 115 -24.86 -13.54 43.78
N ASN E 116 -24.27 -13.14 44.90
CA ASN E 116 -24.94 -13.24 46.19
C ASN E 116 -25.12 -11.89 46.87
N ALA E 117 -25.61 -11.91 48.13
CA ALA E 117 -25.98 -10.71 48.86
C ALA E 117 -24.79 -9.92 49.37
N GLY E 118 -23.75 -10.60 49.87
CA GLY E 118 -22.57 -9.90 50.34
C GLY E 118 -21.90 -9.09 49.25
N ASP E 119 -22.04 -9.53 47.99
CA ASP E 119 -21.58 -8.76 46.85
C ASP E 119 -22.13 -7.33 46.89
N TYR E 120 -23.45 -7.20 46.94
CA TYR E 120 -24.04 -5.88 47.00
C TYR E 120 -23.80 -5.20 48.34
N ILE E 121 -23.67 -5.99 49.41
CA ILE E 121 -23.34 -5.41 50.72
C ILE E 121 -22.06 -4.61 50.61
N LEU E 122 -21.03 -5.20 50.02
CA LEU E 122 -19.79 -4.46 49.78
C LEU E 122 -19.96 -3.40 48.71
N ALA E 123 -20.81 -3.65 47.71
CA ALA E 123 -20.99 -2.70 46.62
C ALA E 123 -21.52 -1.36 47.12
N ASN E 124 -22.40 -1.36 48.12
CA ASN E 124 -22.89 -0.12 48.70
C ASN E 124 -22.01 0.35 49.86
N THR E 125 -21.69 -0.55 50.79
CA THR E 125 -21.02 -0.17 52.04
C THR E 125 -19.54 0.21 51.84
N CYS E 126 -19.06 0.23 50.61
CA CYS E 126 -17.67 0.60 50.34
C CYS E 126 -17.57 2.10 50.06
N THR E 127 -16.41 2.54 49.57
CA THR E 127 -16.17 3.92 49.18
C THR E 127 -17.03 4.29 47.97
N GLU E 128 -17.46 5.55 47.92
CA GLU E 128 -18.40 5.98 46.89
C GLU E 128 -17.80 5.86 45.50
N ARG E 129 -16.51 6.23 45.33
CA ARG E 129 -15.86 5.99 44.06
C ARG E 129 -15.72 4.50 43.78
N LEU E 130 -15.38 3.72 44.82
CA LEU E 130 -15.35 2.27 44.67
C LEU E 130 -16.73 1.71 44.36
N LYS E 131 -17.80 2.37 44.80
CA LYS E 131 -19.12 1.87 44.46
C LYS E 131 -19.53 2.26 43.04
N LEU E 132 -19.06 3.40 42.54
CA LEU E 132 -19.19 3.69 41.12
C LEU E 132 -18.47 2.62 40.30
N PHE E 133 -17.26 2.26 40.73
CA PHE E 133 -16.53 1.19 40.05
C PHE E 133 -17.28 -0.12 40.14
N ALA E 134 -17.90 -0.41 41.28
CA ALA E 134 -18.72 -1.60 41.41
C ALA E 134 -19.91 -1.56 40.45
N ALA E 135 -20.49 -0.38 40.23
CA ALA E 135 -21.57 -0.24 39.26
C ALA E 135 -21.09 -0.59 37.86
N GLU E 136 -19.96 -0.02 37.44
CA GLU E 136 -19.44 -0.32 36.12
C GLU E 136 -19.05 -1.78 35.99
N THR E 137 -18.52 -2.37 37.06
CA THR E 137 -18.19 -3.80 37.05
C THR E 137 -19.45 -4.64 36.92
N LEU E 138 -20.53 -4.24 37.60
CA LEU E 138 -21.82 -4.91 37.44
C LEU E 138 -22.27 -4.87 35.98
N LYS E 139 -22.21 -3.68 35.37
CA LYS E 139 -22.65 -3.54 33.98
C LYS E 139 -21.81 -4.41 33.04
N ALA E 140 -20.49 -4.38 33.24
CA ALA E 140 -19.61 -5.20 32.40
C ALA E 140 -19.87 -6.69 32.58
N THR E 141 -20.06 -7.12 33.83
CA THR E 141 -20.32 -8.53 34.09
C THR E 141 -21.62 -8.99 33.45
N GLU E 142 -22.68 -8.19 33.59
CA GLU E 142 -23.96 -8.57 33.00
C GLU E 142 -23.89 -8.55 31.48
N GLU E 143 -23.17 -7.59 30.89
CA GLU E 143 -22.99 -7.58 29.45
C GLU E 143 -22.26 -8.84 28.98
N THR E 144 -21.17 -9.21 29.68
CA THR E 144 -20.39 -10.37 29.27
C THR E 144 -21.17 -11.67 29.46
N PHE E 145 -21.99 -11.76 30.50
CA PHE E 145 -22.76 -12.96 30.75
C PHE E 145 -24.01 -13.06 29.89
N LYS E 146 -24.52 -11.94 29.39
CA LYS E 146 -25.77 -11.95 28.62
C LYS E 146 -25.55 -12.31 27.16
N LEU E 147 -24.45 -11.87 26.56
CA LEU E 147 -24.13 -12.32 25.21
C LEU E 147 -23.62 -13.76 25.18
N SER E 148 -23.24 -14.31 26.33
CA SER E 148 -22.73 -15.68 26.40
C SER E 148 -23.81 -16.72 26.17
N TYR E 149 -25.08 -16.31 26.12
CA TYR E 149 -26.18 -17.26 25.90
C TYR E 149 -26.31 -17.58 24.43
N GLY E 150 -27.43 -18.20 24.04
CA GLY E 150 -27.60 -18.68 22.69
C GLY E 150 -28.11 -17.63 21.72
N ILE E 151 -28.22 -18.04 20.46
CA ILE E 151 -28.75 -17.21 19.38
C ILE E 151 -30.06 -17.84 18.91
N ALA E 152 -31.09 -17.01 18.76
CA ALA E 152 -32.41 -17.47 18.34
C ALA E 152 -32.44 -17.53 16.82
N THR E 153 -32.28 -18.73 16.26
CA THR E 153 -32.27 -18.93 14.81
C THR E 153 -33.61 -19.49 14.39
N VAL E 154 -34.56 -18.60 14.09
CA VAL E 154 -35.88 -19.04 13.65
C VAL E 154 -35.80 -19.58 12.24
N ARG E 155 -36.44 -20.74 12.02
CA ARG E 155 -36.47 -21.38 10.72
C ARG E 155 -37.88 -21.58 10.18
N GLU E 156 -38.89 -21.63 11.03
CA GLU E 156 -40.27 -21.89 10.62
C GLU E 156 -41.04 -20.58 10.47
N VAL E 157 -42.26 -20.70 9.94
CA VAL E 157 -43.27 -19.66 10.05
C VAL E 157 -44.61 -20.35 10.36
N LEU E 158 -44.98 -20.38 11.64
CA LEU E 158 -46.19 -21.08 12.05
C LEU E 158 -47.42 -20.17 11.93
N SER E 159 -47.37 -19.03 12.61
CA SER E 159 -48.46 -18.05 12.54
C SER E 159 -47.92 -16.65 12.78
N ASP E 160 -48.81 -15.71 13.06
CA ASP E 160 -48.43 -14.38 13.53
C ASP E 160 -48.47 -14.41 15.05
N ARG E 161 -47.38 -13.95 15.67
CA ARG E 161 -47.11 -14.08 17.11
C ARG E 161 -46.83 -15.52 17.52
N GLU E 162 -46.61 -16.42 16.57
CA GLU E 162 -46.30 -17.83 16.87
C GLU E 162 -45.34 -18.36 15.82
N LEU E 163 -44.20 -18.88 16.25
CA LEU E 163 -43.19 -19.44 15.36
C LEU E 163 -42.48 -20.57 16.09
N HIS E 164 -41.38 -21.05 15.51
CA HIS E 164 -40.59 -22.13 16.10
C HIS E 164 -39.14 -21.69 16.18
N LEU E 165 -38.48 -22.07 17.28
CA LEU E 165 -37.13 -21.63 17.58
C LEU E 165 -36.12 -22.75 17.35
N SER E 166 -34.89 -22.35 17.05
CA SER E 166 -33.79 -23.29 16.86
C SER E 166 -32.50 -22.61 17.31
N TRP E 167 -31.76 -23.27 18.21
CA TRP E 167 -30.59 -22.68 18.82
C TRP E 167 -29.40 -23.62 18.66
N GLU E 168 -28.21 -23.05 18.72
CA GLU E 168 -26.99 -23.77 18.34
C GLU E 168 -26.47 -24.60 19.50
N VAL E 169 -25.40 -25.36 19.22
CA VAL E 169 -24.83 -26.29 20.19
C VAL E 169 -23.79 -25.57 21.05
N GLY E 170 -23.79 -25.87 22.35
CA GLY E 170 -22.83 -25.33 23.27
C GLY E 170 -23.34 -24.16 24.10
N LYS E 171 -24.43 -23.53 23.69
CA LYS E 171 -25.01 -22.43 24.43
C LYS E 171 -26.44 -22.77 24.82
N PRO E 172 -26.79 -22.70 26.10
CA PRO E 172 -28.18 -22.91 26.49
C PRO E 172 -29.02 -21.69 26.15
N ARG E 173 -30.33 -21.89 26.20
CA ARG E 173 -31.27 -20.81 25.88
C ARG E 173 -31.74 -20.12 27.16
N PRO E 174 -31.48 -18.83 27.30
CA PRO E 174 -31.78 -18.14 28.55
C PRO E 174 -33.27 -18.01 28.78
N PRO E 175 -33.70 -17.68 30.00
CA PRO E 175 -35.13 -17.53 30.29
C PRO E 175 -35.82 -16.53 29.38
N LEU E 176 -36.74 -17.01 28.54
CA LEU E 176 -37.50 -16.15 27.63
C LEU E 176 -38.51 -15.36 28.46
N ASN E 177 -38.03 -14.26 29.02
CA ASN E 177 -38.78 -13.42 29.95
C ASN E 177 -39.12 -12.08 29.30
N ARG E 178 -40.07 -11.38 29.93
CA ARG E 178 -40.37 -10.01 29.58
C ARG E 178 -39.40 -9.02 30.21
N ASN E 179 -38.38 -9.53 30.90
CA ASN E 179 -37.38 -8.71 31.58
C ASN E 179 -36.25 -8.28 30.66
N TYR E 180 -35.78 -9.19 29.81
CA TYR E 180 -34.65 -8.93 28.91
C TYR E 180 -35.15 -9.05 27.48
N VAL E 181 -34.98 -7.98 26.71
CA VAL E 181 -35.51 -7.89 25.35
C VAL E 181 -34.52 -8.51 24.38
N PHE E 182 -35.01 -9.31 23.44
CA PHE E 182 -34.18 -9.86 22.38
C PHE E 182 -33.80 -8.75 21.39
N THR E 183 -33.06 -9.12 20.34
CA THR E 183 -32.71 -8.18 19.29
C THR E 183 -32.36 -8.96 18.04
N GLY E 184 -33.01 -8.63 16.92
CA GLY E 184 -32.84 -9.38 15.70
C GLY E 184 -32.39 -8.54 14.51
N TYR E 185 -31.87 -9.21 13.48
CA TYR E 185 -31.41 -8.53 12.26
C TYR E 185 -31.81 -9.37 11.05
N ARG E 186 -32.20 -8.69 9.97
CA ARG E 186 -32.73 -9.36 8.79
C ARG E 186 -31.62 -9.70 7.80
N VAL E 187 -31.67 -10.92 7.26
CA VAL E 187 -30.57 -11.44 6.46
C VAL E 187 -30.63 -10.88 5.04
N THR E 188 -29.45 -10.65 4.47
CA THR E 188 -29.29 -10.40 3.04
C THR E 188 -27.91 -10.87 2.63
N LYS E 189 -27.65 -10.83 1.31
CA LYS E 189 -26.42 -11.41 0.78
C LYS E 189 -25.17 -10.74 1.32
N ASN E 190 -25.25 -9.45 1.66
CA ASN E 190 -24.08 -8.69 2.08
C ASN E 190 -23.94 -8.60 3.60
N SER E 191 -25.00 -8.16 4.27
CA SER E 191 -24.95 -7.95 5.71
C SER E 191 -26.25 -8.49 6.31
N LYS E 192 -26.54 -8.11 7.55
CA LYS E 192 -27.79 -8.50 8.19
C LYS E 192 -28.06 -7.52 9.33
N VAL E 193 -29.12 -6.73 9.21
CA VAL E 193 -29.34 -5.59 10.10
C VAL E 193 -30.84 -5.28 10.17
N GLN E 194 -31.24 -4.55 11.23
CA GLN E 194 -32.52 -3.88 11.34
C GLN E 194 -33.73 -4.81 11.35
N ILE E 195 -33.94 -5.51 12.47
CA ILE E 195 -35.26 -6.07 12.77
C ILE E 195 -35.79 -5.43 14.05
N GLY E 196 -34.91 -5.13 15.00
CA GLY E 196 -35.26 -4.42 16.22
C GLY E 196 -35.14 -5.30 17.44
N GLU E 197 -35.72 -4.83 18.55
CA GLU E 197 -35.71 -5.53 19.82
C GLU E 197 -37.08 -6.14 20.09
N TYR E 198 -37.10 -7.43 20.43
CA TYR E 198 -38.32 -8.22 20.55
C TYR E 198 -38.30 -8.96 21.89
N THR E 199 -39.37 -9.71 22.18
CA THR E 199 -39.41 -10.46 23.43
C THR E 199 -40.10 -11.81 23.19
N PHE E 200 -39.37 -12.90 23.36
CA PHE E 200 -39.89 -14.23 23.04
C PHE E 200 -40.28 -14.97 24.31
N GLU E 201 -41.09 -16.02 24.12
CA GLU E 201 -41.41 -17.00 25.15
C GLU E 201 -42.07 -18.19 24.48
N LYS E 202 -42.20 -19.28 25.23
CA LYS E 202 -42.77 -20.51 24.70
C LYS E 202 -44.25 -20.33 24.31
N GLY E 203 -44.70 -21.11 23.34
CA GLY E 203 -46.09 -21.07 22.92
C GLY E 203 -46.71 -22.45 22.77
N ALA E 208 -44.14 -24.33 19.11
CA ALA E 208 -44.66 -22.97 18.98
C ALA E 208 -43.92 -22.01 19.91
N VAL E 209 -43.60 -20.82 19.40
CA VAL E 209 -42.93 -19.79 20.18
C VAL E 209 -43.68 -18.48 19.99
N VAL E 210 -44.21 -17.94 21.08
CA VAL E 210 -44.86 -16.62 21.05
C VAL E 210 -43.80 -15.54 21.04
N TYR E 211 -43.96 -14.56 20.15
CA TYR E 211 -43.06 -13.42 20.10
C TYR E 211 -43.84 -12.13 20.31
N ARG E 212 -43.20 -11.18 20.98
CA ARG E 212 -43.71 -9.84 21.20
C ARG E 212 -42.88 -8.92 20.30
N GLY E 213 -43.49 -8.48 19.21
CA GLY E 213 -42.78 -7.72 18.22
C GLY E 213 -42.90 -6.21 18.45
N THR E 214 -41.88 -5.50 17.98
CA THR E 214 -41.89 -4.04 18.04
C THR E 214 -42.98 -3.45 17.16
N THR E 215 -42.90 -3.70 15.85
CA THR E 215 -43.84 -3.15 14.89
C THR E 215 -44.08 -4.19 13.79
N THR E 216 -45.29 -4.17 13.23
CA THR E 216 -45.70 -5.20 12.28
C THR E 216 -44.82 -5.19 11.03
N TYR E 217 -44.30 -6.37 10.68
CA TYR E 217 -43.57 -6.57 9.44
C TYR E 217 -43.68 -8.05 9.07
N LYS E 218 -42.97 -8.44 8.01
CA LYS E 218 -42.95 -9.83 7.56
C LYS E 218 -41.85 -10.61 8.28
N LEU E 219 -42.17 -11.84 8.66
CA LEU E 219 -41.24 -12.71 9.34
C LEU E 219 -40.53 -13.57 8.31
N ASN E 220 -39.23 -13.30 8.09
CA ASN E 220 -38.46 -13.98 7.07
C ASN E 220 -37.88 -15.29 7.62
N VAL E 221 -36.95 -15.90 6.88
CA VAL E 221 -36.34 -17.16 7.24
C VAL E 221 -34.85 -16.94 7.50
N GLY E 222 -34.35 -17.49 8.60
CA GLY E 222 -32.94 -17.43 8.93
C GLY E 222 -32.50 -16.23 9.74
N ASP E 223 -33.40 -15.30 10.06
CA ASP E 223 -33.04 -14.17 10.89
C ASP E 223 -32.71 -14.63 12.30
N TYR E 224 -31.63 -14.10 12.86
CA TYR E 224 -31.27 -14.44 14.23
C TYR E 224 -31.73 -13.35 15.20
N PHE E 225 -32.11 -13.78 16.40
CA PHE E 225 -32.49 -12.86 17.48
C PHE E 225 -31.51 -13.08 18.61
N VAL E 226 -30.77 -12.02 18.98
CA VAL E 226 -29.65 -12.14 19.90
C VAL E 226 -29.79 -11.06 20.97
N LEU E 227 -29.40 -11.40 22.20
CA LEU E 227 -29.32 -10.42 23.29
C LEU E 227 -28.00 -9.65 23.13
N THR E 228 -28.06 -8.58 22.33
CA THR E 228 -26.88 -7.77 22.06
C THR E 228 -26.51 -6.93 23.28
N SER E 229 -25.28 -6.44 23.27
CA SER E 229 -24.73 -5.67 24.38
C SER E 229 -24.30 -4.29 23.92
N HIS E 230 -24.13 -3.40 24.89
CA HIS E 230 -23.69 -2.03 24.65
C HIS E 230 -22.18 -1.93 24.70
N THR E 231 -21.67 -0.70 24.79
CA THR E 231 -20.23 -0.43 24.86
C THR E 231 -19.99 0.50 26.07
N VAL E 232 -20.49 0.07 27.23
CA VAL E 232 -20.59 0.86 28.45
C VAL E 232 -19.29 1.62 28.73
N MET E 233 -19.43 2.85 29.26
CA MET E 233 -18.33 3.78 29.38
C MET E 233 -18.07 4.14 30.84
N PRO E 234 -16.88 4.67 31.17
CA PRO E 234 -16.59 5.02 32.57
C PRO E 234 -17.48 6.16 33.07
N LEU E 235 -17.56 6.25 34.39
CA LEU E 235 -18.35 7.23 35.11
C LEU E 235 -17.48 8.39 35.56
N SER E 236 -18.11 9.55 35.78
CA SER E 236 -17.39 10.75 36.17
C SER E 236 -17.84 11.27 37.54
N ALA E 237 -19.14 11.46 37.72
CA ALA E 237 -19.66 12.04 38.96
C ALA E 237 -20.14 10.92 39.90
N PRO E 238 -20.15 11.18 41.21
CA PRO E 238 -20.65 10.16 42.15
C PRO E 238 -22.17 10.04 42.10
N THR E 239 -22.72 9.23 43.01
CA THR E 239 -24.16 8.99 43.02
C THR E 239 -24.92 10.28 43.31
N LEU E 240 -24.48 11.03 44.32
CA LEU E 240 -25.10 12.30 44.67
C LEU E 240 -24.03 13.21 45.24
N VAL E 241 -24.40 14.46 45.50
CA VAL E 241 -23.46 15.48 45.94
C VAL E 241 -23.35 15.46 47.46
N PRO E 242 -22.21 15.85 48.04
CA PRO E 242 -22.18 16.14 49.47
C PRO E 242 -23.17 17.25 49.80
N GLN E 243 -24.05 16.99 50.75
CA GLN E 243 -25.31 17.72 50.77
C GLN E 243 -25.27 18.93 51.70
N GLU E 244 -26.39 19.65 51.75
CA GLU E 244 -26.39 21.05 52.13
C GLU E 244 -27.80 21.52 52.49
N HIS E 245 -27.90 22.46 53.43
CA HIS E 245 -29.13 23.21 53.65
C HIS E 245 -28.88 24.67 53.34
N TYR E 246 -29.76 25.25 52.52
CA TYR E 246 -29.61 26.65 52.12
C TYR E 246 -29.89 27.58 53.29
N VAL E 247 -29.24 28.75 53.25
CA VAL E 247 -29.60 29.83 54.17
C VAL E 247 -30.76 30.65 53.62
N ARG E 248 -30.93 30.65 52.30
CA ARG E 248 -31.94 31.45 51.62
C ARG E 248 -32.71 30.58 50.66
N ILE E 249 -33.73 31.12 49.99
CA ILE E 249 -34.34 30.44 48.85
C ILE E 249 -33.57 30.89 47.60
N THR E 250 -32.55 30.11 47.23
CA THR E 250 -31.55 30.55 46.27
C THR E 250 -31.87 30.07 44.86
N GLY E 251 -31.75 30.99 43.91
CA GLY E 251 -32.09 30.71 42.53
C GLY E 251 -33.57 30.44 42.35
N LEU E 252 -34.33 30.68 43.42
CA LEU E 252 -35.76 30.39 43.46
C LEU E 252 -36.46 31.52 44.21
N TYR E 253 -37.76 31.72 43.91
CA TYR E 253 -38.66 32.66 44.79
C TYR E 253 -40.18 32.24 45.05
N PRO E 254 -41.00 32.24 46.10
CA PRO E 254 -42.07 31.37 46.10
C PRO E 254 -43.06 31.88 45.09
N THR E 255 -44.13 31.13 44.97
CA THR E 255 -45.23 31.54 44.12
C THR E 255 -46.06 32.59 44.86
N LEU E 256 -47.21 32.95 44.28
CA LEU E 256 -48.10 33.95 44.84
C LEU E 256 -49.48 33.41 45.20
N ASN E 257 -49.93 32.34 44.56
CA ASN E 257 -51.26 31.79 44.76
C ASN E 257 -51.16 30.37 45.33
N ILE E 258 -52.32 29.74 45.50
CA ILE E 258 -52.42 28.38 46.01
C ILE E 258 -53.24 27.55 45.02
N SER E 259 -52.77 26.34 44.73
CA SER E 259 -53.39 25.46 43.75
C SER E 259 -54.21 24.38 44.43
N ASP E 260 -55.39 24.10 43.87
CA ASP E 260 -56.31 23.16 44.49
C ASP E 260 -55.72 21.76 44.56
N GLU E 261 -55.26 21.25 43.41
CA GLU E 261 -54.72 19.89 43.39
C GLU E 261 -53.38 19.83 44.11
N PHE E 262 -52.72 20.97 44.27
CA PHE E 262 -51.43 21.04 44.91
C PHE E 262 -51.49 21.82 46.22
N SER E 263 -52.67 21.88 46.83
CA SER E 263 -52.80 22.38 48.20
C SER E 263 -52.39 21.34 49.24
N SER E 264 -52.44 20.06 48.88
CA SER E 264 -52.00 18.99 49.77
C SER E 264 -50.49 18.88 49.88
N ASN E 265 -49.74 19.65 49.09
CA ASN E 265 -48.29 19.56 49.07
C ASN E 265 -47.61 20.90 49.34
N VAL E 266 -48.33 21.89 49.88
CA VAL E 266 -47.72 23.20 50.12
C VAL E 266 -46.63 23.10 51.18
N ALA E 267 -46.82 22.22 52.17
CA ALA E 267 -45.79 21.99 53.18
C ALA E 267 -44.55 21.31 52.59
N ASN E 268 -44.67 20.74 51.40
CA ASN E 268 -43.55 20.07 50.73
C ASN E 268 -42.78 21.02 49.82
N TYR E 269 -43.22 22.27 49.69
CA TYR E 269 -42.55 23.21 48.80
C TYR E 269 -41.29 23.77 49.45
N GLN E 270 -41.44 24.32 50.66
CA GLN E 270 -40.32 24.97 51.34
C GLN E 270 -39.23 23.97 51.72
N LYS E 271 -39.62 22.76 52.11
CA LYS E 271 -38.73 21.84 52.80
C LYS E 271 -37.55 21.40 51.94
N VAL E 272 -37.68 21.45 50.61
CA VAL E 272 -36.59 21.09 49.71
C VAL E 272 -36.10 22.27 48.90
N GLY E 273 -36.86 23.36 48.81
CA GLY E 273 -36.35 24.56 48.18
C GLY E 273 -35.10 25.11 48.82
N MET E 274 -34.69 24.57 49.96
CA MET E 274 -33.51 25.02 50.69
C MET E 274 -32.47 23.91 50.85
N GLN E 275 -32.53 22.90 49.98
CA GLN E 275 -31.54 21.84 49.95
C GLN E 275 -31.52 21.25 48.55
N LYS E 276 -30.62 20.30 48.31
CA LYS E 276 -30.58 19.66 46.99
C LYS E 276 -31.57 18.51 46.86
N TYR E 277 -31.41 17.44 47.64
CA TYR E 277 -32.17 16.23 47.36
C TYR E 277 -33.55 16.25 48.01
N SER E 278 -34.38 15.29 47.61
CA SER E 278 -35.69 15.03 48.19
C SER E 278 -35.75 13.52 48.48
N THR E 279 -35.49 13.13 49.72
CA THR E 279 -35.61 11.73 50.10
C THR E 279 -37.08 11.35 50.17
N LEU E 280 -37.58 10.72 49.12
CA LEU E 280 -38.98 10.32 49.01
C LEU E 280 -39.21 8.95 49.62
N GLN E 281 -40.23 8.86 50.48
CA GLN E 281 -40.89 7.61 50.82
C GLN E 281 -42.33 7.71 50.34
N GLY E 282 -42.60 7.18 49.15
CA GLY E 282 -43.93 7.24 48.60
C GLY E 282 -44.36 5.92 48.01
N PRO E 283 -45.39 5.31 48.60
CA PRO E 283 -45.93 4.08 48.01
C PRO E 283 -46.57 4.36 46.66
N PRO E 284 -46.46 3.41 45.73
CA PRO E 284 -47.26 3.46 44.50
C PRO E 284 -48.68 3.94 44.71
N GLY E 285 -48.99 5.06 44.06
CA GLY E 285 -50.31 5.64 44.13
C GLY E 285 -50.60 6.40 45.40
N THR E 286 -49.78 7.40 45.71
CA THR E 286 -50.04 8.30 46.82
C THR E 286 -49.96 9.75 46.37
N GLY E 287 -50.22 10.00 45.09
CA GLY E 287 -49.90 11.28 44.49
C GLY E 287 -48.44 11.30 44.11
N LYS E 288 -47.96 10.16 43.60
CA LYS E 288 -46.54 9.97 43.34
C LYS E 288 -46.04 10.94 42.27
N SER E 289 -46.80 11.10 41.19
CA SER E 289 -46.41 11.94 40.08
C SER E 289 -47.16 13.26 40.02
N HIS E 290 -48.24 13.42 40.79
CA HIS E 290 -48.99 14.68 40.77
C HIS E 290 -48.14 15.85 41.25
N PHE E 291 -47.15 15.59 42.12
CA PHE E 291 -46.25 16.65 42.51
C PHE E 291 -45.21 16.95 41.42
N ALA E 292 -44.95 16.00 40.53
CA ALA E 292 -44.06 16.25 39.40
C ALA E 292 -44.62 17.33 38.49
N ILE E 293 -45.94 17.45 38.40
CA ILE E 293 -46.55 18.57 37.69
C ILE E 293 -46.89 19.70 38.66
N GLY E 294 -47.06 19.40 39.95
CA GLY E 294 -47.34 20.42 40.94
C GLY E 294 -46.13 21.28 41.28
N LEU E 295 -45.03 20.63 41.66
CA LEU E 295 -43.80 21.35 41.94
C LEU E 295 -43.21 21.98 40.67
N ALA E 296 -43.60 21.47 39.50
CA ALA E 296 -43.21 22.06 38.24
C ALA E 296 -43.70 23.49 38.11
N LEU E 297 -45.01 23.69 38.34
CA LEU E 297 -45.56 25.05 38.36
C LEU E 297 -45.38 25.75 39.70
N TYR E 298 -44.55 25.24 40.62
CA TYR E 298 -44.14 26.06 41.77
C TYR E 298 -43.56 27.38 41.29
N TYR E 299 -42.72 27.33 40.28
CA TYR E 299 -42.24 28.53 39.59
C TYR E 299 -41.99 28.14 38.15
N PRO E 300 -42.87 28.55 37.23
CA PRO E 300 -42.73 28.11 35.83
C PRO E 300 -41.48 28.64 35.15
N SER E 301 -40.81 29.64 35.72
CA SER E 301 -39.54 30.11 35.16
C SER E 301 -38.39 29.17 35.47
N ALA E 302 -38.54 28.29 36.45
CA ALA E 302 -37.47 27.38 36.82
C ALA E 302 -37.31 26.27 35.78
N ARG E 303 -36.10 25.77 35.68
CA ARG E 303 -35.76 24.73 34.70
C ARG E 303 -35.87 23.38 35.39
N ILE E 304 -36.86 22.58 34.99
CA ILE E 304 -37.13 21.29 35.61
C ILE E 304 -36.65 20.19 34.66
N VAL E 305 -36.00 19.18 35.23
CA VAL E 305 -35.42 18.08 34.46
C VAL E 305 -36.16 16.80 34.83
N TYR E 306 -36.85 16.21 33.85
CA TYR E 306 -37.53 14.94 34.05
C TYR E 306 -36.56 13.81 33.73
N THR E 307 -36.48 12.82 34.62
CA THR E 307 -35.81 11.57 34.34
C THR E 307 -36.84 10.44 34.32
N ALA E 308 -36.42 9.30 33.75
CA ALA E 308 -37.31 8.15 33.67
C ALA E 308 -36.50 6.86 33.73
N CYS E 309 -37.12 5.82 34.29
CA CYS E 309 -36.52 4.49 34.27
C CYS E 309 -36.60 3.87 32.88
N SER E 310 -37.78 3.96 32.26
CA SER E 310 -38.01 3.49 30.90
C SER E 310 -38.91 4.52 30.20
N HIS E 311 -39.20 4.27 28.92
CA HIS E 311 -40.10 5.16 28.20
C HIS E 311 -41.51 5.10 28.77
N ALA E 312 -41.89 3.98 29.39
CA ALA E 312 -43.16 3.91 30.11
C ALA E 312 -43.19 4.83 31.32
N ALA E 313 -42.06 5.01 32.00
CA ALA E 313 -42.00 5.92 33.14
C ALA E 313 -42.14 7.37 32.71
N VAL E 314 -41.46 7.78 31.63
CA VAL E 314 -41.67 9.11 31.10
C VAL E 314 -43.06 9.26 30.49
N ASP E 315 -43.70 8.14 30.11
CA ASP E 315 -45.09 8.23 29.65
C ASP E 315 -46.04 8.50 30.81
N ALA E 316 -45.86 7.79 31.93
CA ALA E 316 -46.63 8.11 33.13
C ALA E 316 -46.34 9.52 33.62
N LEU E 317 -45.12 10.00 33.38
CA LEU E 317 -44.79 11.41 33.62
C LEU E 317 -45.41 12.33 32.57
N CYS E 318 -45.84 11.77 31.43
CA CYS E 318 -46.39 12.51 30.31
C CYS E 318 -47.90 12.39 30.21
N GLU E 319 -48.46 11.26 30.63
CA GLU E 319 -49.87 10.95 30.38
C GLU E 319 -50.81 11.85 31.17
N LYS E 320 -50.26 12.78 31.94
CA LYS E 320 -51.04 13.85 32.56
C LYS E 320 -50.42 15.22 32.30
N ALA E 321 -49.42 15.31 31.44
CA ALA E 321 -48.82 16.57 31.05
C ALA E 321 -49.49 17.20 29.85
N LEU E 322 -50.52 16.57 29.31
CA LEU E 322 -51.26 17.11 28.17
C LEU E 322 -52.36 18.08 28.58
N LYS E 323 -52.63 18.24 29.88
CA LYS E 323 -53.72 19.08 30.36
C LYS E 323 -53.24 20.32 31.09
N TYR E 324 -52.39 20.17 32.11
CA TYR E 324 -51.91 21.29 32.90
C TYR E 324 -50.71 22.00 32.28
N LEU E 325 -50.06 21.41 31.29
CA LEU E 325 -48.79 21.93 30.76
C LEU E 325 -48.97 22.43 29.34
N PRO E 326 -48.98 23.74 29.11
CA PRO E 326 -48.88 24.25 27.74
C PRO E 326 -47.55 23.84 27.12
N ILE E 327 -47.57 23.49 25.84
CA ILE E 327 -46.43 22.86 25.20
C ILE E 327 -45.62 23.91 24.44
N ASP E 328 -45.73 25.17 24.88
CA ASP E 328 -44.97 26.25 24.26
C ASP E 328 -43.48 25.92 24.18
N LYS E 329 -42.92 25.36 25.25
CA LYS E 329 -41.52 24.97 25.20
C LYS E 329 -41.26 23.77 26.13
N CYS E 330 -41.36 22.57 25.59
CA CYS E 330 -41.07 21.33 26.30
C CYS E 330 -40.79 20.23 25.31
N SER E 331 -40.13 19.17 25.75
CA SER E 331 -39.71 18.12 24.84
C SER E 331 -39.34 16.85 25.60
N ARG E 332 -39.13 15.78 24.84
CA ARG E 332 -38.58 14.55 25.37
C ARG E 332 -37.51 14.05 24.40
N ILE E 333 -36.57 13.27 24.93
CA ILE E 333 -35.41 12.79 24.19
C ILE E 333 -35.66 11.36 23.72
N ILE E 334 -35.39 11.11 22.45
CA ILE E 334 -35.44 9.75 21.91
C ILE E 334 -34.28 9.58 20.94
N PRO E 335 -33.53 8.48 21.03
CA PRO E 335 -32.45 8.25 20.08
C PRO E 335 -32.94 7.50 18.84
N ALA E 336 -32.12 7.57 17.79
CA ALA E 336 -32.42 6.88 16.54
C ALA E 336 -32.36 5.37 16.73
N VAL E 340 -37.64 4.39 19.94
CA VAL E 340 -38.46 3.55 19.07
C VAL E 340 -39.94 3.65 19.45
N GLU E 341 -40.58 2.49 19.62
CA GLU E 341 -42.01 2.43 19.90
C GLU E 341 -42.35 3.02 21.26
N CYS E 342 -42.99 4.19 21.26
CA CYS E 342 -43.44 4.84 22.48
C CYS E 342 -44.24 6.10 22.18
N PHE E 343 -44.78 6.73 23.22
CA PHE E 343 -45.32 8.07 23.08
C PHE E 343 -44.20 9.06 22.76
N ASP E 344 -44.46 9.94 21.78
CA ASP E 344 -43.66 11.14 21.57
C ASP E 344 -44.66 12.29 21.44
N LYS E 345 -45.07 12.85 22.58
CA LYS E 345 -46.09 13.88 22.63
C LYS E 345 -45.49 15.28 22.67
N PHE E 346 -44.17 15.42 22.69
CA PHE E 346 -43.53 16.72 22.82
C PHE E 346 -42.48 16.84 21.73
N LYS E 347 -41.64 17.87 21.82
CA LYS E 347 -40.64 18.13 20.79
C LYS E 347 -39.57 17.05 20.78
N VAL E 348 -39.05 16.76 19.59
CA VAL E 348 -37.92 15.85 19.43
C VAL E 348 -36.69 16.69 19.17
N ASN E 349 -35.52 16.15 19.51
CA ASN E 349 -34.21 16.80 19.33
C ASN E 349 -34.21 18.26 19.77
N SER E 350 -34.97 18.55 20.83
CA SER E 350 -34.94 19.84 21.51
C SER E 350 -34.50 19.59 22.94
N THR E 351 -33.39 20.22 23.34
CA THR E 351 -32.72 19.87 24.59
C THR E 351 -32.73 21.00 25.61
N LEU E 352 -32.22 22.18 25.26
CA LEU E 352 -32.10 23.29 26.21
C LEU E 352 -33.39 24.09 26.17
N GLU E 353 -34.26 23.86 27.16
CA GLU E 353 -35.58 24.47 27.14
C GLU E 353 -36.14 24.66 28.55
N GLN E 354 -37.44 24.92 28.65
CA GLN E 354 -38.15 25.06 29.91
C GLN E 354 -38.34 23.73 30.63
N TYR E 355 -38.78 22.69 29.92
CA TYR E 355 -39.04 21.38 30.51
C TYR E 355 -38.49 20.32 29.58
N VAL E 356 -37.68 19.42 30.12
CA VAL E 356 -37.02 18.38 29.33
C VAL E 356 -37.39 17.02 29.91
N PHE E 357 -38.38 16.36 29.31
CA PHE E 357 -38.65 14.96 29.61
C PHE E 357 -37.50 14.13 29.03
N CYS E 358 -37.10 13.09 29.76
CA CYS E 358 -35.96 12.33 29.27
C CYS E 358 -35.88 10.98 29.97
N THR E 359 -35.42 9.98 29.22
CA THR E 359 -34.92 8.73 29.78
C THR E 359 -33.39 8.81 29.84
N VAL E 360 -32.82 8.37 30.95
CA VAL E 360 -31.41 8.60 31.28
C VAL E 360 -30.48 8.04 30.20
N ASN E 361 -30.99 7.16 29.35
CA ASN E 361 -30.15 6.50 28.35
C ASN E 361 -29.57 7.47 27.33
N ALA E 362 -30.21 8.61 27.08
CA ALA E 362 -29.73 9.52 26.04
C ALA E 362 -29.83 10.98 26.45
N LEU E 363 -29.66 11.26 27.74
CA LEU E 363 -29.78 12.64 28.23
C LEU E 363 -28.56 13.47 27.82
N PRO E 364 -28.78 14.69 27.32
CA PRO E 364 -27.64 15.56 26.97
C PRO E 364 -27.00 16.20 28.20
N GLU E 365 -26.04 17.09 27.97
CA GLU E 365 -25.30 17.74 29.05
C GLU E 365 -25.73 19.20 29.13
N THR E 366 -26.33 19.58 30.25
CA THR E 366 -26.70 20.98 30.48
C THR E 366 -26.67 21.23 32.00
N THR E 367 -27.18 22.37 32.41
CA THR E 367 -27.34 22.71 33.83
C THR E 367 -28.69 23.38 34.02
N ALA E 368 -29.42 22.94 35.03
CA ALA E 368 -30.78 23.43 35.25
C ALA E 368 -31.06 23.66 36.72
N ASP E 369 -32.34 23.80 37.08
CA ASP E 369 -32.73 24.14 38.44
C ASP E 369 -33.37 22.96 39.16
N ILE E 370 -34.44 22.41 38.61
CA ILE E 370 -35.18 21.33 39.23
C ILE E 370 -34.75 20.02 38.57
N VAL E 371 -34.88 18.91 39.30
CA VAL E 371 -34.68 17.57 38.75
C VAL E 371 -35.75 16.67 39.36
N VAL E 372 -36.77 16.33 38.59
CA VAL E 372 -37.83 15.43 39.05
C VAL E 372 -37.42 14.00 38.67
N PHE E 373 -36.94 13.26 39.66
CA PHE E 373 -36.50 11.89 39.45
C PHE E 373 -37.70 10.96 39.27
N ASP E 374 -37.46 9.82 38.62
CA ASP E 374 -38.49 8.80 38.47
C ASP E 374 -38.14 7.60 39.35
N GLU E 375 -39.16 6.84 39.74
CA GLU E 375 -39.14 5.97 40.92
C GLU E 375 -37.78 5.31 41.12
N ILE E 376 -37.26 5.43 42.36
CA ILE E 376 -35.87 5.15 42.65
C ILE E 376 -35.55 3.66 42.69
N SER E 377 -36.55 2.79 42.89
CA SER E 377 -36.27 1.38 43.11
C SER E 377 -35.57 0.76 41.90
N MET E 378 -36.04 1.07 40.70
CA MET E 378 -35.40 0.52 39.50
C MET E 378 -33.95 0.98 39.35
N ALA E 379 -33.66 2.22 39.77
CA ALA E 379 -32.33 2.76 39.54
C ALA E 379 -31.29 2.06 40.40
N THR E 380 -30.21 1.60 39.77
CA THR E 380 -29.04 1.15 40.49
C THR E 380 -28.06 2.30 40.65
N ASN E 381 -26.89 1.99 41.19
CA ASN E 381 -25.87 3.02 41.40
C ASN E 381 -25.38 3.63 40.09
N TYR E 382 -25.34 2.86 39.01
CA TYR E 382 -24.90 3.37 37.72
C TYR E 382 -25.83 4.46 37.17
N ASP E 383 -27.08 4.10 36.88
CA ASP E 383 -27.94 4.97 36.09
C ASP E 383 -28.39 6.19 36.87
N LEU E 384 -28.56 6.07 38.19
CA LEU E 384 -28.88 7.25 38.99
C LEU E 384 -27.76 8.27 38.94
N SER E 385 -26.51 7.80 38.97
CA SER E 385 -25.36 8.69 38.92
C SER E 385 -25.13 9.27 37.54
N VAL E 386 -25.59 8.59 36.49
CA VAL E 386 -25.41 9.12 35.13
C VAL E 386 -26.02 10.53 35.01
N VAL E 387 -27.16 10.75 35.66
CA VAL E 387 -27.86 12.03 35.54
C VAL E 387 -26.95 13.17 35.97
N ASN E 388 -26.50 13.16 37.22
CA ASN E 388 -25.58 14.19 37.68
C ASN E 388 -24.22 14.09 37.01
N ALA E 389 -23.90 12.96 36.37
CA ALA E 389 -22.66 12.86 35.62
C ALA E 389 -22.70 13.64 34.32
N ARG E 390 -23.88 13.87 33.75
CA ARG E 390 -23.99 14.68 32.54
C ARG E 390 -24.71 15.99 32.73
N LEU E 391 -25.75 16.04 33.56
CA LEU E 391 -26.50 17.27 33.82
C LEU E 391 -26.41 17.57 35.31
N ARG E 392 -25.59 18.55 35.67
CA ARG E 392 -25.27 18.81 37.08
C ARG E 392 -26.12 19.97 37.60
N ALA E 393 -27.41 19.69 37.79
CA ALA E 393 -28.28 20.62 38.48
C ALA E 393 -27.90 20.66 39.96
N LYS E 394 -28.33 21.70 40.67
CA LYS E 394 -27.88 21.89 42.04
C LYS E 394 -29.04 21.99 43.03
N HIS E 395 -30.17 21.38 42.73
CA HIS E 395 -31.09 20.88 43.74
C HIS E 395 -32.05 19.93 43.06
N TYR E 396 -32.41 18.86 43.76
CA TYR E 396 -32.96 17.67 43.13
C TYR E 396 -34.29 17.28 43.76
N VAL E 397 -34.96 16.34 43.10
CA VAL E 397 -36.05 15.57 43.67
C VAL E 397 -35.74 14.11 43.38
N TYR E 398 -36.27 13.21 44.21
CA TYR E 398 -35.97 11.79 44.11
C TYR E 398 -37.24 10.97 44.24
N ILE E 399 -38.25 11.33 43.43
CA ILE E 399 -39.54 10.63 43.45
C ILE E 399 -39.33 9.13 43.35
N GLY E 400 -40.03 8.40 44.23
CA GLY E 400 -39.97 6.95 44.25
C GLY E 400 -39.77 6.42 45.66
N ASP E 401 -39.66 5.10 45.75
CA ASP E 401 -39.51 4.43 47.04
C ASP E 401 -38.94 3.05 46.80
N PRO E 402 -38.21 2.49 47.76
CA PRO E 402 -37.88 1.06 47.71
C PRO E 402 -39.08 0.17 48.01
N ALA E 403 -40.27 0.78 48.08
CA ALA E 403 -41.48 0.04 48.41
C ALA E 403 -41.91 -0.93 47.31
N GLN E 404 -41.28 -0.88 46.14
CA GLN E 404 -41.65 -1.73 45.02
C GLN E 404 -40.40 -2.46 44.51
N LEU E 405 -40.54 -3.15 43.39
CA LEU E 405 -39.43 -3.95 42.87
C LEU E 405 -38.35 -3.04 42.26
N PRO E 406 -37.10 -3.47 42.28
CA PRO E 406 -36.04 -2.76 41.56
C PRO E 406 -35.96 -3.19 40.12
N ALA E 407 -34.95 -2.73 39.40
CA ALA E 407 -34.56 -3.39 38.17
C ALA E 407 -33.93 -4.75 38.51
N PRO E 408 -34.46 -5.83 37.95
CA PRO E 408 -34.04 -7.16 38.40
C PRO E 408 -32.59 -7.47 38.03
N ARG E 409 -32.01 -8.40 38.80
CA ARG E 409 -30.65 -8.87 38.60
C ARG E 409 -30.69 -10.29 38.06
N THR E 410 -29.81 -10.58 37.10
CA THR E 410 -29.90 -11.81 36.33
C THR E 410 -29.52 -13.05 37.14
N LEU E 411 -28.27 -13.12 37.59
CA LEU E 411 -27.74 -14.31 38.24
C LEU E 411 -27.72 -14.17 39.76
N LEU E 412 -28.64 -13.39 40.33
CA LEU E 412 -28.79 -13.33 41.78
C LEU E 412 -29.49 -14.58 42.28
N THR E 413 -28.71 -15.58 42.73
CA THR E 413 -29.25 -16.88 43.12
C THR E 413 -29.26 -17.08 44.63
N LYS E 414 -28.10 -16.96 45.27
CA LYS E 414 -28.06 -16.98 46.73
C LYS E 414 -28.77 -15.74 47.26
N GLY E 415 -29.11 -15.76 48.55
CA GLY E 415 -30.13 -14.90 49.13
C GLY E 415 -30.28 -13.52 48.54
N THR E 416 -31.51 -13.20 48.15
CA THR E 416 -31.81 -12.05 47.31
C THR E 416 -31.49 -10.75 48.04
N LEU E 417 -31.15 -9.72 47.25
CA LEU E 417 -30.78 -8.41 47.78
C LEU E 417 -31.86 -7.88 48.72
N GLU E 418 -31.41 -7.25 49.81
CA GLU E 418 -32.25 -6.78 50.89
C GLU E 418 -32.96 -5.49 50.50
N PRO E 419 -34.09 -5.18 51.15
CA PRO E 419 -34.85 -3.98 50.79
C PRO E 419 -34.19 -2.67 51.19
N GLU E 420 -33.01 -2.70 51.81
CA GLU E 420 -32.30 -1.47 52.11
C GLU E 420 -31.26 -1.14 51.05
N TYR E 421 -30.50 -2.13 50.61
CA TYR E 421 -29.32 -1.89 49.77
C TYR E 421 -29.66 -1.89 48.28
N PHE E 422 -30.69 -1.13 47.89
CA PHE E 422 -30.96 -0.97 46.47
C PHE E 422 -29.88 -0.10 45.83
N ASN E 423 -29.78 1.15 46.29
CA ASN E 423 -28.76 2.08 45.81
C ASN E 423 -28.41 3.06 46.93
N SER E 424 -27.80 4.18 46.56
CA SER E 424 -27.26 5.13 47.54
C SER E 424 -28.34 5.83 48.34
N VAL E 425 -29.23 6.55 47.64
CA VAL E 425 -30.26 7.36 48.28
C VAL E 425 -31.23 6.46 49.04
N CYS E 426 -31.36 5.22 48.58
CA CYS E 426 -32.33 4.30 49.17
C CYS E 426 -32.08 4.03 50.65
N ARG E 427 -30.82 4.01 51.05
CA ARG E 427 -30.46 3.57 52.40
C ARG E 427 -30.75 4.60 53.48
N LEU E 428 -30.75 5.89 53.15
CA LEU E 428 -30.84 6.94 54.16
C LEU E 428 -32.27 7.35 54.48
N MET E 429 -33.27 6.56 54.04
CA MET E 429 -34.61 6.70 54.57
C MET E 429 -34.79 5.92 55.86
N LYS E 430 -34.04 4.83 56.02
CA LYS E 430 -34.01 4.04 57.26
C LYS E 430 -32.66 4.12 57.94
N THR E 431 -31.81 5.07 57.54
CA THR E 431 -30.55 5.40 58.19
C THR E 431 -30.52 6.83 58.72
N ILE E 432 -31.03 7.79 57.95
CA ILE E 432 -31.17 9.17 58.39
C ILE E 432 -32.65 9.51 58.50
N GLY E 433 -33.43 9.07 57.51
CA GLY E 433 -34.86 9.28 57.54
C GLY E 433 -35.38 10.02 56.33
N PRO E 434 -36.69 9.91 56.09
CA PRO E 434 -37.29 10.63 54.96
C PRO E 434 -37.87 11.97 55.36
N ASP E 435 -37.99 12.88 54.40
CA ASP E 435 -38.71 14.13 54.60
C ASP E 435 -39.93 14.26 53.71
N MET E 436 -40.08 13.37 52.73
CA MET E 436 -41.04 13.55 51.66
C MET E 436 -42.11 12.47 51.69
N PHE E 437 -43.38 12.90 51.79
CA PHE E 437 -44.54 12.03 51.61
C PHE E 437 -45.84 12.82 51.58
N LEU E 438 -46.79 12.38 50.77
CA LEU E 438 -48.13 12.94 50.73
C LEU E 438 -49.00 12.20 51.73
N GLY E 439 -49.63 12.95 52.64
CA GLY E 439 -50.48 12.34 53.64
C GLY E 439 -51.78 11.80 53.08
N THR E 440 -51.91 11.79 51.75
CA THR E 440 -53.08 11.26 51.06
C THR E 440 -52.63 10.32 49.96
N CYS E 441 -53.36 9.23 49.77
CA CYS E 441 -53.14 8.29 48.68
C CYS E 441 -54.23 8.49 47.62
N ARG E 442 -54.18 7.69 46.57
CA ARG E 442 -55.03 7.95 45.40
C ARG E 442 -55.89 6.79 44.95
N ARG E 443 -55.56 5.54 45.27
CA ARG E 443 -56.37 4.40 44.87
C ARG E 443 -56.90 3.60 46.06
N CYS E 444 -56.20 3.62 47.16
CA CYS E 444 -56.27 2.58 48.17
C CYS E 444 -57.50 2.70 49.07
N PRO E 445 -58.37 1.68 49.12
CA PRO E 445 -59.38 1.62 50.19
C PRO E 445 -58.78 1.21 51.52
N ALA E 446 -59.61 0.96 52.52
CA ALA E 446 -59.10 0.64 53.85
C ALA E 446 -58.38 -0.70 53.88
N GLU E 447 -58.69 -1.61 52.95
CA GLU E 447 -58.07 -2.93 52.95
C GLU E 447 -56.59 -2.90 52.62
N ILE E 448 -56.11 -1.87 51.93
CA ILE E 448 -54.78 -1.89 51.32
C ILE E 448 -53.82 -0.96 52.05
N VAL E 449 -54.22 -0.38 53.18
CA VAL E 449 -53.38 0.63 53.82
C VAL E 449 -52.96 0.25 55.23
N ASP E 450 -53.90 -0.08 56.11
CA ASP E 450 -53.58 -0.14 57.53
C ASP E 450 -52.79 -1.39 57.88
N THR E 451 -53.20 -2.55 57.36
CA THR E 451 -52.47 -3.77 57.67
C THR E 451 -51.15 -3.86 56.90
N VAL E 452 -51.06 -3.16 55.77
CA VAL E 452 -49.80 -3.06 55.04
C VAL E 452 -48.80 -2.19 55.80
N SER E 453 -49.27 -1.43 56.78
CA SER E 453 -48.39 -0.54 57.52
C SER E 453 -47.43 -1.28 58.45
N ALA E 454 -47.83 -2.45 58.98
CA ALA E 454 -46.92 -3.25 59.80
C ALA E 454 -45.77 -3.82 58.99
N LEU E 455 -45.84 -3.67 57.68
CA LEU E 455 -44.77 -3.94 56.73
C LEU E 455 -43.87 -2.71 56.70
N VAL E 456 -43.12 -2.51 55.62
CA VAL E 456 -42.09 -1.48 55.59
C VAL E 456 -42.73 -0.14 55.23
N TYR E 457 -44.04 -0.04 55.42
CA TYR E 457 -44.79 1.20 55.21
C TYR E 457 -44.91 2.05 56.47
N ASP E 458 -44.19 1.69 57.54
CA ASP E 458 -43.83 2.58 58.65
C ASP E 458 -45.00 2.98 59.54
N ASN E 459 -46.14 2.30 59.46
CA ASN E 459 -47.34 2.70 60.21
C ASN E 459 -47.68 4.16 59.95
N LYS E 460 -47.82 4.49 58.67
CA LYS E 460 -47.75 5.87 58.20
C LYS E 460 -48.93 6.32 57.35
N LEU E 461 -49.58 5.42 56.62
CA LEU E 461 -50.55 5.80 55.60
C LEU E 461 -51.97 5.49 56.02
N LYS E 462 -52.89 6.38 55.65
CA LYS E 462 -54.31 6.21 55.84
C LYS E 462 -54.95 5.67 54.56
N ALA E 463 -56.28 5.56 54.58
CA ALA E 463 -57.03 5.18 53.40
C ALA E 463 -57.52 6.42 52.65
N HIS E 464 -57.76 6.27 51.36
CA HIS E 464 -58.26 7.36 50.54
C HIS E 464 -59.77 7.49 50.75
N LYS E 465 -60.50 6.48 50.30
CA LYS E 465 -61.90 6.27 50.64
C LYS E 465 -62.01 4.96 51.41
N ASP E 466 -63.12 4.81 52.14
CA ASP E 466 -63.17 3.78 53.17
C ASP E 466 -63.35 2.38 52.60
N LYS E 467 -63.62 1.43 53.50
CA LYS E 467 -63.47 0.01 53.23
C LYS E 467 -64.45 -0.49 52.18
N SER E 468 -64.00 -1.49 51.41
CA SER E 468 -64.82 -2.15 50.41
C SER E 468 -65.26 -3.55 50.80
N ALA E 469 -64.50 -4.22 51.67
CA ALA E 469 -64.80 -5.59 52.12
C ALA E 469 -64.96 -6.53 50.93
N GLN E 470 -64.09 -6.37 49.93
CA GLN E 470 -64.26 -7.10 48.68
C GLN E 470 -62.98 -7.77 48.17
N CYS E 471 -61.81 -7.45 48.72
CA CYS E 471 -60.59 -8.11 48.29
C CYS E 471 -60.52 -9.53 48.87
N PHE E 472 -60.34 -10.51 48.00
CA PHE E 472 -60.54 -11.92 48.33
C PHE E 472 -59.27 -12.56 48.90
N LYS E 473 -59.46 -13.72 49.52
CA LYS E 473 -58.38 -14.48 50.12
C LYS E 473 -58.66 -15.96 49.94
N MET E 474 -57.59 -16.75 49.84
N MET E 474 -57.58 -16.75 49.82
CA MET E 474 -57.67 -18.17 49.58
CA MET E 474 -57.70 -18.18 49.59
C MET E 474 -57.13 -18.98 50.77
C MET E 474 -57.12 -18.97 50.75
N PHE E 475 -57.21 -20.30 50.66
CA PHE E 475 -56.62 -21.20 51.66
C PHE E 475 -56.28 -22.49 50.92
N TYR E 476 -55.03 -22.61 50.48
CA TYR E 476 -54.61 -23.79 49.73
C TYR E 476 -53.09 -23.93 49.75
N LYS E 477 -52.56 -24.89 49.00
CA LYS E 477 -51.12 -25.15 48.99
C LYS E 477 -50.55 -25.14 47.58
N GLY E 478 -51.30 -25.65 46.61
CA GLY E 478 -50.91 -25.55 45.21
C GLY E 478 -50.01 -26.69 44.77
N VAL E 479 -50.15 -27.08 43.51
CA VAL E 479 -49.33 -28.12 42.88
C VAL E 479 -48.70 -27.54 41.63
N ILE E 480 -47.39 -27.75 41.48
CA ILE E 480 -46.61 -27.07 40.45
C ILE E 480 -45.73 -28.06 39.71
N THR E 481 -45.67 -27.92 38.39
CA THR E 481 -44.65 -28.55 37.56
C THR E 481 -44.03 -27.46 36.69
N HIS E 482 -42.72 -27.27 36.81
CA HIS E 482 -42.08 -26.05 36.35
C HIS E 482 -41.17 -26.29 35.14
N ASP E 483 -41.09 -25.27 34.30
CA ASP E 483 -40.21 -25.24 33.13
C ASP E 483 -38.86 -24.64 33.51
N VAL E 484 -38.08 -24.23 32.52
CA VAL E 484 -36.68 -23.85 32.74
C VAL E 484 -36.55 -22.73 33.78
N SER E 485 -37.38 -21.70 33.70
CA SER E 485 -37.38 -20.66 34.72
C SER E 485 -38.78 -20.16 35.01
N SER E 486 -39.79 -20.92 34.59
CA SER E 486 -41.19 -20.57 34.78
C SER E 486 -41.92 -21.74 35.43
N ALA E 487 -43.10 -21.44 35.97
CA ALA E 487 -43.88 -22.45 36.67
C ALA E 487 -45.36 -22.10 36.66
N ILE E 488 -46.19 -23.01 36.18
CA ILE E 488 -47.63 -22.80 36.08
C ILE E 488 -48.33 -23.76 37.04
N ASN E 489 -49.44 -23.30 37.60
CA ASN E 489 -50.24 -24.11 38.51
C ASN E 489 -51.45 -24.65 37.75
N ARG E 490 -51.50 -25.96 37.56
CA ARG E 490 -52.74 -26.56 37.06
C ARG E 490 -53.87 -26.37 38.07
N PRO E 491 -53.72 -26.74 39.36
CA PRO E 491 -54.85 -26.61 40.28
C PRO E 491 -55.14 -25.17 40.69
N GLN E 492 -54.11 -24.37 40.97
CA GLN E 492 -54.35 -23.03 41.50
C GLN E 492 -54.91 -22.08 40.45
N ILE E 493 -54.76 -22.40 39.16
CA ILE E 493 -55.56 -21.73 38.13
C ILE E 493 -56.88 -22.46 37.91
N GLY E 494 -57.01 -23.69 38.41
CA GLY E 494 -58.30 -24.35 38.41
C GLY E 494 -59.19 -23.93 39.57
N VAL E 495 -58.59 -23.47 40.68
CA VAL E 495 -59.40 -22.93 41.77
C VAL E 495 -59.98 -21.58 41.43
N VAL E 496 -59.23 -20.72 40.73
CA VAL E 496 -59.78 -19.44 40.31
C VAL E 496 -60.83 -19.65 39.22
N ARG E 497 -60.75 -20.76 38.47
CA ARG E 497 -61.77 -21.09 37.48
C ARG E 497 -63.16 -21.16 38.11
N GLU E 498 -63.25 -21.60 39.36
CA GLU E 498 -64.52 -21.61 40.07
C GLU E 498 -64.92 -20.21 40.55
N PHE E 499 -63.94 -19.41 40.96
CA PHE E 499 -64.24 -18.09 41.50
C PHE E 499 -64.72 -17.13 40.42
N LEU E 500 -64.23 -17.29 39.19
CA LEU E 500 -64.53 -16.33 38.12
C LEU E 500 -65.95 -16.49 37.60
N THR E 501 -66.28 -17.66 37.06
CA THR E 501 -67.57 -17.83 36.41
C THR E 501 -68.73 -17.81 37.40
N ARG E 502 -68.47 -18.21 38.66
CA ARG E 502 -69.50 -18.22 39.69
C ARG E 502 -69.64 -16.85 40.37
N ASN E 503 -68.83 -15.88 39.96
CA ASN E 503 -69.01 -14.48 40.36
C ASN E 503 -69.03 -13.67 39.06
N PRO E 504 -70.19 -13.56 38.42
CA PRO E 504 -70.23 -13.11 37.02
C PRO E 504 -69.72 -11.68 36.80
N ALA E 505 -69.74 -10.83 37.82
CA ALA E 505 -69.25 -9.47 37.68
C ALA E 505 -67.77 -9.33 37.99
N TRP E 506 -67.09 -10.45 38.27
CA TRP E 506 -65.68 -10.44 38.65
C TRP E 506 -64.74 -10.19 37.48
N ARG E 507 -65.19 -10.40 36.25
CA ARG E 507 -64.28 -10.33 35.09
C ARG E 507 -64.31 -8.97 34.40
N LYS E 508 -63.90 -7.95 35.15
CA LYS E 508 -63.18 -6.82 34.58
C LYS E 508 -61.74 -6.81 35.06
N ALA E 509 -61.30 -7.89 35.70
CA ALA E 509 -60.01 -7.95 36.37
C ALA E 509 -58.95 -8.58 35.49
N VAL E 510 -57.70 -8.18 35.71
CA VAL E 510 -56.55 -8.73 35.02
C VAL E 510 -55.77 -9.59 36.02
N PHE E 511 -55.63 -10.87 35.72
CA PHE E 511 -54.84 -11.76 36.56
C PHE E 511 -53.37 -11.65 36.17
N ILE E 512 -52.52 -11.43 37.17
CA ILE E 512 -51.11 -11.26 36.94
C ILE E 512 -50.36 -12.40 37.63
N SER E 513 -49.20 -12.75 37.06
CA SER E 513 -48.30 -13.74 37.63
C SER E 513 -46.88 -13.44 37.20
N PRO E 514 -45.93 -13.35 38.13
CA PRO E 514 -44.52 -13.12 37.73
C PRO E 514 -43.98 -14.23 36.86
N TYR E 515 -44.60 -15.41 36.88
CA TYR E 515 -44.33 -16.47 35.91
C TYR E 515 -45.34 -16.36 34.78
N ASN E 516 -45.07 -15.43 33.87
CA ASN E 516 -46.03 -15.03 32.83
C ASN E 516 -46.53 -16.21 32.00
N SER E 517 -45.85 -17.35 32.07
CA SER E 517 -46.37 -18.57 31.47
C SER E 517 -47.75 -18.91 32.02
N GLN E 518 -48.00 -18.59 33.30
CA GLN E 518 -49.34 -18.74 33.85
C GLN E 518 -50.35 -17.88 33.10
N ASN E 519 -49.99 -16.61 32.85
CA ASN E 519 -50.83 -15.73 32.06
C ASN E 519 -50.86 -16.14 30.60
N ALA E 520 -49.85 -16.86 30.12
CA ALA E 520 -49.88 -17.39 28.76
C ALA E 520 -50.93 -18.48 28.64
N VAL E 521 -51.00 -19.38 29.62
CA VAL E 521 -51.92 -20.52 29.53
C VAL E 521 -53.32 -20.20 30.09
N ALA E 522 -53.46 -19.16 30.91
CA ALA E 522 -54.76 -18.80 31.44
C ALA E 522 -55.63 -18.13 30.40
N SER E 523 -55.03 -17.51 29.38
CA SER E 523 -55.78 -16.92 28.28
C SER E 523 -56.41 -17.97 27.39
N LYS E 524 -56.02 -19.24 27.52
CA LYS E 524 -56.62 -20.31 26.73
C LYS E 524 -57.94 -20.81 27.32
N ILE E 525 -58.25 -20.44 28.55
CA ILE E 525 -59.49 -20.88 29.19
C ILE E 525 -60.34 -19.68 29.56
N LEU E 526 -59.70 -18.53 29.79
CA LEU E 526 -60.41 -17.34 30.23
C LEU E 526 -60.26 -16.15 29.29
N GLY E 527 -59.08 -15.95 28.72
CA GLY E 527 -58.86 -14.88 27.77
C GLY E 527 -58.55 -13.53 28.37
N LEU E 528 -58.35 -13.44 29.68
CA LEU E 528 -58.07 -12.16 30.31
C LEU E 528 -56.71 -11.63 29.86
N PRO E 529 -56.53 -10.31 29.83
CA PRO E 529 -55.25 -9.75 29.36
C PRO E 529 -54.07 -10.18 30.22
N THR E 530 -52.94 -10.41 29.56
CA THR E 530 -51.73 -10.86 30.24
C THR E 530 -50.95 -9.67 30.81
N GLN E 531 -50.31 -9.90 31.95
CA GLN E 531 -49.50 -8.88 32.60
C GLN E 531 -48.65 -9.52 33.69
N THR E 532 -47.45 -8.99 33.91
CA THR E 532 -46.57 -9.39 34.99
C THR E 532 -46.28 -8.18 35.87
N VAL E 533 -45.95 -8.43 37.14
CA VAL E 533 -45.71 -7.35 38.11
C VAL E 533 -44.30 -6.81 37.96
N ASP E 534 -43.55 -7.30 36.95
CA ASP E 534 -42.24 -6.75 36.68
C ASP E 534 -42.35 -5.27 36.30
N SER E 535 -43.35 -4.93 35.50
CA SER E 535 -43.65 -3.56 35.12
C SER E 535 -45.00 -3.12 35.67
N SER E 536 -45.27 -3.44 36.94
CA SER E 536 -46.53 -3.07 37.56
C SER E 536 -46.68 -1.57 37.72
N GLN E 537 -45.61 -0.80 37.54
CA GLN E 537 -45.69 0.65 37.50
C GLN E 537 -46.41 1.08 36.23
N GLY E 538 -47.27 2.09 36.35
CA GLY E 538 -48.08 2.56 35.25
C GLY E 538 -49.42 1.88 35.13
N SER E 539 -49.51 0.60 35.47
CA SER E 539 -50.78 -0.12 35.50
C SER E 539 -51.54 0.26 36.77
N GLU E 540 -52.73 0.83 36.60
CA GLU E 540 -53.57 1.27 37.72
C GLU E 540 -55.02 0.92 37.35
N TYR E 541 -55.50 -0.20 37.88
CA TYR E 541 -56.77 -0.76 37.44
C TYR E 541 -57.68 -1.04 38.63
N ASP E 542 -58.97 -1.17 38.34
CA ASP E 542 -59.98 -1.29 39.39
C ASP E 542 -60.02 -2.69 39.99
N TYR E 543 -60.24 -3.70 39.15
CA TYR E 543 -60.24 -5.10 39.58
C TYR E 543 -58.98 -5.79 39.08
N VAL E 544 -58.34 -6.56 39.97
CA VAL E 544 -57.09 -7.26 39.66
C VAL E 544 -57.11 -8.61 40.38
N ILE E 545 -56.51 -9.61 39.75
CA ILE E 545 -56.38 -10.95 40.33
C ILE E 545 -54.90 -11.27 40.49
N PHE E 546 -54.57 -11.98 41.57
CA PHE E 546 -53.21 -12.42 41.81
C PHE E 546 -53.24 -13.77 42.51
N THR E 547 -52.11 -14.49 42.40
CA THR E 547 -51.95 -15.80 43.02
C THR E 547 -50.53 -15.93 43.56
N GLN E 548 -50.28 -17.04 44.27
CA GLN E 548 -49.00 -17.25 44.94
C GLN E 548 -48.03 -18.09 44.11
N THR E 549 -48.54 -19.04 43.32
CA THR E 549 -47.73 -19.99 42.55
C THR E 549 -46.87 -20.76 43.53
N THR E 550 -45.56 -20.79 43.37
CA THR E 550 -44.67 -21.41 44.36
C THR E 550 -44.59 -20.53 45.60
N GLU E 551 -44.41 -21.17 46.75
CA GLU E 551 -44.24 -20.46 48.01
C GLU E 551 -42.80 -20.08 48.29
N THR E 552 -41.92 -20.16 47.29
CA THR E 552 -40.53 -19.78 47.48
C THR E 552 -40.39 -18.26 47.41
N ALA E 553 -39.18 -17.76 47.65
CA ALA E 553 -38.94 -16.34 47.91
C ALA E 553 -38.80 -15.50 46.65
N HIS E 554 -38.92 -16.10 45.46
CA HIS E 554 -38.92 -15.29 44.24
C HIS E 554 -40.03 -14.26 44.25
N SER E 555 -41.19 -14.61 44.81
CA SER E 555 -42.29 -13.66 44.98
C SER E 555 -42.72 -13.45 46.43
N CYS E 556 -42.18 -14.23 47.38
CA CYS E 556 -42.69 -14.22 48.75
C CYS E 556 -42.19 -13.00 49.54
N ASN E 557 -41.10 -12.37 49.12
CA ASN E 557 -40.53 -11.28 49.91
C ASN E 557 -41.44 -10.05 49.85
N VAL E 558 -41.17 -9.05 50.69
CA VAL E 558 -42.06 -7.89 50.82
C VAL E 558 -42.19 -7.13 49.50
N ASN E 559 -41.05 -6.79 48.89
CA ASN E 559 -41.06 -5.99 47.68
C ASN E 559 -41.65 -6.72 46.50
N ARG E 560 -41.94 -8.01 46.65
CA ARG E 560 -42.55 -8.79 45.58
C ARG E 560 -44.06 -8.90 45.70
N PHE E 561 -44.60 -8.88 46.92
CA PHE E 561 -46.03 -8.66 47.10
C PHE E 561 -46.42 -7.22 46.78
N ASN E 562 -45.78 -6.26 47.47
CA ASN E 562 -46.43 -4.96 47.62
C ASN E 562 -46.56 -4.19 46.31
N VAL E 563 -45.91 -4.66 45.24
CA VAL E 563 -46.17 -4.08 43.93
C VAL E 563 -47.53 -4.51 43.39
N ALA E 564 -48.05 -5.65 43.88
CA ALA E 564 -49.28 -6.22 43.32
C ALA E 564 -50.52 -5.93 44.16
N ILE E 565 -50.40 -5.88 45.48
CA ILE E 565 -51.57 -5.62 46.32
C ILE E 565 -52.03 -4.17 46.19
N THR E 566 -51.10 -3.22 46.14
CA THR E 566 -51.47 -1.81 46.07
C THR E 566 -51.80 -1.46 44.62
N ARG E 567 -53.00 -1.85 44.17
CA ARG E 567 -53.40 -1.62 42.79
C ARG E 567 -54.80 -1.03 42.67
N ALA E 568 -55.72 -1.43 43.53
CA ALA E 568 -57.14 -1.35 43.26
C ALA E 568 -57.80 -0.16 43.96
N LYS E 569 -58.73 0.47 43.25
CA LYS E 569 -59.71 1.36 43.84
C LYS E 569 -60.84 0.61 44.53
N VAL E 570 -61.07 -0.66 44.19
CA VAL E 570 -62.20 -1.41 44.76
C VAL E 570 -61.70 -2.67 45.45
N GLY E 571 -61.08 -3.59 44.70
CA GLY E 571 -60.71 -4.87 45.26
C GLY E 571 -59.79 -5.72 44.41
N ILE E 572 -59.10 -6.66 45.06
CA ILE E 572 -58.16 -7.56 44.40
C ILE E 572 -58.31 -8.96 44.99
N LEU E 573 -58.21 -9.97 44.12
CA LEU E 573 -58.19 -11.35 44.58
C LEU E 573 -56.76 -11.77 44.88
N CYS E 574 -56.60 -12.57 45.94
CA CYS E 574 -55.28 -13.04 46.37
C CYS E 574 -55.38 -14.53 46.67
N ILE E 575 -54.83 -15.35 45.78
CA ILE E 575 -54.84 -16.81 45.94
C ILE E 575 -53.55 -17.17 46.68
N MET E 576 -53.69 -17.56 47.94
CA MET E 576 -52.56 -17.79 48.84
C MET E 576 -52.16 -19.25 48.85
N SER E 577 -50.85 -19.50 48.91
CA SER E 577 -50.28 -20.83 49.10
C SER E 577 -49.46 -20.95 50.37
N ASP E 578 -48.67 -19.95 50.71
CA ASP E 578 -47.84 -19.96 51.90
C ASP E 578 -48.59 -19.30 53.06
N ARG E 579 -47.99 -19.35 54.25
CA ARG E 579 -48.63 -18.87 55.46
C ARG E 579 -47.96 -17.63 56.06
N ASP E 580 -46.76 -17.28 55.63
CA ASP E 580 -46.06 -16.12 56.18
C ASP E 580 -46.86 -14.84 55.97
N LEU E 581 -47.02 -14.42 54.72
CA LEU E 581 -47.81 -13.23 54.43
C LEU E 581 -49.30 -13.51 54.41
N TYR E 582 -49.70 -14.78 54.45
CA TYR E 582 -51.08 -15.10 54.76
C TYR E 582 -51.42 -14.68 56.19
N ASP E 583 -50.52 -14.95 57.13
CA ASP E 583 -50.69 -14.44 58.48
C ASP E 583 -50.39 -12.96 58.57
N LYS E 584 -49.52 -12.44 57.70
CA LYS E 584 -49.19 -11.01 57.71
C LYS E 584 -50.35 -10.17 57.17
N LEU E 585 -50.74 -10.42 55.93
CA LEU E 585 -51.85 -9.70 55.31
C LEU E 585 -53.13 -10.49 55.45
N GLN E 586 -54.18 -9.84 55.94
CA GLN E 586 -55.47 -10.48 56.16
C GLN E 586 -56.52 -9.87 55.23
N PHE E 587 -57.34 -10.74 54.64
CA PHE E 587 -58.51 -10.30 53.87
C PHE E 587 -59.68 -11.22 54.18
N THR E 588 -60.79 -11.07 53.47
CA THR E 588 -61.97 -11.91 53.73
C THR E 588 -61.70 -13.32 53.24
N SER E 589 -61.91 -14.30 54.13
CA SER E 589 -61.68 -15.70 53.83
C SER E 589 -63.01 -16.43 53.79
N LEU E 590 -63.14 -17.34 52.83
CA LEU E 590 -64.39 -18.06 52.61
C LEU E 590 -64.12 -19.55 52.38
N GLU E 591 -65.13 -20.27 51.90
CA GLU E 591 -65.01 -21.70 51.68
C GLU E 591 -64.31 -22.00 50.35
N ILE E 592 -63.65 -23.14 50.31
CA ILE E 592 -62.88 -23.58 49.15
C ILE E 592 -63.74 -24.56 48.35
N PRO E 593 -64.04 -24.28 47.08
CA PRO E 593 -64.86 -25.16 46.25
C PRO E 593 -64.04 -26.29 45.62
N VAL F 2 7.42 -22.45 8.51
CA VAL F 2 7.60 -23.21 9.74
C VAL F 2 6.29 -23.27 10.52
N GLY F 3 6.17 -24.27 11.41
CA GLY F 3 4.94 -24.47 12.14
C GLY F 3 5.00 -25.64 13.10
N ALA F 4 3.84 -26.17 13.46
CA ALA F 4 3.73 -27.23 14.46
C ALA F 4 4.00 -28.60 13.84
N CYS F 5 4.43 -29.53 14.69
CA CYS F 5 4.68 -30.89 14.24
C CYS F 5 3.39 -31.71 14.31
N VAL F 6 3.42 -32.87 13.66
CA VAL F 6 2.22 -33.71 13.57
C VAL F 6 2.06 -34.55 14.84
N LEU F 7 3.13 -35.22 15.28
CA LEU F 7 3.04 -36.08 16.44
C LEU F 7 2.76 -35.31 17.74
N CYS F 8 3.05 -34.01 17.74
CA CYS F 8 3.15 -33.23 18.97
C CYS F 8 2.22 -32.04 19.01
N ASN F 9 1.95 -31.42 17.86
CA ASN F 9 1.18 -30.18 17.72
C ASN F 9 1.88 -28.99 18.38
N SER F 10 3.20 -29.03 18.51
CA SER F 10 3.99 -27.91 19.00
C SER F 10 4.88 -27.38 17.90
N GLN F 11 5.12 -26.07 17.93
CA GLN F 11 5.85 -25.41 16.84
C GLN F 11 7.29 -25.90 16.77
N THR F 12 7.80 -26.03 15.56
CA THR F 12 9.12 -26.59 15.31
C THR F 12 9.68 -25.98 14.03
N SER F 13 10.92 -26.35 13.71
CA SER F 13 11.52 -25.87 12.46
C SER F 13 12.40 -26.92 11.77
N LEU F 14 12.17 -28.22 11.98
CA LEU F 14 13.11 -29.23 11.51
C LEU F 14 12.44 -30.25 10.61
N ARG F 15 13.26 -30.96 9.83
CA ARG F 15 12.80 -31.92 8.85
C ARG F 15 13.51 -33.25 9.00
N CYS F 16 12.77 -34.35 8.82
CA CYS F 16 13.38 -35.66 8.61
C CYS F 16 13.84 -35.73 7.16
N GLY F 17 15.07 -35.30 6.89
CA GLY F 17 15.57 -35.18 5.54
C GLY F 17 15.73 -36.48 4.80
N ALA F 18 16.36 -37.47 5.44
CA ALA F 18 16.53 -38.77 4.82
C ALA F 18 15.22 -39.55 4.78
N CYS F 19 14.20 -39.06 5.46
CA CYS F 19 12.91 -39.72 5.50
C CYS F 19 12.09 -39.32 4.28
N ILE F 20 10.90 -39.91 4.15
CA ILE F 20 10.17 -39.85 2.88
C ILE F 20 9.62 -38.46 2.58
N ARG F 21 8.66 -37.99 3.39
CA ARG F 21 7.88 -36.80 3.06
C ARG F 21 8.21 -35.61 3.94
N ARG F 22 9.37 -35.61 4.59
CA ARG F 22 9.89 -34.51 5.40
C ARG F 22 8.82 -33.88 6.29
N PRO F 23 8.30 -34.60 7.28
CA PRO F 23 7.28 -34.02 8.15
C PRO F 23 7.88 -33.14 9.24
N PHE F 24 7.05 -32.24 9.75
CA PHE F 24 7.46 -31.37 10.85
C PHE F 24 7.56 -32.19 12.13
N LEU F 25 8.69 -32.07 12.82
CA LEU F 25 8.93 -32.75 14.08
C LEU F 25 9.54 -31.77 15.08
N CYS F 26 9.15 -31.89 16.34
CA CYS F 26 9.72 -31.07 17.38
C CYS F 26 11.11 -31.57 17.76
N CYS F 27 11.74 -30.85 18.70
CA CYS F 27 13.09 -31.16 19.14
C CYS F 27 13.20 -32.59 19.66
N LYS F 28 12.47 -32.90 20.72
CA LYS F 28 12.46 -34.26 21.26
C LYS F 28 11.90 -35.23 20.23
N CYS F 29 10.82 -34.84 19.54
CA CYS F 29 10.27 -35.63 18.46
C CYS F 29 11.33 -36.01 17.45
N CYS F 30 12.08 -35.00 16.99
CA CYS F 30 13.11 -35.22 15.98
C CYS F 30 14.22 -36.12 16.52
N TYR F 31 14.61 -35.93 17.78
CA TYR F 31 15.67 -36.78 18.32
C TYR F 31 15.23 -38.23 18.41
N ASP F 32 14.00 -38.48 18.86
CA ASP F 32 13.53 -39.87 18.89
C ASP F 32 13.53 -40.48 17.50
N HIS F 33 12.98 -39.75 16.52
CA HIS F 33 12.92 -40.30 15.17
C HIS F 33 14.30 -40.46 14.54
N VAL F 34 15.28 -39.64 14.97
CA VAL F 34 16.60 -39.67 14.35
C VAL F 34 17.51 -40.71 15.01
N ILE F 35 17.32 -40.99 16.30
CA ILE F 35 18.19 -41.93 17.00
C ILE F 35 17.59 -43.33 17.07
N SER F 36 16.27 -43.48 16.97
CA SER F 36 15.66 -44.80 16.97
C SER F 36 15.87 -45.52 15.65
N THR F 37 15.91 -44.79 14.53
CA THR F 37 16.12 -45.39 13.23
C THR F 37 17.05 -44.49 12.42
N SER F 38 17.31 -44.89 11.18
CA SER F 38 18.51 -44.48 10.45
C SER F 38 18.35 -43.23 9.60
N HIS F 39 17.21 -42.53 9.61
CA HIS F 39 17.22 -41.22 8.98
C HIS F 39 18.00 -40.27 9.89
N LYS F 40 19.19 -39.88 9.43
CA LYS F 40 20.12 -39.11 10.25
C LYS F 40 20.54 -37.84 9.49
N LEU F 41 19.56 -37.17 8.89
CA LEU F 41 19.82 -35.92 8.19
C LEU F 41 18.63 -35.00 8.47
N VAL F 42 18.90 -33.89 9.13
CA VAL F 42 17.85 -32.97 9.56
C VAL F 42 18.05 -31.63 8.83
N LEU F 43 16.93 -30.98 8.53
CA LEU F 43 16.94 -29.71 7.81
C LEU F 43 16.32 -28.63 8.69
N SER F 44 17.10 -27.62 9.01
CA SER F 44 16.63 -26.40 9.65
C SER F 44 16.27 -25.39 8.57
N VAL F 45 16.15 -24.11 8.94
CA VAL F 45 16.02 -23.07 7.93
C VAL F 45 17.15 -23.17 6.91
N ASN F 46 18.29 -23.74 7.30
CA ASN F 46 19.35 -24.17 6.39
C ASN F 46 19.68 -25.63 6.71
N PRO F 47 20.24 -26.38 5.77
CA PRO F 47 20.56 -27.78 6.04
C PRO F 47 21.71 -27.93 7.02
N TYR F 48 21.71 -29.06 7.73
CA TYR F 48 22.77 -29.41 8.67
C TYR F 48 23.85 -30.15 7.87
N VAL F 49 24.73 -29.39 7.25
CA VAL F 49 25.77 -29.93 6.38
C VAL F 49 27.07 -29.19 6.68
N CYS F 50 28.18 -29.94 6.75
CA CYS F 50 29.48 -29.33 6.94
C CYS F 50 29.89 -28.62 5.66
N ASN F 51 30.21 -27.33 5.78
CA ASN F 51 30.45 -26.48 4.62
C ASN F 51 31.90 -26.52 4.15
N ALA F 52 32.72 -27.42 4.69
CA ALA F 52 34.09 -27.56 4.23
C ALA F 52 34.12 -27.88 2.74
N PRO F 53 35.03 -27.28 1.97
CA PRO F 53 35.00 -27.46 0.51
C PRO F 53 35.10 -28.92 0.11
N GLY F 54 34.05 -29.42 -0.54
CA GLY F 54 34.05 -30.79 -0.99
C GLY F 54 34.01 -31.83 0.11
N CYS F 55 33.33 -31.54 1.22
CA CYS F 55 33.16 -32.54 2.26
C CYS F 55 32.09 -33.55 1.83
N ASP F 56 31.91 -34.58 2.66
CA ASP F 56 30.99 -35.66 2.35
C ASP F 56 30.01 -36.00 3.46
N VAL F 57 30.20 -35.46 4.66
CA VAL F 57 29.42 -35.89 5.81
C VAL F 57 28.02 -35.28 5.76
N THR F 58 27.01 -36.13 5.99
CA THR F 58 25.64 -35.68 6.08
C THR F 58 24.98 -36.07 7.40
N ASP F 59 25.73 -36.63 8.34
CA ASP F 59 25.16 -37.10 9.60
C ASP F 59 24.85 -35.92 10.51
N VAL F 60 24.06 -36.20 11.55
CA VAL F 60 23.60 -35.17 12.48
C VAL F 60 24.41 -35.18 13.77
N THR F 61 24.78 -36.35 14.28
CA THR F 61 25.41 -36.47 15.58
C THR F 61 26.93 -36.34 15.52
N GLN F 62 27.52 -36.37 14.32
CA GLN F 62 28.95 -36.18 14.17
C GLN F 62 29.32 -34.79 13.69
N LEU F 63 28.35 -33.98 13.26
CA LEU F 63 28.60 -32.60 12.90
C LEU F 63 28.59 -31.72 14.15
N TYR F 64 29.40 -30.66 14.11
CA TYR F 64 29.52 -29.74 15.23
C TYR F 64 29.34 -28.31 14.73
N LEU F 65 29.11 -27.41 15.69
CA LEU F 65 28.94 -26.00 15.37
C LEU F 65 30.28 -25.38 14.97
N GLY F 66 30.22 -24.36 14.12
CA GLY F 66 31.44 -23.71 13.67
C GLY F 66 31.34 -22.19 13.68
N GLY F 67 30.58 -21.64 14.61
CA GLY F 67 30.36 -20.19 14.67
C GLY F 67 29.07 -19.79 13.95
N MET F 68 29.21 -19.26 12.73
CA MET F 68 28.04 -18.98 11.91
C MET F 68 27.46 -20.24 11.30
N SER F 69 28.28 -21.26 11.08
CA SER F 69 27.89 -22.45 10.35
C SER F 69 28.12 -23.69 11.20
N TYR F 70 27.78 -24.83 10.63
CA TYR F 70 27.98 -26.13 11.26
C TYR F 70 29.16 -26.80 10.59
N TYR F 71 30.15 -27.21 11.38
CA TYR F 71 31.43 -27.63 10.81
C TYR F 71 31.79 -29.05 11.23
N CYS F 72 32.47 -29.73 10.30
CA CYS F 72 32.87 -31.13 10.43
C CYS F 72 33.93 -31.30 11.51
N LYS F 73 34.02 -32.52 12.04
CA LYS F 73 34.91 -32.79 13.17
C LYS F 73 36.36 -32.43 12.84
N SER F 74 36.87 -32.92 11.71
CA SER F 74 38.25 -32.63 11.33
C SER F 74 38.39 -31.21 10.82
N HIS F 75 37.26 -30.55 10.54
CA HIS F 75 37.26 -29.17 10.06
C HIS F 75 36.67 -28.17 11.03
N LYS F 76 36.22 -28.63 12.21
CA LYS F 76 35.54 -27.74 13.15
C LYS F 76 36.53 -26.78 13.80
N PRO F 77 36.07 -25.61 14.24
CA PRO F 77 36.97 -24.61 14.83
C PRO F 77 37.50 -25.07 16.17
N PRO F 78 38.42 -24.31 16.80
CA PRO F 78 38.98 -24.73 18.10
C PRO F 78 37.96 -25.18 19.12
N ILE F 79 36.99 -24.32 19.46
CA ILE F 79 35.97 -24.64 20.44
C ILE F 79 34.62 -24.59 19.74
N SER F 80 33.84 -25.67 19.89
CA SER F 80 32.52 -25.76 19.27
C SER F 80 31.47 -26.14 20.29
N PHE F 81 30.26 -26.44 19.81
CA PHE F 81 29.11 -26.76 20.64
C PHE F 81 28.30 -27.82 19.90
N PRO F 82 28.28 -29.05 20.38
CA PRO F 82 27.61 -30.14 19.64
C PRO F 82 26.16 -29.82 19.36
N LEU F 83 25.77 -30.00 18.09
CA LEU F 83 24.43 -29.64 17.65
C LEU F 83 23.36 -30.57 18.17
N CYS F 84 23.72 -31.78 18.62
CA CYS F 84 22.76 -32.81 18.98
C CYS F 84 23.16 -33.43 20.32
N ALA F 85 22.67 -32.83 21.41
CA ALA F 85 22.92 -33.36 22.76
C ALA F 85 21.72 -33.09 23.66
N ASN F 86 21.84 -33.43 24.95
CA ASN F 86 20.79 -33.18 25.93
C ASN F 86 19.54 -34.00 25.65
N GLY F 87 19.58 -34.86 24.64
CA GLY F 87 18.38 -35.49 24.13
C GLY F 87 17.57 -34.62 23.21
N GLN F 88 18.20 -33.64 22.57
CA GLN F 88 17.49 -32.64 21.77
C GLN F 88 18.39 -32.23 20.61
N VAL F 89 17.77 -31.76 19.53
CA VAL F 89 18.49 -31.23 18.39
C VAL F 89 18.35 -29.71 18.40
N PHE F 90 19.46 -29.01 18.14
CA PHE F 90 19.49 -27.56 18.23
C PHE F 90 18.58 -26.94 17.18
N GLY F 91 17.45 -26.40 17.61
CA GLY F 91 16.51 -25.77 16.71
C GLY F 91 15.68 -24.74 17.44
N LEU F 92 14.74 -24.15 16.70
CA LEU F 92 13.88 -23.12 17.26
C LEU F 92 12.91 -23.72 18.28
N TYR F 93 12.48 -22.88 19.22
CA TYR F 93 11.50 -23.26 20.23
C TYR F 93 11.97 -24.47 21.03
N LYS F 94 13.22 -24.44 21.47
CA LYS F 94 13.79 -25.58 22.18
C LYS F 94 13.18 -25.77 23.57
N ASN F 95 12.52 -24.75 24.12
CA ASN F 95 11.92 -24.88 25.44
C ASN F 95 10.54 -25.53 25.36
N THR F 96 9.61 -24.90 24.66
CA THR F 96 8.24 -25.41 24.59
C THR F 96 8.14 -26.59 23.63
N CYS F 97 8.68 -27.74 24.05
CA CYS F 97 8.56 -28.98 23.30
C CYS F 97 8.47 -30.14 24.27
N VAL F 98 7.33 -30.82 24.29
CA VAL F 98 7.11 -31.90 25.24
C VAL F 98 7.60 -33.23 24.71
N GLY F 99 7.54 -33.44 23.39
CA GLY F 99 8.00 -34.67 22.80
C GLY F 99 7.05 -35.82 23.04
N SER F 100 7.54 -37.02 22.76
CA SER F 100 6.79 -38.24 23.01
C SER F 100 7.76 -39.38 23.23
N ASP F 101 7.27 -40.43 23.90
CA ASP F 101 8.05 -41.63 24.15
C ASP F 101 7.74 -42.75 23.17
N ASN F 102 6.45 -43.04 22.94
CA ASN F 102 6.04 -44.10 22.03
C ASN F 102 6.22 -43.62 20.60
N VAL F 103 7.39 -43.91 20.03
CA VAL F 103 7.73 -43.50 18.67
C VAL F 103 7.74 -44.66 17.70
N THR F 104 7.48 -45.88 18.17
CA THR F 104 7.50 -47.05 17.30
C THR F 104 6.53 -46.93 16.14
N ASP F 105 5.41 -46.24 16.35
CA ASP F 105 4.40 -46.08 15.31
C ASP F 105 4.95 -45.34 14.11
N PHE F 106 5.40 -44.10 14.29
CA PHE F 106 5.88 -43.30 13.17
C PHE F 106 7.17 -43.88 12.59
N ASN F 107 8.03 -44.45 13.44
CA ASN F 107 9.22 -45.13 12.93
C ASN F 107 8.85 -46.26 11.98
N ALA F 108 7.93 -47.14 12.39
CA ALA F 108 7.53 -48.24 11.54
C ALA F 108 6.87 -47.73 10.26
N ILE F 109 6.04 -46.68 10.38
CA ILE F 109 5.42 -46.11 9.19
C ILE F 109 6.47 -45.56 8.23
N ALA F 110 7.55 -44.99 8.76
CA ALA F 110 8.59 -44.41 7.90
C ALA F 110 9.43 -45.48 7.23
N THR F 111 9.89 -46.46 7.99
CA THR F 111 10.84 -47.44 7.45
C THR F 111 10.17 -48.54 6.64
N CYS F 112 8.85 -48.61 6.64
CA CYS F 112 8.17 -49.68 5.93
C CYS F 112 8.17 -49.42 4.42
N ASP F 113 7.86 -50.47 3.66
CA ASP F 113 7.72 -50.38 2.22
C ASP F 113 6.30 -50.66 1.75
N TRP F 114 5.36 -50.92 2.68
CA TRP F 114 3.95 -51.09 2.37
C TRP F 114 3.71 -52.27 1.43
N THR F 115 4.42 -53.37 1.70
CA THR F 115 4.31 -54.58 0.87
C THR F 115 3.49 -55.68 1.54
N ASN F 116 3.40 -55.71 2.87
CA ASN F 116 2.69 -56.78 3.55
C ASN F 116 1.48 -56.26 4.33
N ALA F 117 0.85 -57.13 5.11
CA ALA F 117 -0.40 -56.82 5.81
C ALA F 117 -0.21 -55.95 7.05
N GLY F 118 0.87 -56.19 7.82
CA GLY F 118 1.10 -55.37 8.99
C GLY F 118 1.31 -53.91 8.66
N ASP F 119 1.84 -53.63 7.46
CA ASP F 119 1.90 -52.28 6.92
C ASP F 119 0.56 -51.57 7.05
N TYR F 120 -0.47 -52.16 6.44
CA TYR F 120 -1.79 -51.54 6.48
C TYR F 120 -2.43 -51.67 7.86
N ILE F 121 -2.04 -52.69 8.64
CA ILE F 121 -2.51 -52.80 10.02
C ILE F 121 -2.14 -51.54 10.79
N LEU F 122 -0.87 -51.15 10.70
CA LEU F 122 -0.44 -49.91 11.34
C LEU F 122 -1.00 -48.68 10.64
N ALA F 123 -1.15 -48.74 9.31
CA ALA F 123 -1.71 -47.59 8.59
C ALA F 123 -3.14 -47.28 9.03
N ASN F 124 -3.86 -48.28 9.52
CA ASN F 124 -5.23 -48.07 9.99
C ASN F 124 -5.29 -47.83 11.50
N THR F 125 -4.69 -48.71 12.29
CA THR F 125 -4.86 -48.69 13.75
C THR F 125 -4.08 -47.56 14.42
N CYS F 126 -3.30 -46.78 13.69
CA CYS F 126 -2.51 -45.70 14.28
C CYS F 126 -3.38 -44.45 14.42
N THR F 127 -2.73 -43.32 14.73
CA THR F 127 -3.42 -42.05 14.86
C THR F 127 -3.95 -41.58 13.51
N GLU F 128 -5.11 -40.90 13.54
CA GLU F 128 -5.77 -40.50 12.31
C GLU F 128 -4.92 -39.56 11.48
N ARG F 129 -4.26 -38.59 12.12
CA ARG F 129 -3.32 -37.76 11.37
C ARG F 129 -2.15 -38.58 10.87
N LEU F 130 -1.74 -39.60 11.64
CA LEU F 130 -0.78 -40.56 11.13
C LEU F 130 -1.37 -41.36 9.98
N LYS F 131 -2.70 -41.51 9.92
CA LYS F 131 -3.30 -42.13 8.74
C LYS F 131 -3.23 -41.22 7.53
N LEU F 132 -3.42 -39.92 7.70
CA LEU F 132 -3.17 -39.00 6.59
C LEU F 132 -1.73 -39.10 6.11
N PHE F 133 -0.79 -39.08 7.06
CA PHE F 133 0.62 -39.19 6.69
C PHE F 133 0.91 -40.51 5.99
N ALA F 134 0.31 -41.61 6.46
CA ALA F 134 0.51 -42.90 5.84
C ALA F 134 -0.09 -42.97 4.45
N ALA F 135 -1.24 -42.30 4.24
CA ALA F 135 -1.82 -42.23 2.90
C ALA F 135 -0.88 -41.51 1.93
N GLU F 136 -0.34 -40.37 2.37
CA GLU F 136 0.61 -39.66 1.51
C GLU F 136 1.88 -40.46 1.29
N THR F 137 2.33 -41.22 2.31
CA THR F 137 3.51 -42.05 2.15
C THR F 137 3.25 -43.18 1.15
N LEU F 138 2.07 -43.81 1.23
CA LEU F 138 1.69 -44.81 0.25
C LEU F 138 1.70 -44.23 -1.15
N LYS F 139 1.10 -43.05 -1.32
CA LYS F 139 1.03 -42.43 -2.64
C LYS F 139 2.42 -42.12 -3.17
N ALA F 140 3.29 -41.60 -2.32
CA ALA F 140 4.66 -41.29 -2.75
C ALA F 140 5.41 -42.57 -3.13
N THR F 141 5.29 -43.62 -2.31
CA THR F 141 5.97 -44.87 -2.65
C THR F 141 5.48 -45.42 -3.98
N GLU F 142 4.17 -45.37 -4.23
CA GLU F 142 3.65 -45.86 -5.49
C GLU F 142 4.10 -45.00 -6.67
N GLU F 143 4.18 -43.67 -6.49
CA GLU F 143 4.61 -42.82 -7.58
C GLU F 143 6.07 -43.06 -7.93
N THR F 144 6.92 -43.28 -6.92
CA THR F 144 8.33 -43.54 -7.20
C THR F 144 8.55 -44.96 -7.72
N PHE F 145 7.67 -45.90 -7.39
CA PHE F 145 7.82 -47.26 -7.89
C PHE F 145 7.21 -47.45 -9.27
N LYS F 146 6.24 -46.63 -9.65
CA LYS F 146 5.57 -46.80 -10.94
C LYS F 146 6.34 -46.20 -12.11
N LEU F 147 7.11 -45.12 -11.87
CA LEU F 147 7.97 -44.58 -12.92
C LEU F 147 9.27 -45.36 -13.04
N SER F 148 9.65 -46.12 -12.02
CA SER F 148 10.89 -46.87 -12.05
C SER F 148 10.85 -48.05 -13.02
N TYR F 149 9.68 -48.37 -13.58
CA TYR F 149 9.57 -49.44 -14.56
C TYR F 149 10.08 -48.98 -15.91
N GLY F 150 9.83 -49.76 -16.95
CA GLY F 150 10.40 -49.46 -18.25
C GLY F 150 9.60 -48.47 -19.06
N ILE F 151 10.11 -48.19 -20.27
CA ILE F 151 9.46 -47.32 -21.22
C ILE F 151 9.09 -48.14 -22.45
N ALA F 152 7.84 -47.99 -22.90
CA ALA F 152 7.35 -48.71 -24.08
C ALA F 152 7.77 -47.96 -25.33
N THR F 153 8.80 -48.47 -26.01
CA THR F 153 9.33 -47.87 -27.24
C THR F 153 8.78 -48.64 -28.43
N VAL F 154 7.63 -48.22 -28.92
CA VAL F 154 7.06 -48.84 -30.12
C VAL F 154 7.86 -48.42 -31.34
N ARG F 155 8.26 -49.40 -32.16
CA ARG F 155 8.97 -49.14 -33.40
C ARG F 155 8.30 -49.72 -34.63
N GLU F 156 7.37 -50.65 -34.47
CA GLU F 156 6.67 -51.28 -35.58
C GLU F 156 5.32 -50.61 -35.82
N VAL F 157 4.67 -51.01 -36.91
CA VAL F 157 3.24 -50.82 -37.12
C VAL F 157 2.75 -52.10 -37.77
N LEU F 158 2.13 -52.97 -36.96
CA LEU F 158 1.65 -54.25 -37.49
C LEU F 158 0.24 -54.13 -38.02
N SER F 159 -0.69 -53.72 -37.16
CA SER F 159 -2.07 -53.46 -37.57
C SER F 159 -2.67 -52.39 -36.67
N ASP F 160 -3.99 -52.23 -36.72
CA ASP F 160 -4.71 -51.39 -35.77
C ASP F 160 -5.02 -52.25 -34.55
N ARG F 161 -4.75 -51.71 -33.37
CA ARG F 161 -4.86 -52.39 -32.08
C ARG F 161 -3.87 -53.55 -31.93
N GLU F 162 -2.90 -53.66 -32.83
CA GLU F 162 -1.85 -54.66 -32.73
C GLU F 162 -0.54 -54.06 -33.23
N LEU F 163 0.50 -54.10 -32.39
CA LEU F 163 1.81 -53.56 -32.74
C LEU F 163 2.88 -54.39 -32.04
N HIS F 164 4.10 -53.87 -32.00
CA HIS F 164 5.24 -54.55 -31.39
C HIS F 164 5.95 -53.59 -30.46
N LEU F 165 6.35 -54.08 -29.29
CA LEU F 165 6.97 -53.27 -28.25
C LEU F 165 8.47 -53.48 -28.18
N SER F 166 9.16 -52.49 -27.64
CA SER F 166 10.58 -52.56 -27.36
C SER F 166 10.86 -51.75 -26.10
N TRP F 167 11.63 -52.32 -25.19
CA TRP F 167 11.95 -51.65 -23.93
C TRP F 167 13.45 -51.68 -23.70
N GLU F 168 13.94 -50.67 -23.00
CA GLU F 168 15.37 -50.44 -22.87
C GLU F 168 16.00 -51.37 -21.82
N VAL F 169 17.31 -51.22 -21.65
CA VAL F 169 18.09 -52.07 -20.76
C VAL F 169 18.04 -51.51 -19.34
N GLY F 170 17.96 -52.39 -18.36
CA GLY F 170 17.98 -52.02 -16.96
C GLY F 170 16.62 -51.97 -16.30
N LYS F 171 15.55 -51.89 -17.08
CA LYS F 171 14.20 -51.82 -16.54
C LYS F 171 13.35 -52.94 -17.13
N PRO F 172 12.71 -53.75 -16.30
CA PRO F 172 11.72 -54.69 -16.83
C PRO F 172 10.46 -53.97 -17.25
N ARG F 173 9.61 -54.67 -18.00
CA ARG F 173 8.32 -54.07 -18.34
C ARG F 173 7.25 -54.59 -17.40
N PRO F 174 6.49 -53.70 -16.77
CA PRO F 174 5.58 -54.10 -15.70
C PRO F 174 4.45 -54.96 -16.23
N PRO F 175 3.64 -55.56 -15.34
CA PRO F 175 2.44 -56.27 -15.80
C PRO F 175 1.54 -55.41 -16.66
N LEU F 176 1.38 -55.82 -17.92
CA LEU F 176 0.54 -55.08 -18.88
C LEU F 176 -0.91 -55.33 -18.53
N ASN F 177 -1.40 -54.59 -17.54
CA ASN F 177 -2.68 -54.82 -16.90
C ASN F 177 -3.68 -53.72 -17.26
N ARG F 178 -4.94 -53.97 -16.92
CA ARG F 178 -6.01 -52.98 -17.02
C ARG F 178 -6.14 -52.15 -15.75
N ASN F 179 -5.26 -52.37 -14.77
CA ASN F 179 -5.29 -51.61 -13.53
C ASN F 179 -4.49 -50.33 -13.60
N TYR F 180 -3.42 -50.30 -14.39
CA TYR F 180 -2.55 -49.12 -14.50
C TYR F 180 -2.48 -48.72 -15.96
N VAL F 181 -2.81 -47.46 -16.24
CA VAL F 181 -2.93 -46.96 -17.61
C VAL F 181 -1.60 -46.37 -18.05
N PHE F 182 -1.21 -46.65 -19.30
CA PHE F 182 0.00 -46.08 -19.87
C PHE F 182 -0.22 -44.62 -20.23
N THR F 183 0.79 -43.97 -20.80
CA THR F 183 0.66 -42.59 -21.25
C THR F 183 1.71 -42.33 -22.33
N GLY F 184 1.26 -41.82 -23.47
CA GLY F 184 2.16 -41.62 -24.60
C GLY F 184 2.29 -40.17 -25.02
N TYR F 185 3.37 -39.87 -25.75
CA TYR F 185 3.61 -38.54 -26.28
C TYR F 185 4.21 -38.66 -27.67
N ARG F 186 3.74 -37.84 -28.60
CA ARG F 186 4.10 -37.97 -30.01
C ARG F 186 5.35 -37.16 -30.33
N VAL F 187 6.22 -37.74 -31.17
CA VAL F 187 7.54 -37.18 -31.39
C VAL F 187 7.49 -36.05 -32.42
N THR F 188 8.32 -35.02 -32.18
CA THR F 188 8.63 -34.00 -33.16
C THR F 188 10.02 -33.46 -32.86
N LYS F 189 10.53 -32.62 -33.77
CA LYS F 189 11.92 -32.18 -33.69
C LYS F 189 12.20 -31.38 -32.43
N ASN F 190 11.20 -30.68 -31.90
CA ASN F 190 11.41 -29.80 -30.75
C ASN F 190 11.11 -30.51 -29.42
N SER F 191 9.91 -31.06 -29.29
CA SER F 191 9.45 -31.64 -28.03
C SER F 191 8.74 -32.95 -28.38
N LYS F 192 7.97 -33.48 -27.42
CA LYS F 192 7.17 -34.68 -27.68
C LYS F 192 6.06 -34.74 -26.64
N VAL F 193 4.81 -34.63 -27.10
CA VAL F 193 3.67 -34.41 -26.22
C VAL F 193 2.41 -34.95 -26.89
N GLN F 194 1.36 -35.18 -26.07
CA GLN F 194 -0.01 -35.37 -26.51
C GLN F 194 -0.26 -36.62 -27.37
N ILE F 195 -0.22 -37.80 -26.75
CA ILE F 195 -0.86 -38.96 -27.36
C ILE F 195 -2.02 -39.42 -26.48
N GLY F 196 -1.87 -39.30 -25.17
CA GLY F 196 -2.92 -39.64 -24.23
C GLY F 196 -2.59 -40.87 -23.41
N GLU F 197 -3.62 -41.40 -22.75
CA GLU F 197 -3.49 -42.54 -21.85
C GLU F 197 -4.03 -43.79 -22.52
N TYR F 198 -3.21 -44.84 -22.55
CA TYR F 198 -3.48 -46.06 -23.30
C TYR F 198 -3.24 -47.27 -22.38
N THR F 199 -3.67 -48.46 -22.83
CA THR F 199 -3.48 -49.64 -22.00
C THR F 199 -3.03 -50.81 -22.87
N PHE F 200 -1.83 -51.32 -22.63
CA PHE F 200 -1.23 -52.32 -23.51
C PHE F 200 -1.30 -53.71 -22.87
N GLU F 201 -1.20 -54.73 -23.72
CA GLU F 201 -1.01 -56.11 -23.27
C GLU F 201 -0.50 -56.91 -24.45
N LYS F 202 -0.03 -58.12 -24.16
CA LYS F 202 0.54 -59.00 -25.18
C LYS F 202 -0.49 -59.36 -26.24
N GLY F 203 -0.02 -59.65 -27.46
CA GLY F 203 -0.89 -60.06 -28.54
C GLY F 203 -0.39 -61.28 -29.28
N ALA F 208 3.37 -59.64 -31.38
CA ALA F 208 2.24 -58.73 -31.46
C ALA F 208 1.89 -58.18 -30.08
N VAL F 209 1.43 -56.92 -30.04
CA VAL F 209 1.03 -56.28 -28.79
C VAL F 209 -0.30 -55.58 -29.03
N VAL F 210 -1.34 -56.02 -28.33
CA VAL F 210 -2.66 -55.40 -28.41
C VAL F 210 -2.68 -54.15 -27.54
N TYR F 211 -3.27 -53.08 -28.05
CA TYR F 211 -3.42 -51.86 -27.30
C TYR F 211 -4.90 -51.47 -27.22
N ARG F 212 -5.30 -50.94 -26.07
CA ARG F 212 -6.59 -50.31 -25.85
C ARG F 212 -6.31 -48.81 -25.92
N GLY F 213 -6.70 -48.22 -27.05
CA GLY F 213 -6.36 -46.84 -27.31
C GLY F 213 -7.39 -45.87 -26.75
N THR F 214 -6.94 -44.64 -26.51
CA THR F 214 -7.81 -43.57 -26.05
C THR F 214 -8.85 -43.22 -27.11
N THR F 215 -8.38 -42.70 -28.26
CA THR F 215 -9.27 -42.30 -29.34
C THR F 215 -8.51 -42.50 -30.66
N THR F 216 -9.26 -42.67 -31.75
CA THR F 216 -8.68 -43.05 -33.02
C THR F 216 -7.72 -41.96 -33.54
N TYR F 217 -6.54 -42.38 -33.95
CA TYR F 217 -5.54 -41.52 -34.54
C TYR F 217 -4.54 -42.39 -35.29
N LYS F 218 -3.53 -41.75 -35.86
CA LYS F 218 -2.46 -42.45 -36.56
C LYS F 218 -1.39 -42.88 -35.56
N LEU F 219 -0.91 -44.11 -35.71
CA LEU F 219 0.17 -44.64 -34.87
C LEU F 219 1.49 -44.33 -35.55
N ASN F 220 2.24 -43.39 -34.98
CA ASN F 220 3.51 -42.97 -35.55
C ASN F 220 4.63 -43.92 -35.14
N VAL F 221 5.87 -43.55 -35.40
CA VAL F 221 7.03 -44.37 -35.09
C VAL F 221 7.83 -43.69 -33.99
N GLY F 222 8.39 -44.50 -33.08
CA GLY F 222 9.28 -44.01 -32.06
C GLY F 222 8.61 -43.38 -30.86
N ASP F 223 7.28 -43.35 -30.80
CA ASP F 223 6.59 -42.76 -29.67
C ASP F 223 6.77 -43.64 -28.43
N TYR F 224 7.03 -43.02 -27.30
CA TYR F 224 7.14 -43.75 -26.05
C TYR F 224 5.78 -43.79 -25.34
N PHE F 225 5.59 -44.83 -24.54
CA PHE F 225 4.45 -44.94 -23.65
C PHE F 225 4.98 -45.19 -22.24
N VAL F 226 4.64 -44.30 -21.31
CA VAL F 226 5.27 -44.25 -20.00
C VAL F 226 4.19 -44.13 -18.93
N LEU F 227 4.40 -44.83 -17.81
CA LEU F 227 3.53 -44.72 -16.64
C LEU F 227 3.90 -43.45 -15.89
N THR F 228 3.36 -42.33 -16.34
CA THR F 228 3.69 -41.02 -15.81
C THR F 228 3.08 -40.83 -14.42
N SER F 229 3.83 -40.14 -13.56
CA SER F 229 3.44 -39.90 -12.17
C SER F 229 2.87 -38.50 -12.00
N HIS F 230 2.25 -38.28 -10.84
CA HIS F 230 1.71 -36.97 -10.48
C HIS F 230 2.72 -36.17 -9.67
N THR F 231 2.23 -35.07 -9.07
CA THR F 231 3.02 -34.20 -8.21
C THR F 231 2.21 -33.97 -6.93
N VAL F 232 1.78 -35.07 -6.31
CA VAL F 232 0.77 -35.09 -5.26
C VAL F 232 1.13 -34.14 -4.12
N MET F 233 0.10 -33.65 -3.42
CA MET F 233 0.24 -32.59 -2.43
C MET F 233 -0.14 -33.09 -1.04
N PRO F 234 0.28 -32.40 0.01
CA PRO F 234 -0.12 -32.81 1.37
C PRO F 234 -1.61 -32.63 1.60
N LEU F 235 -2.08 -33.19 2.71
CA LEU F 235 -3.49 -33.20 3.06
C LEU F 235 -3.76 -32.22 4.21
N SER F 236 -5.02 -31.83 4.34
CA SER F 236 -5.44 -30.92 5.40
C SER F 236 -6.45 -31.56 6.34
N ALA F 237 -7.55 -32.08 5.80
CA ALA F 237 -8.61 -32.62 6.62
C ALA F 237 -8.46 -34.13 6.81
N PRO F 238 -8.96 -34.68 7.92
CA PRO F 238 -8.86 -36.13 8.14
C PRO F 238 -9.85 -36.92 7.28
N THR F 239 -9.94 -38.23 7.55
CA THR F 239 -10.84 -39.08 6.79
C THR F 239 -12.30 -38.65 7.00
N LEU F 240 -12.69 -38.42 8.25
CA LEU F 240 -14.08 -38.10 8.56
C LEU F 240 -14.13 -37.27 9.84
N VAL F 241 -15.24 -36.56 10.02
CA VAL F 241 -15.44 -35.61 11.10
C VAL F 241 -15.82 -36.35 12.38
N PRO F 242 -15.34 -35.95 13.56
CA PRO F 242 -15.85 -36.55 14.79
C PRO F 242 -17.36 -36.42 14.87
N GLN F 243 -18.04 -37.55 15.08
CA GLN F 243 -19.44 -37.68 14.71
C GLN F 243 -20.35 -37.21 15.84
N GLU F 244 -21.66 -37.16 15.53
CA GLU F 244 -22.64 -36.34 16.22
C GLU F 244 -24.04 -36.70 15.73
N HIS F 245 -25.02 -36.73 16.63
CA HIS F 245 -26.42 -36.94 16.27
C HIS F 245 -27.21 -35.68 16.57
N TYR F 246 -27.99 -35.23 15.58
CA TYR F 246 -28.72 -33.98 15.70
C TYR F 246 -29.82 -34.08 16.76
N VAL F 247 -30.18 -32.93 17.31
CA VAL F 247 -31.39 -32.82 18.12
C VAL F 247 -32.61 -32.46 17.27
N ARG F 248 -32.40 -32.08 16.02
CA ARG F 248 -33.46 -31.62 15.12
C ARG F 248 -33.14 -32.11 13.71
N ILE F 249 -33.98 -31.78 12.73
CA ILE F 249 -33.62 -31.94 11.33
C ILE F 249 -33.06 -30.60 10.88
N THR F 250 -31.75 -30.42 11.08
CA THR F 250 -31.11 -29.13 10.88
C THR F 250 -30.62 -28.98 9.45
N GLY F 251 -30.77 -27.77 8.92
CA GLY F 251 -30.38 -27.49 7.54
C GLY F 251 -31.22 -28.26 6.55
N LEU F 252 -32.33 -28.82 7.02
CA LEU F 252 -33.19 -29.67 6.21
C LEU F 252 -34.63 -29.54 6.71
N TYR F 253 -35.57 -29.93 5.86
CA TYR F 253 -36.97 -30.03 6.22
C TYR F 253 -37.59 -31.17 5.43
N PRO F 254 -38.28 -32.11 6.08
CA PRO F 254 -38.83 -33.27 5.36
C PRO F 254 -39.77 -32.86 4.23
N THR F 255 -40.02 -33.83 3.35
CA THR F 255 -40.86 -33.61 2.17
C THR F 255 -42.33 -33.66 2.59
N LEU F 256 -43.23 -33.68 1.61
CA LEU F 256 -44.66 -33.74 1.86
C LEU F 256 -45.31 -35.02 1.33
N ASN F 257 -44.78 -35.59 0.26
CA ASN F 257 -45.36 -36.78 -0.37
C ASN F 257 -44.44 -37.98 -0.18
N ILE F 258 -44.88 -39.12 -0.72
CA ILE F 258 -44.11 -40.35 -0.73
C ILE F 258 -43.97 -40.80 -2.17
N SER F 259 -42.82 -41.39 -2.49
CA SER F 259 -42.48 -41.78 -3.86
C SER F 259 -42.58 -43.29 -4.01
N ASP F 260 -43.09 -43.74 -5.16
CA ASP F 260 -43.20 -45.17 -5.41
C ASP F 260 -41.82 -45.82 -5.51
N GLU F 261 -40.93 -45.21 -6.30
CA GLU F 261 -39.57 -45.73 -6.44
C GLU F 261 -38.81 -45.70 -5.12
N PHE F 262 -39.19 -44.79 -4.22
CA PHE F 262 -38.41 -44.54 -3.02
C PHE F 262 -39.24 -44.75 -1.76
N SER F 263 -40.34 -45.50 -1.86
CA SER F 263 -41.05 -45.96 -0.67
C SER F 263 -40.33 -47.11 0.02
N SER F 264 -39.41 -47.77 -0.67
CA SER F 264 -38.57 -48.80 -0.07
C SER F 264 -37.44 -48.21 0.75
N ASN F 265 -37.26 -46.89 0.73
CA ASN F 265 -36.18 -46.24 1.46
C ASN F 265 -36.68 -45.15 2.41
N VAL F 266 -37.98 -45.11 2.70
CA VAL F 266 -38.52 -44.05 3.55
C VAL F 266 -37.96 -44.14 4.95
N ALA F 267 -37.81 -45.37 5.47
CA ALA F 267 -37.22 -45.56 6.80
C ALA F 267 -35.77 -45.11 6.86
N ASN F 268 -35.09 -44.97 5.72
CA ASN F 268 -33.72 -44.50 5.68
C ASN F 268 -33.61 -42.99 5.55
N TYR F 269 -34.74 -42.28 5.45
CA TYR F 269 -34.71 -40.82 5.39
C TYR F 269 -34.31 -40.24 6.75
N GLN F 270 -35.09 -40.55 7.78
CA GLN F 270 -34.88 -39.93 9.10
C GLN F 270 -33.59 -40.39 9.75
N LYS F 271 -33.11 -41.58 9.39
CA LYS F 271 -32.01 -42.20 10.15
C LYS F 271 -30.69 -41.45 10.00
N VAL F 272 -30.46 -40.79 8.87
CA VAL F 272 -29.31 -39.91 8.71
C VAL F 272 -29.68 -38.45 8.62
N GLY F 273 -30.98 -38.12 8.59
CA GLY F 273 -31.38 -36.73 8.71
C GLY F 273 -30.97 -36.08 10.01
N MET F 274 -30.38 -36.84 10.94
CA MET F 274 -29.98 -36.33 12.24
C MET F 274 -28.51 -36.62 12.54
N GLN F 275 -27.70 -36.91 11.52
CA GLN F 275 -26.27 -37.15 11.72
C GLN F 275 -25.54 -36.82 10.42
N LYS F 276 -24.20 -36.87 10.47
CA LYS F 276 -23.41 -36.58 9.29
C LYS F 276 -23.24 -37.81 8.38
N TYR F 277 -22.54 -38.85 8.84
CA TYR F 277 -22.15 -39.90 7.91
C TYR F 277 -23.25 -40.95 7.77
N SER F 278 -23.17 -41.70 6.67
CA SER F 278 -24.10 -42.79 6.35
C SER F 278 -23.28 -44.04 6.08
N THR F 279 -22.90 -44.76 7.12
CA THR F 279 -22.13 -45.98 6.93
C THR F 279 -23.06 -47.05 6.37
N LEU F 280 -22.80 -47.46 5.12
CA LEU F 280 -23.68 -48.40 4.41
C LEU F 280 -23.05 -49.77 4.28
N GLN F 281 -23.83 -50.80 4.59
CA GLN F 281 -23.50 -52.17 4.23
C GLN F 281 -24.44 -52.58 3.10
N GLY F 282 -23.95 -52.50 1.86
CA GLY F 282 -24.78 -52.82 0.72
C GLY F 282 -24.11 -53.68 -0.32
N PRO F 283 -24.65 -54.88 -0.53
CA PRO F 283 -24.15 -55.75 -1.60
C PRO F 283 -24.34 -55.12 -2.96
N PRO F 284 -23.47 -55.44 -3.94
CA PRO F 284 -23.59 -54.86 -5.28
C PRO F 284 -24.98 -55.04 -5.89
N GLY F 285 -25.63 -53.93 -6.21
CA GLY F 285 -26.95 -53.98 -6.81
C GLY F 285 -28.07 -54.38 -5.88
N THR F 286 -28.34 -53.55 -4.87
CA THR F 286 -29.47 -53.74 -3.97
C THR F 286 -30.34 -52.48 -3.96
N GLY F 287 -30.29 -51.70 -5.02
CA GLY F 287 -30.75 -50.32 -4.98
C GLY F 287 -29.62 -49.43 -4.54
N LYS F 288 -28.40 -49.78 -4.98
CA LYS F 288 -27.19 -49.12 -4.52
C LYS F 288 -27.15 -47.65 -4.95
N SER F 289 -27.53 -47.37 -6.19
CA SER F 289 -27.53 -46.01 -6.70
C SER F 289 -28.93 -45.41 -6.82
N HIS F 290 -29.98 -46.22 -6.72
CA HIS F 290 -31.33 -45.68 -6.83
C HIS F 290 -31.65 -44.75 -5.67
N PHE F 291 -31.04 -44.97 -4.51
CA PHE F 291 -31.23 -44.03 -3.41
C PHE F 291 -30.51 -42.71 -3.67
N ALA F 292 -29.44 -42.73 -4.46
CA ALA F 292 -28.74 -41.50 -4.78
C ALA F 292 -29.66 -40.50 -5.48
N ILE F 293 -30.61 -40.98 -6.27
CA ILE F 293 -31.63 -40.10 -6.82
C ILE F 293 -32.86 -40.06 -5.92
N GLY F 294 -33.03 -41.05 -5.05
CA GLY F 294 -34.14 -41.03 -4.11
C GLY F 294 -33.95 -40.00 -3.00
N LEU F 295 -32.82 -40.09 -2.30
CA LEU F 295 -32.50 -39.09 -1.29
C LEU F 295 -32.20 -37.72 -1.90
N ALA F 296 -31.90 -37.67 -3.20
CA ALA F 296 -31.68 -36.40 -3.88
C ALA F 296 -32.96 -35.58 -3.88
N LEU F 297 -34.06 -36.18 -4.32
CA LEU F 297 -35.35 -35.50 -4.28
C LEU F 297 -36.06 -35.66 -2.95
N TYR F 298 -35.40 -36.20 -1.93
CA TYR F 298 -35.94 -36.09 -0.57
C TYR F 298 -36.23 -34.63 -0.25
N TYR F 299 -35.31 -33.74 -0.59
CA TYR F 299 -35.56 -32.30 -0.52
C TYR F 299 -34.80 -31.67 -1.68
N PRO F 300 -35.49 -31.32 -2.77
CA PRO F 300 -34.79 -30.84 -3.97
C PRO F 300 -34.04 -29.53 -3.76
N SER F 301 -34.36 -28.76 -2.73
CA SER F 301 -33.62 -27.54 -2.43
C SER F 301 -32.29 -27.82 -1.73
N ALA F 302 -32.06 -29.05 -1.29
CA ALA F 302 -30.83 -29.39 -0.59
C ALA F 302 -29.64 -29.40 -1.54
N ARG F 303 -28.46 -29.20 -0.98
CA ARG F 303 -27.20 -29.17 -1.73
C ARG F 303 -26.54 -30.54 -1.62
N ILE F 304 -26.58 -31.32 -2.71
CA ILE F 304 -26.13 -32.70 -2.70
C ILE F 304 -24.84 -32.81 -3.50
N VAL F 305 -23.81 -33.42 -2.90
CA VAL F 305 -22.49 -33.53 -3.49
C VAL F 305 -22.31 -34.97 -3.97
N TYR F 306 -22.15 -35.14 -5.28
CA TYR F 306 -21.89 -36.45 -5.87
C TYR F 306 -20.40 -36.61 -6.08
N THR F 307 -19.81 -37.59 -5.39
CA THR F 307 -18.43 -37.99 -5.60
C THR F 307 -18.41 -39.15 -6.58
N ALA F 308 -17.22 -39.47 -7.08
CA ALA F 308 -17.07 -40.59 -7.99
C ALA F 308 -15.75 -41.30 -7.74
N CYS F 309 -15.75 -42.60 -7.98
CA CYS F 309 -14.52 -43.38 -7.93
C CYS F 309 -13.71 -43.21 -9.21
N SER F 310 -14.36 -43.45 -10.35
CA SER F 310 -13.85 -43.08 -11.66
C SER F 310 -14.98 -42.42 -12.44
N HIS F 311 -14.69 -42.00 -13.66
CA HIS F 311 -15.76 -41.44 -14.49
C HIS F 311 -16.79 -42.52 -14.84
N ALA F 312 -16.41 -43.79 -14.78
CA ALA F 312 -17.39 -44.87 -14.85
C ALA F 312 -18.33 -44.86 -13.65
N ALA F 313 -17.83 -44.53 -12.47
CA ALA F 313 -18.68 -44.42 -11.28
C ALA F 313 -19.64 -43.24 -11.38
N VAL F 314 -19.16 -42.08 -11.85
CA VAL F 314 -20.06 -40.96 -12.07
C VAL F 314 -21.01 -41.23 -13.23
N ASP F 315 -20.65 -42.13 -14.14
CA ASP F 315 -21.59 -42.53 -15.19
C ASP F 315 -22.70 -43.41 -14.64
N ALA F 316 -22.34 -44.40 -13.80
CA ALA F 316 -23.36 -45.18 -13.12
C ALA F 316 -24.24 -44.31 -12.25
N LEU F 317 -23.67 -43.24 -11.71
CA LEU F 317 -24.46 -42.19 -11.05
C LEU F 317 -25.30 -41.41 -12.05
N CYS F 318 -24.84 -41.31 -13.31
CA CYS F 318 -25.50 -40.51 -14.32
C CYS F 318 -26.45 -41.31 -15.21
N GLU F 319 -26.13 -42.59 -15.45
CA GLU F 319 -26.82 -43.40 -16.44
C GLU F 319 -28.30 -43.58 -16.11
N LYS F 320 -28.70 -43.13 -14.91
CA LYS F 320 -30.09 -43.15 -14.50
C LYS F 320 -30.62 -41.72 -14.28
N ALA F 321 -29.75 -40.72 -14.28
CA ALA F 321 -30.13 -39.35 -13.97
C ALA F 321 -30.68 -38.58 -15.16
N LEU F 322 -30.83 -39.22 -16.32
CA LEU F 322 -31.42 -38.56 -17.47
C LEU F 322 -32.94 -38.50 -17.43
N LYS F 323 -33.58 -39.21 -16.49
CA LYS F 323 -35.02 -39.32 -16.44
C LYS F 323 -35.65 -38.68 -15.21
N TYR F 324 -35.23 -39.07 -14.02
CA TYR F 324 -35.80 -38.51 -12.80
C TYR F 324 -35.25 -37.14 -12.46
N LEU F 325 -34.22 -36.67 -13.16
CA LEU F 325 -33.59 -35.38 -12.80
C LEU F 325 -33.75 -34.30 -13.88
N PRO F 326 -34.18 -33.06 -13.56
CA PRO F 326 -34.31 -32.10 -14.60
C PRO F 326 -32.97 -31.41 -14.69
N ILE F 327 -32.59 -31.00 -15.87
CA ILE F 327 -31.22 -30.54 -16.05
C ILE F 327 -31.16 -29.01 -15.91
N ASP F 328 -32.17 -28.44 -15.25
CA ASP F 328 -32.22 -26.99 -15.08
C ASP F 328 -30.93 -26.44 -14.47
N LYS F 329 -30.37 -27.13 -13.48
CA LYS F 329 -29.08 -26.73 -12.93
C LYS F 329 -28.31 -27.93 -12.41
N CYS F 330 -27.43 -28.50 -13.24
CA CYS F 330 -26.66 -29.70 -12.90
C CYS F 330 -25.40 -29.76 -13.74
N SER F 331 -24.38 -30.44 -13.22
CA SER F 331 -23.09 -30.47 -13.89
C SER F 331 -22.23 -31.60 -13.35
N ARG F 332 -21.20 -31.95 -14.12
CA ARG F 332 -20.12 -32.79 -13.66
C ARG F 332 -18.78 -32.21 -14.13
N ILE F 333 -17.72 -32.62 -13.45
CA ILE F 333 -16.40 -32.00 -13.57
C ILE F 333 -15.49 -32.87 -14.42
N ILE F 334 -14.77 -32.23 -15.35
CA ILE F 334 -13.76 -32.90 -16.15
C ILE F 334 -12.60 -31.92 -16.36
N PRO F 335 -11.38 -32.27 -15.94
CA PRO F 335 -10.24 -31.41 -16.22
C PRO F 335 -9.71 -31.62 -17.63
N ALA F 336 -9.00 -30.60 -18.11
CA ALA F 336 -8.47 -30.61 -19.48
C ALA F 336 -7.47 -31.75 -19.67
N VAL F 340 -11.64 -36.00 -20.70
CA VAL F 340 -11.29 -37.00 -21.69
C VAL F 340 -12.49 -37.89 -22.00
N GLU F 341 -12.22 -39.10 -22.49
CA GLU F 341 -13.25 -40.01 -22.97
C GLU F 341 -14.18 -40.50 -21.86
N CYS F 342 -15.42 -39.99 -21.85
CA CYS F 342 -16.46 -40.44 -20.94
C CYS F 342 -17.79 -39.74 -21.24
N PHE F 343 -18.82 -40.08 -20.48
CA PHE F 343 -20.08 -39.34 -20.55
C PHE F 343 -19.92 -37.96 -19.91
N ASP F 344 -20.36 -36.93 -20.62
CA ASP F 344 -20.53 -35.59 -20.07
C ASP F 344 -21.91 -35.12 -20.51
N LYS F 345 -22.92 -35.45 -19.72
CA LYS F 345 -24.31 -35.18 -20.04
C LYS F 345 -24.83 -33.90 -19.41
N PHE F 346 -24.01 -33.18 -18.65
CA PHE F 346 -24.46 -32.03 -17.89
C PHE F 346 -23.50 -30.87 -18.14
N LYS F 347 -23.62 -29.81 -17.36
CA LYS F 347 -22.84 -28.61 -17.57
C LYS F 347 -21.35 -28.86 -17.30
N VAL F 348 -20.49 -28.16 -18.05
CA VAL F 348 -19.05 -28.28 -17.90
C VAL F 348 -18.52 -26.95 -17.36
N ASN F 349 -17.57 -27.02 -16.43
CA ASN F 349 -16.99 -25.86 -15.76
C ASN F 349 -18.06 -25.05 -15.01
N SER F 350 -18.99 -25.77 -14.38
CA SER F 350 -19.97 -25.18 -13.48
C SER F 350 -19.87 -25.91 -12.15
N THR F 351 -19.63 -25.18 -11.07
CA THR F 351 -19.30 -25.79 -9.79
C THR F 351 -20.38 -25.59 -8.74
N LEU F 352 -20.73 -24.35 -8.39
CA LEU F 352 -21.67 -24.09 -7.30
C LEU F 352 -23.07 -23.98 -7.92
N GLU F 353 -23.88 -25.00 -7.68
CA GLU F 353 -25.15 -25.18 -8.36
C GLU F 353 -26.17 -25.86 -7.46
N GLN F 354 -27.25 -26.37 -8.04
CA GLN F 354 -28.16 -27.29 -7.37
C GLN F 354 -27.54 -28.66 -7.18
N TYR F 355 -26.94 -29.20 -8.23
CA TYR F 355 -26.31 -30.52 -8.19
C TYR F 355 -25.02 -30.44 -9.00
N VAL F 356 -23.93 -30.96 -8.43
CA VAL F 356 -22.69 -31.13 -9.15
C VAL F 356 -22.21 -32.57 -8.97
N PHE F 357 -22.12 -33.30 -10.08
CA PHE F 357 -21.46 -34.59 -10.07
C PHE F 357 -19.96 -34.32 -10.15
N CYS F 358 -19.16 -35.20 -9.57
CA CYS F 358 -17.73 -34.96 -9.62
C CYS F 358 -16.95 -36.24 -9.30
N THR F 359 -15.80 -36.37 -9.95
CA THR F 359 -14.76 -37.28 -9.50
C THR F 359 -13.78 -36.50 -8.63
N VAL F 360 -13.41 -37.09 -7.50
CA VAL F 360 -12.63 -36.42 -6.46
C VAL F 360 -11.37 -35.78 -7.03
N ASN F 361 -10.88 -36.32 -8.15
CA ASN F 361 -9.61 -35.88 -8.73
C ASN F 361 -9.59 -34.39 -9.08
N ALA F 362 -10.74 -33.79 -9.37
CA ALA F 362 -10.76 -32.38 -9.77
C ALA F 362 -11.92 -31.62 -9.13
N LEU F 363 -12.29 -32.00 -7.91
CA LEU F 363 -13.40 -31.33 -7.24
C LEU F 363 -12.97 -29.97 -6.70
N PRO F 364 -13.76 -28.92 -6.94
CA PRO F 364 -13.41 -27.60 -6.38
C PRO F 364 -13.78 -27.47 -4.91
N GLU F 365 -13.60 -26.26 -4.36
CA GLU F 365 -13.80 -26.01 -2.94
C GLU F 365 -15.05 -25.14 -2.76
N THR F 366 -16.06 -25.69 -2.11
CA THR F 366 -17.31 -24.98 -1.82
C THR F 366 -17.85 -25.49 -0.48
N THR F 367 -19.13 -25.26 -0.21
CA THR F 367 -19.82 -25.77 0.96
C THR F 367 -21.23 -26.17 0.54
N ALA F 368 -21.65 -27.37 0.97
CA ALA F 368 -22.94 -27.89 0.54
C ALA F 368 -23.66 -28.60 1.68
N ASP F 369 -24.67 -29.39 1.36
CA ASP F 369 -25.52 -29.98 2.39
C ASP F 369 -25.36 -31.50 2.42
N ILE F 370 -25.68 -32.15 1.29
CA ILE F 370 -25.63 -33.60 1.14
C ILE F 370 -24.40 -33.98 0.33
N VAL F 371 -23.83 -35.16 0.61
CA VAL F 371 -22.68 -35.70 -0.12
C VAL F 371 -22.94 -37.18 -0.35
N VAL F 372 -23.32 -37.55 -1.57
CA VAL F 372 -23.57 -38.94 -1.92
C VAL F 372 -22.26 -39.55 -2.40
N PHE F 373 -21.69 -40.41 -1.57
CA PHE F 373 -20.42 -41.06 -1.88
C PHE F 373 -20.64 -42.25 -2.82
N ASP F 374 -19.70 -42.46 -3.74
CA ASP F 374 -19.68 -43.66 -4.55
C ASP F 374 -18.82 -44.72 -3.87
N GLU F 375 -19.05 -45.99 -4.23
CA GLU F 375 -18.72 -47.14 -3.38
C GLU F 375 -17.37 -46.99 -2.68
N ILE F 376 -17.39 -47.24 -1.37
CA ILE F 376 -16.24 -46.97 -0.51
C ILE F 376 -15.12 -47.97 -0.71
N SER F 377 -15.38 -49.09 -1.39
CA SER F 377 -14.40 -50.17 -1.48
C SER F 377 -13.11 -49.68 -2.13
N MET F 378 -13.21 -48.95 -3.24
CA MET F 378 -12.01 -48.46 -3.90
C MET F 378 -11.28 -47.42 -3.05
N ALA F 379 -12.02 -46.57 -2.35
CA ALA F 379 -11.44 -45.39 -1.72
C ALA F 379 -10.43 -45.78 -0.65
N THR F 380 -9.26 -45.17 -0.70
CA THR F 380 -8.25 -45.31 0.34
C THR F 380 -8.41 -44.21 1.38
N ASN F 381 -7.48 -44.18 2.33
CA ASN F 381 -7.46 -43.10 3.31
C ASN F 381 -7.24 -41.75 2.66
N TYR F 382 -6.48 -41.70 1.58
CA TYR F 382 -6.20 -40.46 0.86
C TYR F 382 -7.45 -39.90 0.20
N ASP F 383 -8.00 -40.64 -0.76
CA ASP F 383 -8.98 -40.09 -1.68
C ASP F 383 -10.29 -39.74 -0.96
N LEU F 384 -10.71 -40.57 -0.01
CA LEU F 384 -11.94 -40.27 0.74
C LEU F 384 -11.77 -38.99 1.55
N SER F 385 -10.59 -38.78 2.14
CA SER F 385 -10.32 -37.57 2.90
C SER F 385 -10.18 -36.34 2.00
N VAL F 386 -9.81 -36.53 0.72
CA VAL F 386 -9.67 -35.38 -0.16
C VAL F 386 -10.98 -34.60 -0.28
N VAL F 387 -12.11 -35.32 -0.33
CA VAL F 387 -13.40 -34.67 -0.57
C VAL F 387 -13.73 -33.68 0.53
N ASN F 388 -13.65 -34.11 1.79
CA ASN F 388 -13.90 -33.18 2.88
C ASN F 388 -12.68 -32.30 3.17
N ALA F 389 -11.54 -32.57 2.54
CA ALA F 389 -10.44 -31.62 2.56
C ALA F 389 -10.68 -30.44 1.63
N ARG F 390 -11.51 -30.61 0.61
CA ARG F 390 -11.87 -29.51 -0.28
C ARG F 390 -13.32 -29.07 -0.18
N LEU F 391 -14.27 -29.99 0.07
CA LEU F 391 -15.68 -29.65 0.18
C LEU F 391 -16.21 -30.16 1.51
N ARG F 392 -16.36 -29.25 2.47
CA ARG F 392 -16.75 -29.62 3.83
C ARG F 392 -18.24 -29.36 4.07
N ALA F 393 -19.07 -30.23 3.49
CA ALA F 393 -20.48 -30.24 3.84
C ALA F 393 -20.65 -30.86 5.22
N LYS F 394 -21.87 -30.80 5.77
CA LYS F 394 -22.02 -31.17 7.18
C LYS F 394 -23.16 -32.16 7.43
N HIS F 395 -23.59 -32.88 6.39
CA HIS F 395 -24.06 -34.25 6.58
C HIS F 395 -23.72 -35.02 5.32
N TYR F 396 -23.42 -36.30 5.49
CA TYR F 396 -22.74 -37.08 4.47
C TYR F 396 -23.54 -38.34 4.15
N VAL F 397 -23.20 -38.93 3.00
CA VAL F 397 -23.60 -40.29 2.66
C VAL F 397 -22.32 -41.03 2.32
N TYR F 398 -22.29 -42.33 2.63
CA TYR F 398 -21.13 -43.17 2.37
C TYR F 398 -21.57 -44.45 1.66
N ILE F 399 -22.35 -44.28 0.58
CA ILE F 399 -22.78 -45.43 -0.21
C ILE F 399 -21.58 -46.22 -0.67
N GLY F 400 -21.64 -47.53 -0.49
CA GLY F 400 -20.54 -48.44 -0.76
C GLY F 400 -20.45 -49.50 0.31
N ASP F 401 -19.51 -50.42 0.11
CA ASP F 401 -19.42 -51.60 0.96
C ASP F 401 -18.07 -52.27 0.73
N PRO F 402 -17.47 -52.86 1.76
CA PRO F 402 -16.30 -53.73 1.55
C PRO F 402 -16.67 -55.08 0.96
N ALA F 403 -17.91 -55.20 0.47
CA ALA F 403 -18.38 -56.46 -0.09
C ALA F 403 -17.80 -56.77 -1.46
N GLN F 404 -17.02 -55.86 -2.04
CA GLN F 404 -16.51 -56.04 -3.39
C GLN F 404 -15.01 -55.72 -3.41
N LEU F 405 -14.44 -55.70 -4.62
CA LEU F 405 -13.00 -55.51 -4.76
C LEU F 405 -12.64 -54.04 -4.53
N PRO F 406 -11.48 -53.77 -3.92
CA PRO F 406 -10.99 -52.39 -3.85
C PRO F 406 -10.15 -52.03 -5.07
N ALA F 407 -9.59 -50.83 -5.07
CA ALA F 407 -8.62 -50.53 -6.17
C ALA F 407 -7.35 -51.38 -5.91
N PRO F 408 -6.85 -52.19 -6.85
CA PRO F 408 -5.60 -52.92 -6.53
C PRO F 408 -4.40 -52.13 -5.98
N ARG F 409 -3.51 -52.86 -5.25
CA ARG F 409 -2.21 -52.37 -4.77
C ARG F 409 -1.10 -53.06 -5.55
N THR F 410 -0.06 -52.29 -5.88
CA THR F 410 0.94 -52.75 -6.84
C THR F 410 1.83 -53.86 -6.29
N LEU F 411 2.59 -53.57 -5.23
CA LEU F 411 3.54 -54.53 -4.68
C LEU F 411 3.00 -55.26 -3.46
N LEU F 412 1.69 -55.40 -3.34
CA LEU F 412 1.13 -56.20 -2.26
C LEU F 412 1.36 -57.67 -2.59
N THR F 413 2.49 -58.21 -2.13
CA THR F 413 2.91 -59.58 -2.44
C THR F 413 2.75 -60.50 -1.24
N LYS F 414 3.26 -60.10 -0.08
CA LYS F 414 2.99 -60.83 1.15
C LYS F 414 1.52 -60.71 1.51
N GLY F 415 1.16 -61.25 2.68
CA GLY F 415 -0.22 -61.41 3.10
C GLY F 415 -1.18 -60.32 2.67
N THR F 416 -2.22 -60.72 1.94
CA THR F 416 -3.11 -59.75 1.29
C THR F 416 -3.93 -58.98 2.33
N LEU F 417 -4.24 -57.73 1.99
CA LEU F 417 -5.00 -56.88 2.89
C LEU F 417 -6.33 -57.53 3.26
N GLU F 418 -6.68 -57.43 4.54
CA GLU F 418 -7.87 -58.06 5.08
C GLU F 418 -9.12 -57.28 4.71
N PRO F 419 -10.28 -57.94 4.66
CA PRO F 419 -11.51 -57.26 4.23
C PRO F 419 -12.05 -56.23 5.22
N GLU F 420 -11.36 -55.98 6.32
CA GLU F 420 -11.82 -54.98 7.27
C GLU F 420 -11.04 -53.68 7.19
N TYR F 421 -9.75 -53.74 6.89
CA TYR F 421 -8.89 -52.54 6.90
C TYR F 421 -8.73 -51.91 5.52
N PHE F 422 -9.84 -51.64 4.83
CA PHE F 422 -9.74 -50.91 3.56
C PHE F 422 -9.43 -49.44 3.81
N ASN F 423 -10.31 -48.76 4.55
CA ASN F 423 -10.15 -47.36 4.89
C ASN F 423 -10.81 -47.09 6.25
N SER F 424 -11.12 -45.83 6.54
CA SER F 424 -11.61 -45.48 7.87
C SER F 424 -13.05 -45.95 8.09
N VAL F 425 -13.98 -45.52 7.25
CA VAL F 425 -15.40 -45.80 7.46
C VAL F 425 -15.67 -47.30 7.35
N CYS F 426 -14.81 -48.01 6.63
CA CYS F 426 -15.08 -49.41 6.34
C CYS F 426 -14.89 -50.31 7.56
N ARG F 427 -14.30 -49.79 8.63
CA ARG F 427 -14.05 -50.62 9.81
C ARG F 427 -15.22 -50.66 10.78
N LEU F 428 -16.06 -49.63 10.82
CA LEU F 428 -17.03 -49.47 11.89
C LEU F 428 -18.41 -50.04 11.56
N MET F 429 -18.51 -50.91 10.55
CA MET F 429 -19.72 -51.71 10.41
C MET F 429 -19.59 -53.05 11.11
N LYS F 430 -18.37 -53.53 11.31
CA LYS F 430 -18.10 -54.69 12.16
C LYS F 430 -17.31 -54.30 13.41
N THR F 431 -17.20 -53.00 13.68
CA THR F 431 -16.70 -52.46 14.93
C THR F 431 -17.76 -51.68 15.69
N ILE F 432 -18.61 -50.94 14.98
CA ILE F 432 -19.72 -50.22 15.58
C ILE F 432 -21.03 -50.76 15.02
N GLY F 433 -21.07 -50.95 13.70
CA GLY F 433 -22.25 -51.47 13.05
C GLY F 433 -22.75 -50.59 11.92
N PRO F 434 -23.42 -51.19 10.93
CA PRO F 434 -24.00 -50.40 9.84
C PRO F 434 -25.43 -49.99 10.13
N ASP F 435 -25.87 -48.88 9.54
CA ASP F 435 -27.24 -48.42 9.68
C ASP F 435 -28.02 -48.42 8.36
N MET F 436 -27.34 -48.32 7.23
CA MET F 436 -28.00 -48.24 5.93
C MET F 436 -28.00 -49.60 5.25
N PHE F 437 -29.17 -50.00 4.74
CA PHE F 437 -29.30 -51.12 3.80
C PHE F 437 -30.71 -51.19 3.28
N LEU F 438 -30.87 -51.55 2.00
CA LEU F 438 -32.18 -51.82 1.43
C LEU F 438 -32.50 -53.29 1.64
N GLY F 439 -33.65 -53.58 2.24
CA GLY F 439 -34.05 -54.95 2.46
C GLY F 439 -34.48 -55.65 1.18
N THR F 440 -34.21 -55.01 0.05
CA THR F 440 -34.51 -55.54 -1.28
C THR F 440 -33.25 -55.48 -2.13
N CYS F 441 -33.08 -56.47 -3.00
CA CYS F 441 -32.06 -56.44 -4.03
C CYS F 441 -32.73 -56.18 -5.38
N ARG F 442 -31.93 -56.14 -6.45
CA ARG F 442 -32.49 -55.75 -7.75
C ARG F 442 -32.31 -56.78 -8.86
N ARG F 443 -31.27 -57.62 -8.84
CA ARG F 443 -31.13 -58.65 -9.86
C ARG F 443 -31.22 -60.07 -9.33
N CYS F 444 -30.76 -60.30 -8.11
CA CYS F 444 -30.36 -61.63 -7.64
C CYS F 444 -31.54 -62.58 -7.46
N PRO F 445 -31.57 -63.70 -8.16
CA PRO F 445 -32.48 -64.81 -7.78
C PRO F 445 -31.95 -65.60 -6.60
N ALA F 446 -32.57 -66.74 -6.32
CA ALA F 446 -32.33 -67.45 -5.06
C ALA F 446 -30.91 -68.02 -4.96
N GLU F 447 -30.23 -68.25 -6.09
CA GLU F 447 -28.94 -68.93 -6.06
C GLU F 447 -27.81 -68.04 -5.56
N ILE F 448 -28.00 -66.72 -5.54
CA ILE F 448 -26.95 -65.77 -5.25
C ILE F 448 -27.26 -64.95 -4.00
N VAL F 449 -28.17 -65.41 -3.15
CA VAL F 449 -28.56 -64.60 -2.00
C VAL F 449 -28.34 -65.33 -0.68
N ASP F 450 -29.01 -66.47 -0.48
CA ASP F 450 -29.04 -67.09 0.84
C ASP F 450 -27.72 -67.76 1.18
N THR F 451 -27.12 -68.48 0.23
CA THR F 451 -25.85 -69.14 0.51
C THR F 451 -24.71 -68.14 0.63
N VAL F 452 -24.79 -67.01 -0.08
CA VAL F 452 -23.80 -65.96 0.06
C VAL F 452 -23.84 -65.33 1.45
N SER F 453 -24.97 -65.47 2.15
CA SER F 453 -25.14 -64.83 3.46
C SER F 453 -24.19 -65.40 4.51
N ALA F 454 -23.82 -66.68 4.41
CA ALA F 454 -22.86 -67.26 5.34
C ALA F 454 -21.48 -66.63 5.23
N LEU F 455 -21.26 -65.85 4.17
CA LEU F 455 -20.07 -65.04 3.95
C LEU F 455 -20.29 -63.71 4.67
N VAL F 456 -19.60 -62.66 4.25
CA VAL F 456 -19.49 -61.40 4.96
C VAL F 456 -20.76 -60.59 4.70
N TYR F 457 -21.79 -61.28 4.19
CA TYR F 457 -23.08 -60.69 3.90
C TYR F 457 -24.07 -60.81 5.06
N ASP F 458 -23.62 -61.29 6.22
CA ASP F 458 -24.26 -61.07 7.53
C ASP F 458 -25.58 -61.79 7.73
N ASN F 459 -25.92 -62.77 6.90
CA ASN F 459 -27.20 -63.49 7.02
C ASN F 459 -28.36 -62.50 6.99
N LYS F 460 -28.34 -61.60 6.02
CA LYS F 460 -29.12 -60.37 6.07
C LYS F 460 -30.12 -60.19 4.93
N LEU F 461 -29.94 -60.86 3.79
CA LEU F 461 -30.61 -60.46 2.56
C LEU F 461 -31.38 -61.61 1.92
N LYS F 462 -32.48 -61.24 1.25
CA LYS F 462 -33.33 -62.17 0.52
C LYS F 462 -33.11 -62.01 -0.97
N ALA F 463 -33.88 -62.78 -1.76
CA ALA F 463 -33.83 -62.72 -3.21
C ALA F 463 -34.86 -61.71 -3.74
N HIS F 464 -34.62 -61.26 -4.98
CA HIS F 464 -35.53 -60.32 -5.63
C HIS F 464 -36.73 -61.08 -6.17
N LYS F 465 -36.50 -61.98 -7.11
CA LYS F 465 -37.46 -62.98 -7.53
C LYS F 465 -36.84 -64.36 -7.41
N ASP F 466 -37.69 -65.38 -7.39
CA ASP F 466 -37.29 -66.68 -6.85
C ASP F 466 -36.38 -67.48 -7.78
N LYS F 467 -36.16 -68.75 -7.43
CA LYS F 467 -35.06 -69.55 -7.96
C LYS F 467 -35.20 -69.76 -9.47
N SER F 468 -34.04 -69.81 -10.13
CA SER F 468 -33.95 -70.15 -11.55
C SER F 468 -33.36 -71.54 -11.79
N ALA F 469 -32.53 -72.03 -10.86
CA ALA F 469 -31.88 -73.34 -10.98
C ALA F 469 -31.10 -73.47 -12.28
N GLN F 470 -30.41 -72.39 -12.67
CA GLN F 470 -29.69 -72.35 -13.93
C GLN F 470 -28.21 -72.03 -13.79
N CYS F 471 -27.75 -71.55 -12.63
CA CYS F 471 -26.32 -71.37 -12.43
C CYS F 471 -25.60 -72.71 -12.54
N PHE F 472 -24.47 -72.72 -13.25
CA PHE F 472 -23.72 -73.93 -13.53
C PHE F 472 -22.50 -74.02 -12.62
N LYS F 473 -22.07 -75.25 -12.36
CA LYS F 473 -20.88 -75.51 -11.57
C LYS F 473 -20.27 -76.82 -12.05
N MET F 474 -18.95 -76.94 -11.86
N MET F 474 -18.95 -76.93 -11.86
CA MET F 474 -18.19 -78.07 -12.37
CA MET F 474 -18.14 -78.01 -12.41
C MET F 474 -17.37 -78.68 -11.25
C MET F 474 -17.32 -78.64 -11.29
N PHE F 475 -16.70 -79.79 -11.59
CA PHE F 475 -15.78 -80.48 -10.69
C PHE F 475 -14.51 -80.82 -11.47
N TYR F 476 -13.47 -79.99 -11.35
CA TYR F 476 -12.21 -80.26 -12.03
C TYR F 476 -11.02 -79.75 -11.22
N LYS F 477 -9.82 -79.73 -11.82
CA LYS F 477 -8.60 -79.36 -11.12
C LYS F 477 -7.81 -78.26 -11.81
N GLY F 478 -7.69 -78.31 -13.12
CA GLY F 478 -7.07 -77.24 -13.90
C GLY F 478 -5.57 -77.45 -14.12
N VAL F 479 -5.10 -76.97 -15.28
CA VAL F 479 -3.68 -76.99 -15.63
C VAL F 479 -3.32 -75.62 -16.18
N ILE F 480 -2.21 -75.05 -15.69
CA ILE F 480 -1.84 -73.66 -15.99
C ILE F 480 -0.37 -73.57 -16.35
N THR F 481 -0.06 -72.79 -17.39
CA THR F 481 1.29 -72.33 -17.68
C THR F 481 1.23 -70.83 -17.86
N HIS F 482 1.93 -70.09 -17.00
CA HIS F 482 1.66 -68.68 -16.79
C HIS F 482 2.78 -67.80 -17.31
N ASP F 483 2.40 -66.59 -17.73
CA ASP F 483 3.31 -65.54 -18.18
C ASP F 483 3.71 -64.66 -16.99
N VAL F 484 4.22 -63.46 -17.27
CA VAL F 484 4.86 -62.64 -16.24
C VAL F 484 3.91 -62.37 -15.07
N SER F 485 2.65 -62.02 -15.33
CA SER F 485 1.70 -61.83 -14.25
C SER F 485 0.31 -62.34 -14.61
N SER F 486 0.23 -63.13 -15.68
CA SER F 486 -1.04 -63.62 -16.17
C SER F 486 -1.01 -65.15 -16.19
N ALA F 487 -2.21 -65.74 -16.30
CA ALA F 487 -2.34 -67.19 -16.28
C ALA F 487 -3.52 -67.63 -17.13
N ILE F 488 -3.29 -68.53 -18.07
CA ILE F 488 -4.30 -68.98 -19.01
C ILE F 488 -4.42 -70.50 -18.89
N ASN F 489 -5.67 -70.97 -18.84
CA ASN F 489 -5.96 -72.39 -18.75
C ASN F 489 -6.28 -72.92 -20.13
N ARG F 490 -5.35 -73.69 -20.71
CA ARG F 490 -5.68 -74.41 -21.94
C ARG F 490 -6.79 -75.44 -21.71
N PRO F 491 -6.73 -76.30 -20.67
CA PRO F 491 -7.82 -77.26 -20.48
C PRO F 491 -9.11 -76.65 -19.96
N GLN F 492 -9.04 -75.75 -18.97
CA GLN F 492 -10.28 -75.25 -18.37
C GLN F 492 -11.02 -74.31 -19.27
N ILE F 493 -10.36 -73.68 -20.25
CA ILE F 493 -11.09 -73.03 -21.34
C ILE F 493 -11.45 -74.05 -22.42
N GLY F 494 -10.84 -75.23 -22.40
CA GLY F 494 -11.29 -76.31 -23.27
C GLY F 494 -12.50 -77.07 -22.77
N VAL F 495 -12.72 -77.08 -21.45
CA VAL F 495 -13.92 -77.72 -20.92
C VAL F 495 -15.13 -76.81 -21.00
N VAL F 496 -14.94 -75.49 -20.97
CA VAL F 496 -16.07 -74.60 -21.20
C VAL F 496 -16.43 -74.60 -22.68
N ARG F 497 -15.47 -74.89 -23.54
CA ARG F 497 -15.73 -75.09 -24.97
C ARG F 497 -16.81 -76.14 -25.20
N GLU F 498 -16.82 -77.19 -24.38
CA GLU F 498 -17.84 -78.23 -24.47
C GLU F 498 -19.17 -77.79 -23.88
N PHE F 499 -19.14 -76.89 -22.90
CA PHE F 499 -20.37 -76.40 -22.29
C PHE F 499 -21.09 -75.40 -23.18
N LEU F 500 -20.35 -74.62 -23.97
CA LEU F 500 -20.97 -73.53 -24.72
C LEU F 500 -21.75 -74.04 -25.94
N THR F 501 -21.06 -74.71 -26.86
CA THR F 501 -21.71 -75.10 -28.11
C THR F 501 -22.79 -76.15 -27.90
N ARG F 502 -22.62 -77.00 -26.90
CA ARG F 502 -23.60 -78.04 -26.58
C ARG F 502 -24.72 -77.52 -25.70
N ASN F 503 -24.71 -76.22 -25.38
CA ASN F 503 -25.86 -75.52 -24.81
C ASN F 503 -26.10 -74.31 -25.69
N PRO F 504 -26.88 -74.45 -26.76
CA PRO F 504 -26.90 -73.41 -27.81
C PRO F 504 -27.35 -72.04 -27.34
N ALA F 505 -28.16 -71.96 -26.29
CA ALA F 505 -28.65 -70.67 -25.78
C ALA F 505 -27.76 -70.09 -24.70
N TRP F 506 -26.60 -70.69 -24.45
CA TRP F 506 -25.70 -70.25 -23.40
C TRP F 506 -24.94 -68.97 -23.77
N ARG F 507 -24.84 -68.66 -25.05
CA ARG F 507 -23.91 -67.64 -25.55
C ARG F 507 -24.57 -66.26 -25.64
N LYS F 508 -25.19 -65.84 -24.55
CA LYS F 508 -25.41 -64.44 -24.24
C LYS F 508 -24.44 -63.98 -23.16
N ALA F 509 -23.74 -64.92 -22.56
CA ALA F 509 -22.91 -64.66 -21.39
C ALA F 509 -21.53 -64.15 -21.77
N VAL F 510 -20.95 -63.38 -20.87
CA VAL F 510 -19.59 -62.87 -21.01
C VAL F 510 -18.71 -63.64 -20.03
N PHE F 511 -17.61 -64.19 -20.52
CA PHE F 511 -16.67 -64.92 -19.69
C PHE F 511 -15.68 -63.94 -19.07
N ILE F 512 -15.48 -64.05 -17.75
CA ILE F 512 -14.65 -63.13 -17.01
C ILE F 512 -13.38 -63.85 -16.57
N SER F 513 -12.29 -63.10 -16.46
CA SER F 513 -11.05 -63.61 -15.87
C SER F 513 -10.20 -62.45 -15.38
N PRO F 514 -9.75 -62.46 -14.11
CA PRO F 514 -8.78 -61.46 -13.67
C PRO F 514 -7.53 -61.42 -14.53
N TYR F 515 -7.11 -62.55 -15.08
CA TYR F 515 -6.06 -62.58 -16.09
C TYR F 515 -6.70 -62.46 -17.47
N ASN F 516 -6.91 -61.21 -17.89
CA ASN F 516 -7.62 -60.91 -19.13
C ASN F 516 -6.98 -61.59 -20.34
N SER F 517 -5.75 -62.10 -20.17
CA SER F 517 -5.16 -62.94 -21.19
C SER F 517 -6.05 -64.13 -21.52
N GLN F 518 -6.78 -64.65 -20.52
CA GLN F 518 -7.79 -65.67 -20.79
C GLN F 518 -8.87 -65.13 -21.71
N ASN F 519 -9.36 -63.92 -21.43
CA ASN F 519 -10.34 -63.30 -22.31
C ASN F 519 -9.74 -62.79 -23.61
N ALA F 520 -8.43 -62.55 -23.63
CA ALA F 520 -7.76 -62.22 -24.88
C ALA F 520 -7.71 -63.43 -25.80
N VAL F 521 -7.46 -64.62 -25.24
CA VAL F 521 -7.32 -65.84 -26.03
C VAL F 521 -8.65 -66.51 -26.34
N ALA F 522 -9.61 -66.48 -25.40
CA ALA F 522 -10.90 -67.11 -25.64
C ALA F 522 -11.67 -66.46 -26.77
N SER F 523 -11.33 -65.22 -27.12
CA SER F 523 -11.92 -64.57 -28.28
C SER F 523 -11.44 -65.18 -29.59
N LYS F 524 -10.38 -65.99 -29.56
CA LYS F 524 -9.87 -66.63 -30.78
C LYS F 524 -10.63 -67.90 -31.14
N ILE F 525 -11.39 -68.46 -30.20
CA ILE F 525 -12.15 -69.68 -30.46
C ILE F 525 -13.64 -69.37 -30.31
N LEU F 526 -13.97 -68.41 -29.47
CA LEU F 526 -15.35 -68.08 -29.14
C LEU F 526 -15.77 -66.69 -29.60
N GLY F 527 -14.94 -65.68 -29.36
CA GLY F 527 -15.24 -64.32 -29.79
C GLY F 527 -16.13 -63.52 -28.86
N LEU F 528 -16.50 -64.07 -27.71
CA LEU F 528 -17.34 -63.34 -26.79
C LEU F 528 -16.58 -62.14 -26.21
N PRO F 529 -17.28 -61.08 -25.82
CA PRO F 529 -16.59 -59.87 -25.36
C PRO F 529 -15.74 -60.13 -24.11
N THR F 530 -14.62 -59.43 -24.05
CA THR F 530 -13.68 -59.56 -22.94
C THR F 530 -14.05 -58.62 -21.79
N GLN F 531 -13.85 -59.10 -20.57
CA GLN F 531 -14.14 -58.30 -19.38
C GLN F 531 -13.52 -58.98 -18.17
N THR F 532 -12.97 -58.16 -17.27
CA THR F 532 -12.44 -58.63 -16.00
C THR F 532 -13.21 -58.00 -14.85
N VAL F 533 -13.14 -58.61 -13.67
CA VAL F 533 -13.88 -58.12 -12.50
C VAL F 533 -13.08 -57.06 -11.76
N ASP F 534 -12.00 -56.58 -12.38
CA ASP F 534 -11.30 -55.42 -11.83
C ASP F 534 -12.23 -54.22 -11.81
N SER F 535 -13.02 -54.04 -12.86
CA SER F 535 -14.04 -52.99 -12.94
C SER F 535 -15.43 -53.59 -13.09
N SER F 536 -15.74 -54.60 -12.27
CA SER F 536 -17.05 -55.24 -12.33
C SER F 536 -18.17 -54.33 -11.84
N GLN F 537 -17.84 -53.19 -11.25
CA GLN F 537 -18.83 -52.16 -10.95
C GLN F 537 -19.34 -51.54 -12.24
N GLY F 538 -20.67 -51.37 -12.32
CA GLY F 538 -21.30 -50.86 -13.50
C GLY F 538 -21.74 -51.92 -14.49
N SER F 539 -21.00 -53.02 -14.58
CA SER F 539 -21.39 -54.15 -15.42
C SER F 539 -22.49 -54.93 -14.69
N GLU F 540 -23.68 -54.98 -15.29
CA GLU F 540 -24.84 -55.67 -14.71
C GLU F 540 -25.54 -56.37 -15.87
N TYR F 541 -25.26 -57.66 -16.05
CA TYR F 541 -25.71 -58.39 -17.22
C TYR F 541 -26.52 -59.60 -16.82
N ASP F 542 -27.28 -60.11 -17.80
CA ASP F 542 -28.17 -61.25 -17.59
C ASP F 542 -27.38 -62.56 -17.50
N TYR F 543 -26.54 -62.84 -18.49
CA TYR F 543 -25.79 -64.08 -18.55
C TYR F 543 -24.30 -63.81 -18.41
N VAL F 544 -23.62 -64.60 -17.59
CA VAL F 544 -22.19 -64.42 -17.32
C VAL F 544 -21.52 -65.79 -17.20
N ILE F 545 -20.23 -65.84 -17.54
CA ILE F 545 -19.39 -67.00 -17.31
C ILE F 545 -18.22 -66.57 -16.41
N PHE F 546 -17.71 -67.52 -15.62
CA PHE F 546 -16.52 -67.28 -14.84
C PHE F 546 -15.83 -68.61 -14.54
N THR F 547 -14.52 -68.53 -14.30
CA THR F 547 -13.69 -69.67 -13.97
C THR F 547 -12.70 -69.27 -12.88
N GLN F 548 -12.11 -70.29 -12.24
CA GLN F 548 -11.22 -70.09 -11.11
C GLN F 548 -9.75 -70.01 -11.50
N THR F 549 -9.35 -70.67 -12.60
CA THR F 549 -7.97 -70.68 -13.10
C THR F 549 -7.08 -71.24 -11.98
N THR F 550 -6.05 -70.53 -11.55
CA THR F 550 -5.27 -70.96 -10.40
C THR F 550 -6.11 -70.92 -9.14
N GLU F 551 -5.85 -71.85 -8.23
CA GLU F 551 -6.62 -71.96 -7.00
C GLU F 551 -6.07 -71.08 -5.88
N THR F 552 -5.11 -70.21 -6.17
CA THR F 552 -4.46 -69.41 -5.15
C THR F 552 -5.38 -68.28 -4.68
N ALA F 553 -4.85 -67.39 -3.84
CA ALA F 553 -5.63 -66.36 -3.18
C ALA F 553 -5.88 -65.13 -4.04
N HIS F 554 -5.34 -65.07 -5.27
CA HIS F 554 -5.51 -63.88 -6.09
C HIS F 554 -6.97 -63.66 -6.48
N SER F 555 -7.73 -64.73 -6.70
CA SER F 555 -9.13 -64.61 -7.08
C SER F 555 -10.08 -65.45 -6.23
N CYS F 556 -9.57 -66.35 -5.39
CA CYS F 556 -10.46 -67.23 -4.63
C CYS F 556 -11.11 -66.53 -3.44
N ASN F 557 -10.51 -65.45 -2.95
CA ASN F 557 -10.91 -64.88 -1.67
C ASN F 557 -12.29 -64.22 -1.75
N VAL F 558 -12.74 -63.69 -0.61
CA VAL F 558 -14.11 -63.20 -0.47
C VAL F 558 -14.39 -62.05 -1.45
N ASN F 559 -13.61 -60.97 -1.36
CA ASN F 559 -13.83 -59.80 -2.19
C ASN F 559 -13.43 -60.05 -3.63
N ARG F 560 -12.80 -61.19 -3.91
CA ARG F 560 -12.38 -61.56 -5.25
C ARG F 560 -13.36 -62.50 -5.93
N PHE F 561 -13.98 -63.41 -5.18
CA PHE F 561 -15.05 -64.25 -5.68
C PHE F 561 -16.33 -63.44 -5.82
N ASN F 562 -16.77 -62.81 -4.72
CA ASN F 562 -18.12 -62.25 -4.68
C ASN F 562 -18.29 -61.05 -5.61
N VAL F 563 -17.19 -60.49 -6.13
CA VAL F 563 -17.31 -59.39 -7.07
C VAL F 563 -17.89 -59.87 -8.41
N ALA F 564 -17.80 -61.18 -8.69
CA ALA F 564 -18.25 -61.72 -9.97
C ALA F 564 -19.57 -62.45 -9.88
N ILE F 565 -19.86 -63.11 -8.75
CA ILE F 565 -21.06 -63.96 -8.67
C ILE F 565 -22.34 -63.12 -8.63
N THR F 566 -22.33 -61.99 -7.92
CA THR F 566 -23.52 -61.17 -7.78
C THR F 566 -23.75 -60.36 -9.04
N ARG F 567 -24.13 -61.03 -10.13
CA ARG F 567 -24.21 -60.35 -11.42
C ARG F 567 -25.52 -60.58 -12.17
N ALA F 568 -26.09 -61.77 -12.08
CA ALA F 568 -27.10 -62.21 -13.03
C ALA F 568 -28.51 -62.11 -12.45
N LYS F 569 -29.46 -61.75 -13.32
CA LYS F 569 -30.87 -61.94 -13.03
C LYS F 569 -31.34 -63.37 -13.28
N VAL F 570 -30.54 -64.17 -13.99
CA VAL F 570 -30.91 -65.54 -14.31
C VAL F 570 -29.86 -66.50 -13.76
N GLY F 571 -28.63 -66.41 -14.26
CA GLY F 571 -27.58 -67.31 -13.79
C GLY F 571 -26.22 -67.08 -14.42
N ILE F 572 -25.17 -67.53 -13.73
CA ILE F 572 -23.80 -67.47 -14.23
C ILE F 572 -23.17 -68.85 -14.10
N LEU F 573 -22.15 -69.09 -14.92
CA LEU F 573 -21.38 -70.33 -14.84
C LEU F 573 -20.25 -70.16 -13.83
N CYS F 574 -19.96 -71.24 -13.10
CA CYS F 574 -18.92 -71.23 -12.07
C CYS F 574 -18.01 -72.42 -12.32
N ILE F 575 -16.82 -72.17 -12.86
CA ILE F 575 -15.82 -73.21 -13.10
C ILE F 575 -14.83 -73.10 -11.95
N MET F 576 -14.87 -74.09 -11.05
CA MET F 576 -13.98 -74.08 -9.88
C MET F 576 -12.79 -75.01 -10.11
N SER F 577 -11.69 -74.66 -9.46
CA SER F 577 -10.53 -75.54 -9.36
C SER F 577 -10.24 -75.94 -7.92
N ASP F 578 -10.45 -75.05 -6.96
CA ASP F 578 -10.18 -75.32 -5.55
C ASP F 578 -11.43 -75.75 -4.84
N ARG F 579 -11.37 -76.22 -3.61
CA ARG F 579 -12.52 -76.79 -2.92
C ARG F 579 -13.01 -75.96 -1.74
N ASP F 580 -12.28 -74.90 -1.37
CA ASP F 580 -12.71 -74.02 -0.29
C ASP F 580 -14.09 -73.44 -0.58
N LEU F 581 -14.19 -72.62 -1.62
CA LEU F 581 -15.45 -72.02 -1.99
C LEU F 581 -16.29 -72.93 -2.89
N TYR F 582 -15.75 -74.06 -3.31
CA TYR F 582 -16.60 -75.12 -3.82
C TYR F 582 -17.45 -75.72 -2.72
N ASP F 583 -16.84 -75.99 -1.57
CA ASP F 583 -17.59 -76.43 -0.40
C ASP F 583 -18.39 -75.30 0.22
N LYS F 584 -17.94 -74.06 0.05
CA LYS F 584 -18.63 -72.91 0.64
C LYS F 584 -19.91 -72.59 -0.13
N LEU F 585 -19.79 -72.31 -1.43
CA LEU F 585 -20.94 -71.98 -2.25
C LEU F 585 -21.33 -73.19 -3.10
N GLN F 586 -22.61 -73.56 -3.04
CA GLN F 586 -23.14 -74.72 -3.73
C GLN F 586 -24.11 -74.30 -4.82
N PHE F 587 -23.96 -74.91 -6.01
CA PHE F 587 -24.85 -74.66 -7.13
C PHE F 587 -25.20 -75.96 -7.83
N THR F 588 -25.76 -75.85 -9.04
CA THR F 588 -26.11 -77.03 -9.82
C THR F 588 -24.85 -77.72 -10.33
N SER F 589 -24.72 -79.00 -10.04
CA SER F 589 -23.56 -79.79 -10.44
C SER F 589 -23.99 -80.93 -11.36
N LEU F 590 -23.19 -81.18 -12.39
CA LEU F 590 -23.48 -82.22 -13.37
C LEU F 590 -22.23 -83.02 -13.68
N GLU F 591 -22.27 -83.81 -14.76
CA GLU F 591 -21.15 -84.62 -15.18
C GLU F 591 -20.19 -83.80 -16.03
N ILE F 592 -18.93 -84.18 -15.99
CA ILE F 592 -17.86 -83.51 -16.71
C ILE F 592 -17.59 -84.27 -18.00
N PRO F 593 -17.70 -83.63 -19.17
CA PRO F 593 -17.47 -84.29 -20.47
C PRO F 593 -16.00 -84.30 -20.86
N ASN G 1 35.47 36.62 -46.37
CA ASN G 1 36.56 35.83 -46.94
C ASN G 1 36.70 34.51 -46.20
N ASN G 2 36.34 33.41 -46.86
CA ASN G 2 36.50 32.07 -46.31
C ASN G 2 37.17 31.21 -47.36
N GLU G 3 38.35 30.71 -47.07
CA GLU G 3 39.24 30.14 -48.06
C GLU G 3 39.43 28.65 -47.85
N LEU G 4 39.87 27.98 -48.93
CA LEU G 4 39.96 26.52 -48.92
C LEU G 4 41.17 26.03 -48.12
N SER G 5 42.35 26.55 -48.44
CA SER G 5 43.58 26.15 -47.75
C SER G 5 44.60 27.27 -47.82
N PRO G 6 44.61 28.17 -46.85
CA PRO G 6 45.77 29.05 -46.67
C PRO G 6 46.89 28.23 -46.04
N VAL G 7 48.11 28.34 -46.60
CA VAL G 7 49.25 27.49 -46.28
C VAL G 7 49.01 26.10 -46.87
N ALA G 8 49.84 25.69 -47.82
CA ALA G 8 49.62 24.48 -48.60
C ALA G 8 50.20 23.28 -47.85
N LEU G 9 50.31 22.14 -48.53
CA LEU G 9 50.74 20.88 -47.91
C LEU G 9 51.88 20.30 -48.74
N ARG G 10 52.37 19.12 -48.35
CA ARG G 10 53.52 18.48 -48.98
C ARG G 10 53.13 17.12 -49.52
N GLN G 11 54.06 16.51 -50.26
CA GLN G 11 53.84 15.17 -50.79
C GLN G 11 55.17 14.48 -51.07
N MET G 12 55.24 13.19 -50.74
CA MET G 12 56.27 12.28 -51.20
C MET G 12 55.61 10.98 -51.66
N SER G 13 56.41 10.10 -52.26
CA SER G 13 55.89 8.94 -52.96
C SER G 13 55.57 7.80 -51.99
N CYS G 14 54.98 6.73 -52.55
CA CYS G 14 54.70 5.50 -51.83
C CYS G 14 54.40 4.38 -52.82
N ALA G 15 54.08 3.19 -52.31
CA ALA G 15 53.80 2.02 -53.14
C ALA G 15 52.30 1.77 -53.19
N ALA G 16 51.88 0.97 -54.17
CA ALA G 16 50.47 0.69 -54.38
C ALA G 16 50.35 -0.59 -55.21
N GLY G 17 49.11 -1.04 -55.37
CA GLY G 17 48.86 -2.25 -56.14
C GLY G 17 47.38 -2.42 -56.41
N THR G 18 47.05 -3.57 -57.01
CA THR G 18 45.65 -3.88 -57.33
C THR G 18 44.93 -4.48 -56.13
N THR G 19 45.40 -5.60 -55.62
CA THR G 19 44.81 -6.29 -54.49
C THR G 19 45.79 -6.29 -53.32
N GLN G 20 45.43 -7.06 -52.28
CA GLN G 20 46.14 -7.06 -50.99
C GLN G 20 47.66 -7.11 -51.14
N THR G 21 48.18 -8.18 -51.73
CA THR G 21 49.63 -8.34 -51.87
C THR G 21 50.11 -8.04 -53.29
N ALA G 22 49.36 -7.21 -54.02
CA ALA G 22 49.81 -6.79 -55.35
C ALA G 22 50.81 -5.65 -55.30
N CYS G 23 51.06 -5.07 -54.12
CA CYS G 23 52.00 -3.96 -53.98
C CYS G 23 53.40 -4.34 -54.46
N THR G 24 53.86 -3.70 -55.53
CA THR G 24 55.25 -3.91 -55.93
C THR G 24 56.14 -2.79 -55.39
N ASP G 25 55.93 -1.56 -55.86
CA ASP G 25 56.68 -0.40 -55.42
C ASP G 25 56.00 0.89 -55.85
N ASP G 26 56.73 2.00 -55.87
CA ASP G 26 56.20 3.30 -56.26
C ASP G 26 55.34 3.19 -57.52
N ASN G 27 54.04 3.44 -57.35
CA ASN G 27 53.08 3.45 -58.45
C ASN G 27 52.06 4.57 -58.28
N ALA G 28 52.34 5.53 -57.40
CA ALA G 28 51.31 6.44 -56.94
C ALA G 28 51.89 7.83 -56.67
N LEU G 29 50.99 8.77 -56.35
CA LEU G 29 51.30 10.15 -55.95
C LEU G 29 50.43 10.45 -54.74
N ALA G 30 50.93 10.14 -53.55
CA ALA G 30 50.14 10.14 -52.32
C ALA G 30 50.40 11.41 -51.52
N TYR G 31 49.45 12.34 -51.58
CA TYR G 31 49.55 13.63 -50.89
C TYR G 31 49.42 13.44 -49.38
N TYR G 32 49.88 14.42 -48.58
CA TYR G 32 49.87 14.22 -47.14
C TYR G 32 50.00 15.56 -46.43
N ASN G 33 49.72 15.55 -45.12
CA ASN G 33 50.12 16.62 -44.22
C ASN G 33 50.69 16.00 -42.95
N THR G 34 51.65 16.67 -42.33
CA THR G 34 52.35 16.11 -41.17
C THR G 34 51.60 16.48 -39.90
N THR G 35 50.85 15.53 -39.35
CA THR G 35 50.39 15.64 -37.98
C THR G 35 51.51 15.20 -37.05
N LYS G 36 51.63 15.86 -35.90
CA LYS G 36 52.72 15.56 -34.97
C LYS G 36 52.74 14.08 -34.60
N GLY G 37 51.58 13.50 -34.32
CA GLY G 37 51.49 12.07 -34.06
C GLY G 37 51.31 11.27 -35.33
N GLY G 38 52.36 11.19 -36.14
CA GLY G 38 52.29 10.48 -37.41
C GLY G 38 51.66 11.32 -38.51
N ARG G 39 52.21 11.25 -39.71
CA ARG G 39 51.74 12.09 -40.81
C ARG G 39 50.63 11.38 -41.56
N PHE G 40 49.53 12.09 -41.79
CA PHE G 40 48.37 11.52 -42.46
C PHE G 40 48.49 11.75 -43.97
N VAL G 41 48.40 10.67 -44.74
CA VAL G 41 48.48 10.72 -46.19
C VAL G 41 47.08 10.97 -46.74
N LEU G 42 46.96 11.85 -47.73
CA LEU G 42 45.66 12.35 -48.16
C LEU G 42 45.19 11.77 -49.50
N ALA G 43 45.94 11.97 -50.57
CA ALA G 43 45.42 11.73 -51.91
C ALA G 43 46.44 11.02 -52.78
N LEU G 44 46.05 9.86 -53.33
CA LEU G 44 46.81 9.06 -54.27
C LEU G 44 46.46 9.47 -55.70
N LEU G 45 47.24 8.97 -56.66
CA LEU G 45 47.08 9.33 -58.06
C LEU G 45 47.83 8.30 -58.89
N SER G 46 47.27 7.98 -60.05
CA SER G 46 47.74 6.80 -60.77
C SER G 46 47.87 7.07 -62.26
N ASP G 47 48.94 6.56 -62.86
CA ASP G 47 48.97 6.40 -64.31
C ASP G 47 48.28 5.11 -64.74
N LEU G 48 48.28 4.10 -63.88
CA LEU G 48 47.56 2.87 -64.12
C LEU G 48 46.06 3.10 -63.96
N GLN G 49 45.26 2.18 -64.51
CA GLN G 49 43.81 2.37 -64.51
C GLN G 49 43.17 2.00 -63.18
N ASP G 50 43.32 0.74 -62.76
CA ASP G 50 42.55 0.20 -61.64
C ASP G 50 43.49 -0.33 -60.55
N LEU G 51 43.82 0.53 -59.59
CA LEU G 51 44.43 0.11 -58.35
C LEU G 51 43.39 0.14 -57.23
N LYS G 52 43.54 -0.78 -56.28
CA LYS G 52 42.62 -0.81 -55.15
C LYS G 52 43.28 -1.03 -53.80
N TRP G 53 44.59 -1.23 -53.72
CA TRP G 53 45.24 -1.47 -52.43
C TRP G 53 46.66 -0.92 -52.48
N ALA G 54 46.92 0.14 -51.73
CA ALA G 54 48.25 0.66 -51.50
C ALA G 54 48.69 0.35 -50.07
N ARG G 55 49.99 0.50 -49.81
CA ARG G 55 50.54 0.09 -48.54
C ARG G 55 51.74 0.97 -48.18
N PHE G 56 51.84 1.33 -46.90
CA PHE G 56 52.85 2.25 -46.39
C PHE G 56 53.53 1.63 -45.18
N PRO G 57 54.86 1.57 -45.15
CA PRO G 57 55.55 1.03 -43.98
C PRO G 57 55.31 1.88 -42.73
N LYS G 58 55.34 1.20 -41.58
CA LYS G 58 55.00 1.82 -40.31
C LYS G 58 56.12 2.74 -39.82
N SER G 59 55.77 3.59 -38.85
CA SER G 59 56.76 4.39 -38.14
C SER G 59 57.60 3.56 -37.19
N ASP G 60 57.22 2.32 -36.92
CA ASP G 60 57.97 1.40 -36.08
C ASP G 60 58.66 0.30 -36.87
N GLY G 61 58.30 0.10 -38.13
CA GLY G 61 58.89 -0.94 -38.95
C GLY G 61 58.32 -2.33 -38.76
N THR G 62 57.38 -2.52 -37.83
CA THR G 62 56.81 -3.84 -37.60
C THR G 62 55.66 -4.11 -38.56
N GLY G 63 54.60 -3.29 -38.50
CA GLY G 63 53.44 -3.47 -39.33
C GLY G 63 53.50 -2.59 -40.58
N THR G 64 52.40 -2.66 -41.35
CA THR G 64 52.25 -1.84 -42.54
C THR G 64 50.80 -1.41 -42.67
N ILE G 65 50.60 -0.13 -43.00
CA ILE G 65 49.26 0.43 -43.09
C ILE G 65 48.75 0.24 -44.52
N TYR G 66 47.56 -0.36 -44.64
CA TYR G 66 46.94 -0.56 -45.94
C TYR G 66 45.90 0.52 -46.21
N THR G 67 45.70 0.81 -47.51
CA THR G 67 44.77 1.86 -47.93
C THR G 67 44.07 1.38 -49.20
N GLU G 68 42.77 1.07 -49.08
CA GLU G 68 41.96 0.67 -50.23
C GLU G 68 41.23 1.88 -50.80
N LEU G 69 41.07 1.90 -52.11
CA LEU G 69 40.69 3.11 -52.84
C LEU G 69 39.27 3.01 -53.39
N GLU G 70 38.72 4.17 -53.72
CA GLU G 70 37.43 4.30 -54.38
C GLU G 70 37.63 4.41 -55.88
N PRO G 71 36.56 4.30 -56.68
CA PRO G 71 36.71 4.38 -58.15
C PRO G 71 37.33 5.70 -58.58
N PRO G 72 38.18 5.67 -59.61
CA PRO G 72 38.96 6.86 -59.97
C PRO G 72 38.16 7.85 -60.81
N CYS G 73 38.75 9.04 -60.96
CA CYS G 73 38.29 10.04 -61.90
C CYS G 73 39.44 10.42 -62.82
N ARG G 74 39.12 10.54 -64.11
CA ARG G 74 40.13 10.72 -65.16
C ARG G 74 40.32 12.19 -65.49
N PHE G 75 41.56 12.54 -65.77
CA PHE G 75 41.89 13.88 -66.27
C PHE G 75 43.25 13.85 -66.94
N VAL G 76 43.46 14.81 -67.83
CA VAL G 76 44.70 14.98 -68.57
C VAL G 76 45.26 16.36 -68.28
N THR G 77 46.57 16.45 -68.16
CA THR G 77 47.26 17.68 -67.83
C THR G 77 48.36 17.93 -68.84
N ASP G 78 48.95 19.12 -68.79
CA ASP G 78 50.02 19.49 -69.71
C ASP G 78 51.29 19.82 -68.94
N THR G 79 52.42 19.43 -69.53
CA THR G 79 53.78 19.61 -69.03
C THR G 79 54.70 19.09 -70.13
N PRO G 80 56.05 19.26 -70.04
CA PRO G 80 56.92 18.68 -71.06
C PRO G 80 56.65 17.23 -71.43
N LYS G 81 55.87 16.51 -70.61
CA LYS G 81 55.34 15.22 -71.02
C LYS G 81 54.30 15.34 -72.14
N GLY G 82 53.85 16.55 -72.46
CA GLY G 82 52.76 16.73 -73.38
C GLY G 82 51.45 16.34 -72.72
N PRO G 83 50.65 15.52 -73.40
CA PRO G 83 49.46 14.96 -72.74
C PRO G 83 49.89 14.06 -71.58
N LYS G 84 49.32 14.34 -70.42
CA LYS G 84 49.65 13.65 -69.17
C LYS G 84 48.34 13.11 -68.59
N VAL G 85 47.98 11.90 -69.00
CA VAL G 85 46.68 11.31 -68.64
C VAL G 85 46.85 10.50 -67.36
N LYS G 86 45.92 10.69 -66.42
CA LYS G 86 46.06 10.07 -65.11
C LYS G 86 44.67 9.74 -64.57
N TYR G 87 44.64 9.28 -63.31
CA TYR G 87 43.40 9.05 -62.58
C TYR G 87 43.64 9.43 -61.13
N LEU G 88 42.93 10.44 -60.64
CA LEU G 88 43.04 10.79 -59.22
C LEU G 88 42.38 9.70 -58.38
N TYR G 89 42.97 9.45 -57.21
CA TYR G 89 42.48 8.40 -56.32
C TYR G 89 42.45 8.97 -54.91
N PHE G 90 41.26 9.14 -54.35
CA PHE G 90 41.17 9.52 -52.96
C PHE G 90 40.99 8.27 -52.12
N ILE G 91 41.72 8.19 -51.00
CA ILE G 91 41.54 7.07 -50.09
C ILE G 91 40.08 7.04 -49.66
N LYS G 92 39.46 5.87 -49.77
CA LYS G 92 38.03 5.79 -49.53
C LYS G 92 37.71 6.19 -48.09
N GLY G 93 36.68 7.02 -47.93
CA GLY G 93 36.34 7.60 -46.66
C GLY G 93 36.81 9.03 -46.47
N LEU G 94 37.64 9.53 -47.38
CA LEU G 94 38.10 10.91 -47.30
C LEU G 94 36.91 11.86 -47.39
N ASN G 95 36.83 12.82 -46.47
CA ASN G 95 35.70 13.72 -46.41
C ASN G 95 35.90 14.86 -47.41
N ASN G 96 34.95 15.79 -47.44
CA ASN G 96 34.89 16.81 -48.48
C ASN G 96 35.94 17.90 -48.35
N LEU G 97 36.27 18.31 -47.12
CA LEU G 97 37.29 19.35 -46.96
C LEU G 97 38.66 18.87 -47.41
N ASN G 98 39.00 17.61 -47.14
CA ASN G 98 40.30 17.10 -47.55
C ASN G 98 40.42 17.03 -49.07
N ARG G 99 39.37 16.55 -49.75
CA ARG G 99 39.37 16.59 -51.21
C ARG G 99 39.45 18.03 -51.71
N GLY G 100 38.77 18.95 -51.02
CA GLY G 100 38.85 20.34 -51.42
C GLY G 100 40.28 20.88 -51.37
N MET G 101 40.98 20.61 -50.26
CA MET G 101 42.36 21.07 -50.13
C MET G 101 43.25 20.42 -51.19
N VAL G 102 43.09 19.12 -51.41
CA VAL G 102 43.93 18.43 -52.38
C VAL G 102 43.72 19.01 -53.78
N LEU G 103 42.46 19.12 -54.21
CA LEU G 103 42.17 19.66 -55.53
C LEU G 103 42.61 21.10 -55.64
N GLY G 104 42.46 21.87 -54.57
CA GLY G 104 42.91 23.24 -54.55
C GLY G 104 44.38 23.35 -54.87
N SER G 105 45.22 22.71 -54.06
CA SER G 105 46.66 22.81 -54.29
C SER G 105 47.04 22.23 -55.65
N LEU G 106 46.47 21.09 -56.02
CA LEU G 106 46.78 20.43 -57.29
C LEU G 106 46.48 21.34 -58.48
N ALA G 107 45.21 21.73 -58.66
CA ALA G 107 44.85 22.57 -59.79
C ALA G 107 45.45 23.96 -59.70
N ALA G 108 45.84 24.42 -58.50
CA ALA G 108 46.43 25.75 -58.37
C ALA G 108 47.87 25.76 -58.85
N THR G 109 48.66 24.76 -58.45
CA THR G 109 50.07 24.71 -58.83
C THR G 109 50.31 23.83 -60.05
N VAL G 110 49.73 22.64 -60.10
CA VAL G 110 49.95 21.73 -61.22
C VAL G 110 49.04 22.14 -62.37
N ARG G 111 49.59 22.15 -63.58
CA ARG G 111 48.84 22.50 -64.77
C ARG G 111 47.69 21.53 -64.98
N LEU G 112 46.57 22.05 -65.52
CA LEU G 112 45.41 21.23 -65.83
C LEU G 112 44.71 21.80 -67.05
N GLN G 113 43.88 20.96 -67.67
CA GLN G 113 42.99 21.39 -68.73
C GLN G 113 41.60 20.78 -68.53
#